data_7FJN
#
_entry.id   7FJN
#
_cell.length_a   1.00
_cell.length_b   1.00
_cell.length_c   1.00
_cell.angle_alpha   90.00
_cell.angle_beta   90.00
_cell.angle_gamma   90.00
#
_symmetry.space_group_name_H-M   'P 1'
#
loop_
_entity.id
_entity.type
_entity.pdbx_description
1 polymer 'Spike glycoprotein,Envelope glycoprotein'
2 polymer 'T6 heavy chain'
3 polymer 'T6 light chain'
4 non-polymer 2-acetamido-2-deoxy-beta-D-glucopyranose
#
loop_
_entity_poly.entity_id
_entity_poly.type
_entity_poly.pdbx_seq_one_letter_code
_entity_poly.pdbx_strand_id
1 'polypeptide(L)'
;VNFTTRTQLPPAYTNSFTRGVYYPDKVFRSSVLHSTQDLFLPFFSNVTWFHAIHVSGTNGTKRFANPVLPFNDGVYFAST
EKSNIIRGWIFGTTLDSKTQSLLIVNNATNVVIKVCEFQFCNDPFLGVYYHKNNKSWMESEFRVYSSANNCTFEYVSQPF
LMDLEGKQGNFKNLREFVFKNIDGYFKIYSKHTPINLVRGLPQGFSALEPLVDLPIGINITRFQTLHRSYLTPGDSSSGW
TAGAAAYYVGYLQPRTFLLKYNENGTITDAVDCALDPLSETKCTLKTFTVEKGIYQTSNFRVQPTESIVRFPNITNLCPF
GEVFNATRFASVYAWNRKRISNCVADYSVLYNSASFSTFKCYGVSPTKLNDLCFTNVYADSFVIRGDEVRQIAPGQTGNI
ADYNYKLPDDFTGCVIAWNSNNLDSKVGGNYNYLYRLFRKSNLKPFERDISTEIYQAGSTPCNGVKGFNCYFPLQSYGFQ
PTYGVGYQPYRVVVLSFELLHAPATVCGPKKSTNLVKNKCVNFNFNGLTGTGVLTESNKKFLPFQQFGRDIADTTDAVRD
PQTLEILDITPCSFGGVSVITPGTNTSNQVAVLYQGVNCTEVPVAIHADQLTPTWRVYSTGSNVFQTRAGCLIGAEHVNN
SYECDIPIGAGICASYQTQTNSPGSASSVASQSIIAYTMSLGVENSVAYSNNSIAIPTNFTISVTTEILPVSMTKTSVDC
TMYICGDSTECSNLLLQYGSFCTQLNRALTGIAVEQDKNTQEVFAQVKQIYKTPPIKDFGGFNFSQILPDPSKPSKRSFI
EDLLFNKVTLADAGFIKQYGDCLGDIAARDLICAQKFNGLTVLPPLLTDEMIAQYTSALLAGTITSGWTFGAGAALQIPF
AMQMAYRFNGIGVTQNVLYENQKLIANQFNSAIGKIQDSLSSTASALGKLQDVVNQNAQALNTLVKQLSSNFGAISSVLN
DILSRLDPPEAEVQIDRLITGRLQSLQTYVTQQLIRAAEIRASANLAATKMSECVLGQSKRVDFCGKGYHLMSFPQSAPH
GVVFLHVTYVPAQEKNFTTAPAICHDGKAHFPREGVFVSNGTHWFVTQRNFYEPQIITTDNTFVSGNCDVVIGIVNNTVY
DPLQPELDSFKEELDKYFKNHTSPDVDLGDISGINASVVNIQKEIDRLNEVAKNLNESLIDLQELGKYEQGSGYIPEAPR
DGQAYVRKDGEWVLLSTFLGRSLEVLFQGPGHHHHHHHHSAWSHPQFEKGGGSGGGGSGGSAWSHPQFEKGSDYKDDDDK
;
A,B,C
2 'polypeptide(L)'
;QVQLQQPGTELVNPGASLKMSCKTSGYRFTSYIIHWVKQTPGQGLEWIGAIFPENDDTSYSQKFKGKATLTTDTSSSTAY
MQLSSLTSEDSAVYYCARDGENVLDYWGQGTSVTVSS
;
H,I
3 'polypeptide(L)'
;QIVLTQSPSSLAVSVGEKVTLSCKSSQSLLYSNNQKNYLAWYQQKSGRSPKLLLHWTSTRESGVPDRFTGSGSGTDFTLT
ISSVKAEDLAVYYCQQYYTYPWTFGGGTKLEIK
;
J,L
#
# COMPACT_ATOMS: atom_id res chain seq x y z
N ALA A 12 -24.79 -21.67 49.52
CA ALA A 12 -24.99 -22.99 48.86
C ALA A 12 -24.75 -22.88 47.34
N TYR A 13 -24.48 -24.00 46.66
CA TYR A 13 -24.12 -24.05 45.24
C TYR A 13 -24.85 -25.15 44.47
N THR A 14 -24.91 -25.04 43.15
CA THR A 14 -25.46 -26.05 42.22
C THR A 14 -24.83 -25.91 40.84
N ASN A 15 -24.78 -26.99 40.06
CA ASN A 15 -24.23 -26.97 38.70
C ASN A 15 -25.15 -26.22 37.71
N SER A 16 -24.60 -25.30 36.91
CA SER A 16 -25.32 -24.55 35.87
C SER A 16 -25.74 -25.38 34.65
N PHE A 17 -25.11 -26.53 34.43
CA PHE A 17 -25.31 -27.37 33.25
C PHE A 17 -25.18 -26.55 31.94
N THR A 18 -26.20 -26.55 31.08
CA THR A 18 -26.21 -25.91 29.76
C THR A 18 -27.40 -24.97 29.62
N ARG A 19 -27.38 -23.87 30.38
CA ARG A 19 -28.41 -22.81 30.38
C ARG A 19 -27.76 -21.43 30.39
N GLY A 20 -28.55 -20.39 30.10
CA GLY A 20 -28.04 -19.02 30.04
C GLY A 20 -27.48 -18.61 28.68
N VAL A 21 -28.07 -19.13 27.60
CA VAL A 21 -27.80 -18.69 26.22
C VAL A 21 -28.95 -17.81 25.72
N TYR A 22 -28.66 -16.67 25.12
CA TYR A 22 -29.64 -15.69 24.67
C TYR A 22 -29.34 -15.23 23.24
N TYR A 23 -30.35 -14.89 22.44
CA TYR A 23 -30.14 -14.37 21.08
C TYR A 23 -29.28 -13.10 21.12
N PRO A 24 -28.04 -13.10 20.58
CA PRO A 24 -27.06 -12.05 20.85
C PRO A 24 -27.32 -10.75 20.08
N ASP A 25 -28.21 -10.78 19.09
CA ASP A 25 -28.65 -9.63 18.30
C ASP A 25 -30.06 -9.90 17.75
N LYS A 26 -30.79 -8.86 17.33
CA LYS A 26 -32.16 -8.97 16.80
C LYS A 26 -32.20 -9.43 15.33
N VAL A 27 -31.11 -10.00 14.83
CA VAL A 27 -30.98 -10.54 13.47
C VAL A 27 -31.66 -11.91 13.40
N PHE A 28 -32.19 -12.28 12.24
CA PHE A 28 -32.64 -13.63 11.94
C PHE A 28 -31.54 -14.41 11.22
N ARG A 29 -31.35 -15.68 11.61
CA ARG A 29 -30.45 -16.64 10.96
C ARG A 29 -31.11 -18.02 11.04
N SER A 30 -30.88 -18.90 10.09
CA SER A 30 -31.46 -20.25 10.14
C SER A 30 -30.55 -21.32 9.54
N SER A 31 -30.66 -22.54 10.06
CA SER A 31 -29.89 -23.72 9.63
C SER A 31 -28.37 -23.53 9.62
N VAL A 32 -27.83 -22.60 10.42
CA VAL A 32 -26.44 -22.14 10.36
C VAL A 32 -25.78 -22.16 11.73
N LEU A 33 -24.52 -22.61 11.76
CA LEU A 33 -23.70 -22.66 12.96
C LEU A 33 -22.90 -21.36 13.13
N HIS A 34 -23.60 -20.25 13.36
CA HIS A 34 -22.97 -18.95 13.57
C HIS A 34 -22.13 -18.94 14.86
N SER A 35 -21.06 -18.14 14.89
CA SER A 35 -20.19 -18.00 16.07
C SER A 35 -20.00 -16.54 16.46
N THR A 36 -19.91 -16.28 17.76
CA THR A 36 -19.97 -14.94 18.35
C THR A 36 -19.09 -14.84 19.61
N GLN A 37 -18.62 -13.63 19.92
CA GLN A 37 -17.99 -13.32 21.20
C GLN A 37 -18.92 -12.44 22.04
N ASP A 38 -19.20 -12.81 23.29
CA ASP A 38 -20.05 -12.02 24.17
C ASP A 38 -19.89 -12.41 25.65
N LEU A 39 -20.48 -11.61 26.54
CA LEU A 39 -20.69 -11.99 27.93
C LEU A 39 -21.74 -13.11 28.01
N PHE A 40 -21.35 -14.28 28.49
CA PHE A 40 -22.19 -15.47 28.61
C PHE A 40 -21.90 -16.23 29.91
N LEU A 41 -22.84 -17.05 30.38
CA LEU A 41 -22.61 -17.92 31.53
C LEU A 41 -21.70 -19.10 31.11
N PRO A 42 -20.53 -19.34 31.76
CA PRO A 42 -19.71 -20.51 31.47
C PRO A 42 -20.49 -21.81 31.72
N PHE A 43 -20.50 -22.73 30.77
CA PHE A 43 -21.21 -23.99 30.95
C PHE A 43 -20.61 -24.81 32.10
N PHE A 44 -21.45 -25.55 32.81
CA PHE A 44 -21.10 -26.36 33.98
C PHE A 44 -20.37 -25.62 35.12
N SER A 45 -20.40 -24.29 35.16
CA SER A 45 -20.00 -23.50 36.34
C SER A 45 -20.95 -23.73 37.52
N ASN A 46 -20.53 -23.44 38.75
CA ASN A 46 -21.47 -23.38 39.88
C ASN A 46 -22.31 -22.08 39.81
N VAL A 47 -23.63 -22.21 39.83
CA VAL A 47 -24.51 -21.12 40.29
C VAL A 47 -24.56 -21.09 41.81
N THR A 48 -24.75 -19.90 42.38
CA THR A 48 -25.14 -19.74 43.78
C THR A 48 -26.62 -20.07 43.93
N TRP A 49 -26.97 -20.84 44.96
CA TRP A 49 -28.32 -21.36 45.22
C TRP A 49 -28.99 -20.60 46.37
N PHE A 50 -30.25 -20.24 46.21
CA PHE A 50 -31.07 -19.52 47.19
C PHE A 50 -32.54 -20.00 47.16
N HIS A 51 -33.33 -19.62 48.19
CA HIS A 51 -34.76 -19.95 48.26
C HIS A 51 -35.63 -18.81 48.82
N ASN A 66 -31.23 -14.31 49.40
CA ASN A 66 -31.96 -13.32 50.20
C ASN A 66 -31.20 -11.99 50.41
N PRO A 67 -29.91 -11.95 50.81
CA PRO A 67 -29.17 -10.69 51.01
C PRO A 67 -28.83 -9.99 49.69
N VAL A 68 -28.31 -8.76 49.79
CA VAL A 68 -27.76 -8.02 48.64
C VAL A 68 -26.51 -8.73 48.11
N LEU A 69 -26.38 -8.81 46.78
CA LEU A 69 -25.34 -9.54 46.05
C LEU A 69 -24.54 -8.58 45.17
N PRO A 70 -23.25 -8.86 44.88
CA PRO A 70 -22.56 -8.19 43.79
C PRO A 70 -23.26 -8.49 42.45
N PHE A 71 -23.25 -7.55 41.53
CA PHE A 71 -23.72 -7.73 40.15
C PHE A 71 -22.58 -8.15 39.18
N ASN A 72 -21.32 -7.85 39.55
CA ASN A 72 -20.15 -8.05 38.69
C ASN A 72 -20.35 -7.38 37.32
N ASP A 73 -19.91 -8.00 36.22
CA ASP A 73 -20.08 -7.45 34.86
C ASP A 73 -21.39 -7.88 34.17
N GLY A 74 -22.26 -8.64 34.84
CA GLY A 74 -23.55 -9.07 34.30
C GLY A 74 -24.06 -10.36 34.94
N VAL A 75 -25.38 -10.53 35.01
CA VAL A 75 -26.03 -11.56 35.83
C VAL A 75 -26.95 -12.43 35.00
N TYR A 76 -26.88 -13.73 35.25
CA TYR A 76 -27.91 -14.71 34.95
C TYR A 76 -28.70 -14.98 36.22
N PHE A 77 -30.03 -14.97 36.13
CA PHE A 77 -30.95 -15.17 37.24
C PHE A 77 -32.08 -16.13 36.83
N ALA A 78 -32.48 -17.06 37.69
CA ALA A 78 -33.61 -17.93 37.40
C ALA A 78 -34.34 -18.36 38.68
N SER A 79 -35.62 -18.71 38.59
CA SER A 79 -36.40 -19.18 39.75
C SER A 79 -37.59 -20.07 39.38
N THR A 80 -38.02 -20.92 40.31
CA THR A 80 -39.22 -21.77 40.19
C THR A 80 -40.50 -21.02 40.64
N GLU A 81 -40.63 -19.75 40.27
CA GLU A 81 -41.49 -18.75 40.93
C GLU A 81 -43.01 -18.85 40.69
N LYS A 82 -43.59 -20.06 40.69
CA LYS A 82 -45.04 -20.30 40.46
C LYS A 82 -45.96 -19.51 41.40
N SER A 83 -45.49 -19.21 42.62
CA SER A 83 -46.20 -18.40 43.62
C SER A 83 -46.32 -16.91 43.27
N ASN A 84 -45.52 -16.40 42.32
CA ASN A 84 -45.35 -14.97 42.02
C ASN A 84 -44.86 -14.12 43.22
N ILE A 85 -44.31 -14.74 44.27
CA ILE A 85 -43.82 -14.03 45.47
C ILE A 85 -42.49 -13.31 45.22
N ILE A 86 -41.69 -13.68 44.21
CA ILE A 86 -40.63 -12.80 43.72
C ILE A 86 -41.29 -11.62 42.99
N ARG A 87 -41.33 -10.47 43.67
CA ARG A 87 -42.01 -9.25 43.21
C ARG A 87 -41.17 -8.42 42.24
N GLY A 88 -39.84 -8.51 42.33
CA GLY A 88 -38.95 -7.64 41.57
C GLY A 88 -37.51 -7.68 42.05
N TRP A 89 -36.73 -6.70 41.61
CA TRP A 89 -35.29 -6.57 41.85
C TRP A 89 -34.90 -5.10 42.03
N ILE A 90 -33.80 -4.86 42.73
CA ILE A 90 -33.16 -3.54 42.85
C ILE A 90 -31.69 -3.67 42.48
N PHE A 91 -31.12 -2.67 41.82
CA PHE A 91 -29.73 -2.65 41.37
C PHE A 91 -29.11 -1.27 41.62
N GLY A 92 -27.79 -1.16 41.73
CA GLY A 92 -27.12 0.12 41.89
C GLY A 92 -25.75 0.00 42.56
N THR A 93 -25.35 1.03 43.30
CA THR A 93 -24.18 1.02 44.19
C THR A 93 -24.60 1.09 45.67
N THR A 94 -25.42 2.07 46.05
CA THR A 94 -25.99 2.20 47.41
C THR A 94 -27.25 1.36 47.59
N LEU A 95 -28.13 1.34 46.58
CA LEU A 95 -29.50 0.77 46.63
C LEU A 95 -30.40 1.42 47.69
N ASP A 96 -29.97 2.54 48.29
CA ASP A 96 -30.64 3.26 49.38
C ASP A 96 -30.08 4.68 49.48
N SER A 97 -30.79 5.65 48.89
CA SER A 97 -30.47 7.08 48.90
C SER A 97 -29.05 7.44 48.38
N LYS A 98 -28.64 8.70 48.55
CA LYS A 98 -27.35 9.34 48.19
C LYS A 98 -27.00 9.42 46.70
N THR A 99 -27.45 8.47 45.88
CA THR A 99 -27.22 8.44 44.43
C THR A 99 -28.29 7.59 43.73
N GLN A 100 -28.46 7.76 42.42
CA GLN A 100 -29.46 7.01 41.65
C GLN A 100 -29.20 5.49 41.67
N SER A 101 -30.28 4.75 41.84
CA SER A 101 -30.36 3.28 41.84
C SER A 101 -31.62 2.85 41.08
N LEU A 102 -31.66 1.61 40.63
CA LEU A 102 -32.68 1.05 39.73
C LEU A 102 -33.64 0.16 40.50
N LEU A 103 -34.95 0.41 40.34
CA LEU A 103 -36.04 -0.42 40.85
C LEU A 103 -36.79 -1.07 39.68
N ILE A 104 -36.95 -2.40 39.71
CA ILE A 104 -37.77 -3.16 38.76
C ILE A 104 -38.80 -3.98 39.54
N VAL A 105 -40.11 -3.83 39.24
CA VAL A 105 -41.19 -4.55 39.92
C VAL A 105 -42.22 -5.07 38.92
N ASN A 106 -42.65 -6.32 39.07
CA ASN A 106 -43.80 -6.86 38.34
C ASN A 106 -45.11 -6.35 38.96
N ASN A 107 -45.87 -5.53 38.23
CA ASN A 107 -47.22 -5.09 38.62
C ASN A 107 -48.28 -5.90 37.87
N ALA A 108 -49.09 -6.69 38.58
CA ALA A 108 -50.06 -7.61 37.98
C ALA A 108 -49.42 -8.48 36.85
N THR A 109 -49.86 -8.31 35.60
CA THR A 109 -49.32 -9.01 34.41
C THR A 109 -48.13 -8.31 33.74
N ASN A 110 -47.72 -7.12 34.21
CA ASN A 110 -46.83 -6.18 33.52
C ASN A 110 -45.56 -5.89 34.37
N VAL A 111 -44.74 -4.91 33.97
CA VAL A 111 -43.55 -4.47 34.72
C VAL A 111 -43.49 -2.94 34.85
N VAL A 112 -43.15 -2.44 36.03
CA VAL A 112 -42.82 -1.04 36.34
C VAL A 112 -41.33 -0.92 36.60
N ILE A 113 -40.69 0.09 36.03
CA ILE A 113 -39.26 0.38 36.21
C ILE A 113 -39.05 1.87 36.49
N LYS A 114 -38.22 2.22 37.47
CA LYS A 114 -37.81 3.61 37.71
C LYS A 114 -36.41 3.71 38.31
N VAL A 115 -35.74 4.84 38.08
CA VAL A 115 -34.39 5.13 38.57
C VAL A 115 -34.35 6.44 39.37
N CYS A 116 -34.01 6.34 40.66
CA CYS A 116 -34.03 7.41 41.67
C CYS A 116 -33.02 7.12 42.78
N GLU A 117 -32.66 8.11 43.60
CA GLU A 117 -32.04 7.87 44.90
C GLU A 117 -33.10 7.43 45.94
N PHE A 118 -33.68 6.23 45.74
CA PHE A 118 -34.82 5.73 46.52
C PHE A 118 -34.54 5.61 48.02
N GLN A 119 -35.48 6.06 48.85
CA GLN A 119 -35.47 5.90 50.31
C GLN A 119 -36.26 4.69 50.82
N PHE A 120 -36.78 3.82 49.93
CA PHE A 120 -37.60 2.67 50.29
C PHE A 120 -36.85 1.62 51.14
N CYS A 121 -37.63 0.83 51.89
CA CYS A 121 -37.15 -0.24 52.76
C CYS A 121 -36.40 -1.34 52.00
N ASN A 122 -35.60 -2.14 52.71
CA ASN A 122 -35.03 -3.40 52.22
C ASN A 122 -36.09 -4.47 51.91
N ASP A 123 -37.33 -4.30 52.38
CA ASP A 123 -38.50 -5.14 52.08
C ASP A 123 -39.71 -4.26 51.69
N PRO A 124 -39.67 -3.57 50.52
CA PRO A 124 -40.61 -2.51 50.18
C PRO A 124 -42.06 -2.98 49.96
N PHE A 125 -42.23 -4.28 49.68
CA PHE A 125 -43.52 -4.98 49.59
C PHE A 125 -44.30 -5.01 50.93
N LEU A 126 -43.64 -4.74 52.07
CA LEU A 126 -44.26 -4.64 53.40
C LEU A 126 -45.33 -3.53 53.50
N GLY A 127 -45.32 -2.56 52.58
CA GLY A 127 -46.37 -1.54 52.49
C GLY A 127 -47.76 -2.09 52.13
N VAL A 128 -47.84 -3.29 51.54
CA VAL A 128 -49.11 -4.01 51.24
C VAL A 128 -50.14 -3.11 50.55
N ASN A 150 -34.34 12.83 43.25
CA ASN A 150 -33.38 13.03 42.14
C ASN A 150 -33.58 12.02 40.98
N CYS A 151 -34.84 11.82 40.57
CA CYS A 151 -35.27 10.88 39.55
C CYS A 151 -34.64 11.18 38.17
N THR A 152 -34.26 10.16 37.39
CA THR A 152 -33.64 10.36 36.06
C THR A 152 -34.17 9.45 34.94
N PHE A 153 -34.83 8.34 35.24
CA PHE A 153 -35.50 7.50 34.22
C PHE A 153 -36.72 6.79 34.77
N GLU A 154 -37.75 6.56 33.94
CA GLU A 154 -38.97 5.82 34.29
C GLU A 154 -39.52 5.07 33.05
N TYR A 155 -40.10 3.89 33.26
CA TYR A 155 -40.73 3.08 32.22
C TYR A 155 -41.86 2.21 32.81
N VAL A 156 -42.90 1.91 32.03
CA VAL A 156 -43.92 0.90 32.37
C VAL A 156 -44.28 0.06 31.14
N SER A 157 -44.37 -1.26 31.32
CA SER A 157 -44.81 -2.20 30.28
C SER A 157 -46.28 -2.01 29.91
N PHE A 171 -44.08 -25.11 41.62
CA PHE A 171 -42.70 -24.89 41.17
C PHE A 171 -42.44 -25.42 39.74
N LYS A 172 -43.43 -26.06 39.11
CA LYS A 172 -43.31 -26.56 37.72
C LYS A 172 -43.02 -25.46 36.69
N ASN A 173 -43.41 -24.21 36.97
CA ASN A 173 -42.97 -23.06 36.18
C ASN A 173 -41.55 -22.64 36.57
N LEU A 174 -40.60 -22.71 35.63
CA LEU A 174 -39.28 -22.09 35.72
C LEU A 174 -39.25 -20.83 34.86
N ARG A 175 -38.76 -19.74 35.43
CA ARG A 175 -38.51 -18.47 34.73
C ARG A 175 -37.02 -18.18 34.77
N GLU A 176 -36.46 -17.76 33.64
CA GLU A 176 -35.04 -17.46 33.47
C GLU A 176 -34.85 -16.07 32.88
N PHE A 177 -33.78 -15.39 33.30
CA PHE A 177 -33.50 -14.00 32.96
C PHE A 177 -32.00 -13.77 32.83
N VAL A 178 -31.62 -12.78 32.02
CA VAL A 178 -30.28 -12.21 32.01
C VAL A 178 -30.39 -10.70 32.12
N PHE A 179 -29.64 -10.13 33.05
CA PHE A 179 -29.55 -8.70 33.29
C PHE A 179 -28.13 -8.23 32.95
N LYS A 180 -28.02 -7.29 32.01
CA LYS A 180 -26.74 -6.92 31.40
C LYS A 180 -26.63 -5.40 31.30
N ASN A 181 -26.05 -4.77 32.32
CA ASN A 181 -25.65 -3.37 32.28
C ASN A 181 -24.36 -3.25 31.46
N ILE A 182 -24.47 -3.32 30.13
CA ILE A 182 -23.36 -3.48 29.18
C ILE A 182 -22.51 -2.21 28.95
N ASP A 183 -22.28 -1.43 30.01
CA ASP A 183 -21.78 -0.06 30.03
C ASP A 183 -22.68 0.93 29.26
N GLY A 184 -22.77 0.78 27.93
CA GLY A 184 -23.71 1.51 27.09
C GLY A 184 -25.12 0.92 27.19
N TYR A 185 -25.88 1.34 28.21
CA TYR A 185 -27.30 1.03 28.46
C TYR A 185 -27.60 -0.41 28.90
N PHE A 186 -28.75 -0.62 29.56
CA PHE A 186 -29.09 -1.82 30.33
C PHE A 186 -30.04 -2.76 29.57
N LYS A 187 -29.62 -4.01 29.30
CA LYS A 187 -30.38 -5.00 28.53
C LYS A 187 -31.00 -6.08 29.41
N ILE A 188 -32.23 -6.47 29.09
CA ILE A 188 -32.94 -7.61 29.68
C ILE A 188 -33.20 -8.67 28.61
N TYR A 189 -32.91 -9.94 28.93
CA TYR A 189 -33.33 -11.13 28.16
C TYR A 189 -34.07 -12.10 29.09
N SER A 190 -34.99 -12.91 28.58
CA SER A 190 -35.79 -13.81 29.44
C SER A 190 -36.38 -15.03 28.72
N LYS A 191 -36.84 -16.01 29.50
CA LYS A 191 -37.62 -17.17 29.03
C LYS A 191 -38.49 -17.73 30.16
N HIS A 192 -39.57 -18.42 29.80
CA HIS A 192 -40.38 -19.24 30.72
C HIS A 192 -40.57 -20.65 30.14
N THR A 193 -40.45 -21.67 31.00
CA THR A 193 -40.60 -23.09 30.63
C THR A 193 -41.31 -23.88 31.73
N PRO A 194 -42.26 -24.78 31.39
CA PRO A 194 -42.70 -25.83 32.29
C PRO A 194 -41.61 -26.91 32.44
N ILE A 195 -41.37 -27.38 33.66
CA ILE A 195 -40.29 -28.30 34.03
C ILE A 195 -40.74 -29.35 35.07
N ASN A 196 -39.96 -30.42 35.22
CA ASN A 196 -40.07 -31.31 36.38
C ASN A 196 -39.64 -30.60 37.68
N LEU A 197 -40.06 -31.13 38.83
CA LEU A 197 -39.82 -30.56 40.17
C LEU A 197 -38.38 -30.79 40.70
N VAL A 198 -37.38 -30.43 39.90
CA VAL A 198 -35.95 -30.53 40.23
C VAL A 198 -35.56 -29.46 41.27
N ARG A 199 -34.72 -29.82 42.26
CA ARG A 199 -34.24 -28.88 43.27
C ARG A 199 -33.16 -27.91 42.75
N GLY A 200 -32.26 -28.40 41.90
CA GLY A 200 -31.31 -27.59 41.13
C GLY A 200 -31.86 -27.12 39.78
N LEU A 201 -31.01 -26.47 38.97
CA LEU A 201 -31.34 -26.15 37.58
C LEU A 201 -31.58 -27.45 36.77
N PRO A 202 -32.64 -27.53 35.97
CA PRO A 202 -32.93 -28.73 35.19
C PRO A 202 -31.98 -28.90 34.01
N GLN A 203 -31.81 -30.15 33.58
CA GLN A 203 -31.06 -30.51 32.37
C GLN A 203 -31.73 -30.00 31.09
N GLY A 204 -31.15 -30.32 29.92
CA GLY A 204 -31.61 -29.82 28.63
C GLY A 204 -31.21 -28.37 28.37
N PHE A 205 -31.83 -27.75 27.37
CA PHE A 205 -31.41 -26.47 26.82
C PHE A 205 -32.59 -25.68 26.23
N SER A 206 -32.58 -24.36 26.36
CA SER A 206 -33.63 -23.45 25.85
C SER A 206 -33.15 -21.99 25.89
N ALA A 207 -33.16 -21.30 24.75
CA ALA A 207 -32.62 -19.94 24.64
C ALA A 207 -33.53 -18.85 25.23
N LEU A 208 -32.92 -17.77 25.71
CA LEU A 208 -33.60 -16.57 26.21
C LEU A 208 -33.72 -15.50 25.12
N GLU A 209 -34.81 -14.74 25.13
CA GLU A 209 -35.15 -13.73 24.13
C GLU A 209 -35.08 -12.31 24.72
N PRO A 210 -34.62 -11.30 23.96
CA PRO A 210 -34.52 -9.92 24.45
C PRO A 210 -35.89 -9.31 24.77
N LEU A 211 -35.92 -8.30 25.65
CA LEU A 211 -37.10 -7.49 25.97
C LEU A 211 -36.87 -6.00 25.73
N VAL A 212 -35.89 -5.39 26.41
CA VAL A 212 -35.66 -3.94 26.44
C VAL A 212 -34.18 -3.59 26.57
N ASP A 213 -33.82 -2.38 26.15
CA ASP A 213 -32.50 -1.77 26.35
C ASP A 213 -32.65 -0.33 26.85
N LEU A 214 -32.38 -0.09 28.13
CA LEU A 214 -32.79 1.13 28.83
C LEU A 214 -31.59 2.06 29.09
N PRO A 215 -31.66 3.36 28.72
CA PRO A 215 -30.51 4.28 28.75
C PRO A 215 -30.25 4.89 30.15
N ILE A 216 -30.27 4.05 31.19
CA ILE A 216 -30.27 4.50 32.59
C ILE A 216 -28.95 5.14 33.06
N GLY A 217 -27.81 4.79 32.47
CA GLY A 217 -26.50 5.39 32.77
C GLY A 217 -25.91 5.09 34.17
N ILE A 218 -26.53 4.21 34.96
CA ILE A 218 -26.11 3.87 36.33
C ILE A 218 -24.89 2.93 36.31
N ASN A 219 -23.86 3.26 37.09
CA ASN A 219 -22.68 2.41 37.29
C ASN A 219 -22.97 1.27 38.30
N ILE A 220 -23.87 0.34 37.96
CA ILE A 220 -24.31 -0.75 38.84
C ILE A 220 -23.12 -1.61 39.28
N THR A 221 -23.02 -1.91 40.59
CA THR A 221 -22.07 -2.85 41.18
C THR A 221 -22.74 -3.95 42.02
N ARG A 222 -23.98 -3.73 42.48
CA ARG A 222 -24.74 -4.63 43.37
C ARG A 222 -26.20 -4.74 42.95
N PHE A 223 -26.86 -5.82 43.37
CA PHE A 223 -28.28 -6.04 43.17
C PHE A 223 -28.93 -6.86 44.31
N GLN A 224 -30.25 -6.82 44.42
CA GLN A 224 -31.03 -7.56 45.40
C GLN A 224 -32.41 -7.96 44.85
N THR A 225 -33.02 -8.98 45.44
CA THR A 225 -34.32 -9.55 45.01
C THR A 225 -35.40 -9.26 46.04
N LEU A 226 -36.62 -8.97 45.56
CA LEU A 226 -37.76 -8.56 46.37
C LEU A 226 -38.78 -9.70 46.49
N ALA A 245 -39.94 -19.52 46.73
CA ALA A 245 -39.45 -20.37 45.66
C ALA A 245 -37.92 -20.53 45.66
N ALA A 246 -37.41 -21.61 45.06
CA ALA A 246 -35.99 -21.74 44.75
C ALA A 246 -35.57 -20.73 43.67
N TYR A 247 -34.41 -20.11 43.83
CA TYR A 247 -33.80 -19.26 42.81
C TYR A 247 -32.28 -19.39 42.78
N TYR A 248 -31.69 -19.01 41.65
CA TYR A 248 -30.29 -19.28 41.31
C TYR A 248 -29.65 -18.06 40.68
N VAL A 249 -28.36 -17.83 40.96
CA VAL A 249 -27.60 -16.68 40.44
C VAL A 249 -26.26 -17.14 39.89
N GLY A 250 -25.88 -16.63 38.72
CA GLY A 250 -24.55 -16.85 38.15
C GLY A 250 -24.08 -15.64 37.35
N TYR A 251 -22.76 -15.48 37.19
CA TYR A 251 -22.18 -14.28 36.58
C TYR A 251 -21.67 -14.55 35.17
N LEU A 252 -21.99 -13.64 34.25
CA LEU A 252 -21.54 -13.71 32.86
C LEU A 252 -20.04 -13.41 32.75
N GLN A 253 -19.38 -14.02 31.78
CA GLN A 253 -17.95 -13.84 31.50
C GLN A 253 -17.72 -13.67 29.99
N PRO A 254 -16.68 -12.95 29.55
CA PRO A 254 -16.37 -12.79 28.13
C PRO A 254 -15.89 -14.11 27.53
N ARG A 255 -16.71 -14.67 26.63
CA ARG A 255 -16.45 -16.02 26.05
C ARG A 255 -16.85 -16.03 24.56
N THR A 256 -16.15 -16.82 23.75
CA THR A 256 -16.62 -17.14 22.39
C THR A 256 -17.64 -18.28 22.47
N PHE A 257 -18.59 -18.32 21.56
CA PHE A 257 -19.64 -19.34 21.49
C PHE A 257 -19.90 -19.78 20.04
N LEU A 258 -20.41 -21.00 19.88
CA LEU A 258 -21.05 -21.50 18.66
C LEU A 258 -22.54 -21.68 18.92
N LEU A 259 -23.41 -21.21 18.02
CA LEU A 259 -24.86 -21.25 18.18
C LEU A 259 -25.52 -22.03 17.05
N LYS A 260 -26.26 -23.09 17.35
CA LYS A 260 -27.01 -23.89 16.35
C LYS A 260 -28.41 -23.32 16.14
N TYR A 261 -28.55 -22.44 15.15
CA TYR A 261 -29.87 -22.00 14.66
C TYR A 261 -30.51 -23.12 13.84
N ASN A 262 -31.72 -23.56 14.21
CA ASN A 262 -32.48 -24.50 13.38
C ASN A 262 -33.15 -23.82 12.18
N GLU A 263 -33.98 -24.59 11.48
CA GLU A 263 -34.57 -24.18 10.17
C GLU A 263 -35.53 -23.00 10.36
N ASN A 264 -36.16 -22.88 11.53
CA ASN A 264 -37.18 -21.82 11.74
C ASN A 264 -36.56 -20.63 12.47
N GLY A 265 -35.24 -20.67 12.69
CA GLY A 265 -34.51 -19.51 13.22
C GLY A 265 -34.43 -19.52 14.73
N THR A 266 -34.44 -20.72 15.33
CA THR A 266 -34.37 -20.87 16.79
C THR A 266 -33.01 -21.41 17.21
N ILE A 267 -32.36 -20.79 18.21
CA ILE A 267 -31.16 -21.38 18.82
C ILE A 267 -31.59 -22.63 19.58
N THR A 268 -31.09 -23.80 19.18
CA THR A 268 -31.51 -25.12 19.70
C THR A 268 -30.40 -25.90 20.39
N ASP A 269 -29.14 -25.52 20.18
CA ASP A 269 -27.98 -26.05 20.90
C ASP A 269 -26.82 -25.04 20.80
N ALA A 270 -25.81 -25.17 21.64
CA ALA A 270 -24.66 -24.28 21.63
C ALA A 270 -23.40 -24.97 22.16
N VAL A 271 -22.22 -24.48 21.76
CA VAL A 271 -20.93 -24.93 22.28
C VAL A 271 -20.20 -23.76 22.92
N ASP A 272 -19.87 -23.91 24.19
CA ASP A 272 -19.02 -22.97 24.92
C ASP A 272 -17.56 -23.22 24.51
N CYS A 273 -16.98 -22.32 23.71
CA CYS A 273 -15.69 -22.58 23.06
C CYS A 273 -14.53 -22.84 24.04
N ALA A 274 -14.60 -22.31 25.26
CA ALA A 274 -13.54 -22.43 26.25
C ALA A 274 -13.72 -23.64 27.19
N LEU A 275 -14.84 -24.38 27.12
CA LEU A 275 -15.21 -25.38 28.13
C LEU A 275 -14.20 -26.51 28.31
N ASP A 276 -13.80 -27.18 27.22
CA ASP A 276 -12.83 -28.28 27.24
C ASP A 276 -12.23 -28.49 25.84
N PRO A 277 -11.16 -29.29 25.66
CA PRO A 277 -10.48 -29.41 24.37
C PRO A 277 -11.37 -29.96 23.26
N LEU A 278 -12.35 -30.82 23.59
CA LEU A 278 -13.34 -31.27 22.62
C LEU A 278 -14.23 -30.11 22.15
N SER A 279 -14.78 -29.32 23.07
CA SER A 279 -15.62 -28.15 22.75
C SER A 279 -14.84 -27.12 21.94
N GLU A 280 -13.60 -26.88 22.31
CA GLU A 280 -12.70 -26.02 21.54
C GLU A 280 -12.46 -26.58 20.13
N THR A 281 -12.34 -27.90 19.97
CA THR A 281 -12.22 -28.53 18.66
C THR A 281 -13.49 -28.37 17.84
N LYS A 282 -14.67 -28.60 18.42
CA LYS A 282 -15.97 -28.37 17.76
C LYS A 282 -16.03 -26.95 17.19
N CYS A 283 -15.62 -25.96 17.96
CA CYS A 283 -15.62 -24.56 17.56
C CYS A 283 -14.51 -24.21 16.56
N THR A 284 -13.36 -24.88 16.65
CA THR A 284 -12.28 -24.76 15.65
C THR A 284 -12.73 -25.23 14.27
N LEU A 285 -13.45 -26.35 14.21
CA LEU A 285 -13.94 -26.95 12.97
C LEU A 285 -15.33 -26.44 12.54
N LYS A 286 -15.94 -25.60 13.37
CA LYS A 286 -17.30 -25.04 13.10
C LYS A 286 -18.31 -26.18 12.86
N THR A 287 -18.18 -27.30 13.58
CA THR A 287 -19.10 -28.45 13.42
C THR A 287 -19.33 -29.14 14.77
N PHE A 288 -20.56 -29.60 15.02
CA PHE A 288 -20.84 -30.34 16.28
C PHE A 288 -20.14 -31.70 16.19
N THR A 289 -20.53 -32.55 15.22
CA THR A 289 -19.79 -33.81 15.02
C THR A 289 -18.32 -33.51 14.76
N VAL A 290 -17.41 -34.24 15.41
CA VAL A 290 -15.98 -34.24 15.05
C VAL A 290 -15.56 -35.66 14.68
N GLU A 291 -15.06 -35.85 13.47
CA GLU A 291 -14.56 -37.16 13.01
C GLU A 291 -13.24 -37.53 13.70
N LYS A 292 -12.88 -38.81 13.70
CA LYS A 292 -11.60 -39.28 14.28
C LYS A 292 -10.40 -38.56 13.66
N GLY A 293 -9.47 -38.10 14.49
CA GLY A 293 -8.23 -37.49 14.01
C GLY A 293 -7.47 -36.71 15.08
N ILE A 294 -6.47 -35.95 14.63
CA ILE A 294 -5.77 -34.94 15.43
C ILE A 294 -5.98 -33.57 14.78
N TYR A 295 -6.33 -32.55 15.56
CA TYR A 295 -6.62 -31.20 15.06
C TYR A 295 -5.88 -30.15 15.86
N GLN A 296 -5.18 -29.21 15.22
CA GLN A 296 -4.63 -28.05 15.91
C GLN A 296 -5.74 -27.06 16.23
N THR A 297 -5.84 -26.60 17.48
CA THR A 297 -6.93 -25.70 17.92
C THR A 297 -6.44 -24.37 18.48
N SER A 298 -5.24 -24.32 19.05
CA SER A 298 -4.76 -23.14 19.79
C SER A 298 -3.23 -23.12 19.85
N ASN A 299 -2.64 -22.03 20.33
CA ASN A 299 -1.21 -21.93 20.59
C ASN A 299 -0.95 -21.68 22.08
N PHE A 300 -0.18 -22.57 22.71
CA PHE A 300 0.29 -22.40 24.08
C PHE A 300 1.52 -21.50 24.09
N ARG A 301 1.67 -20.69 25.14
CA ARG A 301 2.73 -19.69 25.27
C ARG A 301 2.93 -19.35 26.73
N VAL A 302 4.04 -19.81 27.32
CA VAL A 302 4.34 -19.61 28.75
C VAL A 302 4.42 -18.12 29.06
N GLN A 303 3.49 -17.61 29.86
CA GLN A 303 3.33 -16.17 30.08
C GLN A 303 4.47 -15.56 30.90
N PRO A 304 4.75 -14.25 30.77
CA PRO A 304 5.66 -13.54 31.65
C PRO A 304 5.16 -13.61 33.10
N THR A 305 5.96 -14.24 33.97
CA THR A 305 5.66 -14.41 35.40
C THR A 305 5.76 -13.08 36.17
N GLU A 306 6.62 -12.17 35.72
CA GLU A 306 6.87 -10.84 36.28
C GLU A 306 7.61 -9.96 35.26
N SER A 307 7.70 -8.65 35.54
CA SER A 307 8.32 -7.63 34.67
C SER A 307 9.59 -7.02 35.27
N ILE A 308 10.60 -6.79 34.44
CA ILE A 308 11.95 -6.33 34.80
C ILE A 308 12.31 -5.06 34.02
N VAL A 309 13.08 -4.15 34.63
CA VAL A 309 13.73 -3.03 33.94
C VAL A 309 15.18 -2.90 34.42
N ARG A 310 16.13 -2.67 33.53
CA ARG A 310 17.52 -2.35 33.89
C ARG A 310 18.05 -1.17 33.05
N PHE A 311 18.66 -0.22 33.73
CA PHE A 311 19.40 0.94 33.23
C PHE A 311 20.64 1.15 34.12
N PRO A 312 21.64 1.96 33.73
CA PRO A 312 22.87 2.14 34.51
C PRO A 312 22.62 2.69 35.92
N ASN A 313 23.63 2.58 36.79
CA ASN A 313 23.53 3.15 38.15
C ASN A 313 23.98 4.61 38.11
N ILE A 314 23.10 5.54 38.48
CA ILE A 314 23.42 6.99 38.39
C ILE A 314 24.59 7.34 39.31
N THR A 315 24.63 6.75 40.52
CA THR A 315 25.15 7.44 41.73
C THR A 315 26.63 7.78 41.59
N ASN A 316 27.02 9.02 41.93
CA ASN A 316 28.44 9.45 41.89
C ASN A 316 28.57 10.66 42.82
N LEU A 317 29.79 11.00 43.24
CA LEU A 317 29.98 12.12 44.20
C LEU A 317 30.28 13.42 43.45
N CYS A 318 29.34 14.38 43.46
CA CYS A 318 29.58 15.66 42.82
C CYS A 318 29.25 16.78 43.82
N PRO A 319 30.12 17.77 43.99
CA PRO A 319 29.85 18.85 44.94
C PRO A 319 28.68 19.73 44.50
N PHE A 320 27.46 19.31 44.82
CA PHE A 320 26.27 20.06 44.46
C PHE A 320 25.77 20.98 45.56
N GLY A 321 25.71 20.48 46.80
CA GLY A 321 25.24 21.28 47.90
C GLY A 321 26.33 22.02 48.64
N GLU A 322 27.43 22.30 47.93
CA GLU A 322 28.54 23.03 48.57
C GLU A 322 28.16 24.48 48.86
N VAL A 323 27.27 25.05 48.03
CA VAL A 323 26.84 26.43 48.25
C VAL A 323 25.88 26.54 49.42
N PHE A 324 25.32 25.42 49.88
CA PHE A 324 24.41 25.45 51.03
C PHE A 324 25.18 25.68 52.32
N ASN A 325 26.07 24.74 52.66
CA ASN A 325 26.86 24.84 53.88
C ASN A 325 28.28 25.28 53.55
N ALA A 326 28.37 26.53 53.10
CA ALA A 326 29.62 27.17 52.74
C ALA A 326 29.98 28.22 53.78
N THR A 327 30.82 29.17 53.39
CA THR A 327 31.26 30.22 54.30
C THR A 327 31.46 31.53 53.55
N ARG A 328 31.99 31.44 52.32
CA ARG A 328 32.25 32.62 51.50
C ARG A 328 30.95 33.02 50.79
N PHE A 329 30.25 33.99 51.38
CA PHE A 329 29.01 34.51 50.85
C PHE A 329 29.18 36.01 50.59
N ALA A 330 28.80 36.45 49.40
CA ALA A 330 28.89 37.85 49.03
C ALA A 330 27.58 38.55 49.36
N SER A 331 27.30 39.68 48.71
CA SER A 331 26.08 40.44 48.90
C SER A 331 25.24 40.39 47.62
N VAL A 332 24.07 41.02 47.68
CA VAL A 332 23.20 41.08 46.52
C VAL A 332 23.75 42.00 45.44
N TYR A 333 24.65 42.93 45.83
CA TYR A 333 25.23 43.85 44.85
C TYR A 333 26.24 43.14 43.97
N ALA A 334 27.06 42.26 44.55
CA ALA A 334 28.09 41.51 43.82
C ALA A 334 27.88 40.02 44.07
N TRP A 335 26.73 39.51 43.64
CA TRP A 335 26.43 38.10 43.82
C TRP A 335 27.28 37.24 42.89
N ASN A 336 27.69 36.08 43.40
CA ASN A 336 28.52 35.15 42.65
C ASN A 336 27.67 34.10 41.96
N ARG A 337 28.30 33.36 41.05
CA ARG A 337 27.62 32.29 40.30
C ARG A 337 28.52 31.08 40.25
N LYS A 338 27.98 29.92 40.63
CA LYS A 338 28.72 28.67 40.63
C LYS A 338 28.13 27.75 39.57
N ARG A 339 28.97 27.29 38.64
CA ARG A 339 28.54 26.40 37.57
C ARG A 339 28.81 24.96 37.98
N ILE A 340 27.73 24.20 38.20
CA ILE A 340 27.82 22.80 38.60
C ILE A 340 27.16 21.98 37.50
N SER A 341 27.97 21.34 36.66
CA SER A 341 27.46 20.53 35.56
C SER A 341 28.46 19.42 35.28
N ASN A 342 28.21 18.69 34.18
CA ASN A 342 29.08 17.60 33.73
C ASN A 342 29.24 16.52 34.79
N CYS A 343 28.19 16.29 35.58
CA CYS A 343 28.21 15.26 36.62
C CYS A 343 26.77 14.89 36.93
N VAL A 344 26.60 14.10 37.99
CA VAL A 344 25.29 13.66 38.43
C VAL A 344 24.93 14.37 39.73
N ALA A 345 23.68 14.23 40.15
CA ALA A 345 23.19 14.85 41.38
C ALA A 345 22.12 13.97 42.00
N ASP A 346 21.76 14.29 43.24
CA ASP A 346 20.75 13.56 43.99
C ASP A 346 19.80 14.57 44.61
N TYR A 347 18.61 14.72 44.03
CA TYR A 347 17.60 15.65 44.52
C TYR A 347 16.64 15.02 45.51
N SER A 348 16.91 13.80 45.98
CA SER A 348 16.03 13.14 46.92
C SER A 348 16.24 13.64 48.35
N VAL A 349 17.47 14.03 48.69
CA VAL A 349 17.76 14.51 50.04
C VAL A 349 17.48 16.00 50.21
N LEU A 350 17.19 16.71 49.13
CA LEU A 350 16.90 18.14 49.21
C LEU A 350 15.44 18.45 49.44
N TYR A 351 14.54 17.48 49.24
CA TYR A 351 13.11 17.70 49.43
C TYR A 351 12.71 17.56 50.89
N ASN A 352 13.07 16.45 51.52
CA ASN A 352 12.71 16.18 52.92
C ASN A 352 13.87 16.48 53.88
N SER A 353 14.60 17.57 53.64
CA SER A 353 15.69 17.92 54.54
C SER A 353 15.19 18.52 55.84
N ALA A 354 14.01 19.16 55.81
CA ALA A 354 13.41 19.77 57.00
C ALA A 354 14.35 20.79 57.64
N SER A 355 14.94 21.62 56.78
CA SER A 355 15.87 22.64 57.28
C SER A 355 15.79 23.96 56.51
N PHE A 356 14.91 24.10 55.54
CA PHE A 356 14.77 25.33 54.77
C PHE A 356 13.60 26.14 55.30
N SER A 357 13.83 27.44 55.53
CA SER A 357 12.77 28.30 56.03
C SER A 357 11.79 28.68 54.93
N THR A 358 12.28 28.82 53.70
CA THR A 358 11.44 29.19 52.56
C THR A 358 11.89 28.38 51.36
N PHE A 359 11.04 27.45 50.91
CA PHE A 359 11.32 26.59 49.77
C PHE A 359 10.15 26.72 48.80
N LYS A 360 10.29 27.62 47.83
CA LYS A 360 9.27 27.87 46.82
C LYS A 360 9.89 27.78 45.44
N CYS A 361 9.11 27.24 44.49
CA CYS A 361 9.55 27.07 43.12
C CYS A 361 8.67 27.88 42.19
N TYR A 362 9.20 28.19 41.00
CA TYR A 362 8.49 28.96 39.99
C TYR A 362 8.58 28.22 38.66
N GLY A 363 7.43 27.84 38.12
CA GLY A 363 7.38 27.15 36.85
C GLY A 363 7.52 25.65 36.99
N VAL A 364 8.72 25.19 37.32
CA VAL A 364 8.98 23.75 37.48
C VAL A 364 8.55 23.32 38.87
N SER A 365 7.75 22.26 38.93
CA SER A 365 7.29 21.74 40.21
C SER A 365 8.44 21.06 40.96
N PRO A 366 8.45 21.14 42.29
CA PRO A 366 9.54 20.52 43.07
C PRO A 366 9.47 19.00 43.15
N THR A 367 8.68 18.34 42.31
CA THR A 367 8.58 16.89 42.30
C THR A 367 9.13 16.26 41.03
N LYS A 368 8.84 16.84 39.86
CA LYS A 368 9.33 16.29 38.60
C LYS A 368 10.83 16.46 38.43
N LEU A 369 11.45 17.38 39.18
CA LEU A 369 12.90 17.66 39.03
C LEU A 369 13.73 16.64 39.82
N ASN A 370 13.08 15.69 40.52
CA ASN A 370 13.81 14.66 41.25
C ASN A 370 14.30 13.53 40.34
N ASP A 371 13.89 13.52 39.07
CA ASP A 371 14.32 12.48 38.15
C ASP A 371 14.32 13.02 36.72
N LEU A 372 14.60 14.31 36.56
CA LEU A 372 14.65 14.96 35.27
C LEU A 372 16.06 15.39 34.95
N CYS A 373 16.47 15.20 33.70
CA CYS A 373 17.81 15.57 33.28
C CYS A 373 17.90 17.06 32.96
N PHE A 374 19.06 17.64 33.24
CA PHE A 374 19.32 19.04 32.97
C PHE A 374 20.68 19.19 32.29
N THR A 375 20.90 20.37 31.72
CA THR A 375 22.16 20.65 31.03
C THR A 375 23.03 21.59 31.85
N ASN A 376 22.60 22.85 31.98
CA ASN A 376 23.33 23.86 32.73
C ASN A 376 22.59 24.13 34.03
N VAL A 377 23.26 23.89 35.15
CA VAL A 377 22.70 24.11 36.48
C VAL A 377 23.59 25.09 37.22
N TYR A 378 23.05 26.26 37.54
CA TYR A 378 23.77 27.30 38.24
C TYR A 378 23.21 27.48 39.65
N ALA A 379 23.90 28.30 40.44
CA ALA A 379 23.49 28.58 41.81
C ALA A 379 24.02 29.94 42.22
N ASP A 380 23.12 30.86 42.53
CA ASP A 380 23.46 32.21 42.95
C ASP A 380 23.29 32.33 44.45
N SER A 381 24.34 32.77 45.14
CA SER A 381 24.33 32.92 46.59
C SER A 381 24.39 34.40 46.96
N PHE A 382 23.45 34.83 47.79
CA PHE A 382 23.41 36.22 48.23
C PHE A 382 22.64 36.28 49.55
N VAL A 383 23.03 37.20 50.41
CA VAL A 383 22.44 37.39 51.73
C VAL A 383 21.64 38.69 51.70
N ILE A 384 20.34 38.59 52.02
CA ILE A 384 19.47 39.76 52.05
C ILE A 384 18.74 39.80 53.39
N ARG A 385 17.68 40.58 53.45
CA ARG A 385 16.88 40.73 54.67
C ARG A 385 15.77 39.67 54.69
N GLY A 386 14.78 39.88 55.55
CA GLY A 386 13.65 38.96 55.64
C GLY A 386 12.49 39.37 54.76
N ASP A 387 12.19 40.68 54.74
CA ASP A 387 11.11 41.17 53.89
C ASP A 387 11.49 41.23 52.42
N GLU A 388 12.79 41.13 52.11
CA GLU A 388 13.25 41.16 50.73
C GLU A 388 13.23 39.79 50.07
N VAL A 389 12.84 38.74 50.78
CA VAL A 389 12.78 37.40 50.19
C VAL A 389 11.61 37.30 49.23
N ARG A 390 10.48 37.91 49.57
CA ARG A 390 9.30 37.86 48.71
C ARG A 390 9.49 38.68 47.44
N GLN A 391 10.40 39.65 47.45
CA GLN A 391 10.62 40.46 46.26
C GLN A 391 11.33 39.70 45.15
N ILE A 392 12.10 38.67 45.50
CA ILE A 392 12.81 37.87 44.50
C ILE A 392 11.81 36.96 43.80
N ALA A 393 11.25 37.43 42.68
CA ALA A 393 10.27 36.67 41.92
C ALA A 393 10.24 37.18 40.50
N PRO A 394 10.05 36.34 39.50
CA PRO A 394 10.01 36.82 38.11
C PRO A 394 8.77 37.65 37.82
N GLY A 395 8.93 38.97 37.78
CA GLY A 395 7.85 39.89 37.50
C GLY A 395 7.66 40.98 38.54
N GLN A 396 8.25 40.83 39.72
CA GLN A 396 8.11 41.83 40.77
C GLN A 396 9.10 42.98 40.56
N THR A 397 8.80 44.10 41.19
CA THR A 397 9.63 45.30 41.11
C THR A 397 10.06 45.71 42.52
N GLY A 398 10.77 46.84 42.61
CA GLY A 398 11.23 47.33 43.88
C GLY A 398 12.64 47.91 43.81
N ASN A 399 13.39 47.79 44.91
CA ASN A 399 14.74 48.31 44.99
C ASN A 399 15.80 47.21 45.03
N ILE A 400 15.40 45.94 44.94
CA ILE A 400 16.32 44.82 44.97
C ILE A 400 16.29 44.04 43.66
N ALA A 401 15.10 43.70 43.18
CA ALA A 401 14.95 42.95 41.93
C ALA A 401 15.12 43.80 40.69
N ASP A 402 15.30 45.11 40.84
CA ASP A 402 15.46 46.02 39.71
C ASP A 402 16.86 46.59 39.57
N TYR A 403 17.55 46.85 40.66
CA TYR A 403 18.88 47.45 40.63
C TYR A 403 19.98 46.47 41.03
N ASN A 404 19.62 45.25 41.45
CA ASN A 404 20.62 44.27 41.85
C ASN A 404 20.43 42.97 41.08
N TYR A 405 19.63 42.06 41.64
CA TYR A 405 19.36 40.77 41.00
C TYR A 405 18.20 40.95 40.03
N LYS A 406 18.52 41.25 38.77
CA LYS A 406 17.51 41.46 37.75
C LYS A 406 16.97 40.12 37.27
N LEU A 407 15.65 39.93 37.39
CA LEU A 407 15.01 38.70 36.97
C LEU A 407 14.14 38.94 35.75
N PRO A 408 14.12 38.02 34.78
CA PRO A 408 13.30 38.21 33.58
C PRO A 408 11.82 37.98 33.86
N ASP A 409 11.02 37.91 32.79
CA ASP A 409 9.59 37.68 32.95
C ASP A 409 9.29 36.25 33.36
N ASP A 410 9.92 35.29 32.69
CA ASP A 410 9.73 33.87 32.99
C ASP A 410 10.98 33.31 33.64
N PHE A 411 10.79 32.42 34.61
CA PHE A 411 11.91 31.81 35.33
C PHE A 411 11.50 30.40 35.74
N THR A 412 12.36 29.44 35.47
CA THR A 412 12.12 28.03 35.79
C THR A 412 13.16 27.61 36.83
N GLY A 413 12.75 27.62 38.10
CA GLY A 413 13.65 27.23 39.15
C GLY A 413 12.96 27.27 40.50
N CYS A 414 13.77 27.18 41.55
CA CYS A 414 13.27 27.20 42.92
C CYS A 414 14.08 28.20 43.75
N VAL A 415 13.52 28.58 44.88
CA VAL A 415 14.14 29.53 45.80
C VAL A 415 14.33 28.83 47.14
N ILE A 416 15.58 28.73 47.58
CA ILE A 416 15.93 28.08 48.84
C ILE A 416 16.49 29.14 49.78
N ALA A 417 15.90 29.24 50.97
CA ALA A 417 16.34 30.23 51.96
C ALA A 417 16.09 29.67 53.35
N TRP A 418 17.10 29.73 54.21
CA TRP A 418 17.02 29.25 55.57
C TRP A 418 17.39 30.36 56.54
N ASN A 419 16.94 30.22 57.79
CA ASN A 419 17.21 31.22 58.80
C ASN A 419 18.67 31.14 59.26
N SER A 420 19.28 32.30 59.44
CA SER A 420 20.67 32.40 59.87
C SER A 420 20.83 33.60 60.78
N ASN A 421 21.57 33.42 61.87
CA ASN A 421 21.80 34.50 62.83
C ASN A 421 23.19 34.39 63.43
N ASN A 422 23.60 33.17 63.78
CA ASN A 422 24.91 32.92 64.38
C ASN A 422 25.94 32.44 63.35
N LEU A 423 25.70 32.70 62.07
CA LEU A 423 26.60 32.29 61.00
C LEU A 423 27.16 33.45 60.20
N ASP A 424 26.33 34.47 59.93
CA ASP A 424 26.76 35.63 59.16
C ASP A 424 26.43 36.94 59.87
N SER A 425 26.32 36.93 61.19
CA SER A 425 26.01 38.12 61.96
C SER A 425 26.65 38.02 63.33
N LYS A 426 27.43 39.02 63.70
CA LYS A 426 28.12 39.08 64.98
C LYS A 426 27.49 40.13 65.88
N VAL A 427 27.99 40.20 67.11
CA VAL A 427 27.49 41.16 68.08
C VAL A 427 28.23 42.48 67.91
N GLY A 428 27.48 43.58 67.91
CA GLY A 428 28.04 44.92 67.76
C GLY A 428 27.67 45.60 66.46
N GLY A 429 27.36 44.83 65.42
CA GLY A 429 27.00 45.41 64.14
C GLY A 429 27.84 44.90 62.98
N ASN A 430 27.24 44.09 62.12
CA ASN A 430 27.93 43.51 60.96
C ASN A 430 27.54 44.33 59.74
N TYR A 431 28.32 45.36 59.45
CA TYR A 431 28.07 46.25 58.31
C TYR A 431 28.95 45.90 57.11
N ASN A 432 29.07 44.61 56.80
CA ASN A 432 29.88 44.17 55.68
C ASN A 432 29.08 43.99 54.40
N TYR A 433 27.77 43.78 54.50
CA TYR A 433 26.92 43.60 53.34
C TYR A 433 26.41 44.96 52.86
N LEU A 434 26.54 45.20 51.54
CA LEU A 434 26.13 46.44 50.93
C LEU A 434 25.09 46.17 49.85
N TYR A 435 24.31 47.20 49.53
CA TYR A 435 23.29 47.09 48.50
C TYR A 435 22.97 48.49 47.98
N ARG A 436 22.69 48.57 46.67
CA ARG A 436 22.37 49.83 46.03
C ARG A 436 20.88 50.09 46.10
N LEU A 437 20.51 51.31 46.49
CA LEU A 437 19.11 51.70 46.64
C LEU A 437 18.55 52.37 45.39
N PHE A 438 19.25 53.38 44.87
CA PHE A 438 18.84 54.10 43.68
C PHE A 438 19.88 53.93 42.58
N ARG A 439 19.42 53.79 41.33
CA ARG A 439 20.34 53.61 40.17
C ARG A 439 19.72 54.30 38.95
N LYS A 440 20.50 55.08 38.19
CA LYS A 440 19.96 55.87 37.05
C LYS A 440 19.39 54.97 35.96
N SER A 441 20.09 53.89 35.58
CA SER A 441 19.62 53.03 34.46
C SER A 441 19.08 51.71 34.99
N ASN A 442 18.70 50.78 34.09
CA ASN A 442 18.24 49.48 34.58
C ASN A 442 19.33 48.44 34.36
N LEU A 443 18.97 47.16 34.48
CA LEU A 443 19.90 46.06 34.29
C LEU A 443 19.27 45.00 33.40
N LYS A 444 20.08 44.00 33.02
CA LYS A 444 19.65 42.90 32.18
C LYS A 444 19.58 41.61 33.00
N PRO A 445 18.67 40.70 32.64
CA PRO A 445 18.57 39.44 33.38
C PRO A 445 19.84 38.62 33.27
N PHE A 446 20.16 37.90 34.36
CA PHE A 446 21.35 37.05 34.44
C PHE A 446 22.62 37.85 34.19
N GLU A 447 22.76 38.94 34.94
CA GLU A 447 23.93 39.81 34.82
C GLU A 447 24.07 40.61 36.10
N ARG A 448 25.28 40.62 36.67
CA ARG A 448 25.54 41.35 37.90
C ARG A 448 25.75 42.83 37.60
N ASP A 449 25.98 43.60 38.66
CA ASP A 449 26.22 45.04 38.57
C ASP A 449 27.49 45.37 39.32
N ILE A 450 28.56 45.70 38.59
CA ILE A 450 29.84 46.03 39.18
C ILE A 450 30.17 47.51 39.05
N SER A 451 29.32 48.29 38.40
CA SER A 451 29.56 49.71 38.24
C SER A 451 29.37 50.45 39.57
N THR A 452 30.23 51.44 39.82
CA THR A 452 30.18 52.24 41.03
C THR A 452 30.18 53.71 40.64
N GLU A 453 29.11 54.42 40.98
CA GLU A 453 28.98 55.83 40.67
C GLU A 453 28.05 56.49 41.68
N ILE A 454 27.96 57.80 41.60
CA ILE A 454 27.10 58.58 42.49
C ILE A 454 25.77 58.82 41.80
N TYR A 455 24.68 58.48 42.47
CA TYR A 455 23.35 58.67 41.91
C TYR A 455 22.98 60.15 41.91
N GLN A 456 22.78 60.69 40.71
CA GLN A 456 22.43 62.10 40.55
C GLN A 456 20.90 62.22 40.57
N ALA A 457 20.36 62.66 41.69
CA ALA A 457 18.91 62.80 41.81
C ALA A 457 18.41 64.05 41.12
N GLY A 458 19.22 65.10 41.07
CA GLY A 458 18.86 66.36 40.45
C GLY A 458 19.56 66.54 39.11
N SER A 459 19.92 67.79 38.82
CA SER A 459 20.60 68.13 37.57
C SER A 459 21.96 68.77 37.80
N THR A 460 22.46 68.77 39.04
CA THR A 460 23.77 69.36 39.32
C THR A 460 24.84 68.28 39.38
N PRO A 461 26.05 68.58 38.89
CA PRO A 461 27.12 67.59 38.95
C PRO A 461 27.54 67.29 40.40
N CYS A 462 28.11 66.10 40.59
CA CYS A 462 28.56 65.68 41.91
C CYS A 462 30.06 65.45 42.00
N ASN A 463 30.73 65.16 40.88
CA ASN A 463 32.18 64.95 40.84
C ASN A 463 32.61 63.82 41.75
N GLY A 464 31.73 62.83 41.97
CA GLY A 464 32.08 61.68 42.79
C GLY A 464 32.20 61.96 44.27
N VAL A 465 31.38 62.89 44.77
CA VAL A 465 31.42 63.26 46.21
C VAL A 465 29.98 63.46 46.71
N LYS A 466 29.77 63.38 48.03
CA LYS A 466 28.41 63.50 48.61
C LYS A 466 28.06 64.97 48.85
N GLY A 467 26.80 65.27 49.15
CA GLY A 467 26.37 66.66 49.41
C GLY A 467 24.93 66.89 49.02
N PHE A 468 24.61 68.05 48.45
CA PHE A 468 23.22 68.38 48.06
C PHE A 468 22.86 67.59 46.80
N ASN A 469 21.77 66.81 46.85
CA ASN A 469 21.33 65.97 45.70
C ASN A 469 22.44 64.98 45.31
N CYS A 470 23.49 64.86 46.13
CA CYS A 470 24.52 63.87 45.84
C CYS A 470 24.60 62.92 47.04
N TYR A 471 24.14 61.69 46.86
CA TYR A 471 24.08 60.72 47.93
C TYR A 471 24.77 59.42 47.50
N PHE A 472 25.19 58.65 48.49
CA PHE A 472 25.86 57.38 48.21
C PHE A 472 24.81 56.29 47.99
N PRO A 473 24.80 55.62 46.83
CA PRO A 473 23.75 54.62 46.59
C PRO A 473 23.92 53.35 47.41
N LEU A 474 25.15 52.90 47.64
CA LEU A 474 25.37 51.67 48.40
C LEU A 474 25.12 51.92 49.88
N GLN A 475 24.05 51.33 50.40
CA GLN A 475 23.68 51.45 51.80
C GLN A 475 24.23 50.29 52.61
N SER A 476 23.90 50.27 53.89
CA SER A 476 24.37 49.25 54.82
C SER A 476 23.18 48.62 55.54
N TYR A 477 23.25 47.31 55.74
CA TYR A 477 22.20 46.59 56.45
C TYR A 477 22.31 46.81 57.95
N GLY A 478 21.33 46.29 58.68
CA GLY A 478 21.31 46.39 60.12
C GLY A 478 21.10 45.06 60.81
N PHE A 479 22.01 44.12 60.55
CA PHE A 479 21.91 42.77 61.13
C PHE A 479 22.27 42.83 62.61
N GLN A 480 21.26 42.72 63.47
CA GLN A 480 21.46 42.72 64.91
C GLN A 480 20.78 41.50 65.52
N PRO A 481 21.40 40.89 66.53
CA PRO A 481 20.81 39.69 67.14
C PRO A 481 19.63 39.98 68.06
N THR A 482 19.19 41.23 68.17
CA THR A 482 18.07 41.59 69.03
C THR A 482 16.87 42.12 68.27
N TYR A 483 16.90 42.12 66.94
CA TYR A 483 15.79 42.63 66.14
C TYR A 483 14.75 41.53 65.96
N GLY A 484 13.78 41.77 65.08
CA GLY A 484 12.72 40.81 64.83
C GLY A 484 13.13 39.75 63.83
N VAL A 485 12.12 39.10 63.27
CA VAL A 485 12.37 38.03 62.30
C VAL A 485 12.66 38.60 60.92
N GLY A 486 11.96 39.67 60.54
CA GLY A 486 12.15 40.28 59.23
C GLY A 486 13.46 41.01 59.05
N TYR A 487 14.22 41.20 60.13
CA TYR A 487 15.51 41.88 60.05
C TYR A 487 16.71 40.94 60.10
N GLN A 488 16.48 39.65 60.30
CA GLN A 488 17.58 38.70 60.34
C GLN A 488 18.06 38.38 58.92
N PRO A 489 19.36 38.10 58.77
CA PRO A 489 19.87 37.78 57.44
C PRO A 489 19.46 36.39 56.99
N TYR A 490 19.22 36.25 55.69
CA TYR A 490 18.85 34.99 55.08
C TYR A 490 19.76 34.72 53.88
N ARG A 491 20.37 33.53 53.86
CA ARG A 491 21.25 33.13 52.77
C ARG A 491 20.40 32.48 51.69
N VAL A 492 19.85 33.31 50.81
CA VAL A 492 18.99 32.83 49.73
C VAL A 492 19.87 32.27 48.62
N VAL A 493 19.63 31.01 48.26
CA VAL A 493 20.36 30.32 47.20
C VAL A 493 19.36 29.99 46.11
N VAL A 494 19.44 30.73 44.99
CA VAL A 494 18.55 30.52 43.86
C VAL A 494 19.19 29.53 42.90
N LEU A 495 18.50 28.44 42.61
CA LEU A 495 18.98 27.41 41.69
C LEU A 495 18.35 27.63 40.32
N SER A 496 19.19 27.90 39.33
CA SER A 496 18.73 28.14 37.97
C SER A 496 18.96 26.90 37.11
N PHE A 497 18.11 26.75 36.10
CA PHE A 497 18.18 25.62 35.18
C PHE A 497 18.07 26.15 33.76
N GLU A 498 19.08 25.88 32.93
CA GLU A 498 19.13 26.32 31.55
C GLU A 498 19.14 25.11 30.63
N LEU A 499 18.28 25.13 29.61
CA LEU A 499 18.18 24.04 28.64
C LEU A 499 18.52 24.58 27.26
N LEU A 500 19.54 24.02 26.65
CA LEU A 500 19.99 24.41 25.32
C LEU A 500 19.95 23.20 24.39
N HIS A 501 20.61 23.32 23.24
CA HIS A 501 20.66 22.24 22.27
C HIS A 501 21.68 21.16 22.63
N ALA A 502 22.49 21.38 23.66
CA ALA A 502 23.46 20.39 24.06
C ALA A 502 22.78 19.23 24.80
N PRO A 503 23.30 18.01 24.67
CA PRO A 503 22.70 16.88 25.38
C PRO A 503 22.80 17.05 26.89
N ALA A 504 21.72 16.73 27.58
CA ALA A 504 21.69 16.86 29.04
C ALA A 504 22.55 15.78 29.68
N THR A 505 23.51 16.20 30.49
CA THR A 505 24.41 15.28 31.18
C THR A 505 24.23 15.28 32.70
N VAL A 506 23.32 16.10 33.22
CA VAL A 506 23.07 16.18 34.66
C VAL A 506 21.63 15.72 34.87
N CYS A 507 21.48 14.46 35.28
CA CYS A 507 20.18 13.87 35.53
C CYS A 507 19.96 13.70 37.03
N GLY A 508 19.11 12.71 37.36
CA GLY A 508 18.86 12.33 38.77
C GLY A 508 18.75 10.81 38.83
N PRO A 509 18.05 10.19 39.81
CA PRO A 509 17.86 8.73 39.85
C PRO A 509 17.06 8.11 38.69
N LYS A 510 17.30 6.81 38.42
CA LYS A 510 17.07 6.16 37.10
C LYS A 510 16.11 4.97 37.24
N LYS A 511 15.46 4.55 36.14
CA LYS A 511 14.44 3.46 36.20
C LYS A 511 15.07 2.06 36.17
N SER A 512 14.67 1.17 37.10
CA SER A 512 15.21 -0.19 37.23
C SER A 512 14.50 -1.02 38.32
N THR A 513 14.70 -2.34 38.26
CA THR A 513 14.14 -3.36 39.16
C THR A 513 15.22 -4.38 39.53
N ASN A 514 14.90 -5.29 40.46
CA ASN A 514 15.62 -6.56 40.57
C ASN A 514 15.60 -7.34 39.23
N LEU A 515 16.58 -8.21 39.03
CA LEU A 515 16.81 -8.99 37.80
C LEU A 515 16.62 -10.48 38.08
N VAL A 516 15.65 -11.11 37.41
CA VAL A 516 15.26 -12.51 37.68
C VAL A 516 15.70 -13.43 36.54
N LYS A 517 16.55 -14.41 36.86
CA LYS A 517 17.04 -15.43 35.93
C LYS A 517 16.11 -16.64 35.88
N ASN A 518 16.21 -17.41 34.80
CA ASN A 518 15.71 -18.79 34.66
C ASN A 518 14.18 -18.96 34.84
N LYS A 519 13.43 -17.88 34.58
CA LYS A 519 11.96 -17.83 34.54
C LYS A 519 11.52 -17.04 33.31
N CYS A 520 10.34 -17.31 32.76
CA CYS A 520 9.78 -16.47 31.71
C CYS A 520 9.35 -15.13 32.28
N VAL A 521 9.86 -14.03 31.74
CA VAL A 521 9.70 -12.68 32.30
C VAL A 521 9.62 -11.64 31.19
N ASN A 522 8.88 -10.57 31.44
CA ASN A 522 8.94 -9.36 30.63
C ASN A 522 10.18 -8.56 31.05
N PHE A 523 10.85 -7.87 30.12
CA PHE A 523 12.08 -7.16 30.42
C PHE A 523 12.28 -5.90 29.58
N ASN A 524 13.13 -5.01 30.11
CA ASN A 524 13.71 -3.87 29.41
C ASN A 524 15.18 -3.72 29.82
N PHE A 525 16.11 -3.59 28.86
CA PHE A 525 17.52 -3.25 29.09
C PHE A 525 17.87 -2.00 28.30
N ASN A 526 18.15 -0.88 28.97
CA ASN A 526 18.53 0.41 28.34
C ASN A 526 17.56 0.92 27.24
N GLY A 527 16.29 0.49 27.26
CA GLY A 527 15.30 0.77 26.21
C GLY A 527 15.03 -0.39 25.23
N LEU A 528 15.87 -1.44 25.22
CA LEU A 528 15.57 -2.69 24.50
C LEU A 528 14.53 -3.50 25.30
N THR A 529 13.26 -3.37 24.91
CA THR A 529 12.14 -4.13 25.50
C THR A 529 11.97 -5.51 24.89
N GLY A 530 11.44 -6.46 25.66
CA GLY A 530 11.11 -7.80 25.19
C GLY A 530 10.47 -8.68 26.25
N THR A 531 10.28 -9.96 25.96
CA THR A 531 9.81 -10.97 26.92
C THR A 531 10.38 -12.34 26.57
N GLY A 532 10.75 -13.13 27.57
CA GLY A 532 11.44 -14.42 27.38
C GLY A 532 12.06 -14.94 28.68
N VAL A 533 12.82 -16.04 28.59
CA VAL A 533 13.57 -16.59 29.72
C VAL A 533 15.00 -16.04 29.69
N LEU A 534 15.31 -15.16 30.64
CA LEU A 534 16.66 -14.62 30.84
C LEU A 534 17.58 -15.67 31.48
N THR A 535 18.79 -15.86 30.99
CA THR A 535 19.73 -16.89 31.46
C THR A 535 21.16 -16.35 31.52
N GLU A 536 22.04 -17.00 32.29
CA GLU A 536 23.47 -16.65 32.29
C GLU A 536 24.14 -17.02 30.95
N SER A 537 25.27 -16.37 30.60
CA SER A 537 26.06 -16.78 29.44
C SER A 537 27.56 -16.52 29.58
N ASN A 538 28.35 -17.28 28.83
CA ASN A 538 29.79 -17.08 28.64
C ASN A 538 30.12 -16.22 27.41
N LYS A 539 29.13 -15.60 26.74
CA LYS A 539 29.31 -14.86 25.48
C LYS A 539 30.12 -13.58 25.71
N LYS A 540 31.32 -13.54 25.13
CA LYS A 540 32.35 -12.51 25.36
C LYS A 540 32.04 -11.19 24.62
N PHE A 541 31.07 -10.44 25.11
CA PHE A 541 30.81 -9.08 24.62
C PHE A 541 32.06 -8.22 24.80
N LEU A 542 32.45 -7.47 23.76
CA LEU A 542 33.47 -6.43 23.87
C LEU A 542 32.93 -5.27 24.73
N PRO A 543 33.77 -4.46 25.39
CA PRO A 543 33.34 -3.53 26.45
C PRO A 543 32.25 -2.53 26.04
N PHE A 544 32.23 -2.10 24.79
CA PHE A 544 31.22 -1.19 24.24
C PHE A 544 29.93 -1.88 23.78
N GLN A 545 29.92 -3.21 23.56
CA GLN A 545 28.75 -3.94 23.09
C GLN A 545 27.69 -4.07 24.20
N GLN A 546 26.42 -3.80 23.87
CA GLN A 546 25.29 -3.76 24.81
C GLN A 546 24.29 -4.90 24.58
N PHE A 547 24.13 -5.35 23.33
CA PHE A 547 23.14 -6.35 22.92
C PHE A 547 23.78 -7.39 22.01
N GLY A 548 23.21 -8.58 21.90
CA GLY A 548 23.71 -9.67 21.06
C GLY A 548 22.62 -10.24 20.15
N ARG A 549 22.97 -10.64 18.92
CA ARG A 549 22.03 -11.14 17.92
C ARG A 549 22.47 -12.45 17.27
N ASP A 550 21.50 -13.30 16.99
CA ASP A 550 21.63 -14.58 16.28
C ASP A 550 21.69 -14.40 14.75
N ILE A 551 21.92 -15.49 14.00
CA ILE A 551 22.09 -15.48 12.54
C ILE A 551 20.92 -14.81 11.81
N ALA A 552 19.68 -15.08 12.23
CA ALA A 552 18.46 -14.49 11.67
C ALA A 552 18.09 -13.11 12.30
N ASP A 553 19.09 -12.32 12.69
CA ASP A 553 19.00 -10.98 13.30
C ASP A 553 18.28 -10.87 14.66
N THR A 554 17.63 -11.94 15.12
CA THR A 554 16.88 -11.98 16.38
C THR A 554 17.81 -11.88 17.59
N THR A 555 17.46 -11.07 18.60
CA THR A 555 18.26 -10.89 19.82
C THR A 555 18.46 -12.20 20.58
N ASP A 556 19.67 -12.50 21.01
CA ASP A 556 20.00 -13.69 21.79
C ASP A 556 20.74 -13.39 23.11
N ALA A 557 21.23 -12.17 23.33
CA ALA A 557 21.97 -11.84 24.54
C ALA A 557 21.89 -10.34 24.88
N VAL A 558 22.12 -9.98 26.14
CA VAL A 558 22.16 -8.59 26.61
C VAL A 558 23.15 -8.40 27.76
N ARG A 559 23.74 -7.21 27.86
CA ARG A 559 24.48 -6.75 29.04
C ARG A 559 23.50 -6.21 30.09
N ASP A 560 23.59 -6.67 31.33
CA ASP A 560 22.97 -5.97 32.45
C ASP A 560 23.72 -4.66 32.73
N PRO A 561 23.11 -3.47 32.56
CA PRO A 561 23.79 -2.20 32.80
C PRO A 561 24.17 -1.95 34.27
N GLN A 562 23.68 -2.75 35.23
CA GLN A 562 24.01 -2.61 36.65
C GLN A 562 25.08 -3.60 37.16
N THR A 563 25.60 -4.48 36.31
CA THR A 563 26.68 -5.44 36.65
C THR A 563 27.59 -5.70 35.45
N LEU A 564 28.47 -6.71 35.52
CA LEU A 564 29.21 -7.25 34.38
C LEU A 564 28.46 -8.39 33.65
N GLU A 565 27.23 -8.74 34.04
CA GLU A 565 26.55 -9.91 33.50
C GLU A 565 26.17 -9.75 32.02
N ILE A 566 26.65 -10.67 31.18
CA ILE A 566 26.12 -10.89 29.83
C ILE A 566 25.12 -12.05 29.91
N LEU A 567 23.84 -11.72 29.89
CA LEU A 567 22.75 -12.68 29.85
C LEU A 567 22.56 -13.21 28.43
N ASP A 568 22.07 -14.43 28.30
CA ASP A 568 21.47 -14.96 27.07
C ASP A 568 19.95 -15.02 27.23
N ILE A 569 19.23 -14.52 26.24
CA ILE A 569 17.77 -14.46 26.23
C ILE A 569 17.23 -15.62 25.38
N THR A 570 16.61 -16.59 26.03
CA THR A 570 15.78 -17.58 25.35
C THR A 570 14.38 -16.98 25.12
N PRO A 571 13.69 -17.23 24.00
CA PRO A 571 12.29 -16.83 23.84
C PRO A 571 11.38 -17.49 24.89
N CYS A 572 10.13 -17.05 24.99
CA CYS A 572 9.11 -17.78 25.76
C CYS A 572 8.99 -19.22 25.23
N SER A 573 8.83 -20.20 26.13
CA SER A 573 8.44 -21.55 25.68
C SER A 573 7.02 -21.50 25.12
N PHE A 574 6.82 -22.01 23.90
CA PHE A 574 5.55 -21.93 23.19
C PHE A 574 5.41 -23.07 22.19
N GLY A 575 4.20 -23.36 21.76
CA GLY A 575 3.94 -24.33 20.70
C GLY A 575 2.46 -24.49 20.37
N GLY A 576 2.16 -25.04 19.20
CA GLY A 576 0.79 -25.39 18.85
C GLY A 576 0.21 -26.44 19.80
N VAL A 577 -1.08 -26.33 20.09
CA VAL A 577 -1.83 -27.30 20.88
C VAL A 577 -2.76 -28.04 19.94
N SER A 578 -2.66 -29.35 19.93
CA SER A 578 -3.51 -30.21 19.09
C SER A 578 -4.27 -31.22 19.91
N VAL A 579 -5.51 -31.45 19.54
CA VAL A 579 -6.42 -32.35 20.25
C VAL A 579 -6.55 -33.64 19.46
N ILE A 580 -6.17 -34.75 20.09
CA ILE A 580 -6.38 -36.10 19.59
C ILE A 580 -7.78 -36.52 20.01
N THR A 581 -8.59 -37.01 19.07
CA THR A 581 -9.94 -37.48 19.38
C THR A 581 -10.32 -38.70 18.54
N PRO A 582 -10.94 -39.75 19.11
CA PRO A 582 -11.80 -40.64 18.35
C PRO A 582 -13.02 -39.86 17.84
N GLY A 583 -13.77 -40.42 16.89
CA GLY A 583 -14.96 -39.75 16.38
C GLY A 583 -16.03 -39.59 17.47
N THR A 584 -16.66 -38.42 17.57
CA THR A 584 -17.64 -38.12 18.63
C THR A 584 -18.85 -39.04 18.64
N ASN A 585 -19.17 -39.66 17.50
CA ASN A 585 -20.18 -40.70 17.38
C ASN A 585 -19.89 -41.95 18.25
N THR A 586 -18.63 -42.16 18.64
CA THR A 586 -18.17 -43.35 19.37
C THR A 586 -17.75 -43.05 20.81
N SER A 587 -17.11 -41.90 21.08
CA SER A 587 -16.72 -41.48 22.43
C SER A 587 -16.48 -39.98 22.52
N ASN A 588 -16.61 -39.40 23.71
CA ASN A 588 -16.31 -38.00 23.99
C ASN A 588 -14.92 -37.79 24.60
N GLN A 589 -14.15 -38.85 24.86
CA GLN A 589 -12.80 -38.70 25.43
C GLN A 589 -11.86 -37.99 24.46
N VAL A 590 -10.91 -37.20 24.96
CA VAL A 590 -9.88 -36.53 24.16
C VAL A 590 -8.57 -36.44 24.92
N ALA A 591 -7.47 -36.29 24.19
CA ALA A 591 -6.13 -36.10 24.71
C ALA A 591 -5.44 -34.95 23.97
N VAL A 592 -4.40 -34.36 24.54
CA VAL A 592 -3.82 -33.11 24.03
C VAL A 592 -2.33 -33.23 23.85
N LEU A 593 -1.81 -32.79 22.70
CA LEU A 593 -0.39 -32.70 22.41
C LEU A 593 0.03 -31.22 22.40
N TYR A 594 0.98 -30.86 23.24
CA TYR A 594 1.61 -29.55 23.26
C TYR A 594 2.89 -29.59 22.42
N GLN A 595 2.79 -29.25 21.14
CA GLN A 595 3.81 -29.53 20.12
C GLN A 595 5.17 -28.93 20.49
N GLY A 596 6.19 -29.79 20.63
CA GLY A 596 7.55 -29.38 20.98
C GLY A 596 7.76 -28.88 22.41
N VAL A 597 6.72 -28.87 23.24
CA VAL A 597 6.85 -28.32 24.63
C VAL A 597 7.37 -29.40 25.58
N ASN A 598 8.32 -29.03 26.46
CA ASN A 598 8.80 -29.90 27.58
C ASN A 598 7.64 -30.10 28.57
N CYS A 599 7.51 -31.30 29.14
CA CYS A 599 6.38 -31.54 30.08
C CYS A 599 6.40 -30.63 31.29
N THR A 600 7.55 -30.14 31.75
CA THR A 600 7.61 -29.29 32.97
C THR A 600 7.00 -27.91 32.72
N GLU A 601 6.94 -27.45 31.47
CA GLU A 601 6.43 -26.12 31.13
C GLU A 601 4.91 -26.04 31.01
N VAL A 602 4.22 -27.14 30.73
CA VAL A 602 2.77 -27.14 30.53
C VAL A 602 2.02 -26.91 31.84
N ASN A 623 -2.87 -37.53 33.42
CA ASN A 623 -1.93 -38.51 32.89
C ASN A 623 -1.02 -37.86 31.83
N VAL A 624 0.30 -38.03 31.92
CA VAL A 624 1.28 -37.25 31.15
C VAL A 624 2.38 -38.14 30.57
N PHE A 625 2.81 -37.86 29.35
CA PHE A 625 3.85 -38.59 28.62
C PHE A 625 4.72 -37.61 27.84
N GLN A 626 6.04 -37.62 28.02
CA GLN A 626 6.97 -36.90 27.16
C GLN A 626 7.21 -37.69 25.86
N THR A 627 6.60 -37.28 24.76
CA THR A 627 6.99 -37.75 23.42
C THR A 627 8.10 -36.87 22.84
N ARG A 628 8.80 -37.31 21.80
CA ARG A 628 9.70 -36.42 21.03
C ARG A 628 8.96 -35.37 20.20
N ALA A 629 7.65 -35.54 20.00
CA ALA A 629 6.76 -34.56 19.37
C ALA A 629 6.24 -33.48 20.35
N GLY A 630 6.45 -33.69 21.66
CA GLY A 630 5.89 -32.75 22.65
C GLY A 630 5.31 -33.50 23.84
N CYS A 631 4.20 -33.06 24.41
CA CYS A 631 3.72 -33.81 25.61
C CYS A 631 2.31 -34.34 25.45
N LEU A 632 2.17 -35.65 25.59
CA LEU A 632 0.84 -36.31 25.46
C LEU A 632 0.10 -36.21 26.79
N ILE A 633 -0.78 -35.21 26.94
CA ILE A 633 -1.58 -35.21 28.16
C ILE A 633 -2.92 -35.88 27.92
N GLY A 634 -3.35 -36.73 28.85
CA GLY A 634 -4.65 -37.41 28.80
C GLY A 634 -4.66 -38.72 28.01
N ALA A 635 -3.52 -39.16 27.47
CA ALA A 635 -3.36 -40.44 26.79
C ALA A 635 -2.36 -41.35 27.53
N GLU A 636 -2.66 -42.63 27.66
CA GLU A 636 -1.78 -43.57 28.36
C GLU A 636 -0.52 -43.89 27.56
N HIS A 637 0.65 -43.86 28.21
CA HIS A 637 1.82 -44.60 27.68
C HIS A 637 1.59 -46.11 27.89
N VAL A 638 1.41 -46.83 26.79
CA VAL A 638 1.10 -48.30 26.83
C VAL A 638 2.32 -49.08 26.32
N ASN A 639 3.07 -48.50 25.38
CA ASN A 639 4.40 -48.99 24.89
C ASN A 639 4.24 -50.20 23.95
N ASN A 640 3.31 -51.10 24.24
CA ASN A 640 2.98 -52.23 23.33
C ASN A 640 2.62 -51.66 21.95
N SER A 641 3.09 -52.27 20.86
CA SER A 641 3.08 -51.54 19.59
C SER A 641 2.00 -52.12 18.64
N TYR A 642 1.49 -51.27 17.76
CA TYR A 642 0.31 -51.54 16.93
C TYR A 642 0.43 -50.82 15.58
N GLU A 643 -0.48 -51.12 14.65
CA GLU A 643 -0.72 -50.28 13.48
C GLU A 643 -0.98 -48.82 13.85
N CYS A 644 -0.73 -47.91 12.91
CA CYS A 644 -1.15 -46.52 13.02
C CYS A 644 -2.68 -46.40 13.16
N ASP A 645 -3.17 -45.38 13.85
CA ASP A 645 -4.61 -45.08 13.95
C ASP A 645 -4.85 -43.57 13.84
N ILE A 646 -4.50 -42.80 14.86
CA ILE A 646 -4.32 -41.35 14.77
C ILE A 646 -2.81 -41.09 14.84
N PRO A 647 -2.19 -40.43 13.85
CA PRO A 647 -0.76 -40.16 13.86
C PRO A 647 -0.40 -39.03 14.84
N ILE A 648 0.81 -39.05 15.41
CA ILE A 648 1.31 -37.97 16.29
C ILE A 648 2.62 -37.39 15.75
N GLY A 649 3.71 -38.17 15.74
CA GLY A 649 5.01 -37.67 15.31
C GLY A 649 6.16 -38.47 15.91
N ALA A 650 7.31 -38.49 15.24
CA ALA A 650 8.52 -39.14 15.73
C ALA A 650 8.26 -40.58 16.21
N GLY A 651 7.49 -41.34 15.43
CA GLY A 651 7.18 -42.74 15.66
C GLY A 651 6.02 -42.98 16.62
N ILE A 652 5.50 -41.99 17.34
CA ILE A 652 4.30 -42.17 18.18
C ILE A 652 3.04 -42.12 17.33
N CYS A 653 2.09 -43.01 17.64
CA CYS A 653 0.70 -42.95 17.21
C CYS A 653 -0.21 -43.11 18.43
N ALA A 654 -1.48 -42.77 18.29
CA ALA A 654 -2.46 -42.94 19.35
C ALA A 654 -3.80 -43.48 18.84
N SER A 655 -4.52 -44.18 19.69
CA SER A 655 -5.78 -44.85 19.37
C SER A 655 -6.71 -44.87 20.58
N TYR A 656 -7.99 -45.16 20.36
CA TYR A 656 -8.96 -45.34 21.44
C TYR A 656 -9.33 -46.82 21.55
N GLN A 657 -8.97 -47.47 22.65
CA GLN A 657 -9.01 -48.93 22.79
C GLN A 657 -9.30 -49.38 24.23
N THR A 658 -9.83 -50.59 24.37
CA THR A 658 -10.24 -51.21 25.65
C THR A 658 -9.06 -51.51 26.57
N SER A 671 -13.65 -49.32 30.65
CA SER A 671 -12.42 -50.04 30.26
C SER A 671 -11.74 -49.46 29.01
N GLN A 672 -12.32 -48.44 28.38
CA GLN A 672 -11.80 -47.78 27.18
C GLN A 672 -11.16 -46.43 27.47
N SER A 673 -10.00 -46.18 26.87
CA SER A 673 -9.21 -44.96 27.02
C SER A 673 -8.39 -44.68 25.78
N ILE A 674 -7.89 -43.45 25.64
CA ILE A 674 -6.92 -43.11 24.59
C ILE A 674 -5.53 -43.60 25.03
N ILE A 675 -4.85 -44.32 24.15
CA ILE A 675 -3.51 -44.86 24.36
C ILE A 675 -2.55 -44.32 23.31
N ALA A 676 -1.28 -44.17 23.66
CA ALA A 676 -0.23 -43.74 22.76
C ALA A 676 1.00 -44.64 22.87
N TYR A 677 1.55 -45.01 21.71
CA TYR A 677 2.51 -46.09 21.57
C TYR A 677 3.45 -45.81 20.40
N THR A 678 4.64 -46.40 20.41
CA THR A 678 5.51 -46.36 19.23
C THR A 678 4.94 -47.29 18.17
N MET A 679 4.62 -46.78 16.98
CA MET A 679 3.93 -47.53 15.94
C MET A 679 4.76 -48.73 15.48
N SER A 680 4.07 -49.76 14.97
CA SER A 680 4.68 -50.92 14.34
C SER A 680 4.58 -50.81 12.83
N LEU A 681 5.68 -51.07 12.13
CA LEU A 681 5.75 -50.99 10.67
C LEU A 681 5.15 -52.23 9.97
N GLY A 682 4.78 -53.26 10.73
CA GLY A 682 4.26 -54.54 10.24
C GLY A 682 4.90 -55.72 10.98
N VAL A 683 4.38 -56.92 10.76
CA VAL A 683 4.91 -58.15 11.38
C VAL A 683 6.32 -58.46 10.85
N GLU A 684 7.26 -58.87 11.69
CA GLU A 684 8.58 -59.31 11.24
C GLU A 684 8.55 -60.71 10.62
N ASN A 685 9.32 -60.95 9.56
CA ASN A 685 9.30 -62.20 8.81
C ASN A 685 10.70 -62.58 8.30
N SER A 686 11.36 -63.55 8.93
CA SER A 686 12.64 -64.09 8.43
C SER A 686 12.38 -65.00 7.24
N VAL A 687 12.76 -64.57 6.03
CA VAL A 687 12.69 -65.40 4.82
C VAL A 687 13.70 -66.54 4.93
N ALA A 688 13.27 -67.78 4.75
CA ALA A 688 14.09 -68.98 4.97
C ALA A 688 15.10 -69.27 3.82
N TYR A 689 15.86 -68.27 3.40
CA TYR A 689 16.84 -68.36 2.32
C TYR A 689 17.93 -69.39 2.61
N SER A 690 18.25 -70.19 1.57
CA SER A 690 19.54 -70.92 1.48
C SER A 690 20.02 -70.90 0.03
N ASN A 691 21.10 -71.62 -0.25
CA ASN A 691 21.71 -71.63 -1.61
C ASN A 691 21.10 -72.76 -2.45
N ASN A 692 20.07 -73.43 -1.91
CA ASN A 692 19.48 -74.62 -2.58
C ASN A 692 18.01 -74.79 -2.17
N SER A 693 17.38 -73.71 -1.68
CA SER A 693 15.95 -73.77 -1.35
C SER A 693 15.15 -72.79 -2.19
N ILE A 694 14.07 -73.25 -2.82
CA ILE A 694 13.10 -72.39 -3.51
C ILE A 694 11.68 -72.70 -3.07
N ALA A 695 10.84 -71.68 -2.91
CA ALA A 695 9.42 -71.86 -2.68
C ALA A 695 8.66 -71.62 -3.98
N ILE A 696 7.74 -72.52 -4.38
CA ILE A 696 6.91 -72.35 -5.59
C ILE A 696 5.44 -72.39 -5.19
N PRO A 697 4.56 -71.50 -5.69
CA PRO A 697 3.13 -71.52 -5.42
C PRO A 697 2.45 -72.74 -6.03
N THR A 698 1.63 -73.43 -5.25
CA THR A 698 0.87 -74.59 -5.80
C THR A 698 -0.58 -74.15 -6.08
N ASN A 699 -0.92 -72.91 -5.77
CA ASN A 699 -2.31 -72.42 -5.96
C ASN A 699 -2.31 -70.90 -6.08
N PHE A 700 -3.47 -70.32 -6.40
CA PHE A 700 -3.62 -68.88 -6.72
C PHE A 700 -4.88 -68.33 -6.03
N THR A 701 -4.98 -67.00 -5.97
CA THR A 701 -6.25 -66.28 -5.93
C THR A 701 -6.26 -65.25 -7.03
N ILE A 702 -7.31 -65.18 -7.83
CA ILE A 702 -7.70 -63.94 -8.48
C ILE A 702 -8.17 -62.95 -7.40
N SER A 703 -7.76 -61.71 -7.52
CA SER A 703 -8.10 -60.63 -6.58
C SER A 703 -8.69 -59.47 -7.36
N VAL A 704 -9.58 -58.70 -6.76
CA VAL A 704 -10.07 -57.44 -7.36
C VAL A 704 -9.74 -56.29 -6.41
N THR A 705 -8.98 -55.32 -6.89
CA THR A 705 -8.52 -54.17 -6.11
C THR A 705 -9.12 -52.90 -6.66
N THR A 706 -9.94 -52.20 -5.88
CA THR A 706 -10.47 -50.89 -6.24
C THR A 706 -9.37 -49.85 -6.14
N GLU A 707 -9.22 -49.00 -7.16
CA GLU A 707 -8.40 -47.78 -7.10
C GLU A 707 -9.22 -46.60 -7.58
N ILE A 708 -9.11 -45.45 -6.92
CA ILE A 708 -9.97 -44.29 -7.14
C ILE A 708 -9.10 -43.09 -7.48
N LEU A 709 -9.39 -42.37 -8.56
CA LEU A 709 -8.66 -41.14 -8.93
C LEU A 709 -9.62 -40.00 -9.23
N PRO A 710 -9.42 -38.79 -8.68
CA PRO A 710 -10.16 -37.63 -9.11
C PRO A 710 -9.71 -37.19 -10.50
N VAL A 711 -10.60 -36.56 -11.26
CA VAL A 711 -10.38 -36.19 -12.67
C VAL A 711 -10.78 -34.75 -12.95
N SER A 712 -11.81 -34.22 -12.29
CA SER A 712 -12.28 -32.85 -12.49
C SER A 712 -12.63 -32.17 -11.18
N MET A 713 -12.21 -30.92 -11.01
CA MET A 713 -12.83 -30.01 -10.05
C MET A 713 -14.26 -29.65 -10.51
N THR A 714 -15.06 -29.09 -9.62
CA THR A 714 -16.31 -28.43 -10.01
C THR A 714 -15.99 -27.16 -10.79
N LYS A 715 -16.43 -27.05 -12.05
CA LYS A 715 -16.18 -25.85 -12.88
C LYS A 715 -16.79 -24.62 -12.23
N THR A 716 -15.97 -23.69 -11.77
CA THR A 716 -16.42 -22.50 -11.03
C THR A 716 -15.89 -21.23 -11.69
N SER A 717 -16.70 -20.17 -11.75
CA SER A 717 -16.28 -18.89 -12.32
C SER A 717 -16.84 -17.72 -11.52
N VAL A 718 -16.08 -16.63 -11.47
CA VAL A 718 -16.40 -15.44 -10.68
C VAL A 718 -16.30 -14.20 -11.56
N ASP A 719 -17.33 -13.35 -11.54
CA ASP A 719 -17.21 -11.98 -12.07
C ASP A 719 -16.52 -11.13 -11.01
N CYS A 720 -15.25 -10.79 -11.26
CA CYS A 720 -14.42 -10.05 -10.32
C CYS A 720 -15.04 -8.70 -9.95
N THR A 721 -15.73 -8.02 -10.87
CA THR A 721 -16.41 -6.75 -10.55
C THR A 721 -17.60 -6.98 -9.62
N MET A 722 -18.30 -8.10 -9.76
CA MET A 722 -19.48 -8.41 -8.95
C MET A 722 -19.13 -8.96 -7.57
N TYR A 723 -18.02 -9.67 -7.44
CA TYR A 723 -17.48 -10.06 -6.14
C TYR A 723 -16.86 -8.85 -5.42
N ILE A 724 -16.01 -8.07 -6.09
CA ILE A 724 -15.31 -6.96 -5.44
C ILE A 724 -16.29 -5.83 -5.15
N CYS A 725 -16.96 -5.27 -6.15
CA CYS A 725 -17.90 -4.16 -5.99
C CYS A 725 -19.30 -4.68 -5.68
N GLY A 726 -19.96 -5.28 -6.67
CA GLY A 726 -21.37 -5.68 -6.61
C GLY A 726 -22.31 -4.49 -6.73
N ASP A 727 -23.02 -4.37 -7.85
CA ASP A 727 -24.01 -3.34 -8.20
C ASP A 727 -23.53 -1.88 -8.28
N SER A 728 -22.65 -1.43 -7.39
CA SER A 728 -22.23 -0.02 -7.31
C SER A 728 -21.43 0.40 -8.54
N THR A 729 -22.00 1.32 -9.33
CA THR A 729 -21.30 1.93 -10.46
C THR A 729 -20.14 2.82 -9.97
N GLU A 730 -20.27 3.44 -8.80
CA GLU A 730 -19.23 4.25 -8.16
C GLU A 730 -17.99 3.41 -7.87
N CYS A 731 -18.19 2.27 -7.19
CA CYS A 731 -17.12 1.35 -6.84
C CYS A 731 -16.55 0.68 -8.09
N SER A 732 -17.40 0.29 -9.05
CA SER A 732 -16.94 -0.27 -10.33
C SER A 732 -16.01 0.67 -11.08
N ASN A 733 -16.32 1.98 -11.11
CA ASN A 733 -15.42 2.98 -11.68
C ASN A 733 -14.12 3.11 -10.87
N LEU A 734 -14.16 3.02 -9.53
CA LEU A 734 -12.96 3.06 -8.72
C LEU A 734 -12.05 1.85 -8.97
N LEU A 735 -12.63 0.66 -9.20
CA LEU A 735 -11.87 -0.55 -9.51
C LEU A 735 -11.05 -0.42 -10.79
N LEU A 736 -11.48 0.37 -11.78
CA LEU A 736 -10.70 0.58 -13.01
C LEU A 736 -9.29 1.14 -12.75
N GLN A 737 -9.07 1.82 -11.63
CA GLN A 737 -7.74 2.30 -11.26
C GLN A 737 -6.73 1.17 -11.01
N TYR A 738 -7.18 -0.04 -10.69
CA TYR A 738 -6.34 -1.21 -10.47
C TYR A 738 -5.98 -1.95 -11.77
N GLY A 739 -6.55 -1.53 -12.90
CA GLY A 739 -6.22 -2.06 -14.23
C GLY A 739 -6.57 -3.53 -14.40
N SER A 740 -5.62 -4.29 -14.95
CA SER A 740 -5.88 -5.60 -15.57
C SER A 740 -6.31 -6.72 -14.64
N PHE A 741 -6.21 -6.60 -13.30
CA PHE A 741 -6.49 -7.70 -12.37
C PHE A 741 -7.90 -8.29 -12.54
N CYS A 742 -8.92 -7.47 -12.74
CA CYS A 742 -10.28 -7.94 -13.00
C CYS A 742 -10.36 -8.92 -14.19
N THR A 743 -9.75 -8.60 -15.32
CA THR A 743 -9.70 -9.50 -16.48
C THR A 743 -8.80 -10.69 -16.22
N GLN A 744 -7.60 -10.45 -15.68
CA GLN A 744 -6.60 -11.50 -15.48
C GLN A 744 -7.07 -12.61 -14.54
N LEU A 745 -7.80 -12.29 -13.47
CA LEU A 745 -8.35 -13.27 -12.55
C LEU A 745 -9.52 -14.04 -13.15
N ASN A 746 -10.43 -13.40 -13.86
CA ASN A 746 -11.49 -14.11 -14.57
C ASN A 746 -10.94 -15.00 -15.70
N ARG A 747 -9.87 -14.58 -16.37
CA ARG A 747 -9.17 -15.40 -17.37
C ARG A 747 -8.55 -16.64 -16.74
N ALA A 748 -7.87 -16.51 -15.60
CA ALA A 748 -7.28 -17.66 -14.90
C ALA A 748 -8.34 -18.68 -14.47
N LEU A 749 -9.48 -18.24 -13.91
CA LEU A 749 -10.59 -19.14 -13.61
C LEU A 749 -11.22 -19.74 -14.87
N THR A 750 -11.29 -19.01 -15.98
CA THR A 750 -11.77 -19.59 -17.24
C THR A 750 -10.81 -20.67 -17.75
N GLY A 751 -9.49 -20.49 -17.64
CA GLY A 751 -8.51 -21.51 -18.00
C GLY A 751 -8.68 -22.80 -17.19
N ILE A 752 -8.84 -22.68 -15.87
CA ILE A 752 -9.15 -23.82 -15.00
C ILE A 752 -10.49 -24.46 -15.41
N ALA A 753 -11.55 -23.67 -15.59
CA ALA A 753 -12.86 -24.19 -15.89
C ALA A 753 -12.91 -24.95 -17.22
N VAL A 754 -12.28 -24.43 -18.27
CA VAL A 754 -12.17 -25.10 -19.57
C VAL A 754 -11.37 -26.40 -19.46
N GLU A 755 -10.31 -26.43 -18.66
CA GLU A 755 -9.49 -27.62 -18.51
C GLU A 755 -10.26 -28.81 -17.90
N GLN A 756 -11.32 -28.58 -17.11
CA GLN A 756 -12.08 -29.70 -16.54
C GLN A 756 -12.78 -30.55 -17.59
N ASP A 757 -13.27 -29.93 -18.66
CA ASP A 757 -13.83 -30.66 -19.80
C ASP A 757 -12.74 -31.42 -20.54
N LYS A 758 -11.56 -30.83 -20.70
CA LYS A 758 -10.41 -31.49 -21.32
C LYS A 758 -9.96 -32.69 -20.51
N ASN A 759 -9.78 -32.60 -19.20
CA ASN A 759 -9.44 -33.73 -18.35
C ASN A 759 -10.42 -34.89 -18.54
N THR A 760 -11.71 -34.59 -18.50
CA THR A 760 -12.74 -35.62 -18.60
C THR A 760 -12.71 -36.33 -19.94
N GLN A 761 -12.49 -35.61 -21.04
CA GLN A 761 -12.30 -36.23 -22.36
C GLN A 761 -10.98 -36.99 -22.45
N GLU A 762 -9.88 -36.46 -21.93
CA GLU A 762 -8.57 -37.14 -21.94
C GLU A 762 -8.62 -38.47 -21.19
N VAL A 763 -9.41 -38.57 -20.11
CA VAL A 763 -9.60 -39.81 -19.37
C VAL A 763 -10.57 -40.76 -20.05
N PHE A 764 -11.81 -40.36 -20.33
CA PHE A 764 -12.85 -41.30 -20.78
C PHE A 764 -12.99 -41.41 -22.30
N ALA A 765 -12.81 -40.34 -23.07
CA ALA A 765 -13.04 -40.32 -24.51
C ALA A 765 -11.87 -40.91 -25.33
N GLN A 766 -11.25 -41.98 -24.83
CA GLN A 766 -10.19 -42.72 -25.51
C GLN A 766 -10.70 -43.68 -26.59
N VAL A 767 -12.01 -43.91 -26.64
CA VAL A 767 -12.63 -44.95 -27.48
C VAL A 767 -13.34 -44.33 -28.68
N LYS A 768 -13.03 -44.79 -29.89
CA LYS A 768 -13.52 -44.20 -31.13
C LYS A 768 -15.01 -44.45 -31.41
N GLN A 769 -15.55 -45.54 -30.87
CA GLN A 769 -16.89 -46.06 -31.13
C GLN A 769 -17.55 -46.45 -29.83
N ILE A 770 -18.87 -46.37 -29.75
CA ILE A 770 -19.61 -46.83 -28.58
C ILE A 770 -19.90 -48.31 -28.75
N TYR A 771 -18.97 -49.15 -28.32
CA TYR A 771 -19.17 -50.60 -28.35
C TYR A 771 -20.34 -51.00 -27.47
N LYS A 772 -21.20 -51.88 -27.96
CA LYS A 772 -22.39 -52.35 -27.24
C LYS A 772 -22.15 -53.76 -26.71
N THR A 773 -22.47 -54.03 -25.46
CA THR A 773 -22.40 -55.38 -24.91
C THR A 773 -23.39 -56.31 -25.64
N PRO A 774 -23.02 -57.55 -25.98
CA PRO A 774 -23.92 -58.49 -26.66
C PRO A 774 -25.13 -58.88 -25.78
N PRO A 775 -26.24 -59.35 -26.39
CA PRO A 775 -27.44 -59.73 -25.66
C PRO A 775 -27.27 -61.01 -24.82
N ILE A 776 -26.36 -61.92 -25.21
CA ILE A 776 -26.16 -63.22 -24.55
C ILE A 776 -24.76 -63.29 -23.91
N LYS A 777 -24.73 -63.59 -22.61
CA LYS A 777 -23.55 -63.48 -21.73
C LYS A 777 -22.73 -64.79 -21.63
N ASP A 778 -22.29 -65.33 -22.76
CA ASP A 778 -21.41 -66.52 -22.80
C ASP A 778 -19.94 -66.19 -22.46
N PHE A 779 -19.69 -65.51 -21.34
CA PHE A 779 -18.36 -65.10 -20.88
C PHE A 779 -17.72 -66.13 -19.95
N GLY A 780 -17.79 -67.40 -20.38
CA GLY A 780 -17.12 -68.52 -19.68
C GLY A 780 -17.34 -68.49 -18.18
N GLY A 781 -18.53 -68.04 -17.74
CA GLY A 781 -18.90 -68.11 -16.31
C GLY A 781 -18.64 -66.80 -15.59
N PHE A 782 -17.73 -65.97 -16.13
CA PHE A 782 -17.38 -64.67 -15.51
C PHE A 782 -18.59 -63.72 -15.60
N ASN A 783 -19.07 -63.24 -14.45
CA ASN A 783 -20.34 -62.45 -14.38
C ASN A 783 -20.02 -60.95 -14.23
N PHE A 784 -20.47 -60.13 -15.19
CA PHE A 784 -20.13 -58.68 -15.24
C PHE A 784 -21.40 -57.85 -15.07
N SER A 785 -22.50 -58.50 -14.67
CA SER A 785 -23.81 -57.80 -14.52
C SER A 785 -23.65 -56.55 -13.65
N GLN A 786 -22.96 -56.68 -12.52
CA GLN A 786 -22.86 -55.59 -11.52
C GLN A 786 -22.15 -54.38 -12.13
N ILE A 787 -21.34 -54.60 -13.18
CA ILE A 787 -20.50 -53.52 -13.70
C ILE A 787 -20.84 -53.10 -15.14
N LEU A 788 -21.54 -53.92 -15.91
CA LEU A 788 -22.23 -53.50 -17.12
C LEU A 788 -23.45 -52.62 -16.79
N PRO A 789 -24.02 -51.87 -17.75
CA PRO A 789 -25.14 -50.96 -17.48
C PRO A 789 -26.38 -51.67 -16.93
N ASP A 790 -27.12 -50.98 -16.07
CA ASP A 790 -28.49 -51.35 -15.69
C ASP A 790 -29.48 -50.63 -16.62
N PRO A 791 -30.26 -51.32 -17.50
CA PRO A 791 -31.19 -50.63 -18.40
C PRO A 791 -32.25 -49.80 -17.63
N SER A 792 -32.56 -50.22 -16.40
CA SER A 792 -33.51 -49.47 -15.54
C SER A 792 -32.73 -48.57 -14.56
N LYS A 793 -31.57 -48.07 -15.01
CA LYS A 793 -30.77 -47.06 -14.26
C LYS A 793 -30.61 -47.52 -12.80
N SER A 795 -29.25 -42.76 -14.48
CA SER A 795 -28.43 -42.44 -15.69
C SER A 795 -27.72 -43.69 -16.24
N LYS A 796 -28.47 -44.76 -16.53
CA LYS A 796 -27.97 -45.95 -17.28
C LYS A 796 -26.60 -46.36 -16.74
N ARG A 797 -26.30 -45.98 -15.49
CA ARG A 797 -25.11 -46.44 -14.77
C ARG A 797 -25.17 -47.95 -14.49
N SER A 798 -24.03 -48.59 -14.29
CA SER A 798 -23.98 -49.95 -13.74
C SER A 798 -24.44 -49.99 -12.29
N PHE A 799 -24.58 -51.18 -11.69
CA PHE A 799 -24.90 -51.25 -10.27
C PHE A 799 -23.80 -50.64 -9.41
N ILE A 800 -22.54 -51.03 -9.61
CA ILE A 800 -21.42 -50.48 -8.82
C ILE A 800 -21.22 -48.99 -9.09
N GLU A 801 -21.37 -48.51 -10.32
CA GLU A 801 -21.37 -47.06 -10.57
C GLU A 801 -22.46 -46.37 -9.76
N ASP A 802 -23.63 -46.97 -9.58
CA ASP A 802 -24.69 -46.32 -8.81
C ASP A 802 -24.40 -46.25 -7.31
N LEU A 803 -23.74 -47.26 -6.72
CA LEU A 803 -23.25 -47.16 -5.35
C LEU A 803 -22.25 -46.01 -5.20
N LEU A 804 -21.30 -45.90 -6.12
CA LEU A 804 -20.32 -44.81 -6.11
C LEU A 804 -21.01 -43.45 -6.22
N PHE A 805 -22.02 -43.31 -7.07
CA PHE A 805 -22.81 -42.08 -7.17
C PHE A 805 -23.66 -41.79 -5.91
N ASN A 806 -23.95 -42.78 -5.07
CA ASN A 806 -24.62 -42.56 -3.79
C ASN A 806 -23.67 -42.18 -2.65
N LYS A 807 -22.48 -42.78 -2.56
CA LYS A 807 -21.57 -42.57 -1.41
C LYS A 807 -20.90 -41.19 -1.37
N VAL A 808 -20.64 -40.57 -2.51
CA VAL A 808 -20.11 -39.19 -2.55
C VAL A 808 -21.20 -38.17 -2.18
N THR A 809 -20.84 -37.14 -1.40
CA THR A 809 -21.73 -36.07 -0.92
C THR A 809 -21.33 -34.71 -1.49
N LYS A 836 -26.80 -15.91 -1.66
CA LYS A 836 -26.03 -17.10 -2.02
C LYS A 836 -25.10 -16.85 -3.22
N PHE A 837 -25.64 -16.28 -4.29
CA PHE A 837 -24.95 -16.06 -5.56
C PHE A 837 -24.27 -14.69 -5.64
N ASN A 838 -23.21 -14.51 -4.86
CA ASN A 838 -22.45 -13.25 -4.75
C ASN A 838 -21.50 -12.99 -5.94
N GLY A 839 -21.98 -13.14 -7.17
CA GLY A 839 -21.17 -13.09 -8.40
C GLY A 839 -20.37 -14.37 -8.69
N LEU A 840 -20.38 -15.34 -7.78
CA LEU A 840 -19.92 -16.71 -7.98
C LEU A 840 -20.93 -17.50 -8.81
N THR A 841 -20.46 -18.41 -9.65
CA THR A 841 -21.29 -19.34 -10.43
C THR A 841 -20.60 -20.69 -10.61
N VAL A 842 -21.39 -21.75 -10.72
CA VAL A 842 -20.93 -23.09 -11.11
C VAL A 842 -21.45 -23.41 -12.50
N LEU A 843 -20.54 -23.75 -13.42
CA LEU A 843 -20.87 -24.11 -14.80
C LEU A 843 -21.10 -25.63 -14.90
N PRO A 844 -21.95 -26.10 -15.81
CA PRO A 844 -22.12 -27.54 -16.03
C PRO A 844 -20.89 -28.14 -16.70
N PRO A 845 -20.59 -29.43 -16.48
CA PRO A 845 -19.58 -30.15 -17.27
C PRO A 845 -20.04 -30.28 -18.72
N LEU A 846 -19.12 -30.43 -19.67
CA LEU A 846 -19.50 -30.64 -21.08
C LEU A 846 -20.13 -32.02 -21.31
N LEU A 847 -19.61 -33.05 -20.67
CA LEU A 847 -20.19 -34.40 -20.68
C LEU A 847 -21.00 -34.60 -19.40
N THR A 848 -22.28 -34.90 -19.51
CA THR A 848 -23.14 -35.21 -18.36
C THR A 848 -22.79 -36.57 -17.77
N ASP A 849 -23.24 -36.88 -16.56
CA ASP A 849 -22.98 -38.19 -15.96
C ASP A 849 -23.55 -39.36 -16.76
N GLU A 850 -24.62 -39.15 -17.52
CA GLU A 850 -25.10 -40.12 -18.49
C GLU A 850 -24.09 -40.34 -19.62
N MET A 851 -23.47 -39.30 -20.16
CA MET A 851 -22.45 -39.45 -21.20
C MET A 851 -21.20 -40.14 -20.67
N ILE A 852 -20.78 -39.86 -19.43
CA ILE A 852 -19.69 -40.63 -18.83
C ILE A 852 -20.08 -42.10 -18.70
N ALA A 853 -21.31 -42.42 -18.30
CA ALA A 853 -21.78 -43.79 -18.27
C ALA A 853 -21.83 -44.44 -19.67
N GLN A 854 -22.06 -43.70 -20.76
CA GLN A 854 -21.89 -44.25 -22.10
C GLN A 854 -20.43 -44.57 -22.40
N TYR A 855 -19.48 -43.68 -22.10
CA TYR A 855 -18.07 -43.98 -22.34
C TYR A 855 -17.54 -45.12 -21.47
N THR A 856 -17.83 -45.18 -20.17
CA THR A 856 -17.40 -46.33 -19.36
C THR A 856 -18.08 -47.60 -19.83
N SER A 857 -19.34 -47.56 -20.28
CA SER A 857 -19.95 -48.72 -20.95
C SER A 857 -19.19 -49.14 -22.21
N ALA A 858 -18.81 -48.20 -23.08
CA ALA A 858 -18.06 -48.52 -24.29
C ALA A 858 -16.67 -49.11 -24.03
N LEU A 859 -15.89 -48.51 -23.13
CA LEU A 859 -14.59 -49.03 -22.71
C LEU A 859 -14.75 -50.44 -22.14
N LEU A 860 -15.73 -50.65 -21.28
CA LEU A 860 -15.97 -51.92 -20.65
C LEU A 860 -16.45 -52.98 -21.64
N ALA A 861 -17.42 -52.69 -22.50
CA ALA A 861 -17.89 -53.65 -23.48
C ALA A 861 -16.84 -53.99 -24.55
N GLY A 862 -15.97 -53.05 -24.90
CA GLY A 862 -14.78 -53.36 -25.70
C GLY A 862 -13.85 -54.32 -24.95
N THR A 863 -13.53 -54.02 -23.69
CA THR A 863 -12.62 -54.82 -22.86
C THR A 863 -13.13 -56.23 -22.62
N ILE A 864 -14.43 -56.43 -22.48
CA ILE A 864 -15.04 -57.76 -22.32
C ILE A 864 -15.05 -58.52 -23.65
N THR A 865 -15.43 -57.91 -24.76
CA THR A 865 -15.58 -58.66 -26.03
C THR A 865 -14.32 -58.80 -26.87
N SER A 866 -13.28 -57.98 -26.68
CA SER A 866 -12.21 -57.82 -27.66
C SER A 866 -10.80 -57.61 -27.10
N GLY A 867 -10.63 -57.73 -25.79
CA GLY A 867 -9.33 -57.62 -25.12
C GLY A 867 -8.70 -56.25 -25.25
N TRP A 868 -7.41 -56.25 -25.62
CA TRP A 868 -6.63 -55.02 -25.87
C TRP A 868 -6.80 -54.55 -27.32
N THR A 869 -7.39 -55.38 -28.20
CA THR A 869 -7.31 -55.10 -29.64
C THR A 869 -8.01 -53.82 -30.04
N PHE A 870 -9.07 -53.40 -29.32
CA PHE A 870 -9.75 -52.13 -29.58
C PHE A 870 -8.91 -50.89 -29.23
N GLY A 871 -7.79 -51.07 -28.52
CA GLY A 871 -6.76 -50.06 -28.28
C GLY A 871 -5.75 -49.89 -29.43
N ALA A 872 -5.94 -50.59 -30.55
CA ALA A 872 -5.14 -50.52 -31.75
C ALA A 872 -6.02 -50.45 -33.01
N GLY A 873 -6.70 -51.55 -33.35
CA GLY A 873 -7.56 -51.67 -34.54
C GLY A 873 -9.03 -51.38 -34.25
N ALA A 874 -9.93 -51.99 -35.01
CA ALA A 874 -11.30 -52.19 -34.58
C ALA A 874 -11.36 -53.25 -33.46
N ALA A 875 -12.42 -53.28 -32.66
CA ALA A 875 -12.58 -54.27 -31.61
C ALA A 875 -12.75 -55.68 -32.20
N LEU A 876 -11.67 -56.45 -32.29
CA LEU A 876 -11.72 -57.82 -32.78
C LEU A 876 -12.37 -58.72 -31.74
N GLN A 877 -13.50 -59.38 -32.03
CA GLN A 877 -14.08 -60.28 -31.04
C GLN A 877 -13.12 -61.42 -30.72
N ILE A 878 -13.09 -61.85 -29.46
CA ILE A 878 -12.40 -63.06 -29.02
C ILE A 878 -13.16 -63.65 -27.83
N PRO A 879 -13.33 -64.98 -27.71
CA PRO A 879 -14.09 -65.55 -26.61
C PRO A 879 -13.44 -65.24 -25.27
N PHE A 880 -14.19 -64.89 -24.23
CA PHE A 880 -13.58 -64.33 -23.03
C PHE A 880 -12.66 -65.31 -22.29
N ALA A 881 -12.95 -66.61 -22.29
CA ALA A 881 -12.04 -67.59 -21.72
C ALA A 881 -10.69 -67.62 -22.45
N MET A 882 -10.65 -67.36 -23.76
CA MET A 882 -9.38 -67.23 -24.47
C MET A 882 -8.69 -65.92 -24.18
N GLN A 883 -9.41 -64.81 -24.02
CA GLN A 883 -8.80 -63.54 -23.64
C GLN A 883 -8.12 -63.66 -22.28
N MET A 884 -8.72 -64.35 -21.31
CA MET A 884 -8.03 -64.61 -20.06
C MET A 884 -6.83 -65.54 -20.25
N ALA A 885 -6.88 -66.51 -21.15
CA ALA A 885 -5.72 -67.35 -21.41
C ALA A 885 -4.55 -66.53 -21.95
N TYR A 886 -4.79 -65.57 -22.84
CA TYR A 886 -3.75 -64.65 -23.30
C TYR A 886 -3.21 -63.81 -22.14
N ARG A 887 -4.08 -63.27 -21.27
CA ARG A 887 -3.65 -62.45 -20.13
C ARG A 887 -2.88 -63.25 -19.08
N PHE A 888 -3.22 -64.51 -18.84
CA PHE A 888 -2.38 -65.42 -18.04
C PHE A 888 -1.03 -65.64 -18.72
N ASN A 889 -1.00 -65.88 -20.02
CA ASN A 889 0.26 -66.06 -20.74
C ASN A 889 1.16 -64.81 -20.61
N GLY A 890 0.59 -63.63 -20.41
CA GLY A 890 1.31 -62.38 -20.17
C GLY A 890 1.98 -62.24 -18.80
N ILE A 891 1.69 -63.12 -17.84
CA ILE A 891 2.32 -63.14 -16.49
C ILE A 891 3.19 -64.38 -16.28
N GLY A 892 3.62 -65.05 -17.34
CA GLY A 892 4.47 -66.25 -17.24
C GLY A 892 3.78 -67.50 -16.70
N VAL A 893 2.44 -67.55 -16.73
CA VAL A 893 1.65 -68.73 -16.37
C VAL A 893 1.09 -69.35 -17.65
N THR A 894 1.37 -70.62 -17.90
CA THR A 894 1.05 -71.27 -19.18
C THR A 894 -0.46 -71.36 -19.38
N GLN A 895 -0.96 -71.24 -20.62
CA GLN A 895 -2.41 -71.15 -20.90
C GLN A 895 -3.22 -72.26 -20.24
N ASN A 896 -2.71 -73.48 -20.15
CA ASN A 896 -3.46 -74.60 -19.59
C ASN A 896 -3.85 -74.37 -18.13
N VAL A 897 -3.09 -73.59 -17.36
CA VAL A 897 -3.43 -73.29 -15.97
C VAL A 897 -4.76 -72.55 -15.86
N LEU A 898 -5.15 -71.76 -16.87
CA LEU A 898 -6.51 -71.20 -16.89
C LEU A 898 -7.54 -72.28 -17.21
N TYR A 899 -7.46 -72.94 -18.36
CA TYR A 899 -8.53 -73.83 -18.79
C TYR A 899 -8.73 -75.00 -17.84
N GLU A 900 -7.67 -75.55 -17.26
CA GLU A 900 -7.79 -76.60 -16.26
C GLU A 900 -8.42 -76.12 -14.94
N ASN A 901 -8.55 -74.81 -14.73
CA ASN A 901 -9.14 -74.21 -13.55
C ASN A 901 -10.23 -73.18 -13.87
N GLN A 902 -10.84 -73.22 -15.07
CA GLN A 902 -11.71 -72.12 -15.50
C GLN A 902 -12.91 -71.94 -14.57
N LYS A 903 -13.58 -73.02 -14.18
CA LYS A 903 -14.77 -72.93 -13.33
C LYS A 903 -14.44 -72.44 -11.93
N LEU A 904 -13.29 -72.83 -11.39
CA LEU A 904 -12.74 -72.27 -10.16
C LEU A 904 -12.43 -70.78 -10.30
N ILE A 905 -11.72 -70.38 -11.35
CA ILE A 905 -11.32 -68.98 -11.59
C ILE A 905 -12.55 -68.10 -11.77
N ALA A 906 -13.58 -68.54 -12.49
CA ALA A 906 -14.82 -67.82 -12.60
C ALA A 906 -15.46 -67.57 -11.23
N ASN A 907 -15.54 -68.59 -10.35
CA ASN A 907 -16.06 -68.42 -9.00
C ASN A 907 -15.22 -67.46 -8.16
N GLN A 908 -13.89 -67.48 -8.28
CA GLN A 908 -13.04 -66.50 -7.60
C GLN A 908 -13.31 -65.08 -8.09
N PHE A 909 -13.45 -64.87 -9.40
CA PHE A 909 -13.77 -63.54 -9.92
C PHE A 909 -15.15 -63.06 -9.48
N ASN A 910 -16.20 -63.88 -9.67
CA ASN A 910 -17.56 -63.49 -9.27
C ASN A 910 -17.65 -63.18 -7.77
N SER A 911 -17.02 -64.00 -6.92
CA SER A 911 -16.94 -63.72 -5.49
C SER A 911 -16.20 -62.42 -5.19
N ALA A 912 -15.09 -62.14 -5.86
CA ALA A 912 -14.33 -60.91 -5.67
C ALA A 912 -15.16 -59.67 -6.03
N ILE A 913 -15.85 -59.66 -7.17
CA ILE A 913 -16.80 -58.57 -7.50
C ILE A 913 -17.89 -58.45 -6.43
N GLY A 914 -18.42 -59.56 -5.93
CA GLY A 914 -19.37 -59.56 -4.83
C GLY A 914 -18.84 -58.83 -3.60
N LYS A 915 -17.58 -59.08 -3.20
CA LYS A 915 -16.94 -58.35 -2.09
C LYS A 915 -16.78 -56.86 -2.39
N ILE A 916 -16.46 -56.45 -3.61
CA ILE A 916 -16.41 -55.01 -3.94
C ILE A 916 -17.78 -54.37 -3.76
N GLN A 917 -18.81 -54.98 -4.31
CA GLN A 917 -20.17 -54.46 -4.25
C GLN A 917 -20.67 -54.37 -2.80
N ASP A 918 -20.42 -55.39 -1.98
CA ASP A 918 -20.70 -55.35 -0.54
C ASP A 918 -19.86 -54.31 0.20
N SER A 919 -18.56 -54.19 -0.07
CA SER A 919 -17.69 -53.22 0.59
C SER A 919 -18.13 -51.77 0.32
N LEU A 920 -18.33 -51.42 -0.95
CA LEU A 920 -18.81 -50.09 -1.35
C LEU A 920 -20.23 -49.83 -0.83
N SER A 921 -21.10 -50.86 -0.78
CA SER A 921 -22.43 -50.72 -0.19
C SER A 921 -22.36 -50.46 1.33
N SER A 922 -21.48 -51.19 2.03
CA SER A 922 -21.38 -51.18 3.49
C SER A 922 -20.82 -49.88 4.08
N THR A 923 -19.80 -49.27 3.47
CA THR A 923 -19.16 -48.06 4.03
C THR A 923 -18.83 -47.00 2.97
N ALA A 924 -19.09 -45.73 3.28
CA ALA A 924 -18.66 -44.59 2.48
C ALA A 924 -17.16 -44.29 2.60
N SER A 925 -16.48 -44.84 3.60
CA SER A 925 -15.09 -44.50 3.94
C SER A 925 -14.07 -44.77 2.82
N ALA A 926 -14.38 -45.61 1.84
CA ALA A 926 -13.48 -45.93 0.74
C ALA A 926 -13.26 -44.76 -0.24
N LEU A 927 -14.24 -43.86 -0.43
CA LEU A 927 -14.22 -42.83 -1.47
C LEU A 927 -13.49 -41.53 -1.06
N GLY A 928 -12.62 -41.59 -0.06
CA GLY A 928 -11.92 -40.40 0.47
C GLY A 928 -11.29 -39.54 -0.62
N LYS A 929 -10.62 -40.17 -1.60
CA LYS A 929 -9.94 -39.45 -2.69
C LYS A 929 -10.85 -38.57 -3.54
N LEU A 930 -12.15 -38.86 -3.65
CA LEU A 930 -13.11 -38.00 -4.34
C LEU A 930 -13.78 -37.02 -3.37
N GLN A 931 -14.21 -37.49 -2.20
CA GLN A 931 -14.90 -36.62 -1.24
C GLN A 931 -14.02 -35.46 -0.80
N ASP A 932 -12.72 -35.69 -0.65
CA ASP A 932 -11.72 -34.66 -0.35
C ASP A 932 -11.71 -33.54 -1.41
N VAL A 933 -11.86 -33.88 -2.70
CA VAL A 933 -11.90 -32.87 -3.77
C VAL A 933 -13.14 -32.00 -3.71
N VAL A 934 -14.29 -32.56 -3.33
CA VAL A 934 -15.49 -31.73 -3.06
C VAL A 934 -15.26 -30.87 -1.83
N ASN A 935 -14.81 -31.45 -0.73
CA ASN A 935 -14.61 -30.74 0.53
C ASN A 935 -13.62 -29.58 0.39
N GLN A 936 -12.51 -29.74 -0.33
CA GLN A 936 -11.54 -28.66 -0.52
C GLN A 936 -12.11 -27.48 -1.32
N ASN A 937 -12.94 -27.73 -2.33
CA ASN A 937 -13.62 -26.64 -3.04
C ASN A 937 -14.67 -25.95 -2.17
N ALA A 938 -15.44 -26.68 -1.37
CA ALA A 938 -16.37 -26.07 -0.44
C ALA A 938 -15.66 -25.22 0.62
N GLN A 939 -14.56 -25.70 1.22
CA GLN A 939 -13.75 -24.91 2.17
C GLN A 939 -13.15 -23.65 1.52
N ALA A 940 -12.72 -23.72 0.26
CA ALA A 940 -12.23 -22.55 -0.47
C ALA A 940 -13.35 -21.54 -0.72
N LEU A 941 -14.47 -21.95 -1.32
CA LEU A 941 -15.57 -21.02 -1.60
C LEU A 941 -16.23 -20.48 -0.33
N ASN A 942 -16.50 -21.30 0.67
CA ASN A 942 -17.06 -20.79 1.93
C ASN A 942 -16.04 -19.99 2.77
N THR A 943 -14.77 -19.90 2.35
CA THR A 943 -13.86 -18.84 2.83
C THR A 943 -13.94 -17.61 1.95
N LEU A 944 -13.90 -17.76 0.61
CA LEU A 944 -13.99 -16.64 -0.32
C LEU A 944 -15.27 -15.81 -0.12
N VAL A 945 -16.41 -16.47 0.05
CA VAL A 945 -17.68 -15.79 0.33
C VAL A 945 -17.66 -15.15 1.70
N LYS A 946 -17.23 -15.88 2.74
CA LYS A 946 -17.23 -15.34 4.09
C LYS A 946 -16.30 -14.13 4.24
N GLN A 947 -15.22 -14.03 3.48
CA GLN A 947 -14.40 -12.81 3.46
C GLN A 947 -15.15 -11.54 3.00
N LEU A 948 -16.31 -11.64 2.33
CA LEU A 948 -17.15 -10.46 2.09
C LEU A 948 -17.67 -9.83 3.39
N SER A 949 -17.79 -10.60 4.47
CA SER A 949 -18.18 -10.06 5.77
C SER A 949 -17.05 -9.32 6.50
N SER A 950 -15.81 -9.33 6.01
CA SER A 950 -14.68 -8.70 6.69
C SER A 950 -14.57 -7.21 6.38
N ASN A 951 -14.13 -6.42 7.36
CA ASN A 951 -14.09 -4.96 7.26
C ASN A 951 -12.85 -4.41 6.54
N PHE A 952 -11.70 -5.08 6.62
CA PHE A 952 -10.41 -4.62 6.05
C PHE A 952 -10.02 -3.18 6.45
N GLY A 953 -10.51 -2.68 7.59
CA GLY A 953 -10.29 -1.30 8.03
C GLY A 953 -11.21 -0.24 7.42
N ALA A 954 -12.23 -0.64 6.65
CA ALA A 954 -13.31 0.24 6.22
C ALA A 954 -14.38 0.40 7.32
N ILE A 955 -15.28 1.37 7.13
CA ILE A 955 -16.38 1.66 8.06
C ILE A 955 -17.42 0.54 8.19
N SER A 956 -17.61 -0.30 7.17
CA SER A 956 -18.49 -1.49 7.19
C SER A 956 -18.02 -2.56 6.19
N SER A 957 -18.39 -3.81 6.41
CA SER A 957 -18.19 -4.91 5.46
C SER A 957 -19.12 -4.85 4.25
N VAL A 958 -20.25 -4.13 4.34
CA VAL A 958 -21.28 -4.07 3.29
C VAL A 958 -21.20 -2.73 2.57
N LEU A 959 -20.92 -2.76 1.27
CA LEU A 959 -20.61 -1.58 0.47
C LEU A 959 -21.77 -0.58 0.42
N ASN A 960 -23.01 -1.07 0.39
CA ASN A 960 -24.20 -0.24 0.38
C ASN A 960 -24.28 0.67 1.63
N ASP A 961 -23.79 0.23 2.78
CA ASP A 961 -23.75 1.07 3.98
C ASP A 961 -22.90 2.31 3.73
N ILE A 962 -21.72 2.13 3.16
CA ILE A 962 -20.80 3.22 2.89
C ILE A 962 -21.46 4.22 1.95
N LEU A 963 -21.99 3.74 0.82
CA LEU A 963 -22.63 4.57 -0.20
C LEU A 963 -23.89 5.29 0.31
N SER A 964 -24.60 4.69 1.27
CA SER A 964 -25.80 5.29 1.87
C SER A 964 -25.53 6.14 3.11
N ARG A 965 -24.29 6.09 3.64
CA ARG A 965 -23.95 6.88 4.86
C ARG A 965 -23.09 8.09 4.48
N LEU A 966 -21.88 7.84 3.96
CA LEU A 966 -20.94 8.95 3.66
C LEU A 966 -21.15 9.45 2.21
N ASP A 967 -20.43 10.50 1.83
CA ASP A 967 -20.61 11.09 0.47
C ASP A 967 -19.25 11.51 -0.10
N PRO A 968 -19.21 12.23 -1.25
CA PRO A 968 -17.95 12.73 -1.83
C PRO A 968 -16.75 11.78 -1.77
N PRO A 969 -15.56 12.27 -1.35
CA PRO A 969 -14.36 11.42 -1.37
C PRO A 969 -14.23 10.62 -0.06
N GLU A 970 -14.90 11.08 1.01
CA GLU A 970 -14.81 10.39 2.33
C GLU A 970 -15.40 8.99 2.21
N ALA A 971 -16.38 8.79 1.30
CA ALA A 971 -16.93 7.44 1.07
C ALA A 971 -15.90 6.62 0.30
N GLU A 972 -15.29 7.21 -0.74
CA GLU A 972 -14.34 6.48 -1.60
C GLU A 972 -13.09 6.04 -0.81
N VAL A 973 -12.71 6.80 0.22
CA VAL A 973 -11.57 6.37 1.09
C VAL A 973 -11.86 4.96 1.60
N GLN A 974 -13.06 4.75 2.16
CA GLN A 974 -13.41 3.43 2.72
C GLN A 974 -13.56 2.40 1.60
N ILE A 975 -14.05 2.83 0.43
CA ILE A 975 -14.25 1.88 -0.67
C ILE A 975 -12.91 1.33 -1.14
N ASP A 976 -11.85 2.13 -1.20
CA ASP A 976 -10.54 1.65 -1.60
C ASP A 976 -9.97 0.59 -0.65
N ARG A 977 -10.26 0.69 0.65
CA ARG A 977 -9.89 -0.37 1.60
C ARG A 977 -10.64 -1.66 1.32
N LEU A 978 -11.96 -1.60 1.10
CA LEU A 978 -12.73 -2.78 0.71
C LEU A 978 -12.27 -3.36 -0.63
N ILE A 979 -11.98 -2.53 -1.63
CA ILE A 979 -11.45 -3.00 -2.91
C ILE A 979 -10.16 -3.74 -2.66
N THR A 980 -9.20 -3.15 -1.94
CA THR A 980 -7.91 -3.80 -1.70
C THR A 980 -8.06 -5.13 -0.96
N GLY A 981 -8.89 -5.17 0.07
CA GLY A 981 -9.16 -6.40 0.83
C GLY A 981 -9.82 -7.49 0.00
N ARG A 982 -10.94 -7.18 -0.67
CA ARG A 982 -11.66 -8.15 -1.50
C ARG A 982 -10.82 -8.59 -2.69
N LEU A 983 -10.05 -7.71 -3.30
CA LEU A 983 -9.11 -8.05 -4.38
C LEU A 983 -8.02 -9.01 -3.91
N GLN A 984 -7.37 -8.73 -2.77
CA GLN A 984 -6.36 -9.64 -2.22
C GLN A 984 -6.96 -11.00 -1.81
N SER A 985 -8.19 -11.02 -1.32
CA SER A 985 -8.94 -12.25 -1.06
C SER A 985 -9.16 -13.05 -2.34
N LEU A 986 -9.65 -12.42 -3.41
CA LEU A 986 -9.85 -13.09 -4.69
C LEU A 986 -8.54 -13.57 -5.32
N GLN A 987 -7.46 -12.77 -5.28
CA GLN A 987 -6.15 -13.20 -5.75
C GLN A 987 -5.64 -14.43 -5.02
N THR A 988 -5.87 -14.52 -3.71
CA THR A 988 -5.48 -15.69 -2.93
C THR A 988 -6.27 -16.92 -3.37
N TYR A 989 -7.59 -16.81 -3.50
CA TYR A 989 -8.42 -17.91 -3.99
C TYR A 989 -8.00 -18.37 -5.39
N VAL A 990 -7.87 -17.47 -6.36
CA VAL A 990 -7.48 -17.88 -7.72
C VAL A 990 -6.09 -18.50 -7.76
N THR A 991 -5.15 -17.99 -6.97
CA THR A 991 -3.81 -18.60 -6.90
C THR A 991 -3.87 -20.01 -6.36
N GLN A 992 -4.64 -20.25 -5.30
CA GLN A 992 -4.76 -21.59 -4.75
C GLN A 992 -5.55 -22.52 -5.67
N GLN A 993 -6.57 -22.04 -6.38
CA GLN A 993 -7.24 -22.86 -7.39
C GLN A 993 -6.35 -23.19 -8.58
N LEU A 994 -5.46 -22.31 -9.04
CA LEU A 994 -4.49 -22.70 -10.08
C LEU A 994 -3.62 -23.86 -9.61
N ILE A 995 -3.12 -23.82 -8.37
CA ILE A 995 -2.27 -24.89 -7.84
C ILE A 995 -3.07 -26.18 -7.65
N ARG A 996 -4.28 -26.11 -7.08
CA ARG A 996 -5.16 -27.28 -6.93
C ARG A 996 -5.54 -27.87 -8.29
N ALA A 997 -5.88 -27.05 -9.27
CA ALA A 997 -6.16 -27.53 -10.62
C ALA A 997 -4.95 -28.20 -11.27
N ALA A 998 -3.73 -27.72 -11.02
CA ALA A 998 -2.53 -28.40 -11.48
C ALA A 998 -2.33 -29.77 -10.80
N GLU A 999 -2.69 -29.92 -9.54
CA GLU A 999 -2.68 -31.23 -8.88
C GLU A 999 -3.74 -32.18 -9.48
N ILE A 1000 -4.96 -31.70 -9.74
CA ILE A 1000 -5.99 -32.49 -10.41
C ILE A 1000 -5.57 -32.83 -11.84
N ARG A 1001 -4.88 -31.98 -12.59
CA ARG A 1001 -4.31 -32.34 -13.89
C ARG A 1001 -3.33 -33.49 -13.75
N ALA A 1002 -2.46 -33.49 -12.74
CA ALA A 1002 -1.55 -34.61 -12.53
C ALA A 1002 -2.32 -35.92 -12.28
N SER A 1003 -3.39 -35.86 -11.49
CA SER A 1003 -4.29 -37.00 -11.29
C SER A 1003 -5.05 -37.41 -12.55
N ALA A 1004 -5.54 -36.48 -13.37
CA ALA A 1004 -6.21 -36.80 -14.62
C ALA A 1004 -5.26 -37.41 -15.66
N ASN A 1005 -4.02 -36.95 -15.76
CA ASN A 1005 -3.02 -37.60 -16.60
C ASN A 1005 -2.66 -38.99 -16.09
N LEU A 1006 -2.57 -39.19 -14.78
CA LEU A 1006 -2.37 -40.52 -14.22
C LEU A 1006 -3.56 -41.41 -14.55
N ALA A 1007 -4.80 -40.95 -14.39
CA ALA A 1007 -5.98 -41.70 -14.78
C ALA A 1007 -6.00 -42.01 -16.27
N ALA A 1008 -5.67 -41.08 -17.15
CA ALA A 1008 -5.59 -41.37 -18.58
C ALA A 1008 -4.49 -42.38 -18.90
N THR A 1009 -3.39 -42.38 -18.15
CA THR A 1009 -2.32 -43.37 -18.29
C THR A 1009 -2.80 -44.74 -17.84
N LYS A 1010 -3.47 -44.85 -16.68
CA LYS A 1010 -4.05 -46.13 -16.24
C LYS A 1010 -5.17 -46.59 -17.17
N MET A 1011 -5.97 -45.70 -17.72
CA MET A 1011 -6.96 -46.06 -18.73
C MET A 1011 -6.28 -46.67 -19.96
N SER A 1012 -5.22 -46.04 -20.44
CA SER A 1012 -4.48 -46.48 -21.62
C SER A 1012 -3.76 -47.81 -21.41
N GLU A 1013 -3.12 -48.01 -20.26
CA GLU A 1013 -2.30 -49.21 -20.02
C GLU A 1013 -3.08 -50.33 -19.34
N CYS A 1014 -3.85 -50.03 -18.29
CA CYS A 1014 -4.49 -51.04 -17.46
C CYS A 1014 -5.80 -51.56 -18.05
N VAL A 1015 -6.52 -50.77 -18.85
CA VAL A 1015 -7.78 -51.19 -19.46
C VAL A 1015 -7.53 -51.67 -20.88
N LEU A 1016 -7.04 -50.78 -21.75
CA LEU A 1016 -6.79 -51.04 -23.18
C LEU A 1016 -5.61 -51.98 -23.45
N GLY A 1017 -4.93 -52.51 -22.44
CA GLY A 1017 -3.71 -53.30 -22.58
C GLY A 1017 -3.51 -54.29 -21.44
N GLN A 1018 -2.26 -54.61 -21.11
CA GLN A 1018 -1.90 -55.33 -19.90
C GLN A 1018 -0.56 -54.79 -19.37
N SER A 1019 -0.57 -54.08 -18.26
CA SER A 1019 0.65 -53.57 -17.64
C SER A 1019 1.57 -54.69 -17.19
N LYS A 1020 2.86 -54.56 -17.49
CA LYS A 1020 3.95 -55.39 -16.94
C LYS A 1020 4.85 -54.59 -15.98
N ARG A 1021 4.24 -53.53 -15.42
CA ARG A 1021 4.92 -52.60 -14.47
C ARG A 1021 4.45 -52.96 -13.06
N VAL A 1022 5.36 -53.47 -12.22
CA VAL A 1022 4.95 -54.07 -10.95
C VAL A 1022 4.32 -53.04 -10.02
N ASP A 1023 3.18 -53.40 -9.42
CA ASP A 1023 2.42 -52.57 -8.48
C ASP A 1023 1.98 -51.20 -9.03
N PHE A 1024 1.89 -51.03 -10.36
CA PHE A 1024 1.18 -49.91 -10.97
C PHE A 1024 -0.34 -50.10 -10.99
N CYS A 1025 -0.82 -51.35 -10.90
CA CYS A 1025 -2.22 -51.73 -11.11
C CYS A 1025 -2.78 -52.53 -9.92
N GLY A 1026 -2.52 -52.03 -8.70
CA GLY A 1026 -2.76 -52.78 -7.47
C GLY A 1026 -1.81 -53.97 -7.31
N LYS A 1027 -1.73 -54.51 -6.08
CA LYS A 1027 -0.84 -55.62 -5.75
C LYS A 1027 -1.20 -56.90 -6.52
N GLY A 1028 -0.21 -57.75 -6.76
CA GLY A 1028 -0.32 -58.94 -7.60
C GLY A 1028 0.14 -58.68 -9.03
N TYR A 1029 0.24 -59.75 -9.82
CA TYR A 1029 0.47 -59.62 -11.25
C TYR A 1029 -0.82 -59.14 -11.93
N HIS A 1030 -0.75 -58.16 -12.82
CA HIS A 1030 -1.95 -57.57 -13.42
C HIS A 1030 -2.55 -58.44 -14.52
N LEU A 1031 -3.86 -58.60 -14.54
CA LEU A 1031 -4.57 -59.31 -15.62
C LEU A 1031 -5.34 -58.36 -16.52
N MET A 1032 -6.22 -57.54 -15.97
CA MET A 1032 -7.04 -56.54 -16.69
C MET A 1032 -7.63 -55.58 -15.68
N SER A 1033 -8.24 -54.49 -16.12
CA SER A 1033 -9.00 -53.66 -15.19
C SER A 1033 -10.23 -53.10 -15.86
N PHE A 1034 -11.28 -52.89 -15.09
CA PHE A 1034 -12.54 -52.36 -15.59
C PHE A 1034 -12.73 -50.95 -15.04
N PRO A 1035 -12.89 -49.92 -15.88
CA PRO A 1035 -13.19 -48.59 -15.40
C PRO A 1035 -14.67 -48.50 -15.05
N GLN A 1036 -15.00 -47.76 -14.00
CA GLN A 1036 -16.35 -47.41 -13.59
C GLN A 1036 -16.36 -45.92 -13.31
N SER A 1037 -17.40 -45.22 -13.72
CA SER A 1037 -17.54 -43.79 -13.46
C SER A 1037 -17.82 -43.52 -11.99
N ALA A 1038 -17.40 -42.36 -11.50
CA ALA A 1038 -17.79 -41.85 -10.20
C ALA A 1038 -17.87 -40.33 -10.29
N PRO A 1039 -18.67 -39.63 -9.48
CA PRO A 1039 -18.81 -38.19 -9.62
C PRO A 1039 -17.44 -37.53 -9.40
N HIS A 1040 -17.02 -36.69 -10.35
CA HIS A 1040 -15.71 -36.02 -10.38
C HIS A 1040 -14.48 -36.91 -10.47
N GLY A 1041 -14.62 -38.20 -10.82
CA GLY A 1041 -13.47 -39.10 -10.89
C GLY A 1041 -13.72 -40.39 -11.66
N VAL A 1042 -12.79 -41.32 -11.53
CA VAL A 1042 -12.88 -42.65 -12.10
C VAL A 1042 -12.47 -43.68 -11.07
N VAL A 1043 -13.11 -44.84 -11.09
CA VAL A 1043 -12.79 -45.97 -10.24
C VAL A 1043 -12.35 -47.11 -11.12
N PHE A 1044 -11.18 -47.67 -10.90
CA PHE A 1044 -10.71 -48.84 -11.60
C PHE A 1044 -10.92 -50.05 -10.71
N LEU A 1045 -11.51 -51.10 -11.23
CA LEU A 1045 -11.51 -52.41 -10.60
C LEU A 1045 -10.36 -53.23 -11.22
N HIS A 1046 -9.16 -53.13 -10.66
CA HIS A 1046 -8.02 -53.91 -11.16
C HIS A 1046 -8.20 -55.36 -10.81
N VAL A 1047 -8.06 -56.27 -11.76
CA VAL A 1047 -8.13 -57.71 -11.54
C VAL A 1047 -6.71 -58.25 -11.58
N THR A 1048 -6.24 -58.87 -10.51
CA THR A 1048 -4.85 -59.27 -10.38
C THR A 1048 -4.72 -60.72 -9.93
N TYR A 1049 -3.77 -61.45 -10.47
CA TYR A 1049 -3.39 -62.78 -10.04
C TYR A 1049 -2.46 -62.63 -8.83
N VAL A 1050 -2.76 -63.28 -7.71
CA VAL A 1050 -1.89 -63.34 -6.54
C VAL A 1050 -1.58 -64.81 -6.24
N PRO A 1051 -0.32 -65.26 -6.25
CA PRO A 1051 0.03 -66.63 -5.88
C PRO A 1051 -0.18 -66.85 -4.37
N ALA A 1052 -0.65 -68.04 -3.95
CA ALA A 1052 -1.34 -68.15 -2.67
C ALA A 1052 -0.97 -69.32 -1.73
N GLN A 1053 -0.39 -70.41 -2.21
CA GLN A 1053 -0.10 -71.59 -1.37
C GLN A 1053 1.22 -72.24 -1.72
N GLU A 1054 2.33 -71.66 -1.27
CA GLU A 1054 3.66 -72.13 -1.59
C GLU A 1054 4.08 -73.39 -0.83
N LYS A 1055 4.90 -74.21 -1.49
CA LYS A 1055 5.64 -75.31 -0.81
C LYS A 1055 7.14 -75.14 -1.07
N ASN A 1056 7.97 -75.60 -0.13
CA ASN A 1056 9.44 -75.41 -0.22
C ASN A 1056 10.04 -76.62 -0.93
N PHE A 1057 10.90 -76.36 -1.93
CA PHE A 1057 11.53 -77.46 -2.71
C PHE A 1057 13.04 -77.25 -2.76
N THR A 1058 13.81 -78.34 -2.74
CA THR A 1058 15.22 -78.31 -3.11
C THR A 1058 15.35 -77.95 -4.58
N THR A 1059 16.40 -77.22 -4.97
CA THR A 1059 16.62 -76.76 -6.34
C THR A 1059 18.10 -76.70 -6.68
N ALA A 1060 18.45 -76.66 -7.96
CA ALA A 1060 19.80 -76.50 -8.45
C ALA A 1060 19.79 -75.72 -9.77
N PRO A 1061 20.76 -74.86 -10.07
CA PRO A 1061 20.71 -73.98 -11.23
C PRO A 1061 20.79 -74.70 -12.56
N ALA A 1062 21.45 -75.85 -12.59
CA ALA A 1062 21.69 -76.67 -13.77
C ALA A 1062 21.79 -78.13 -13.34
N ILE A 1063 21.67 -79.08 -14.26
CA ILE A 1063 21.90 -80.49 -13.95
C ILE A 1063 22.84 -81.13 -14.97
N CYS A 1064 23.65 -82.08 -14.50
CA CYS A 1064 24.61 -82.76 -15.41
C CYS A 1064 23.92 -83.98 -16.04
N HIS A 1065 24.29 -84.37 -17.26
CA HIS A 1065 23.81 -85.64 -17.80
C HIS A 1065 24.95 -86.53 -18.32
N ASP A 1066 25.93 -85.94 -19.00
CA ASP A 1066 27.13 -86.61 -19.54
C ASP A 1066 28.28 -85.60 -19.67
N GLY A 1067 28.63 -84.92 -18.57
CA GLY A 1067 29.64 -83.85 -18.55
C GLY A 1067 29.20 -82.52 -19.21
N LYS A 1068 28.20 -82.59 -20.10
CA LYS A 1068 27.36 -81.47 -20.54
C LYS A 1068 26.40 -81.06 -19.42
N ALA A 1069 26.13 -79.76 -19.29
CA ALA A 1069 25.18 -79.22 -18.33
C ALA A 1069 23.89 -78.80 -19.03
N HIS A 1070 22.75 -79.19 -18.48
CA HIS A 1070 21.41 -78.84 -18.95
C HIS A 1070 20.81 -77.76 -18.06
N PHE A 1071 20.19 -76.75 -18.66
CA PHE A 1071 19.48 -75.66 -18.00
C PHE A 1071 18.00 -75.67 -18.42
N PRO A 1072 17.05 -75.20 -17.61
CA PRO A 1072 15.64 -75.20 -17.98
C PRO A 1072 15.40 -74.27 -19.17
N ARG A 1073 14.66 -74.68 -20.19
CA ARG A 1073 14.45 -73.83 -21.38
C ARG A 1073 13.68 -72.56 -21.01
N GLU A 1074 12.62 -72.73 -20.24
CA GLU A 1074 12.03 -71.68 -19.41
C GLU A 1074 11.38 -72.32 -18.18
N GLY A 1075 11.38 -71.63 -17.05
CA GLY A 1075 11.03 -72.24 -15.76
C GLY A 1075 12.26 -72.68 -14.97
N VAL A 1076 12.09 -73.62 -14.03
CA VAL A 1076 12.99 -73.82 -12.88
C VAL A 1076 13.13 -75.30 -12.57
N PHE A 1077 14.30 -75.78 -12.15
CA PHE A 1077 14.42 -77.14 -11.63
C PHE A 1077 14.04 -77.21 -10.16
N VAL A 1078 13.34 -78.27 -9.76
CA VAL A 1078 12.97 -78.53 -8.37
C VAL A 1078 12.99 -80.01 -8.07
N SER A 1079 13.13 -80.32 -6.78
CA SER A 1079 13.11 -81.72 -6.27
C SER A 1079 12.11 -81.81 -5.12
N ASN A 1080 11.42 -82.96 -4.99
CA ASN A 1080 10.61 -83.24 -3.78
C ASN A 1080 11.51 -83.92 -2.74
N GLY A 1081 12.79 -84.07 -3.06
CA GLY A 1081 13.72 -84.87 -2.25
C GLY A 1081 13.90 -86.27 -2.84
N THR A 1082 12.95 -86.71 -3.66
CA THR A 1082 12.97 -88.11 -4.15
C THR A 1082 13.02 -88.24 -5.67
N HIS A 1083 12.69 -87.20 -6.40
CA HIS A 1083 12.67 -87.10 -7.87
C HIS A 1083 13.19 -85.72 -8.30
N TRP A 1084 13.46 -85.50 -9.57
CA TRP A 1084 13.75 -84.16 -10.10
C TRP A 1084 12.81 -83.80 -11.24
N PHE A 1085 12.37 -82.55 -11.26
CA PHE A 1085 11.35 -82.00 -12.15
C PHE A 1085 11.73 -80.62 -12.64
N VAL A 1086 11.09 -80.15 -13.69
CA VAL A 1086 11.13 -78.75 -14.13
C VAL A 1086 9.72 -78.19 -14.07
N THR A 1087 9.54 -76.94 -13.63
CA THR A 1087 8.22 -76.29 -13.57
C THR A 1087 8.28 -74.90 -14.16
N GLN A 1088 7.16 -74.37 -14.66
CA GLN A 1088 7.01 -72.92 -14.81
C GLN A 1088 7.20 -72.23 -13.45
N ARG A 1089 7.68 -70.98 -13.38
CA ARG A 1089 8.11 -70.40 -12.10
C ARG A 1089 6.98 -69.91 -11.19
N ASN A 1090 5.83 -69.48 -11.74
CA ASN A 1090 4.75 -68.85 -10.96
C ASN A 1090 3.64 -69.80 -10.49
N PHE A 1091 3.63 -71.07 -10.89
CA PHE A 1091 2.60 -72.05 -10.52
C PHE A 1091 3.12 -73.47 -10.69
N TYR A 1092 3.22 -74.23 -9.61
CA TYR A 1092 3.83 -75.55 -9.60
C TYR A 1092 3.14 -76.51 -10.56
N GLU A 1093 3.91 -77.06 -11.49
CA GLU A 1093 3.48 -78.08 -12.44
C GLU A 1093 4.71 -78.92 -12.82
N PRO A 1094 4.99 -80.03 -12.12
CA PRO A 1094 6.20 -80.79 -12.29
C PRO A 1094 6.17 -81.59 -13.57
N GLN A 1095 6.85 -81.08 -14.60
CA GLN A 1095 7.16 -81.86 -15.79
C GLN A 1095 8.41 -82.70 -15.56
N ILE A 1096 8.50 -83.84 -16.23
CA ILE A 1096 9.73 -84.66 -16.26
C ILE A 1096 10.81 -83.88 -17.01
N ILE A 1097 12.07 -84.04 -16.61
CA ILE A 1097 13.16 -83.29 -17.22
C ILE A 1097 13.58 -83.98 -18.52
N THR A 1098 13.48 -83.28 -19.64
CA THR A 1098 13.73 -83.84 -20.97
C THR A 1098 14.59 -82.93 -21.83
N THR A 1099 15.19 -83.49 -22.88
CA THR A 1099 16.01 -82.77 -23.85
C THR A 1099 15.25 -81.74 -24.71
N ASP A 1100 13.92 -81.64 -24.64
CA ASP A 1100 13.16 -80.50 -25.17
C ASP A 1100 12.74 -79.50 -24.08
N ASN A 1101 12.43 -79.94 -22.85
CA ASN A 1101 12.16 -79.05 -21.72
C ASN A 1101 13.42 -78.29 -21.23
N THR A 1102 14.60 -78.64 -21.72
CA THR A 1102 15.91 -78.11 -21.31
C THR A 1102 16.80 -77.79 -22.51
N PHE A 1103 17.87 -77.02 -22.30
CA PHE A 1103 18.89 -76.75 -23.31
C PHE A 1103 20.29 -76.90 -22.73
N VAL A 1104 21.27 -77.23 -23.57
CA VAL A 1104 22.65 -77.52 -23.16
C VAL A 1104 23.52 -76.28 -23.28
N SER A 1105 24.44 -76.06 -22.33
CA SER A 1105 25.61 -75.21 -22.58
C SER A 1105 26.81 -75.56 -21.69
N GLY A 1106 28.02 -75.27 -22.15
CA GLY A 1106 29.24 -75.41 -21.34
C GLY A 1106 29.53 -76.85 -20.90
N ASN A 1107 30.11 -76.99 -19.72
CA ASN A 1107 30.45 -78.26 -19.08
C ASN A 1107 30.25 -78.20 -17.56
N CYS A 1108 30.07 -79.35 -16.93
CA CYS A 1108 29.69 -79.36 -15.48
C CYS A 1108 30.67 -78.54 -14.63
N ASP A 1109 31.97 -78.61 -14.95
CA ASP A 1109 32.99 -78.00 -14.09
C ASP A 1109 32.65 -76.55 -13.69
N VAL A 1110 31.96 -75.80 -14.55
CA VAL A 1110 31.92 -74.33 -14.46
C VAL A 1110 30.80 -73.82 -13.57
N VAL A 1111 29.60 -74.41 -13.67
CA VAL A 1111 28.41 -73.98 -12.92
C VAL A 1111 28.59 -74.28 -11.43
N ILE A 1112 28.41 -73.30 -10.56
CA ILE A 1112 28.39 -73.51 -9.10
C ILE A 1112 27.07 -74.18 -8.70
N GLY A 1113 27.11 -75.23 -7.89
CA GLY A 1113 25.90 -75.87 -7.35
C GLY A 1113 25.12 -76.76 -8.32
N ILE A 1114 25.67 -77.09 -9.50
CA ILE A 1114 25.11 -78.10 -10.40
C ILE A 1114 24.95 -79.46 -9.71
N VAL A 1115 23.92 -80.23 -10.10
CA VAL A 1115 23.73 -81.60 -9.52
C VAL A 1115 23.85 -82.65 -10.63
N ASN A 1116 24.09 -83.91 -10.24
CA ASN A 1116 24.28 -85.02 -11.21
C ASN A 1116 22.93 -85.72 -11.41
N ASN A 1117 22.27 -85.50 -12.55
CA ASN A 1117 20.90 -86.05 -12.74
C ASN A 1117 20.82 -86.82 -14.08
N THR A 1118 19.67 -87.45 -14.32
CA THR A 1118 19.28 -88.02 -15.62
C THR A 1118 18.34 -87.09 -16.36
N VAL A 1119 18.62 -86.79 -17.63
CA VAL A 1119 17.66 -86.16 -18.56
C VAL A 1119 17.13 -87.19 -19.55
N TYR A 1120 15.81 -87.32 -19.59
CA TYR A 1120 15.12 -88.23 -20.56
C TYR A 1120 15.23 -87.63 -21.97
N ASP A 1121 15.42 -88.50 -22.98
CA ASP A 1121 15.48 -88.05 -24.36
C ASP A 1121 14.30 -88.63 -25.19
N PRO A 1122 13.34 -87.82 -25.67
CA PRO A 1122 12.09 -88.33 -26.22
C PRO A 1122 12.23 -89.22 -27.47
N LEU A 1123 13.30 -89.05 -28.24
CA LEU A 1123 13.60 -89.88 -29.41
C LEU A 1123 14.06 -91.30 -29.04
N GLN A 1124 14.76 -91.47 -27.92
CA GLN A 1124 15.44 -92.72 -27.59
C GLN A 1124 14.53 -93.97 -27.54
N PRO A 1125 13.32 -93.92 -26.97
CA PRO A 1125 12.37 -95.02 -27.01
C PRO A 1125 11.90 -95.38 -28.43
N GLU A 1126 11.79 -94.39 -29.33
CA GLU A 1126 11.40 -94.63 -30.72
C GLU A 1126 12.54 -95.27 -31.51
N LEU A 1127 13.77 -94.82 -31.30
CA LEU A 1127 14.97 -95.49 -31.82
C LEU A 1127 15.14 -96.92 -31.26
N ASP A 1128 14.57 -97.20 -30.09
CA ASP A 1128 14.49 -98.54 -29.49
C ASP A 1128 13.41 -99.46 -30.08
N SER A 1129 12.52 -98.98 -30.96
CA SER A 1129 11.48 -99.81 -31.58
C SER A 1129 12.06 -100.85 -32.55
N ALA B 12 51.85 13.64 -2.05
CA ALA B 12 52.34 12.24 -2.02
C ALA B 12 51.25 11.29 -1.49
N TYR B 13 51.25 10.02 -1.89
CA TYR B 13 50.20 9.04 -1.59
C TYR B 13 50.75 7.68 -1.14
N THR B 14 49.90 6.86 -0.52
CA THR B 14 50.19 5.47 -0.13
C THR B 14 48.91 4.61 -0.14
N ASN B 15 49.06 3.31 -0.38
CA ASN B 15 47.98 2.32 -0.37
C ASN B 15 47.42 2.09 1.06
N SER B 16 46.10 2.20 1.26
CA SER B 16 45.44 1.90 2.54
C SER B 16 45.22 0.40 2.84
N PHE B 17 45.48 -0.49 1.87
CA PHE B 17 45.23 -1.93 1.96
C PHE B 17 43.81 -2.25 2.44
N THR B 18 43.65 -2.68 3.70
CA THR B 18 42.37 -3.10 4.30
C THR B 18 42.11 -2.44 5.66
N ARG B 19 42.75 -1.31 5.94
CA ARG B 19 42.57 -0.54 7.19
C ARG B 19 41.33 0.36 7.13
N GLY B 20 40.92 0.89 8.29
CA GLY B 20 39.79 1.82 8.40
C GLY B 20 38.41 1.18 8.55
N VAL B 21 38.31 -0.13 8.78
CA VAL B 21 37.09 -0.78 9.27
C VAL B 21 36.87 -0.42 10.75
N TYR B 22 35.63 -0.20 11.18
CA TYR B 22 35.29 0.09 12.58
C TYR B 22 33.95 -0.55 12.95
N TYR B 23 33.72 -0.83 14.24
CA TYR B 23 32.48 -1.44 14.70
C TYR B 23 31.29 -0.49 14.45
N PRO B 24 30.34 -0.83 13.56
CA PRO B 24 29.31 0.10 13.12
C PRO B 24 28.21 0.33 14.16
N ASP B 25 28.02 -0.62 15.07
CA ASP B 25 27.00 -0.60 16.12
C ASP B 25 27.48 -1.35 17.37
N LYS B 26 26.86 -1.07 18.52
CA LYS B 26 27.20 -1.66 19.83
C LYS B 26 26.66 -3.08 20.00
N VAL B 27 26.71 -3.91 18.95
CA VAL B 27 26.10 -5.24 18.92
C VAL B 27 27.16 -6.34 18.87
N PHE B 28 27.08 -7.29 19.80
CA PHE B 28 27.76 -8.58 19.72
C PHE B 28 27.13 -9.47 18.66
N ARG B 29 27.96 -10.13 17.87
CA ARG B 29 27.58 -11.15 16.90
C ARG B 29 28.67 -12.22 16.95
N SER B 30 28.38 -13.49 16.66
CA SER B 30 29.41 -14.53 16.70
C SER B 30 29.32 -15.56 15.59
N SER B 31 30.49 -15.99 15.09
CA SER B 31 30.65 -17.00 14.03
C SER B 31 29.80 -16.72 12.78
N VAL B 32 29.68 -15.46 12.39
CA VAL B 32 28.65 -14.98 11.45
C VAL B 32 29.18 -13.88 10.53
N LEU B 33 28.55 -13.75 9.36
CA LEU B 33 28.77 -12.68 8.40
C LEU B 33 27.59 -11.71 8.44
N HIS B 34 27.85 -10.43 8.65
CA HIS B 34 26.84 -9.38 8.70
C HIS B 34 27.19 -8.25 7.73
N SER B 35 26.21 -7.58 7.15
CA SER B 35 26.44 -6.52 6.16
C SER B 35 25.76 -5.21 6.54
N THR B 36 26.42 -4.10 6.22
CA THR B 36 26.03 -2.75 6.61
C THR B 36 26.40 -1.74 5.54
N GLN B 37 25.66 -0.65 5.42
CA GLN B 37 26.01 0.49 4.58
C GLN B 37 26.18 1.74 5.45
N ASP B 38 27.35 2.38 5.37
CA ASP B 38 27.73 3.52 6.19
C ASP B 38 28.93 4.25 5.58
N LEU B 39 29.35 5.36 6.19
CA LEU B 39 30.60 6.00 5.83
C LEU B 39 31.78 5.11 6.28
N PHE B 40 32.61 4.64 5.33
CA PHE B 40 33.79 3.81 5.58
C PHE B 40 34.96 4.19 4.66
N LEU B 41 36.20 3.91 5.06
CA LEU B 41 37.35 4.09 4.16
C LEU B 41 37.35 2.96 3.12
N PRO B 42 37.38 3.24 1.80
CA PRO B 42 37.46 2.19 0.80
C PRO B 42 38.75 1.37 0.91
N PHE B 43 38.70 0.07 0.63
CA PHE B 43 39.91 -0.75 0.53
C PHE B 43 40.78 -0.26 -0.64
N PHE B 44 42.10 -0.43 -0.51
CA PHE B 44 43.11 -0.07 -1.50
C PHE B 44 43.07 1.40 -1.98
N SER B 45 42.45 2.29 -1.22
CA SER B 45 42.40 3.73 -1.47
C SER B 45 43.77 4.40 -1.28
N ASN B 46 44.04 5.48 -2.01
CA ASN B 46 45.20 6.33 -1.79
C ASN B 46 44.98 7.23 -0.57
N VAL B 47 45.60 6.91 0.57
CA VAL B 47 45.77 7.87 1.67
C VAL B 47 46.87 8.88 1.32
N THR B 48 46.75 10.10 1.81
CA THR B 48 47.81 11.12 1.67
C THR B 48 48.94 10.84 2.66
N TRP B 49 50.18 10.75 2.17
CA TRP B 49 51.39 10.54 2.99
C TRP B 49 51.86 11.85 3.63
N PHE B 50 52.27 11.81 4.90
CA PHE B 50 52.83 12.93 5.64
C PHE B 50 53.91 12.48 6.64
N HIS B 51 54.78 13.43 7.03
CA HIS B 51 55.77 13.28 8.11
C HIS B 51 56.16 14.65 8.68
N ASN B 66 50.76 17.66 7.32
CA ASN B 66 51.15 18.77 8.19
C ASN B 66 50.20 20.01 8.20
N PRO B 67 49.55 20.43 7.09
CA PRO B 67 48.71 21.64 7.07
C PRO B 67 47.31 21.39 7.68
N VAL B 68 46.47 22.43 7.70
CA VAL B 68 45.00 22.27 7.85
C VAL B 68 44.47 21.49 6.64
N LEU B 69 43.51 20.59 6.88
CA LEU B 69 42.92 19.69 5.87
C LEU B 69 41.39 19.73 5.92
N PRO B 70 40.68 19.45 4.81
CA PRO B 70 39.23 19.30 4.82
C PRO B 70 38.82 18.08 5.64
N PHE B 71 37.59 18.07 6.15
CA PHE B 71 36.98 16.93 6.84
C PHE B 71 36.17 16.03 5.89
N ASN B 72 35.68 16.59 4.77
CA ASN B 72 34.68 15.96 3.89
C ASN B 72 33.46 15.48 4.71
N ASP B 73 33.01 14.23 4.54
CA ASP B 73 31.94 13.63 5.37
C ASP B 73 32.48 12.90 6.61
N GLY B 74 33.79 12.70 6.73
CA GLY B 74 34.43 11.99 7.83
C GLY B 74 35.89 11.66 7.55
N VAL B 75 36.71 11.67 8.59
CA VAL B 75 38.17 11.55 8.49
C VAL B 75 38.65 10.21 9.05
N TYR B 76 39.54 9.56 8.31
CA TYR B 76 40.46 8.56 8.85
C TYR B 76 41.83 9.21 9.02
N PHE B 77 42.45 9.00 10.19
CA PHE B 77 43.76 9.54 10.56
C PHE B 77 44.61 8.43 11.20
N ALA B 78 45.88 8.31 10.84
CA ALA B 78 46.75 7.30 11.45
C ALA B 78 48.21 7.77 11.52
N SER B 79 49.00 7.26 12.48
CA SER B 79 50.42 7.60 12.61
C SER B 79 51.27 6.46 13.17
N THR B 80 52.54 6.42 12.77
CA THR B 80 53.52 5.39 13.19
C THR B 80 54.13 5.76 14.55
N GLU B 81 53.30 5.77 15.60
CA GLU B 81 53.65 6.21 16.94
C GLU B 81 54.86 5.50 17.59
N LYS B 82 55.47 6.20 18.56
CA LYS B 82 56.62 5.74 19.38
C LYS B 82 56.51 6.14 20.85
N SER B 83 56.14 7.41 21.10
CA SER B 83 56.09 8.03 22.44
C SER B 83 54.92 9.01 22.60
N ASN B 84 53.81 8.75 21.91
CA ASN B 84 52.60 9.59 21.88
C ASN B 84 52.89 11.04 21.45
N ILE B 85 53.62 11.22 20.34
CA ILE B 85 54.15 12.52 19.90
C ILE B 85 53.04 13.56 19.65
N ILE B 86 52.01 13.18 18.88
CA ILE B 86 50.91 14.08 18.50
C ILE B 86 50.16 14.54 19.75
N ARG B 87 50.02 15.86 19.90
CA ARG B 87 49.46 16.51 21.09
C ARG B 87 47.94 16.64 21.05
N GLY B 88 47.32 16.57 19.88
CA GLY B 88 45.87 16.72 19.74
C GLY B 88 45.41 17.11 18.34
N TRP B 89 44.16 17.55 18.24
CA TRP B 89 43.51 17.97 17.00
C TRP B 89 42.49 19.09 17.26
N ILE B 90 42.16 19.87 16.23
CA ILE B 90 41.10 20.88 16.24
C ILE B 90 40.21 20.70 15.01
N PHE B 91 38.88 20.86 15.16
CA PHE B 91 37.89 20.66 14.09
C PHE B 91 36.84 21.78 14.12
N GLY B 92 36.32 22.17 12.96
CA GLY B 92 35.23 23.16 12.89
C GLY B 92 34.97 23.64 11.47
N THR B 93 34.15 24.69 11.34
CA THR B 93 34.07 25.51 10.11
C THR B 93 35.18 26.56 10.09
N THR B 94 35.31 27.37 11.15
CA THR B 94 36.32 28.44 11.23
C THR B 94 37.67 27.95 11.72
N LEU B 95 37.70 27.12 12.78
CA LEU B 95 38.90 26.86 13.59
C LEU B 95 39.56 28.16 14.10
N ASP B 96 38.78 29.26 14.16
CA ASP B 96 39.25 30.64 14.30
C ASP B 96 38.08 31.54 14.74
N SER B 97 37.70 31.43 16.02
CA SER B 97 36.59 32.15 16.67
C SER B 97 35.25 32.08 15.92
N LYS B 98 34.30 32.97 16.23
CA LYS B 98 32.88 33.04 15.73
C LYS B 98 31.98 31.85 16.09
N THR B 99 32.54 30.68 16.40
CA THR B 99 31.86 29.48 16.91
C THR B 99 32.80 28.66 17.80
N GLN B 100 32.25 27.84 18.70
CA GLN B 100 33.04 26.94 19.55
C GLN B 100 33.61 25.77 18.73
N SER B 101 34.76 25.96 18.10
CA SER B 101 35.47 24.90 17.38
C SER B 101 35.90 23.79 18.35
N LEU B 102 35.80 22.52 17.94
CA LEU B 102 36.17 21.37 18.76
C LEU B 102 37.69 21.29 18.94
N LEU B 103 38.15 21.15 20.17
CA LEU B 103 39.53 20.96 20.60
C LEU B 103 39.68 19.61 21.31
N ILE B 104 40.67 18.82 20.90
CA ILE B 104 41.03 17.54 21.50
C ILE B 104 42.53 17.53 21.78
N VAL B 105 42.95 17.06 22.96
CA VAL B 105 44.32 17.07 23.46
C VAL B 105 44.65 15.74 24.14
N ASN B 106 45.88 15.26 24.03
CA ASN B 106 46.33 14.02 24.68
C ASN B 106 47.26 14.30 25.87
N ASN B 107 46.97 13.74 27.05
CA ASN B 107 47.86 13.68 28.20
C ASN B 107 48.20 12.22 28.52
N ALA B 108 49.48 11.82 28.48
CA ALA B 108 49.92 10.44 28.67
C ALA B 108 49.12 9.44 27.80
N THR B 109 48.41 8.49 28.40
CA THR B 109 47.51 7.51 27.72
C THR B 109 46.06 7.98 27.55
N ASN B 110 45.75 9.23 27.93
CA ASN B 110 44.38 9.74 28.12
C ASN B 110 44.13 11.02 27.30
N VAL B 111 42.90 11.53 27.33
CA VAL B 111 42.43 12.60 26.43
C VAL B 111 41.67 13.69 27.19
N VAL B 112 41.91 14.95 26.85
CA VAL B 112 41.18 16.15 27.28
C VAL B 112 40.44 16.72 26.06
N ILE B 113 39.18 17.11 26.22
CA ILE B 113 38.30 17.60 25.14
C ILE B 113 37.58 18.87 25.60
N LYS B 114 37.44 19.85 24.70
CA LYS B 114 36.69 21.09 24.94
C LYS B 114 36.18 21.69 23.61
N VAL B 115 35.19 22.57 23.65
CA VAL B 115 34.77 23.34 22.46
C VAL B 115 35.00 24.83 22.71
N CYS B 116 35.80 25.49 21.87
CA CYS B 116 36.41 26.79 22.15
C CYS B 116 36.38 27.75 20.94
N GLU B 117 36.15 29.04 21.20
CA GLU B 117 36.21 30.11 20.20
C GLU B 117 37.61 30.75 20.07
N PHE B 118 38.70 29.99 20.25
CA PHE B 118 40.07 30.49 20.06
C PHE B 118 40.35 30.93 18.62
N GLN B 119 41.26 31.88 18.45
CA GLN B 119 41.60 32.50 17.16
C GLN B 119 43.12 32.49 16.89
N PHE B 120 43.82 31.44 17.35
CA PHE B 120 45.27 31.34 17.29
C PHE B 120 45.84 31.36 15.86
N CYS B 121 47.09 31.81 15.74
CA CYS B 121 47.92 31.70 14.54
C CYS B 121 48.31 30.23 14.26
N ASN B 122 49.18 29.98 13.29
CA ASN B 122 49.72 28.66 12.92
C ASN B 122 50.62 27.96 13.98
N ASP B 123 50.55 28.39 15.24
CA ASP B 123 51.21 27.77 16.39
C ASP B 123 50.25 27.59 17.59
N PRO B 124 49.09 26.92 17.41
CA PRO B 124 48.07 26.78 18.47
C PRO B 124 48.59 25.99 19.69
N PHE B 125 49.56 25.09 19.48
CA PHE B 125 50.26 24.37 20.55
C PHE B 125 51.02 25.31 21.51
N LEU B 126 51.43 26.50 21.05
CA LEU B 126 52.03 27.56 21.87
C LEU B 126 50.98 28.58 22.36
N GLY B 127 49.93 28.83 21.57
CA GLY B 127 48.81 29.70 21.93
C GLY B 127 47.98 29.17 23.12
N VAL B 128 47.83 27.85 23.24
CA VAL B 128 47.22 27.16 24.39
C VAL B 128 45.86 27.74 24.78
N ASN B 150 34.36 31.12 25.36
CA ASN B 150 32.90 31.01 25.22
C ASN B 150 32.37 29.56 25.24
N CYS B 151 33.03 28.67 25.99
CA CYS B 151 32.88 27.22 25.92
C CYS B 151 31.49 26.70 26.35
N THR B 152 31.02 25.64 25.69
CA THR B 152 29.70 25.00 25.92
C THR B 152 29.76 23.49 26.18
N PHE B 153 30.94 22.86 26.10
CA PHE B 153 31.21 21.46 26.45
C PHE B 153 32.68 21.27 26.85
N GLU B 154 32.93 20.35 27.78
CA GLU B 154 34.26 19.92 28.23
C GLU B 154 34.21 18.45 28.72
N TYR B 155 35.28 17.69 28.52
CA TYR B 155 35.40 16.29 28.97
C TYR B 155 36.87 15.89 29.19
N VAL B 156 37.13 14.91 30.08
CA VAL B 156 38.44 14.26 30.23
C VAL B 156 38.28 12.74 30.41
N SER B 157 39.11 11.96 29.72
CA SER B 157 39.16 10.50 29.83
C SER B 157 39.68 10.04 31.19
N PHE B 171 57.81 4.74 15.39
CA PHE B 171 57.51 3.75 14.37
C PHE B 171 57.27 2.34 14.93
N LYS B 172 57.51 2.11 16.24
CA LYS B 172 57.24 0.82 16.89
C LYS B 172 55.76 0.44 16.90
N ASN B 173 54.88 1.44 16.87
CA ASN B 173 53.44 1.28 16.91
C ASN B 173 52.75 1.97 15.72
N LEU B 174 51.54 1.55 15.42
CA LEU B 174 50.58 2.26 14.57
C LEU B 174 49.35 2.60 15.41
N ARG B 175 49.00 3.88 15.43
CA ARG B 175 47.73 4.37 15.97
C ARG B 175 46.82 4.77 14.82
N GLU B 176 45.56 4.40 14.90
CA GLU B 176 44.54 4.69 13.91
C GLU B 176 43.31 5.28 14.59
N PHE B 177 42.69 6.29 13.98
CA PHE B 177 41.50 6.94 14.46
C PHE B 177 40.53 7.26 13.33
N VAL B 178 39.25 7.21 13.63
CA VAL B 178 38.18 7.71 12.78
C VAL B 178 37.43 8.79 13.54
N PHE B 179 37.30 9.96 12.91
CA PHE B 179 36.53 11.09 13.42
C PHE B 179 35.29 11.27 12.54
N LYS B 180 34.11 11.22 13.14
CA LYS B 180 32.83 11.11 12.42
C LYS B 180 31.76 12.04 13.00
N ASN B 181 31.03 12.73 12.12
CA ASN B 181 29.78 13.41 12.47
C ASN B 181 28.60 12.56 11.96
N ILE B 182 27.63 12.26 12.82
CA ILE B 182 26.42 11.53 12.44
C ILE B 182 25.17 12.42 12.24
N ASP B 183 25.28 13.74 12.46
CA ASP B 183 24.18 14.69 12.70
C ASP B 183 23.32 14.41 13.94
N GLY B 184 23.07 13.13 14.26
CA GLY B 184 22.83 12.65 15.62
C GLY B 184 24.10 12.68 16.47
N TYR B 185 24.70 13.87 16.59
CA TYR B 185 25.97 14.17 17.27
C TYR B 185 27.22 13.43 16.72
N PHE B 186 28.37 13.67 17.35
CA PHE B 186 29.72 13.38 16.83
C PHE B 186 30.38 12.22 17.59
N LYS B 187 31.16 11.38 16.92
CA LYS B 187 31.75 10.15 17.50
C LYS B 187 33.20 9.92 17.05
N ILE B 188 33.94 9.17 17.87
CA ILE B 188 35.35 8.84 17.66
C ILE B 188 35.58 7.33 17.82
N TYR B 189 36.35 6.74 16.91
CA TYR B 189 36.76 5.34 16.94
C TYR B 189 38.28 5.23 16.79
N SER B 190 38.89 4.16 17.31
CA SER B 190 40.33 4.11 17.57
C SER B 190 40.91 2.70 17.49
N LYS B 191 42.21 2.58 17.22
CA LYS B 191 42.98 1.36 17.45
C LYS B 191 44.47 1.67 17.66
N HIS B 192 45.16 0.83 18.42
CA HIS B 192 46.61 0.92 18.66
C HIS B 192 47.22 -0.49 18.54
N THR B 193 48.31 -0.63 17.78
CA THR B 193 49.01 -1.92 17.58
C THR B 193 50.52 -1.72 17.47
N PRO B 194 51.36 -2.72 17.75
CA PRO B 194 52.72 -2.76 17.22
C PRO B 194 52.70 -2.86 15.69
N ILE B 195 53.82 -2.52 15.04
CA ILE B 195 54.10 -2.75 13.61
C ILE B 195 55.60 -2.97 13.36
N ASN B 196 55.96 -3.52 12.19
CA ASN B 196 57.32 -3.37 11.63
C ASN B 196 57.65 -1.88 11.41
N LEU B 197 58.92 -1.47 11.52
CA LEU B 197 59.35 -0.07 11.52
C LEU B 197 59.29 0.65 10.14
N VAL B 198 58.62 0.05 9.15
CA VAL B 198 58.40 0.62 7.81
C VAL B 198 57.49 1.85 7.90
N ARG B 199 57.77 2.88 7.10
CA ARG B 199 56.98 4.12 7.10
C ARG B 199 55.59 3.96 6.47
N GLY B 200 55.47 3.20 5.37
CA GLY B 200 54.20 2.84 4.74
C GLY B 200 53.32 1.94 5.62
N LEU B 201 51.99 2.11 5.54
CA LEU B 201 51.03 1.29 6.29
C LEU B 201 51.18 -0.21 5.95
N PRO B 202 51.46 -1.10 6.93
CA PRO B 202 51.60 -2.53 6.65
C PRO B 202 50.27 -3.16 6.25
N GLN B 203 50.29 -4.14 5.35
CA GLN B 203 49.12 -4.93 4.98
C GLN B 203 48.69 -5.84 6.15
N GLY B 204 47.52 -5.57 6.72
CA GLY B 204 46.96 -6.30 7.86
C GLY B 204 45.57 -5.80 8.24
N PHE B 205 44.88 -6.53 9.12
CA PHE B 205 43.48 -6.27 9.47
C PHE B 205 43.24 -6.23 10.99
N SER B 206 42.64 -5.14 11.47
CA SER B 206 41.84 -5.09 12.71
C SER B 206 40.86 -3.92 12.64
N ALA B 207 39.74 -4.00 13.37
CA ALA B 207 38.74 -2.94 13.38
C ALA B 207 39.01 -1.88 14.47
N LEU B 208 38.67 -0.63 14.19
CA LEU B 208 38.68 0.46 15.16
C LEU B 208 37.43 0.42 16.05
N GLU B 209 37.62 0.72 17.33
CA GLU B 209 36.62 0.60 18.39
C GLU B 209 36.23 1.97 18.94
N PRO B 210 34.95 2.20 19.30
CA PRO B 210 34.47 3.50 19.75
C PRO B 210 35.12 3.92 21.07
N LEU B 211 35.36 5.22 21.23
CA LEU B 211 35.82 5.84 22.49
C LEU B 211 34.78 6.77 23.12
N VAL B 212 34.23 7.70 22.34
CA VAL B 212 33.31 8.74 22.84
C VAL B 212 32.25 9.10 21.80
N ASP B 213 31.10 9.52 22.33
CA ASP B 213 30.14 10.40 21.65
C ASP B 213 30.23 11.79 22.29
N LEU B 214 30.37 12.82 21.48
CA LEU B 214 30.38 14.22 21.90
C LEU B 214 29.01 14.84 21.55
N PRO B 215 28.13 15.12 22.53
CA PRO B 215 26.79 15.66 22.31
C PRO B 215 26.81 17.18 22.04
N ILE B 216 27.64 17.62 21.09
CA ILE B 216 28.09 19.02 20.96
C ILE B 216 27.40 19.82 19.85
N GLY B 217 26.99 19.18 18.75
CA GLY B 217 26.29 19.86 17.65
C GLY B 217 27.11 20.88 16.84
N ILE B 218 28.45 20.86 16.97
CA ILE B 218 29.36 21.80 16.30
C ILE B 218 29.46 21.49 14.79
N ASN B 219 29.36 22.53 13.95
CA ASN B 219 29.54 22.40 12.51
C ASN B 219 31.02 22.19 12.16
N ILE B 220 31.35 21.16 11.38
CA ILE B 220 32.72 20.80 11.00
C ILE B 220 32.85 20.68 9.48
N THR B 221 33.87 21.32 8.90
CA THR B 221 34.25 21.18 7.48
C THR B 221 35.76 21.06 7.27
N ARG B 222 36.57 21.42 8.27
CA ARG B 222 38.04 21.27 8.26
C ARG B 222 38.55 20.76 9.61
N PHE B 223 39.80 20.27 9.61
CA PHE B 223 40.52 19.88 10.81
C PHE B 223 42.03 20.23 10.74
N GLN B 224 42.66 20.29 11.90
CA GLN B 224 44.08 20.58 12.08
C GLN B 224 44.68 19.72 13.21
N THR B 225 46.00 19.51 13.19
CA THR B 225 46.72 18.64 14.14
C THR B 225 47.67 19.46 15.03
N LEU B 226 47.77 19.10 16.32
CA LEU B 226 48.62 19.76 17.32
C LEU B 226 49.86 18.89 17.58
N ALA B 245 57.58 10.28 13.61
CA ALA B 245 56.58 9.39 13.03
C ALA B 245 56.10 9.87 11.65
N ALA B 246 55.86 8.92 10.73
CA ALA B 246 55.03 9.16 9.56
C ALA B 246 53.54 9.18 9.97
N TYR B 247 52.70 9.85 9.19
CA TYR B 247 51.26 9.87 9.41
C TYR B 247 50.47 9.95 8.09
N TYR B 248 49.19 9.59 8.15
CA TYR B 248 48.33 9.38 7.00
C TYR B 248 46.93 9.93 7.23
N VAL B 249 46.31 10.42 6.15
CA VAL B 249 44.92 10.88 6.15
C VAL B 249 44.17 10.27 4.96
N GLY B 250 42.94 9.85 5.19
CA GLY B 250 41.99 9.42 4.17
C GLY B 250 40.57 9.83 4.55
N TYR B 251 39.61 9.57 3.65
CA TYR B 251 38.23 10.06 3.82
C TYR B 251 37.21 8.94 3.69
N LEU B 252 36.20 8.98 4.55
CA LEU B 252 35.11 8.00 4.53
C LEU B 252 34.16 8.26 3.37
N GLN B 253 33.57 7.20 2.83
CA GLN B 253 32.63 7.22 1.72
C GLN B 253 31.41 6.34 2.04
N PRO B 254 30.19 6.72 1.64
CA PRO B 254 28.99 5.90 1.85
C PRO B 254 29.06 4.63 1.01
N ARG B 255 29.39 3.51 1.65
CA ARG B 255 29.67 2.23 0.97
C ARG B 255 29.07 1.06 1.75
N THR B 256 28.65 0.01 1.06
CA THR B 256 28.28 -1.27 1.69
C THR B 256 29.55 -2.06 2.02
N PHE B 257 29.54 -2.77 3.13
CA PHE B 257 30.60 -3.68 3.56
C PHE B 257 30.00 -4.99 4.06
N LEU B 258 30.80 -6.05 4.00
CA LEU B 258 30.56 -7.33 4.66
C LEU B 258 31.57 -7.50 5.80
N LEU B 259 31.12 -7.93 6.97
CA LEU B 259 31.92 -8.02 8.19
C LEU B 259 31.81 -9.43 8.78
N LYS B 260 32.93 -10.09 9.07
CA LYS B 260 32.99 -11.41 9.68
C LYS B 260 33.30 -11.30 11.16
N TYR B 261 32.48 -11.92 12.00
CA TYR B 261 32.64 -11.96 13.44
C TYR B 261 33.07 -13.35 13.90
N ASN B 262 34.13 -13.45 14.72
CA ASN B 262 34.58 -14.72 15.29
C ASN B 262 33.68 -15.20 16.44
N GLU B 263 34.08 -16.22 17.19
CA GLU B 263 33.34 -16.68 18.37
C GLU B 263 33.24 -15.58 19.44
N ASN B 264 34.37 -14.93 19.74
CA ASN B 264 34.50 -13.91 20.79
C ASN B 264 34.07 -12.50 20.32
N GLY B 265 32.93 -12.38 19.62
CA GLY B 265 32.29 -11.08 19.37
C GLY B 265 33.03 -10.09 18.46
N THR B 266 34.14 -10.50 17.86
CA THR B 266 35.16 -9.59 17.30
C THR B 266 35.11 -9.59 15.77
N ILE B 267 35.04 -8.40 15.16
CA ILE B 267 35.19 -8.24 13.71
C ILE B 267 36.63 -8.65 13.34
N THR B 268 36.77 -9.62 12.45
CA THR B 268 38.03 -10.34 12.21
C THR B 268 38.33 -10.59 10.75
N ASP B 269 37.41 -10.27 9.83
CA ASP B 269 37.68 -10.09 8.41
C ASP B 269 36.58 -9.23 7.77
N ALA B 270 36.81 -8.66 6.60
CA ALA B 270 35.82 -7.83 5.90
C ALA B 270 35.97 -7.82 4.38
N VAL B 271 34.91 -7.39 3.68
CA VAL B 271 34.91 -7.11 2.24
C VAL B 271 34.29 -5.73 1.98
N ASP B 272 34.97 -4.93 1.16
CA ASP B 272 34.46 -3.68 0.61
C ASP B 272 33.65 -4.02 -0.65
N CYS B 273 32.31 -3.96 -0.61
CA CYS B 273 31.47 -4.61 -1.60
C CYS B 273 31.74 -4.14 -3.04
N ALA B 274 32.07 -2.87 -3.22
CA ALA B 274 32.27 -2.27 -4.54
C ALA B 274 33.68 -2.44 -5.13
N LEU B 275 34.61 -3.04 -4.39
CA LEU B 275 36.04 -3.06 -4.73
C LEU B 275 36.33 -3.66 -6.12
N ASP B 276 35.82 -4.85 -6.42
CA ASP B 276 35.93 -5.52 -7.71
C ASP B 276 34.81 -6.56 -7.88
N PRO B 277 34.58 -7.14 -9.07
CA PRO B 277 33.44 -8.01 -9.29
C PRO B 277 33.46 -9.27 -8.42
N LEU B 278 34.64 -9.80 -8.08
CA LEU B 278 34.73 -10.90 -7.11
C LEU B 278 34.26 -10.46 -5.72
N SER B 279 34.70 -9.29 -5.24
CA SER B 279 34.23 -8.73 -3.99
C SER B 279 32.73 -8.49 -4.02
N GLU B 280 32.20 -7.99 -5.12
CA GLU B 280 30.76 -7.81 -5.26
C GLU B 280 30.02 -9.16 -5.24
N THR B 281 30.61 -10.21 -5.80
CA THR B 281 30.05 -11.56 -5.73
C THR B 281 30.01 -12.07 -4.30
N LYS B 282 31.09 -11.92 -3.51
CA LYS B 282 31.12 -12.28 -2.09
C LYS B 282 29.99 -11.63 -1.32
N CYS B 283 29.74 -10.36 -1.60
CA CYS B 283 28.70 -9.57 -0.94
C CYS B 283 27.29 -9.88 -1.46
N THR B 284 27.17 -10.31 -2.72
CA THR B 284 25.90 -10.82 -3.28
C THR B 284 25.46 -12.10 -2.58
N LEU B 285 26.40 -13.01 -2.32
CA LEU B 285 26.16 -14.31 -1.69
C LEU B 285 26.12 -14.28 -0.15
N LYS B 286 26.62 -13.18 0.43
CA LYS B 286 26.77 -13.07 1.91
C LYS B 286 27.78 -14.13 2.36
N THR B 287 28.86 -14.33 1.59
CA THR B 287 29.90 -15.35 1.91
C THR B 287 31.30 -14.78 1.68
N PHE B 288 32.35 -15.55 2.01
CA PHE B 288 33.74 -15.13 1.73
C PHE B 288 34.29 -16.10 0.68
N THR B 289 33.78 -17.33 0.66
CA THR B 289 34.14 -18.32 -0.37
C THR B 289 33.09 -18.32 -1.48
N VAL B 290 33.52 -18.38 -2.73
CA VAL B 290 32.65 -18.50 -3.90
C VAL B 290 32.99 -19.78 -4.66
N GLU B 291 32.02 -20.66 -4.90
CA GLU B 291 32.20 -21.84 -5.75
C GLU B 291 32.26 -21.48 -7.25
N LYS B 292 32.79 -22.38 -8.08
CA LYS B 292 32.80 -22.22 -9.55
C LYS B 292 31.39 -21.96 -10.08
N GLY B 293 31.25 -21.07 -11.07
CA GLY B 293 29.98 -20.86 -11.77
C GLY B 293 29.85 -19.48 -12.38
N ILE B 294 28.61 -19.06 -12.59
CA ILE B 294 28.23 -17.71 -13.00
C ILE B 294 27.16 -17.16 -12.04
N TYR B 295 27.33 -15.93 -11.58
CA TYR B 295 26.44 -15.29 -10.60
C TYR B 295 25.99 -13.92 -11.09
N GLN B 296 24.70 -13.63 -11.13
CA GLN B 296 24.26 -12.25 -11.28
C GLN B 296 24.57 -11.48 -10.00
N THR B 297 25.18 -10.30 -10.08
CA THR B 297 25.54 -9.50 -8.90
C THR B 297 24.86 -8.12 -8.87
N SER B 298 24.58 -7.51 -10.01
CA SER B 298 24.04 -6.15 -10.08
C SER B 298 23.38 -5.86 -11.43
N ASN B 299 22.62 -4.78 -11.53
CA ASN B 299 22.09 -4.28 -12.81
C ASN B 299 23.03 -3.22 -13.39
N PHE B 300 23.34 -3.32 -14.67
CA PHE B 300 24.01 -2.29 -15.46
C PHE B 300 22.97 -1.53 -16.28
N ARG B 301 23.04 -0.20 -16.30
CA ARG B 301 22.03 0.68 -16.91
C ARG B 301 22.71 1.97 -17.40
N VAL B 302 22.79 2.18 -18.70
CA VAL B 302 23.53 3.32 -19.28
C VAL B 302 22.78 4.63 -19.01
N GLN B 303 23.36 5.51 -18.19
CA GLN B 303 22.77 6.80 -17.85
C GLN B 303 22.71 7.74 -19.07
N PRO B 304 21.69 8.61 -19.19
CA PRO B 304 21.66 9.63 -20.23
C PRO B 304 22.80 10.64 -20.07
N THR B 305 23.44 10.99 -21.18
CA THR B 305 24.58 11.91 -21.22
C THR B 305 24.18 13.37 -21.02
N GLU B 306 23.02 13.79 -21.53
CA GLU B 306 22.52 15.17 -21.49
C GLU B 306 21.01 15.22 -21.77
N SER B 307 20.40 16.40 -21.64
CA SER B 307 18.99 16.66 -21.95
C SER B 307 18.80 17.42 -23.26
N ILE B 308 17.87 16.96 -24.09
CA ILE B 308 17.37 17.63 -25.30
C ILE B 308 15.97 18.20 -25.04
N VAL B 309 15.69 19.41 -25.50
CA VAL B 309 14.33 20.00 -25.43
C VAL B 309 13.96 20.60 -26.79
N ARG B 310 12.76 20.26 -27.29
CA ARG B 310 12.23 20.75 -28.56
C ARG B 310 10.78 21.22 -28.42
N PHE B 311 10.51 22.36 -29.04
CA PHE B 311 9.19 22.98 -29.24
C PHE B 311 9.16 23.57 -30.66
N PRO B 312 8.02 23.92 -31.30
CA PRO B 312 8.01 24.37 -32.71
C PRO B 312 8.72 25.71 -32.96
N ASN B 313 9.04 26.01 -34.24
CA ASN B 313 9.64 27.34 -34.57
C ASN B 313 8.60 28.40 -34.19
N ILE B 314 9.02 29.47 -33.51
CA ILE B 314 8.06 30.52 -33.06
C ILE B 314 8.51 31.89 -33.59
N THR B 315 7.64 32.55 -34.36
CA THR B 315 7.62 34.03 -34.48
C THR B 315 6.18 34.52 -34.25
N ASN B 316 5.99 35.47 -33.33
CA ASN B 316 4.64 36.03 -33.05
C ASN B 316 4.76 37.11 -31.96
N LEU B 317 4.88 38.38 -32.33
CA LEU B 317 4.89 39.49 -31.33
C LEU B 317 3.76 40.50 -31.59
N CYS B 318 3.18 41.10 -30.53
CA CYS B 318 2.13 42.09 -30.67
C CYS B 318 2.74 43.45 -30.98
N PRO B 319 2.12 44.24 -31.87
CA PRO B 319 2.66 45.55 -32.21
C PRO B 319 2.53 46.55 -31.07
N PHE B 320 3.65 46.86 -30.42
CA PHE B 320 3.70 47.85 -29.35
C PHE B 320 4.46 49.11 -29.74
N GLY B 321 4.80 49.27 -31.02
CA GLY B 321 5.53 50.44 -31.47
C GLY B 321 4.69 51.69 -31.47
N GLU B 322 3.42 51.58 -31.89
CA GLU B 322 2.51 52.70 -31.95
C GLU B 322 1.76 52.92 -30.64
N VAL B 323 2.41 52.72 -29.50
CA VAL B 323 1.83 52.96 -28.19
C VAL B 323 2.67 53.95 -27.38
N PHE B 324 3.97 53.69 -27.26
CA PHE B 324 4.83 54.58 -26.50
C PHE B 324 5.35 55.74 -27.35
N ASN B 325 5.64 55.48 -28.62
CA ASN B 325 6.13 56.51 -29.54
C ASN B 325 5.03 57.08 -30.43
N ALA B 326 3.80 57.18 -29.92
CA ALA B 326 2.70 57.70 -30.71
C ALA B 326 2.80 59.22 -30.83
N THR B 327 2.05 59.75 -31.80
CA THR B 327 2.03 61.19 -32.06
C THR B 327 0.87 61.91 -31.37
N ARG B 328 0.01 61.17 -30.66
CA ARG B 328 -1.12 61.78 -29.98
C ARG B 328 -1.49 60.92 -28.78
N PHE B 329 -1.61 61.54 -27.61
CA PHE B 329 -1.97 60.86 -26.38
C PHE B 329 -3.20 61.54 -25.77
N ALA B 330 -4.02 60.75 -25.09
CA ALA B 330 -5.23 61.27 -24.47
C ALA B 330 -4.90 61.97 -23.16
N SER B 331 -5.92 62.59 -22.57
CA SER B 331 -5.77 63.29 -21.31
C SER B 331 -5.90 62.33 -20.14
N VAL B 332 -5.88 62.87 -18.92
CA VAL B 332 -5.99 62.03 -17.73
C VAL B 332 -7.45 61.72 -17.42
N TYR B 333 -8.36 62.66 -17.69
CA TYR B 333 -9.77 62.41 -17.44
C TYR B 333 -10.42 61.65 -18.58
N ALA B 334 -9.95 61.84 -19.81
CA ALA B 334 -10.46 61.13 -20.98
C ALA B 334 -9.46 60.09 -21.47
N TRP B 335 -8.96 59.26 -20.55
CA TRP B 335 -7.98 58.25 -20.90
C TRP B 335 -8.62 57.16 -21.75
N ASN B 336 -7.84 56.64 -22.70
CA ASN B 336 -8.31 55.59 -23.59
C ASN B 336 -7.87 54.23 -23.06
N ARG B 337 -8.44 53.17 -23.66
CA ARG B 337 -8.12 51.80 -23.26
C ARG B 337 -8.06 50.94 -24.52
N LYS B 338 -6.93 50.29 -24.73
CA LYS B 338 -6.72 49.41 -25.87
C LYS B 338 -6.74 47.96 -25.40
N ARG B 339 -7.48 47.11 -26.11
CA ARG B 339 -7.59 45.70 -25.76
C ARG B 339 -6.56 44.92 -26.56
N ILE B 340 -5.52 44.44 -25.88
CA ILE B 340 -4.46 43.67 -26.51
C ILE B 340 -4.69 42.20 -26.18
N SER B 341 -4.93 41.40 -27.21
CA SER B 341 -5.18 39.98 -27.05
C SER B 341 -4.85 39.28 -28.37
N ASN B 342 -5.00 37.95 -28.38
CA ASN B 342 -4.75 37.13 -29.56
C ASN B 342 -3.33 37.30 -30.07
N CYS B 343 -2.37 37.48 -29.16
CA CYS B 343 -0.98 37.70 -29.55
C CYS B 343 -0.09 37.39 -28.35
N VAL B 344 1.11 36.92 -28.64
CA VAL B 344 2.11 36.61 -27.62
C VAL B 344 3.14 37.73 -27.58
N ALA B 345 3.40 38.27 -26.39
CA ALA B 345 4.32 39.37 -26.22
C ALA B 345 5.41 38.98 -25.22
N ASP B 346 6.59 39.57 -25.41
CA ASP B 346 7.74 39.34 -24.54
C ASP B 346 7.99 40.59 -23.72
N TYR B 347 7.76 40.50 -22.40
CA TYR B 347 7.93 41.62 -21.51
C TYR B 347 9.35 41.72 -20.95
N SER B 348 10.31 41.02 -21.56
CA SER B 348 11.70 41.07 -21.10
C SER B 348 12.51 42.12 -21.85
N VAL B 349 12.17 42.38 -23.12
CA VAL B 349 12.89 43.39 -23.89
C VAL B 349 12.39 44.79 -23.60
N LEU B 350 11.25 44.94 -22.93
CA LEU B 350 10.70 46.25 -22.59
C LEU B 350 11.12 46.72 -21.21
N TYR B 351 12.01 46.01 -20.54
CA TYR B 351 12.49 46.38 -19.21
C TYR B 351 13.90 46.94 -19.22
N ASN B 352 14.79 46.37 -20.04
CA ASN B 352 16.17 46.82 -20.16
C ASN B 352 16.43 47.57 -21.45
N SER B 353 15.40 48.23 -21.99
CA SER B 353 15.53 48.98 -23.22
C SER B 353 16.25 50.31 -23.04
N ALA B 354 16.44 50.76 -21.80
CA ALA B 354 17.10 52.03 -21.50
C ALA B 354 16.42 53.20 -22.21
N SER B 355 15.08 53.23 -22.14
CA SER B 355 14.31 54.29 -22.77
C SER B 355 13.14 54.74 -21.90
N PHE B 356 13.16 54.45 -20.60
CA PHE B 356 12.09 54.84 -19.69
C PHE B 356 12.69 55.43 -18.42
N SER B 357 11.96 56.39 -17.84
CA SER B 357 12.43 57.05 -16.62
C SER B 357 12.13 56.21 -15.40
N THR B 358 10.85 55.93 -15.15
CA THR B 358 10.40 55.15 -14.01
C THR B 358 9.72 53.87 -14.47
N PHE B 359 9.81 52.83 -13.64
CA PHE B 359 9.20 51.55 -13.94
C PHE B 359 8.87 50.81 -12.65
N LYS B 360 7.73 51.11 -12.06
CA LYS B 360 7.30 50.48 -10.82
C LYS B 360 6.18 49.48 -11.10
N CYS B 361 6.27 48.31 -10.46
CA CYS B 361 5.29 47.25 -10.62
C CYS B 361 4.68 46.94 -9.26
N TYR B 362 3.35 46.84 -9.22
CA TYR B 362 2.62 46.53 -8.00
C TYR B 362 2.03 45.13 -8.09
N GLY B 363 2.21 44.35 -7.02
CA GLY B 363 1.72 42.99 -6.98
C GLY B 363 2.54 42.03 -7.82
N VAL B 364 2.40 42.11 -9.14
CA VAL B 364 3.15 41.25 -10.04
C VAL B 364 4.59 41.75 -10.13
N SER B 365 5.54 40.84 -9.92
CA SER B 365 6.94 41.21 -9.97
C SER B 365 7.38 41.49 -11.40
N PRO B 366 8.30 42.44 -11.60
CA PRO B 366 8.77 42.76 -12.95
C PRO B 366 9.64 41.66 -13.58
N THR B 367 9.99 40.63 -12.83
CA THR B 367 10.81 39.53 -13.36
C THR B 367 10.06 38.21 -13.39
N LYS B 368 8.73 38.23 -13.24
CA LYS B 368 7.92 37.02 -13.27
C LYS B 368 6.83 37.04 -14.32
N LEU B 369 6.52 38.21 -14.90
CA LEU B 369 5.50 38.30 -15.94
C LEU B 369 6.02 37.90 -17.32
N ASN B 370 7.30 37.55 -17.43
CA ASN B 370 7.85 37.16 -18.73
C ASN B 370 7.30 35.81 -19.18
N ASP B 371 7.15 34.87 -18.24
CA ASP B 371 6.65 33.54 -18.55
C ASP B 371 5.26 33.29 -17.94
N LEU B 372 4.56 34.34 -17.54
CA LEU B 372 3.23 34.23 -16.96
C LEU B 372 2.18 34.56 -18.00
N CYS B 373 1.13 33.75 -18.05
CA CYS B 373 0.04 33.97 -19.00
C CYS B 373 -0.95 34.99 -18.46
N PHE B 374 -1.50 35.80 -19.36
CA PHE B 374 -2.49 36.79 -19.01
C PHE B 374 -3.69 36.68 -19.94
N THR B 375 -4.88 36.93 -19.41
CA THR B 375 -6.10 36.86 -20.20
C THR B 375 -6.25 38.09 -21.08
N ASN B 376 -6.52 39.24 -20.48
CA ASN B 376 -6.67 40.50 -21.18
C ASN B 376 -5.62 41.48 -20.67
N VAL B 377 -4.93 42.14 -21.59
CA VAL B 377 -3.90 43.13 -21.25
C VAL B 377 -4.34 44.46 -21.84
N TYR B 378 -4.49 45.46 -20.98
CA TYR B 378 -4.91 46.80 -21.38
C TYR B 378 -3.78 47.78 -21.15
N ALA B 379 -3.94 48.98 -21.72
CA ALA B 379 -2.94 50.04 -21.62
C ALA B 379 -3.65 51.38 -21.64
N ASP B 380 -3.47 52.16 -20.57
CA ASP B 380 -4.07 53.49 -20.44
C ASP B 380 -2.96 54.52 -20.60
N SER B 381 -2.81 55.05 -21.81
CA SER B 381 -1.77 56.02 -22.12
C SER B 381 -2.30 57.43 -21.91
N PHE B 382 -1.60 58.21 -21.08
CA PHE B 382 -1.98 59.58 -20.81
C PHE B 382 -0.75 60.35 -20.33
N VAL B 383 -0.83 61.67 -20.41
CA VAL B 383 0.25 62.56 -20.01
C VAL B 383 -0.26 63.47 -18.89
N ILE B 384 0.52 63.57 -17.81
CA ILE B 384 0.16 64.41 -16.68
C ILE B 384 1.31 65.34 -16.34
N ARG B 385 1.29 65.91 -15.14
CA ARG B 385 2.33 66.84 -14.70
C ARG B 385 3.45 66.04 -14.03
N GLY B 386 4.32 66.73 -13.29
CA GLY B 386 5.41 66.06 -12.60
C GLY B 386 5.05 65.64 -11.20
N ASP B 387 4.31 66.48 -10.49
CA ASP B 387 3.89 66.16 -9.13
C ASP B 387 2.76 65.14 -9.09
N GLU B 388 2.06 64.92 -10.21
CA GLU B 388 0.98 63.95 -10.26
C GLU B 388 1.46 62.53 -10.53
N VAL B 389 2.77 62.32 -10.68
CA VAL B 389 3.28 60.98 -10.92
C VAL B 389 3.20 60.14 -9.66
N ARG B 390 3.47 60.72 -8.50
CA ARG B 390 3.42 59.97 -7.25
C ARG B 390 2.00 59.61 -6.86
N GLN B 391 0.99 60.32 -7.37
CA GLN B 391 -0.39 60.03 -7.03
C GLN B 391 -0.90 58.76 -7.69
N ILE B 392 -0.29 58.36 -8.82
CA ILE B 392 -0.70 57.14 -9.52
C ILE B 392 -0.15 55.94 -8.76
N ALA B 393 -0.92 55.46 -7.78
CA ALA B 393 -0.52 54.30 -6.98
C ALA B 393 -1.77 53.71 -6.34
N PRO B 394 -1.83 52.39 -6.18
CA PRO B 394 -3.01 51.78 -5.57
C PRO B 394 -3.13 52.11 -4.10
N GLY B 395 -3.94 53.13 -3.78
CA GLY B 395 -4.16 53.55 -2.41
C GLY B 395 -3.94 55.03 -2.13
N GLN B 396 -3.99 55.88 -3.15
CA GLN B 396 -3.78 57.32 -2.98
C GLN B 396 -5.10 58.05 -3.15
N THR B 397 -5.05 59.36 -2.87
CA THR B 397 -6.23 60.22 -2.98
C THR B 397 -5.78 61.64 -3.30
N GLY B 398 -6.73 62.46 -3.69
CA GLY B 398 -6.46 63.84 -4.03
C GLY B 398 -7.55 64.37 -4.95
N ASN B 399 -7.13 65.27 -5.85
CA ASN B 399 -8.04 65.87 -6.82
C ASN B 399 -7.87 65.33 -8.23
N ILE B 400 -6.83 64.55 -8.47
CA ILE B 400 -6.56 63.97 -9.79
C ILE B 400 -6.83 62.47 -9.80
N ALA B 401 -6.37 61.76 -8.77
CA ALA B 401 -6.56 60.31 -8.68
C ALA B 401 -7.95 59.93 -8.17
N ASP B 402 -8.81 60.90 -7.89
CA ASP B 402 -10.15 60.63 -7.39
C ASP B 402 -11.25 61.06 -8.35
N TYR B 403 -11.05 62.15 -9.08
CA TYR B 403 -12.06 62.66 -10.00
C TYR B 403 -11.74 62.42 -11.47
N ASN B 404 -10.47 62.16 -11.82
CA ASN B 404 -10.10 61.93 -13.21
C ASN B 404 -9.87 60.45 -13.45
N TYR B 405 -8.76 59.92 -12.96
CA TYR B 405 -8.40 58.50 -13.13
C TYR B 405 -8.37 57.86 -11.75
N LYS B 406 -9.41 57.11 -11.42
CA LYS B 406 -9.52 56.46 -10.12
C LYS B 406 -8.80 55.12 -10.15
N LEU B 407 -7.99 54.85 -9.12
CA LEU B 407 -7.24 53.61 -9.03
C LEU B 407 -7.83 52.72 -7.93
N PRO B 408 -7.90 51.41 -8.16
CA PRO B 408 -8.43 50.50 -7.13
C PRO B 408 -7.49 50.41 -5.93
N ASP B 409 -7.97 49.73 -4.90
CA ASP B 409 -7.16 49.55 -3.69
C ASP B 409 -5.98 48.63 -3.95
N ASP B 410 -6.21 47.53 -4.70
CA ASP B 410 -5.16 46.59 -5.05
C ASP B 410 -4.91 46.65 -6.55
N PHE B 411 -3.64 46.52 -6.93
CA PHE B 411 -3.24 46.58 -8.33
C PHE B 411 -2.21 45.50 -8.60
N THR B 412 -2.47 44.67 -9.61
CA THR B 412 -1.56 43.60 -9.99
C THR B 412 -0.93 43.89 -11.35
N GLY B 413 -0.20 44.99 -11.46
CA GLY B 413 0.43 45.36 -12.71
C GLY B 413 1.59 46.31 -12.53
N CYS B 414 2.08 46.88 -13.63
CA CYS B 414 3.19 47.82 -13.63
C CYS B 414 2.72 49.19 -14.05
N VAL B 415 3.54 50.19 -13.73
CA VAL B 415 3.26 51.59 -14.08
C VAL B 415 4.44 52.09 -14.90
N ILE B 416 4.22 52.30 -16.19
CA ILE B 416 5.25 52.78 -17.11
C ILE B 416 5.09 54.28 -17.28
N ALA B 417 6.18 55.02 -17.06
CA ALA B 417 6.16 56.47 -17.19
C ALA B 417 7.56 56.96 -17.52
N TRP B 418 7.67 57.79 -18.55
CA TRP B 418 8.94 58.36 -18.98
C TRP B 418 8.77 59.87 -19.12
N ASN B 419 9.83 60.52 -19.61
CA ASN B 419 9.85 61.96 -19.81
C ASN B 419 9.99 62.27 -21.29
N SER B 420 9.27 63.30 -21.74
CA SER B 420 9.43 63.78 -23.13
C SER B 420 10.12 65.15 -23.02
N ASN B 421 9.36 66.21 -22.73
CA ASN B 421 9.93 67.57 -22.53
C ASN B 421 10.65 67.97 -23.83
N ASN B 422 10.20 67.44 -24.97
CA ASN B 422 10.80 67.72 -26.30
C ASN B 422 9.98 66.90 -27.29
N LEU B 423 10.04 67.23 -28.57
CA LEU B 423 9.20 66.55 -29.61
C LEU B 423 7.76 66.84 -29.19
N ASP B 424 7.53 67.49 -28.04
CA ASP B 424 6.17 67.89 -27.58
C ASP B 424 6.32 69.11 -26.66
N SER B 425 5.21 69.65 -26.14
CA SER B 425 5.24 70.80 -25.19
C SER B 425 5.45 72.12 -25.94
N LYS B 426 5.48 73.25 -25.21
CA LYS B 426 5.65 74.58 -25.85
C LYS B 426 6.35 75.54 -24.88
N VAL B 427 6.88 76.66 -25.40
CA VAL B 427 7.50 77.66 -24.55
C VAL B 427 6.48 78.76 -24.26
N GLY B 428 6.36 79.14 -23.00
CA GLY B 428 5.43 80.18 -22.59
C GLY B 428 4.08 79.68 -22.15
N GLY B 429 3.90 78.38 -21.99
CA GLY B 429 2.62 77.83 -21.57
C GLY B 429 2.08 76.78 -22.51
N ASN B 430 1.34 75.82 -21.97
CA ASN B 430 0.75 74.74 -22.76
C ASN B 430 -0.75 74.97 -22.90
N TYR B 431 -1.22 75.14 -24.13
CA TYR B 431 -2.63 75.38 -24.42
C TYR B 431 -3.12 74.34 -25.44
N ASN B 432 -3.01 73.06 -25.06
CA ASN B 432 -3.41 71.98 -25.95
C ASN B 432 -4.29 70.97 -25.22
N TYR B 433 -3.84 70.50 -24.07
CA TYR B 433 -4.55 69.50 -23.29
C TYR B 433 -5.16 70.14 -22.05
N LEU B 434 -6.17 69.46 -21.50
CA LEU B 434 -6.87 69.91 -20.31
C LEU B 434 -6.97 68.76 -19.32
N TYR B 435 -7.43 69.08 -18.11
CA TYR B 435 -7.61 68.07 -17.07
C TYR B 435 -8.65 68.56 -16.07
N ARG B 436 -9.48 67.64 -15.60
CA ARG B 436 -10.51 67.98 -14.64
C ARG B 436 -9.92 68.18 -13.25
N LEU B 437 -10.39 69.22 -12.56
CA LEU B 437 -9.90 69.55 -11.23
C LEU B 437 -10.86 69.10 -10.13
N PHE B 438 -12.04 69.71 -10.06
CA PHE B 438 -13.06 69.35 -9.08
C PHE B 438 -14.22 68.65 -9.76
N ARG B 439 -14.98 67.91 -8.96
CA ARG B 439 -16.17 67.22 -9.45
C ARG B 439 -17.11 66.99 -8.27
N LYS B 440 -18.40 67.20 -8.53
CA LYS B 440 -19.39 67.09 -7.45
C LYS B 440 -19.63 65.65 -7.02
N SER B 441 -19.29 64.67 -7.85
CA SER B 441 -19.49 63.26 -7.53
C SER B 441 -18.21 62.49 -7.77
N ASN B 442 -18.07 61.37 -7.07
CA ASN B 442 -16.90 60.52 -7.21
C ASN B 442 -17.08 59.57 -8.41
N LEU B 443 -16.02 58.82 -8.70
CA LEU B 443 -16.03 57.87 -9.82
C LEU B 443 -15.46 56.54 -9.36
N LYS B 444 -16.07 55.45 -9.83
CA LYS B 444 -15.60 54.12 -9.51
C LYS B 444 -14.30 53.83 -10.29
N PRO B 445 -13.48 52.93 -9.77
CA PRO B 445 -12.24 52.57 -10.49
C PRO B 445 -12.55 51.98 -11.86
N PHE B 446 -11.63 52.22 -12.80
CA PHE B 446 -11.78 51.78 -14.18
C PHE B 446 -13.05 52.33 -14.81
N GLU B 447 -13.12 53.65 -14.88
CA GLU B 447 -14.27 54.34 -15.44
C GLU B 447 -13.81 55.65 -16.07
N ARG B 448 -14.32 55.94 -17.26
CA ARG B 448 -13.98 57.16 -17.99
C ARG B 448 -15.14 58.13 -17.94
N ASP B 449 -14.83 59.41 -17.67
CA ASP B 449 -15.82 60.47 -17.61
C ASP B 449 -15.55 61.44 -18.75
N ILE B 450 -16.47 61.49 -19.71
CA ILE B 450 -16.34 62.36 -20.87
C ILE B 450 -17.40 63.46 -20.87
N SER B 451 -18.04 63.69 -19.72
CA SER B 451 -19.08 64.70 -19.60
C SER B 451 -18.45 66.03 -19.19
N THR B 452 -18.75 67.08 -19.96
CA THR B 452 -18.21 68.42 -19.68
C THR B 452 -19.18 69.19 -18.78
N GLU B 453 -19.33 68.68 -17.56
CA GLU B 453 -20.21 69.29 -16.58
C GLU B 453 -19.51 70.42 -15.84
N ILE B 454 -20.30 71.21 -15.12
CA ILE B 454 -19.81 72.36 -14.36
C ILE B 454 -19.87 72.01 -12.88
N TYR B 455 -18.75 72.23 -12.18
CA TYR B 455 -18.71 71.95 -10.76
C TYR B 455 -19.54 72.96 -9.97
N GLN B 456 -20.40 72.45 -9.08
CA GLN B 456 -21.26 73.30 -8.27
C GLN B 456 -20.67 73.35 -6.85
N ALA B 457 -20.01 74.47 -6.54
CA ALA B 457 -19.40 74.64 -5.23
C ALA B 457 -20.44 75.02 -4.18
N GLY B 458 -21.26 76.02 -4.49
CA GLY B 458 -22.30 76.48 -3.58
C GLY B 458 -23.60 75.75 -3.75
N SER B 459 -24.70 76.42 -3.39
CA SER B 459 -26.03 75.86 -3.50
C SER B 459 -26.78 76.33 -4.73
N THR B 460 -26.21 77.26 -5.51
CA THR B 460 -26.89 77.75 -6.69
C THR B 460 -26.72 76.75 -7.85
N PRO B 461 -27.77 76.53 -8.64
CA PRO B 461 -27.66 75.60 -9.78
C PRO B 461 -26.74 76.16 -10.85
N CYS B 462 -25.77 75.35 -11.26
CA CYS B 462 -24.83 75.76 -12.30
C CYS B 462 -25.22 75.13 -13.63
N ASN B 463 -24.25 74.52 -14.32
CA ASN B 463 -24.46 73.85 -15.60
C ASN B 463 -25.08 74.80 -16.63
N GLY B 464 -24.25 75.69 -17.19
CA GLY B 464 -24.73 76.63 -18.19
C GLY B 464 -24.53 78.07 -17.78
N VAL B 465 -24.96 78.42 -16.57
CA VAL B 465 -24.85 79.78 -16.04
C VAL B 465 -23.72 79.81 -15.02
N LYS B 466 -22.82 80.78 -15.15
CA LYS B 466 -21.71 80.93 -14.22
C LYS B 466 -21.71 82.31 -13.59
N GLY B 467 -20.60 82.67 -12.94
CA GLY B 467 -20.50 83.98 -12.32
C GLY B 467 -20.14 83.90 -10.84
N PHE B 468 -20.79 82.98 -10.12
CA PHE B 468 -20.55 82.82 -8.69
C PHE B 468 -20.86 81.39 -8.30
N ASN B 469 -19.93 80.75 -7.59
CA ASN B 469 -20.04 79.36 -7.15
C ASN B 469 -20.23 78.39 -8.33
N CYS B 470 -19.78 78.78 -9.53
CA CYS B 470 -19.85 77.93 -10.72
C CYS B 470 -18.55 78.12 -11.50
N TYR B 471 -17.52 77.37 -11.10
CA TYR B 471 -16.20 77.48 -11.71
C TYR B 471 -16.02 76.41 -12.79
N PHE B 472 -15.04 76.65 -13.65
CA PHE B 472 -14.74 75.73 -14.74
C PHE B 472 -13.82 74.62 -14.24
N PRO B 473 -14.23 73.36 -14.28
CA PRO B 473 -13.37 72.30 -13.73
C PRO B 473 -12.15 71.99 -14.58
N LEU B 474 -12.29 72.02 -15.90
CA LEU B 474 -11.18 71.68 -16.80
C LEU B 474 -10.14 72.78 -16.75
N GLN B 475 -8.94 72.46 -16.26
CA GLN B 475 -7.84 73.40 -16.17
C GLN B 475 -6.79 73.10 -17.22
N SER B 476 -5.93 74.08 -17.47
CA SER B 476 -4.86 73.97 -18.45
C SER B 476 -3.56 73.58 -17.76
N TYR B 477 -2.69 72.91 -18.52
CA TYR B 477 -1.40 72.48 -17.99
C TYR B 477 -0.40 73.62 -18.01
N GLY B 478 0.87 73.29 -17.81
CA GLY B 478 1.93 74.27 -17.83
C GLY B 478 3.26 73.67 -18.25
N PHE B 479 3.24 72.89 -19.32
CA PHE B 479 4.44 72.20 -19.81
C PHE B 479 5.38 73.23 -20.43
N GLN B 480 6.38 73.66 -19.68
CA GLN B 480 7.36 74.61 -20.14
C GLN B 480 8.76 74.03 -19.94
N PRO B 481 9.62 74.05 -20.97
CA PRO B 481 10.96 73.48 -20.83
C PRO B 481 11.92 74.34 -20.02
N THR B 482 11.49 75.52 -19.55
CA THR B 482 12.34 76.41 -18.78
C THR B 482 12.10 76.30 -17.28
N TYR B 483 11.24 75.40 -16.85
CA TYR B 483 10.95 75.23 -15.43
C TYR B 483 11.86 74.15 -14.85
N GLY B 484 11.46 73.56 -13.73
CA GLY B 484 12.25 72.55 -13.06
C GLY B 484 11.90 71.14 -13.50
N VAL B 485 11.86 70.23 -12.54
CA VAL B 485 11.57 68.83 -12.83
C VAL B 485 10.09 68.52 -12.63
N GLY B 486 9.48 69.07 -11.57
CA GLY B 486 8.08 68.82 -11.29
C GLY B 486 7.09 69.49 -12.22
N TYR B 487 7.57 70.24 -13.21
CA TYR B 487 6.70 70.91 -14.17
C TYR B 487 6.90 70.40 -15.59
N GLN B 488 7.42 69.18 -15.75
CA GLN B 488 7.66 68.57 -17.05
C GLN B 488 6.57 67.55 -17.37
N PRO B 489 6.22 67.39 -18.64
CA PRO B 489 5.20 66.40 -19.00
C PRO B 489 5.75 64.98 -18.92
N TYR B 490 5.02 64.11 -18.23
CA TYR B 490 5.39 62.70 -18.09
C TYR B 490 4.26 61.86 -18.65
N ARG B 491 4.57 61.06 -19.67
CA ARG B 491 3.58 60.18 -20.30
C ARG B 491 3.49 58.90 -19.50
N VAL B 492 2.40 58.75 -18.73
CA VAL B 492 2.19 57.58 -17.88
C VAL B 492 1.29 56.61 -18.63
N VAL B 493 1.79 55.40 -18.84
CA VAL B 493 1.05 54.33 -19.51
C VAL B 493 0.78 53.25 -18.48
N VAL B 494 -0.44 53.23 -17.95
CA VAL B 494 -0.83 52.26 -16.93
C VAL B 494 -1.30 50.98 -17.60
N LEU B 495 -0.69 49.86 -17.21
CA LEU B 495 -1.05 48.56 -17.75
C LEU B 495 -1.98 47.83 -16.79
N SER B 496 -3.02 47.21 -17.33
CA SER B 496 -4.00 46.47 -16.54
C SER B 496 -3.88 44.98 -16.86
N PHE B 497 -3.57 44.19 -15.84
CA PHE B 497 -3.43 42.74 -15.98
C PHE B 497 -4.61 42.08 -15.28
N GLU B 498 -5.51 41.50 -16.06
CA GLU B 498 -6.68 40.82 -15.54
C GLU B 498 -6.58 39.32 -15.78
N LEU B 499 -7.30 38.56 -14.96
CA LEU B 499 -7.31 37.10 -15.05
C LEU B 499 -8.72 36.62 -14.75
N LEU B 500 -9.46 36.26 -15.79
CA LEU B 500 -10.83 35.79 -15.68
C LEU B 500 -10.92 34.31 -16.03
N HIS B 501 -12.14 33.84 -16.29
CA HIS B 501 -12.35 32.45 -16.66
C HIS B 501 -12.07 32.15 -18.13
N ALA B 502 -11.81 33.18 -18.93
CA ALA B 502 -11.53 32.96 -20.34
C ALA B 502 -10.14 32.36 -20.52
N PRO B 503 -9.96 31.51 -21.54
CA PRO B 503 -8.63 30.92 -21.78
C PRO B 503 -7.61 31.99 -22.12
N ALA B 504 -6.56 32.07 -21.30
CA ALA B 504 -5.52 33.07 -21.50
C ALA B 504 -4.65 32.70 -22.70
N THR B 505 -4.58 33.58 -23.68
CA THR B 505 -3.78 33.37 -24.89
C THR B 505 -2.56 34.28 -24.94
N VAL B 506 -2.37 35.16 -23.96
CA VAL B 506 -1.22 36.05 -23.92
C VAL B 506 -0.26 35.59 -22.84
N CYS B 507 0.75 34.83 -23.23
CA CYS B 507 1.74 34.32 -22.28
C CYS B 507 3.10 34.94 -22.51
N GLY B 508 4.08 34.09 -22.89
CA GLY B 508 5.46 34.54 -23.14
C GLY B 508 6.26 33.56 -24.01
N PRO B 509 7.59 33.35 -23.77
CA PRO B 509 8.46 32.51 -24.64
C PRO B 509 8.51 30.97 -24.48
N LYS B 510 9.26 30.32 -25.39
CA LYS B 510 9.43 28.83 -25.48
C LYS B 510 10.93 28.48 -25.55
N LYS B 511 11.30 27.22 -25.27
CA LYS B 511 12.75 26.84 -25.19
C LYS B 511 13.23 25.95 -26.35
N SER B 512 14.54 25.62 -26.40
CA SER B 512 15.15 24.83 -27.48
C SER B 512 16.56 24.34 -27.16
N THR B 513 16.96 23.24 -27.79
CA THR B 513 18.35 22.73 -27.83
C THR B 513 18.66 22.16 -29.21
N ASN B 514 19.93 21.90 -29.48
CA ASN B 514 20.35 21.00 -30.55
C ASN B 514 19.74 19.59 -30.35
N LEU B 515 19.51 18.88 -31.44
CA LEU B 515 18.77 17.62 -31.52
C LEU B 515 19.73 16.43 -31.63
N VAL B 516 20.46 16.14 -30.54
CA VAL B 516 21.58 15.20 -30.54
C VAL B 516 21.13 13.75 -30.77
N LYS B 517 21.40 13.21 -31.96
CA LYS B 517 21.12 11.83 -32.35
C LYS B 517 22.16 10.84 -31.82
N ASN B 518 21.83 9.56 -31.81
CA ASN B 518 22.69 8.38 -31.54
C ASN B 518 23.33 8.27 -30.13
N LYS B 519 23.44 9.35 -29.34
CA LYS B 519 23.80 9.27 -27.91
C LYS B 519 22.61 8.87 -27.06
N CYS B 520 22.84 8.26 -25.90
CA CYS B 520 21.81 8.11 -24.87
C CYS B 520 21.55 9.46 -24.19
N VAL B 521 20.29 9.91 -24.14
CA VAL B 521 19.89 11.26 -23.75
C VAL B 521 18.52 11.26 -23.06
N ASN B 522 18.29 12.24 -22.18
CA ASN B 522 16.95 12.65 -21.82
C ASN B 522 16.37 13.50 -22.96
N PHE B 523 15.07 13.45 -23.17
CA PHE B 523 14.43 14.24 -24.22
C PHE B 523 13.03 14.74 -23.83
N ASN B 524 12.67 15.87 -24.41
CA ASN B 524 11.34 16.48 -24.36
C ASN B 524 10.97 17.00 -25.75
N PHE B 525 9.76 16.71 -26.21
CA PHE B 525 9.16 17.23 -27.43
C PHE B 525 7.75 17.75 -27.12
N ASN B 526 7.54 19.07 -27.12
CA ASN B 526 6.24 19.70 -26.83
C ASN B 526 5.61 19.28 -25.48
N GLY B 527 6.39 18.82 -24.52
CA GLY B 527 5.90 18.27 -23.24
C GLY B 527 5.76 16.75 -23.18
N LEU B 528 5.92 16.03 -24.30
CA LEU B 528 6.14 14.58 -24.32
C LEU B 528 7.59 14.29 -23.94
N THR B 529 7.81 13.48 -22.90
CA THR B 529 9.15 13.26 -22.32
C THR B 529 9.54 11.79 -22.25
N GLY B 530 10.84 11.54 -22.24
CA GLY B 530 11.39 10.20 -22.04
C GLY B 530 12.92 10.20 -22.02
N THR B 531 13.50 9.01 -21.93
CA THR B 531 14.96 8.80 -21.92
C THR B 531 15.31 7.66 -22.86
N GLY B 532 16.34 7.83 -23.68
CA GLY B 532 16.74 6.81 -24.64
C GLY B 532 17.72 7.34 -25.68
N VAL B 533 17.87 6.60 -26.77
CA VAL B 533 18.71 6.97 -27.92
C VAL B 533 17.78 7.41 -29.04
N LEU B 534 17.94 8.66 -29.51
CA LEU B 534 17.18 9.20 -30.64
C LEU B 534 17.86 8.84 -31.96
N THR B 535 17.16 8.16 -32.86
CA THR B 535 17.67 7.73 -34.18
C THR B 535 16.71 8.15 -35.28
N GLU B 536 17.18 8.55 -36.45
CA GLU B 536 16.30 8.74 -37.62
C GLU B 536 15.56 7.45 -38.00
N SER B 537 14.40 7.58 -38.63
CA SER B 537 13.51 6.45 -38.92
C SER B 537 12.78 6.57 -40.25
N ASN B 538 12.36 5.42 -40.79
CA ASN B 538 11.59 5.31 -42.03
C ASN B 538 10.07 5.55 -41.85
N LYS B 539 9.56 5.65 -40.62
CA LYS B 539 8.12 5.72 -40.33
C LYS B 539 7.46 6.91 -41.03
N LYS B 540 6.33 6.66 -41.68
CA LYS B 540 5.59 7.65 -42.49
C LYS B 540 4.39 8.21 -41.72
N PHE B 541 4.64 9.07 -40.72
CA PHE B 541 3.58 9.72 -39.97
C PHE B 541 2.65 10.55 -40.88
N LEU B 542 1.36 10.57 -40.59
CA LEU B 542 0.39 11.46 -41.22
C LEU B 542 0.64 12.94 -40.83
N PRO B 543 0.17 13.92 -41.62
CA PRO B 543 0.53 15.33 -41.44
C PRO B 543 0.25 15.89 -40.04
N PHE B 544 -0.83 15.43 -39.39
CA PHE B 544 -1.21 15.87 -38.04
C PHE B 544 -0.55 15.07 -36.91
N GLN B 545 0.02 13.88 -37.17
CA GLN B 545 0.55 13.01 -36.12
C GLN B 545 1.86 13.52 -35.53
N GLN B 546 1.98 13.49 -34.20
CA GLN B 546 3.09 14.08 -33.44
C GLN B 546 4.04 13.05 -32.83
N PHE B 547 3.53 11.88 -32.44
CA PHE B 547 4.33 10.81 -31.85
C PHE B 547 3.69 9.45 -32.12
N GLY B 548 4.46 8.38 -31.97
CA GLY B 548 4.02 7.01 -32.27
C GLY B 548 4.27 6.06 -31.12
N ARG B 549 3.48 4.98 -31.04
CA ARG B 549 3.52 4.01 -29.95
C ARG B 549 3.79 2.59 -30.45
N ASP B 550 4.49 1.84 -29.62
CA ASP B 550 4.65 0.40 -29.69
C ASP B 550 3.32 -0.34 -29.41
N ILE B 551 3.28 -1.67 -29.57
CA ILE B 551 2.07 -2.49 -29.37
C ILE B 551 1.44 -2.29 -27.99
N ALA B 552 2.27 -2.19 -26.94
CA ALA B 552 1.83 -2.05 -25.55
C ALA B 552 2.24 -0.68 -24.97
N ASP B 553 1.42 0.34 -25.22
CA ASP B 553 1.48 1.74 -24.74
C ASP B 553 2.74 2.57 -25.05
N THR B 554 3.92 1.97 -25.08
CA THR B 554 5.20 2.68 -24.94
C THR B 554 5.50 3.53 -26.16
N THR B 555 5.79 4.83 -25.97
CA THR B 555 6.17 5.73 -27.06
C THR B 555 7.44 5.25 -27.73
N ASP B 556 7.42 5.03 -29.05
CA ASP B 556 8.57 4.50 -29.79
C ASP B 556 9.08 5.41 -30.92
N ALA B 557 8.37 6.49 -31.23
CA ALA B 557 8.83 7.47 -32.20
C ALA B 557 8.24 8.86 -31.93
N VAL B 558 8.93 9.92 -32.36
CA VAL B 558 8.53 11.32 -32.18
C VAL B 558 8.84 12.13 -33.42
N ARG B 559 7.98 13.11 -33.73
CA ARG B 559 8.25 14.14 -34.74
C ARG B 559 9.04 15.27 -34.10
N ASP B 560 10.17 15.68 -34.69
CA ASP B 560 10.81 16.94 -34.30
C ASP B 560 9.88 18.11 -34.67
N PRO B 561 9.42 18.94 -33.72
CA PRO B 561 8.49 20.03 -34.01
C PRO B 561 9.09 21.17 -34.85
N GLN B 562 10.41 21.28 -34.99
CA GLN B 562 11.02 22.37 -35.76
C GLN B 562 11.25 22.04 -37.23
N THR B 563 11.82 20.86 -37.53
CA THR B 563 11.74 20.23 -38.85
C THR B 563 10.39 19.51 -39.00
N LEU B 564 10.35 18.41 -39.75
CA LEU B 564 9.29 17.41 -39.70
C LEU B 564 9.82 15.99 -39.47
N GLU B 565 11.11 15.80 -39.18
CA GLU B 565 11.75 14.49 -39.10
C GLU B 565 11.10 13.58 -38.07
N ILE B 566 10.98 12.28 -38.36
CA ILE B 566 10.51 11.28 -37.40
C ILE B 566 11.69 10.50 -36.85
N LEU B 567 11.85 10.54 -35.55
CA LEU B 567 12.92 9.84 -34.85
C LEU B 567 12.33 8.64 -34.11
N ASP B 568 12.88 7.46 -34.33
CA ASP B 568 12.67 6.33 -33.43
C ASP B 568 13.41 6.56 -32.12
N ILE B 569 12.80 6.13 -31.02
CA ILE B 569 13.39 6.07 -29.68
C ILE B 569 13.73 4.62 -29.38
N THR B 570 14.98 4.37 -29.00
CA THR B 570 15.40 3.09 -28.40
C THR B 570 15.68 3.33 -26.91
N PRO B 571 15.12 2.57 -25.96
CA PRO B 571 15.42 2.74 -24.54
C PRO B 571 16.91 2.59 -24.22
N CYS B 572 17.33 3.11 -23.07
CA CYS B 572 18.73 3.02 -22.60
C CYS B 572 19.20 1.55 -22.59
N SER B 573 20.43 1.28 -23.02
CA SER B 573 20.96 -0.07 -22.90
C SER B 573 21.08 -0.46 -21.42
N PHE B 574 20.57 -1.65 -21.07
CA PHE B 574 20.62 -2.15 -19.70
C PHE B 574 20.61 -3.68 -19.67
N GLY B 575 21.05 -4.27 -18.56
CA GLY B 575 21.03 -5.71 -18.36
C GLY B 575 21.73 -6.14 -17.09
N GLY B 576 21.65 -7.41 -16.74
CA GLY B 576 22.39 -7.96 -15.60
C GLY B 576 23.89 -7.95 -15.82
N VAL B 577 24.64 -7.48 -14.83
CA VAL B 577 26.05 -7.79 -14.64
C VAL B 577 26.11 -9.19 -14.04
N SER B 578 26.82 -10.09 -14.68
CA SER B 578 27.07 -11.42 -14.14
C SER B 578 28.55 -11.72 -14.09
N VAL B 579 29.00 -12.29 -12.98
CA VAL B 579 30.40 -12.59 -12.71
C VAL B 579 30.63 -14.07 -12.91
N ILE B 580 31.57 -14.40 -13.79
CA ILE B 580 31.97 -15.75 -14.18
C ILE B 580 33.27 -16.03 -13.46
N THR B 581 33.33 -17.14 -12.72
CA THR B 581 34.45 -17.38 -11.82
C THR B 581 34.80 -18.86 -11.67
N PRO B 582 36.09 -19.22 -11.56
CA PRO B 582 36.51 -20.45 -10.90
C PRO B 582 36.17 -20.38 -9.41
N GLY B 583 36.37 -21.46 -8.66
CA GLY B 583 36.24 -21.40 -7.20
C GLY B 583 37.33 -20.53 -6.55
N THR B 584 37.01 -19.77 -5.51
CA THR B 584 38.02 -18.99 -4.76
C THR B 584 39.08 -19.88 -4.09
N ASN B 585 38.78 -21.16 -3.90
CA ASN B 585 39.74 -22.17 -3.47
C ASN B 585 40.86 -22.44 -4.50
N THR B 586 40.68 -22.09 -5.77
CA THR B 586 41.64 -22.38 -6.86
C THR B 586 42.16 -21.15 -7.59
N SER B 587 41.39 -20.06 -7.70
CA SER B 587 41.86 -18.80 -8.29
C SER B 587 41.01 -17.59 -7.89
N ASN B 588 41.56 -16.38 -8.02
CA ASN B 588 40.84 -15.11 -7.82
C ASN B 588 40.62 -14.29 -9.11
N GLN B 589 41.09 -14.76 -10.27
CA GLN B 589 40.73 -14.13 -11.55
C GLN B 589 39.23 -14.34 -11.83
N VAL B 590 38.54 -13.32 -12.35
CA VAL B 590 37.13 -13.40 -12.77
C VAL B 590 36.92 -12.72 -14.10
N ALA B 591 35.82 -13.05 -14.76
CA ALA B 591 35.35 -12.41 -15.98
C ALA B 591 33.94 -11.90 -15.76
N VAL B 592 33.51 -10.90 -16.51
CA VAL B 592 32.19 -10.29 -16.35
C VAL B 592 31.45 -10.31 -17.67
N LEU B 593 30.21 -10.80 -17.64
CA LEU B 593 29.27 -10.78 -18.74
C LEU B 593 28.29 -9.63 -18.53
N TYR B 594 28.16 -8.74 -19.51
CA TYR B 594 27.11 -7.73 -19.55
C TYR B 594 25.97 -8.24 -20.42
N GLN B 595 24.95 -8.83 -19.79
CA GLN B 595 23.88 -9.55 -20.51
C GLN B 595 23.14 -8.64 -21.50
N GLY B 596 23.13 -9.00 -22.78
CA GLY B 596 22.41 -8.25 -23.80
C GLY B 596 23.03 -6.89 -24.19
N VAL B 597 24.30 -6.67 -23.88
CA VAL B 597 24.95 -5.38 -24.28
C VAL B 597 25.89 -5.61 -25.48
N ASN B 598 26.00 -4.58 -26.32
CA ASN B 598 27.09 -4.45 -27.33
C ASN B 598 28.27 -3.78 -26.63
N CYS B 599 29.49 -4.27 -26.88
CA CYS B 599 30.64 -3.74 -26.20
C CYS B 599 30.75 -2.16 -26.38
N THR B 600 30.23 -1.60 -27.47
CA THR B 600 30.26 -0.13 -27.69
C THR B 600 29.76 0.61 -26.43
N GLU B 601 28.76 0.04 -25.75
CA GLU B 601 28.02 0.71 -24.67
C GLU B 601 28.70 0.59 -23.29
N VAL B 602 29.66 -0.32 -23.12
CA VAL B 602 30.27 -0.59 -21.80
C VAL B 602 31.11 0.61 -21.32
N ASN B 623 41.06 -8.42 -21.54
CA ASN B 623 40.52 -8.71 -22.87
C ASN B 623 39.00 -8.43 -22.95
N VAL B 624 38.48 -8.19 -24.15
CA VAL B 624 37.03 -7.98 -24.43
C VAL B 624 36.57 -8.80 -25.63
N PHE B 625 35.43 -9.48 -25.51
CA PHE B 625 34.88 -10.39 -26.51
C PHE B 625 33.37 -10.17 -26.68
N GLN B 626 32.87 -9.99 -27.89
CA GLN B 626 31.43 -9.93 -28.15
C GLN B 626 30.86 -11.35 -28.34
N THR B 627 30.02 -11.82 -27.42
CA THR B 627 29.22 -13.04 -27.60
C THR B 627 27.79 -12.69 -28.05
N ARG B 628 27.01 -13.68 -28.49
CA ARG B 628 25.55 -13.51 -28.70
C ARG B 628 24.79 -13.24 -27.40
N ALA B 629 25.33 -13.66 -26.24
CA ALA B 629 24.76 -13.38 -24.92
C ALA B 629 25.07 -11.96 -24.41
N GLY B 630 26.19 -11.34 -24.88
CA GLY B 630 26.67 -9.98 -24.47
C GLY B 630 28.19 -9.72 -24.56
N CYS B 631 28.68 -8.45 -24.43
CA CYS B 631 30.15 -8.09 -24.35
C CYS B 631 30.76 -8.71 -23.08
N LEU B 632 31.64 -9.69 -23.27
CA LEU B 632 32.22 -10.50 -22.18
C LEU B 632 33.67 -10.02 -21.92
N ILE B 633 33.98 -9.67 -20.67
CA ILE B 633 35.20 -8.94 -20.33
C ILE B 633 36.05 -9.71 -19.32
N GLY B 634 37.36 -9.73 -19.52
CA GLY B 634 38.31 -10.46 -18.67
C GLY B 634 38.51 -11.93 -19.05
N ALA B 635 37.62 -12.51 -19.87
CA ALA B 635 37.82 -13.83 -20.48
C ALA B 635 38.55 -13.74 -21.82
N GLU B 636 39.24 -14.80 -22.23
CA GLU B 636 39.89 -14.92 -23.54
C GLU B 636 39.10 -15.81 -24.49
N HIS B 637 38.78 -15.32 -25.69
CA HIS B 637 38.11 -16.12 -26.71
C HIS B 637 39.04 -17.22 -27.22
N VAL B 638 38.54 -18.47 -27.23
CA VAL B 638 39.25 -19.64 -27.82
C VAL B 638 38.33 -20.27 -28.87
N ASN B 639 38.88 -20.59 -30.05
CA ASN B 639 38.08 -21.17 -31.16
C ASN B 639 37.79 -22.65 -30.86
N ASN B 640 38.75 -23.34 -30.24
CA ASN B 640 38.63 -24.80 -29.97
C ASN B 640 37.46 -25.05 -29.01
N SER B 641 36.79 -26.21 -29.16
CA SER B 641 35.56 -26.48 -28.41
C SER B 641 35.77 -27.58 -27.36
N TYR B 642 35.06 -27.46 -26.23
CA TYR B 642 35.22 -28.28 -25.02
C TYR B 642 33.86 -28.47 -24.31
N GLU B 643 33.79 -29.27 -23.24
CA GLU B 643 32.57 -29.39 -22.42
C GLU B 643 32.06 -28.05 -21.86
N CYS B 644 30.77 -27.96 -21.54
CA CYS B 644 30.23 -26.87 -20.72
C CYS B 644 30.76 -26.97 -19.28
N ASP B 645 31.81 -26.22 -18.96
CA ASP B 645 32.33 -26.13 -17.59
C ASP B 645 31.54 -25.10 -16.77
N ILE B 646 31.51 -23.84 -17.20
CA ILE B 646 30.59 -22.79 -16.76
C ILE B 646 29.69 -22.40 -17.94
N PRO B 647 28.35 -22.42 -17.80
CA PRO B 647 27.44 -22.01 -18.86
C PRO B 647 27.44 -20.49 -19.04
N ILE B 648 27.23 -20.00 -20.26
CA ILE B 648 27.02 -18.57 -20.50
C ILE B 648 25.69 -18.34 -21.22
N GLY B 649 25.55 -18.81 -22.45
CA GLY B 649 24.34 -18.59 -23.24
C GLY B 649 24.62 -18.66 -24.73
N ALA B 650 23.62 -19.00 -25.54
CA ALA B 650 23.75 -19.08 -26.99
C ALA B 650 24.97 -19.93 -27.43
N GLY B 651 25.19 -21.06 -26.75
CA GLY B 651 26.23 -22.01 -27.03
C GLY B 651 27.62 -21.67 -26.50
N ILE B 652 27.84 -20.47 -25.99
CA ILE B 652 29.13 -20.12 -25.36
C ILE B 652 29.21 -20.72 -23.97
N CYS B 653 30.39 -21.19 -23.60
CA CYS B 653 30.75 -21.62 -22.25
C CYS B 653 32.15 -21.11 -21.89
N ALA B 654 32.46 -21.10 -20.60
CA ALA B 654 33.73 -20.63 -20.08
C ALA B 654 34.34 -21.61 -19.08
N SER B 655 35.67 -21.62 -18.97
CA SER B 655 36.43 -22.56 -18.16
C SER B 655 37.78 -21.96 -17.77
N TYR B 656 38.45 -22.59 -16.80
CA TYR B 656 39.75 -22.15 -16.31
C TYR B 656 40.92 -23.02 -16.79
N GLN B 657 40.84 -23.54 -18.02
CA GLN B 657 41.87 -24.40 -18.61
C GLN B 657 43.19 -23.64 -18.82
N THR B 658 44.31 -24.27 -18.47
CA THR B 658 45.66 -23.68 -18.51
C THR B 658 46.08 -23.27 -19.93
N SER B 671 50.27 -18.80 -16.90
CA SER B 671 49.76 -19.84 -17.81
C SER B 671 48.24 -20.06 -17.70
N GLN B 672 47.55 -19.31 -16.83
CA GLN B 672 46.12 -19.46 -16.55
C GLN B 672 45.36 -18.13 -16.66
N SER B 673 44.13 -18.24 -17.18
CA SER B 673 43.11 -17.19 -17.33
C SER B 673 41.76 -17.87 -17.54
N ILE B 674 40.64 -17.15 -17.41
CA ILE B 674 39.35 -17.68 -17.86
C ILE B 674 39.29 -17.62 -19.38
N ILE B 675 38.96 -18.73 -20.04
CA ILE B 675 38.66 -18.77 -21.47
C ILE B 675 37.16 -18.81 -21.72
N ALA B 676 36.72 -18.44 -22.92
CA ALA B 676 35.36 -18.63 -23.41
C ALA B 676 35.37 -19.18 -24.85
N TYR B 677 34.49 -20.13 -25.12
CA TYR B 677 34.50 -20.96 -26.33
C TYR B 677 33.10 -21.46 -26.65
N THR B 678 32.83 -21.87 -27.89
CA THR B 678 31.57 -22.55 -28.21
C THR B 678 31.61 -23.98 -27.71
N MET B 679 30.63 -24.43 -26.92
CA MET B 679 30.67 -25.75 -26.30
C MET B 679 30.60 -26.88 -27.33
N SER B 680 31.22 -28.00 -27.01
CA SER B 680 31.14 -29.23 -27.78
C SER B 680 30.06 -30.12 -27.16
N LEU B 681 29.09 -30.54 -27.98
CA LEU B 681 27.94 -31.30 -27.51
C LEU B 681 28.27 -32.76 -27.17
N GLY B 682 29.45 -33.23 -27.57
CA GLY B 682 29.99 -34.57 -27.34
C GLY B 682 31.01 -34.95 -28.42
N VAL B 683 31.74 -36.04 -28.23
CA VAL B 683 32.65 -36.59 -29.26
C VAL B 683 31.83 -37.00 -30.49
N GLU B 684 32.24 -36.59 -31.69
CA GLU B 684 31.53 -36.99 -32.92
C GLU B 684 31.89 -38.42 -33.36
N ASN B 685 30.92 -39.19 -33.83
CA ASN B 685 31.12 -40.60 -34.18
C ASN B 685 30.26 -41.03 -35.38
N SER B 686 30.85 -41.26 -36.55
CA SER B 686 30.15 -41.84 -37.69
C SER B 686 30.03 -43.36 -37.51
N VAL B 687 28.83 -43.85 -37.17
CA VAL B 687 28.59 -45.28 -36.94
C VAL B 687 28.85 -46.07 -38.22
N ALA B 688 29.61 -47.16 -38.15
CA ALA B 688 30.09 -47.93 -39.30
C ALA B 688 29.02 -48.83 -39.98
N TYR B 689 27.82 -48.31 -40.18
CA TYR B 689 26.69 -49.03 -40.78
C TYR B 689 26.94 -49.41 -42.24
N SER B 690 26.57 -50.65 -42.58
CA SER B 690 26.25 -51.08 -43.96
C SER B 690 24.97 -51.93 -43.93
N ASN B 691 24.62 -52.54 -45.07
CA ASN B 691 23.35 -53.28 -45.21
C ASN B 691 23.59 -54.77 -44.92
N ASN B 692 24.79 -55.12 -44.43
CA ASN B 692 25.17 -56.53 -44.19
C ASN B 692 26.20 -56.60 -43.06
N SER B 693 26.27 -55.57 -42.22
CA SER B 693 27.19 -55.56 -41.08
C SER B 693 26.43 -55.45 -39.76
N ILE B 694 26.71 -56.33 -38.80
CA ILE B 694 26.20 -56.23 -37.43
C ILE B 694 27.33 -56.34 -36.43
N ALA B 695 27.31 -55.56 -35.35
CA ALA B 695 28.28 -55.68 -34.27
C ALA B 695 27.65 -56.35 -33.05
N ILE B 696 28.25 -57.42 -32.53
CA ILE B 696 27.73 -58.17 -31.37
C ILE B 696 28.71 -58.04 -30.19
N PRO B 697 28.25 -57.73 -28.96
CA PRO B 697 29.08 -57.64 -27.77
C PRO B 697 29.73 -58.97 -27.40
N THR B 698 31.05 -59.00 -27.24
CA THR B 698 31.70 -60.27 -26.79
C THR B 698 31.90 -60.25 -25.28
N ASN B 699 31.63 -59.12 -24.63
CA ASN B 699 31.82 -59.01 -23.16
C ASN B 699 30.88 -57.94 -22.62
N PHE B 700 30.89 -57.74 -21.31
CA PHE B 700 29.92 -56.83 -20.63
C PHE B 700 30.51 -56.35 -19.30
N THR B 701 29.91 -55.29 -18.74
CA THR B 701 30.17 -54.84 -17.37
C THR B 701 28.87 -54.64 -16.62
N ILE B 702 28.76 -55.17 -15.40
CA ILE B 702 27.72 -54.74 -14.46
C ILE B 702 28.06 -53.35 -13.95
N SER B 703 27.07 -52.45 -13.84
CA SER B 703 27.31 -51.02 -13.81
C SER B 703 26.44 -50.32 -12.76
N VAL B 704 26.73 -50.55 -11.48
CA VAL B 704 25.98 -49.92 -10.38
C VAL B 704 25.96 -48.40 -10.54
N THR B 705 24.78 -47.83 -10.66
CA THR B 705 24.53 -46.43 -10.99
C THR B 705 23.66 -45.80 -9.92
N THR B 706 24.13 -44.76 -9.24
CA THR B 706 23.33 -44.08 -8.22
C THR B 706 22.27 -43.20 -8.86
N GLU B 707 21.09 -43.12 -8.26
CA GLU B 707 20.10 -42.06 -8.52
C GLU B 707 19.57 -41.53 -7.21
N ILE B 708 19.38 -40.22 -7.10
CA ILE B 708 19.02 -39.55 -5.85
C ILE B 708 17.73 -38.75 -6.07
N LEU B 709 16.71 -38.95 -5.26
CA LEU B 709 15.43 -38.25 -5.39
C LEU B 709 15.00 -37.64 -4.05
N PRO B 710 14.55 -36.38 -4.00
CA PRO B 710 13.93 -35.86 -2.81
C PRO B 710 12.55 -36.46 -2.63
N VAL B 711 12.08 -36.52 -1.38
CA VAL B 711 10.80 -37.15 -0.99
C VAL B 711 9.96 -36.26 -0.09
N SER B 712 10.56 -35.45 0.77
CA SER B 712 9.81 -34.61 1.71
C SER B 712 10.48 -33.27 1.96
N MET B 713 9.68 -32.21 2.04
CA MET B 713 10.09 -30.94 2.64
C MET B 713 10.12 -31.06 4.16
N THR B 714 10.78 -30.13 4.85
CA THR B 714 10.69 -30.03 6.32
C THR B 714 9.28 -29.55 6.73
N LYS B 715 8.52 -30.39 7.45
CA LYS B 715 7.15 -30.06 7.88
C LYS B 715 7.15 -28.78 8.71
N THR B 716 6.37 -27.78 8.31
CA THR B 716 6.35 -26.46 8.97
C THR B 716 4.94 -25.97 9.22
N SER B 717 4.74 -25.23 10.32
CA SER B 717 3.48 -24.54 10.61
C SER B 717 3.76 -23.20 11.28
N VAL B 718 2.88 -22.22 11.11
CA VAL B 718 3.10 -20.84 11.57
C VAL B 718 1.90 -20.38 12.40
N ASP B 719 2.13 -19.86 13.60
CA ASP B 719 1.13 -19.06 14.30
C ASP B 719 1.11 -17.66 13.69
N CYS B 720 0.16 -17.41 12.80
CA CYS B 720 0.02 -16.13 12.13
C CYS B 720 -0.12 -14.98 13.12
N THR B 721 -0.79 -15.16 14.25
CA THR B 721 -0.93 -14.10 15.24
C THR B 721 0.42 -13.77 15.87
N MET B 722 1.24 -14.77 16.20
CA MET B 722 2.56 -14.52 16.77
C MET B 722 3.51 -13.90 15.76
N TYR B 723 3.54 -14.40 14.52
CA TYR B 723 4.39 -13.86 13.47
C TYR B 723 4.03 -12.41 13.16
N ILE B 724 2.75 -12.10 12.95
CA ILE B 724 2.31 -10.75 12.61
C ILE B 724 2.38 -9.81 13.83
N CYS B 725 1.82 -10.22 14.97
CA CYS B 725 1.53 -9.31 16.09
C CYS B 725 2.57 -9.27 17.20
N GLY B 726 3.44 -10.29 17.36
CA GLY B 726 4.47 -10.29 18.39
C GLY B 726 3.96 -10.03 19.82
N ASP B 727 2.84 -10.67 20.20
CA ASP B 727 2.13 -10.47 21.49
C ASP B 727 1.47 -9.10 21.74
N SER B 728 1.44 -8.17 20.77
CA SER B 728 0.64 -6.95 20.90
C SER B 728 -0.86 -7.26 20.87
N THR B 729 -1.58 -6.92 21.95
CA THR B 729 -3.05 -6.97 22.00
C THR B 729 -3.65 -6.05 20.95
N GLU B 730 -3.04 -4.90 20.72
CA GLU B 730 -3.47 -3.87 19.78
C GLU B 730 -3.45 -4.41 18.35
N CYS B 731 -2.32 -4.97 17.94
CA CYS B 731 -2.18 -5.62 16.64
C CYS B 731 -3.08 -6.86 16.54
N SER B 732 -3.20 -7.64 17.61
CA SER B 732 -4.11 -8.79 17.65
C SER B 732 -5.57 -8.40 17.38
N ASN B 733 -6.06 -7.32 18.00
CA ASN B 733 -7.39 -6.80 17.75
C ASN B 733 -7.54 -6.24 16.33
N LEU B 734 -6.52 -5.53 15.82
CA LEU B 734 -6.55 -4.94 14.48
C LEU B 734 -6.54 -6.01 13.39
N LEU B 735 -5.81 -7.10 13.58
CA LEU B 735 -5.73 -8.22 12.64
C LEU B 735 -7.09 -8.89 12.39
N LEU B 736 -8.02 -8.84 13.34
CA LEU B 736 -9.38 -9.37 13.15
C LEU B 736 -10.09 -8.76 11.93
N GLN B 737 -9.77 -7.52 11.58
CA GLN B 737 -10.42 -6.83 10.45
C GLN B 737 -10.09 -7.49 9.11
N TYR B 738 -8.99 -8.22 9.00
CA TYR B 738 -8.60 -9.00 7.82
C TYR B 738 -9.28 -10.37 7.75
N GLY B 739 -10.06 -10.76 8.76
CA GLY B 739 -10.89 -11.95 8.74
C GLY B 739 -10.11 -13.26 8.65
N SER B 740 -10.40 -14.05 7.63
CA SER B 740 -9.96 -15.45 7.57
C SER B 740 -8.48 -15.67 7.24
N PHE B 741 -7.71 -14.71 6.74
CA PHE B 741 -6.33 -14.95 6.32
C PHE B 741 -5.46 -15.58 7.42
N CYS B 742 -5.62 -15.14 8.67
CA CYS B 742 -4.95 -15.70 9.84
C CYS B 742 -5.17 -17.23 10.01
N THR B 743 -6.37 -17.74 9.71
CA THR B 743 -6.66 -19.19 9.67
C THR B 743 -6.26 -19.83 8.35
N GLN B 744 -6.55 -19.20 7.22
CA GLN B 744 -6.37 -19.78 5.90
C GLN B 744 -4.92 -20.17 5.61
N LEU B 745 -3.96 -19.33 6.02
CA LEU B 745 -2.53 -19.62 5.82
C LEU B 745 -2.04 -20.74 6.74
N ASN B 746 -2.51 -20.78 7.98
CA ASN B 746 -2.22 -21.88 8.90
C ASN B 746 -2.83 -23.22 8.42
N ARG B 747 -4.01 -23.20 7.80
CA ARG B 747 -4.59 -24.37 7.12
C ARG B 747 -3.74 -24.81 5.93
N ALA B 748 -3.34 -23.89 5.06
CA ALA B 748 -2.55 -24.23 3.88
C ALA B 748 -1.21 -24.88 4.23
N LEU B 749 -0.49 -24.36 5.23
CA LEU B 749 0.73 -24.99 5.72
C LEU B 749 0.45 -26.36 6.37
N THR B 750 -0.63 -26.50 7.12
CA THR B 750 -1.02 -27.82 7.69
C THR B 750 -1.25 -28.85 6.59
N GLY B 751 -1.85 -28.47 5.47
CA GLY B 751 -2.02 -29.35 4.31
C GLY B 751 -0.69 -29.85 3.76
N ILE B 752 0.29 -28.95 3.56
CA ILE B 752 1.65 -29.32 3.13
C ILE B 752 2.30 -30.25 4.15
N ALA B 753 2.19 -29.94 5.44
CA ALA B 753 2.81 -30.73 6.49
C ALA B 753 2.29 -32.18 6.51
N VAL B 754 0.98 -32.38 6.42
CA VAL B 754 0.40 -33.74 6.36
C VAL B 754 0.87 -34.48 5.11
N GLU B 755 0.99 -33.79 3.98
CA GLU B 755 1.42 -34.43 2.74
C GLU B 755 2.85 -34.99 2.81
N GLN B 756 3.72 -34.50 3.70
CA GLN B 756 5.07 -35.04 3.81
C GLN B 756 5.09 -36.46 4.39
N ASP B 757 4.21 -36.77 5.32
CA ASP B 757 4.05 -38.13 5.82
C ASP B 757 3.40 -39.03 4.77
N LYS B 758 2.42 -38.52 4.01
CA LYS B 758 1.85 -39.23 2.87
C LYS B 758 2.91 -39.57 1.82
N ASN B 759 3.76 -38.63 1.44
CA ASN B 759 4.87 -38.88 0.52
C ASN B 759 5.83 -39.94 1.06
N THR B 760 6.26 -39.80 2.31
CA THR B 760 7.21 -40.73 2.90
C THR B 760 6.64 -42.14 2.98
N GLN B 761 5.35 -42.29 3.30
CA GLN B 761 4.71 -43.60 3.29
C GLN B 761 4.56 -44.17 1.88
N GLU B 762 4.10 -43.41 0.89
CA GLU B 762 3.94 -43.95 -0.46
C GLU B 762 5.28 -44.36 -1.11
N VAL B 763 6.39 -43.73 -0.73
CA VAL B 763 7.72 -44.13 -1.19
C VAL B 763 8.21 -45.37 -0.47
N PHE B 764 8.30 -45.38 0.87
CA PHE B 764 8.93 -46.47 1.61
C PHE B 764 7.99 -47.59 2.04
N ALA B 765 6.77 -47.29 2.47
CA ALA B 765 5.84 -48.25 3.06
C ALA B 765 5.08 -49.09 2.01
N GLN B 766 5.77 -49.49 0.94
CA GLN B 766 5.21 -50.39 -0.08
C GLN B 766 5.29 -51.87 0.34
N VAL B 767 6.28 -52.24 1.15
CA VAL B 767 6.45 -53.59 1.67
C VAL B 767 5.40 -53.91 2.73
N LYS B 768 4.78 -55.10 2.66
CA LYS B 768 3.66 -55.47 3.53
C LYS B 768 4.07 -55.96 4.93
N GLN B 769 5.27 -56.54 5.06
CA GLN B 769 5.81 -57.13 6.27
C GLN B 769 7.29 -56.77 6.41
N ILE B 770 7.84 -56.76 7.61
CA ILE B 770 9.24 -56.41 7.82
C ILE B 770 10.10 -57.66 7.62
N TYR B 771 10.42 -57.95 6.37
CA TYR B 771 11.35 -59.03 6.03
C TYR B 771 12.72 -58.80 6.64
N LYS B 772 13.43 -59.88 7.00
CA LYS B 772 14.73 -59.82 7.67
C LYS B 772 15.80 -60.59 6.91
N THR B 773 17.04 -60.11 6.95
CA THR B 773 18.18 -60.78 6.31
C THR B 773 18.52 -62.09 7.03
N PRO B 774 18.89 -63.17 6.32
CA PRO B 774 19.28 -64.44 6.93
C PRO B 774 20.62 -64.35 7.68
N PRO B 775 20.91 -65.28 8.61
CA PRO B 775 22.15 -65.27 9.39
C PRO B 775 23.39 -65.48 8.51
N ILE B 776 23.37 -66.47 7.61
CA ILE B 776 24.47 -66.75 6.67
C ILE B 776 24.27 -65.94 5.38
N LYS B 777 25.20 -65.05 5.06
CA LYS B 777 25.16 -64.16 3.88
C LYS B 777 25.57 -64.89 2.59
N ASP B 778 24.96 -66.04 2.33
CA ASP B 778 25.36 -67.02 1.32
C ASP B 778 24.86 -66.68 -0.11
N PHE B 779 25.07 -65.45 -0.54
CA PHE B 779 24.50 -64.89 -1.78
C PHE B 779 25.33 -65.16 -3.03
N GLY B 780 25.76 -66.41 -3.23
CA GLY B 780 26.43 -66.84 -4.48
C GLY B 780 27.70 -66.08 -4.86
N GLY B 781 28.38 -65.43 -3.91
CA GLY B 781 29.58 -64.62 -4.11
C GLY B 781 29.36 -63.10 -4.05
N PHE B 782 28.09 -62.68 -4.14
CA PHE B 782 27.71 -61.25 -4.14
C PHE B 782 27.71 -60.72 -2.70
N ASN B 783 28.53 -59.70 -2.45
CA ASN B 783 28.69 -59.09 -1.11
C ASN B 783 27.75 -57.89 -0.99
N PHE B 784 26.93 -57.85 0.07
CA PHE B 784 25.98 -56.74 0.26
C PHE B 784 26.25 -56.04 1.60
N SER B 785 27.40 -56.32 2.20
CA SER B 785 27.69 -55.76 3.54
C SER B 785 27.73 -54.24 3.61
N GLN B 786 28.03 -53.55 2.50
CA GLN B 786 28.01 -52.09 2.41
C GLN B 786 26.58 -51.49 2.42
N ILE B 787 25.56 -52.26 2.05
CA ILE B 787 24.18 -51.78 1.85
C ILE B 787 23.18 -52.38 2.82
N LEU B 788 23.45 -53.54 3.40
CA LEU B 788 22.65 -54.11 4.49
C LEU B 788 22.90 -53.35 5.80
N PRO B 789 21.99 -53.44 6.79
CA PRO B 789 22.18 -52.84 8.10
C PRO B 789 23.43 -53.30 8.83
N ASP B 790 24.07 -52.41 9.59
CA ASP B 790 25.02 -52.77 10.62
C ASP B 790 24.30 -52.85 11.98
N PRO B 791 24.17 -54.06 12.59
CA PRO B 791 23.41 -54.23 13.82
C PRO B 791 24.09 -53.59 15.05
N SER B 792 25.37 -53.25 14.98
CA SER B 792 26.14 -52.73 16.12
C SER B 792 25.84 -51.26 16.46
N LYS B 793 25.23 -50.55 15.50
CA LYS B 793 24.97 -49.09 15.60
C LYS B 793 23.76 -48.84 16.50
N SER B 795 21.16 -46.07 15.58
CA SER B 795 20.33 -46.06 14.35
C SER B 795 20.92 -47.06 13.35
N LYS B 796 20.24 -48.20 13.16
CA LYS B 796 20.86 -49.37 12.50
C LYS B 796 20.81 -49.24 10.98
N ARG B 797 21.45 -48.19 10.47
CA ARG B 797 21.61 -47.91 9.04
C ARG B 797 22.70 -48.78 8.40
N SER B 798 22.72 -48.86 7.08
CA SER B 798 23.83 -49.46 6.35
C SER B 798 25.06 -48.56 6.32
N PHE B 799 26.19 -49.06 5.80
CA PHE B 799 27.36 -48.22 5.61
C PHE B 799 27.10 -47.09 4.61
N ILE B 800 26.53 -47.41 3.44
CA ILE B 800 26.23 -46.38 2.43
C ILE B 800 25.15 -45.41 2.90
N GLU B 801 24.16 -45.85 3.67
CA GLU B 801 23.21 -44.92 4.29
C GLU B 801 23.90 -43.95 5.24
N ASP B 802 24.94 -44.36 5.99
CA ASP B 802 25.68 -43.42 6.84
C ASP B 802 26.40 -42.34 6.06
N LEU B 803 27.07 -42.65 4.95
CA LEU B 803 27.67 -41.60 4.13
C LEU B 803 26.61 -40.59 3.68
N LEU B 804 25.45 -41.07 3.25
CA LEU B 804 24.37 -40.20 2.81
C LEU B 804 23.84 -39.34 3.96
N PHE B 805 23.65 -39.89 5.16
CA PHE B 805 23.28 -39.10 6.33
C PHE B 805 24.37 -38.15 6.83
N ASN B 806 25.65 -38.36 6.47
CA ASN B 806 26.74 -37.43 6.82
C ASN B 806 26.93 -36.31 5.80
N LYS B 807 26.88 -36.57 4.49
CA LYS B 807 27.13 -35.53 3.46
C LYS B 807 26.04 -34.46 3.43
N VAL B 808 24.77 -34.83 3.50
CA VAL B 808 23.69 -33.83 3.59
C VAL B 808 23.80 -33.06 4.90
N THR B 809 23.75 -31.73 4.83
CA THR B 809 24.11 -30.81 5.91
C THR B 809 22.99 -29.80 6.18
N LYS B 836 14.63 -16.62 14.90
CA LYS B 836 14.50 -18.02 14.46
C LYS B 836 13.20 -18.67 14.94
N PHE B 837 12.66 -18.21 16.07
CA PHE B 837 11.51 -18.80 16.77
C PHE B 837 10.30 -17.86 16.84
N ASN B 838 10.22 -16.91 15.90
CA ASN B 838 9.23 -15.83 15.84
C ASN B 838 7.86 -16.29 15.32
N GLY B 839 7.20 -17.21 16.02
CA GLY B 839 5.89 -17.76 15.64
C GLY B 839 5.92 -18.87 14.58
N LEU B 840 7.06 -19.07 13.91
CA LEU B 840 7.35 -20.25 13.11
C LEU B 840 7.52 -21.48 14.01
N THR B 841 7.11 -22.64 13.53
CA THR B 841 7.37 -23.94 14.18
C THR B 841 7.70 -24.99 13.14
N VAL B 842 8.64 -25.88 13.47
CA VAL B 842 9.00 -27.06 12.66
C VAL B 842 8.50 -28.31 13.37
N LEU B 843 7.91 -29.23 12.62
CA LEU B 843 7.24 -30.43 13.15
C LEU B 843 8.03 -31.69 12.77
N PRO B 844 8.01 -32.76 13.57
CA PRO B 844 8.70 -33.99 13.23
C PRO B 844 7.99 -34.75 12.10
N PRO B 845 8.71 -35.51 11.27
CA PRO B 845 8.10 -36.51 10.39
C PRO B 845 7.43 -37.60 11.24
N LEU B 846 6.38 -38.25 10.73
CA LEU B 846 5.71 -39.30 11.48
C LEU B 846 6.63 -40.50 11.68
N LEU B 847 7.41 -40.85 10.66
CA LEU B 847 8.37 -41.94 10.68
C LEU B 847 9.76 -41.38 11.00
N THR B 848 10.42 -41.89 12.04
CA THR B 848 11.79 -41.49 12.38
C THR B 848 12.80 -42.03 11.36
N ASP B 849 14.01 -41.51 11.37
CA ASP B 849 15.08 -42.01 10.50
C ASP B 849 15.38 -43.51 10.71
N GLU B 850 15.23 -44.00 11.94
CA GLU B 850 15.30 -45.42 12.24
C GLU B 850 14.17 -46.21 11.58
N MET B 851 12.92 -45.74 11.63
CA MET B 851 11.81 -46.43 10.98
C MET B 851 11.99 -46.47 9.46
N ILE B 852 12.49 -45.40 8.85
CA ILE B 852 12.81 -45.43 7.42
C ILE B 852 13.90 -46.45 7.14
N ALA B 853 14.94 -46.53 7.96
CA ALA B 853 15.96 -47.56 7.80
C ALA B 853 15.41 -48.99 8.03
N GLN B 854 14.34 -49.19 8.80
CA GLN B 854 13.66 -50.48 8.85
C GLN B 854 12.93 -50.79 7.55
N TYR B 855 12.24 -49.84 6.92
CA TYR B 855 11.66 -50.09 5.59
C TYR B 855 12.72 -50.31 4.52
N THR B 856 13.80 -49.53 4.43
CA THR B 856 14.84 -49.81 3.43
C THR B 856 15.57 -51.12 3.73
N SER B 857 15.71 -51.53 4.99
CA SER B 857 16.15 -52.89 5.33
C SER B 857 15.17 -53.95 4.84
N ALA B 858 13.86 -53.79 5.07
CA ALA B 858 12.88 -54.77 4.63
C ALA B 858 12.78 -54.90 3.11
N LEU B 859 12.73 -53.77 2.40
CA LEU B 859 12.73 -53.74 0.93
C LEU B 859 13.99 -54.40 0.37
N LEU B 860 15.14 -54.11 0.92
CA LEU B 860 16.39 -54.72 0.51
C LEU B 860 16.45 -56.21 0.85
N ALA B 861 16.08 -56.64 2.05
CA ALA B 861 16.09 -58.05 2.43
C ALA B 861 15.07 -58.89 1.64
N GLY B 862 13.94 -58.32 1.29
CA GLY B 862 13.02 -58.94 0.34
C GLY B 862 13.67 -59.10 -1.04
N THR B 863 14.23 -58.03 -1.58
CA THR B 863 14.85 -58.00 -2.92
C THR B 863 16.03 -58.95 -3.04
N ILE B 864 16.80 -59.15 -1.99
CA ILE B 864 17.91 -60.10 -1.96
C ILE B 864 17.41 -61.54 -1.85
N THR B 865 16.51 -61.84 -0.92
CA THR B 865 16.14 -63.25 -0.65
C THR B 865 15.05 -63.81 -1.55
N SER B 866 14.26 -62.98 -2.24
CA SER B 866 12.97 -63.42 -2.80
C SER B 866 12.58 -62.79 -4.13
N GLY B 867 13.50 -62.14 -4.84
CA GLY B 867 13.21 -61.55 -6.14
C GLY B 867 12.17 -60.45 -6.10
N TRP B 868 11.35 -60.37 -7.14
CA TRP B 868 10.15 -59.54 -7.15
C TRP B 868 8.99 -60.12 -6.35
N THR B 869 9.04 -61.38 -5.92
CA THR B 869 7.84 -62.09 -5.43
C THR B 869 7.20 -61.41 -4.24
N PHE B 870 7.97 -60.81 -3.34
CA PHE B 870 7.44 -60.06 -2.19
C PHE B 870 6.65 -58.80 -2.58
N GLY B 871 6.80 -58.32 -3.82
CA GLY B 871 5.99 -57.23 -4.39
C GLY B 871 4.70 -57.69 -5.07
N ALA B 872 4.54 -58.99 -5.32
CA ALA B 872 3.35 -59.59 -5.91
C ALA B 872 2.47 -60.33 -4.90
N GLY B 873 3.06 -60.96 -3.88
CA GLY B 873 2.35 -61.72 -2.86
C GLY B 873 3.20 -61.92 -1.62
N ALA B 874 3.11 -63.07 -0.96
CA ALA B 874 4.07 -63.45 0.08
C ALA B 874 5.47 -63.65 -0.53
N ALA B 875 6.53 -63.31 0.19
CA ALA B 875 7.89 -63.55 -0.29
C ALA B 875 8.18 -65.05 -0.42
N LEU B 876 8.77 -65.45 -1.55
CA LEU B 876 9.19 -66.81 -1.84
C LEU B 876 10.72 -66.85 -1.84
N GLN B 877 11.37 -67.63 -0.98
CA GLN B 877 12.82 -67.69 -1.02
C GLN B 877 13.30 -68.28 -2.34
N ILE B 878 14.47 -67.86 -2.80
CA ILE B 878 15.14 -68.41 -3.99
C ILE B 878 16.65 -68.19 -3.86
N PRO B 879 17.53 -69.09 -4.32
CA PRO B 879 18.98 -68.87 -4.22
C PRO B 879 19.41 -67.67 -5.05
N PHE B 880 20.33 -66.84 -4.56
CA PHE B 880 20.57 -65.57 -5.23
C PHE B 880 21.15 -65.71 -6.64
N ALA B 881 22.02 -66.68 -6.88
CA ALA B 881 22.53 -66.94 -8.21
C ALA B 881 21.40 -67.25 -9.21
N MET B 882 20.34 -67.93 -8.78
CA MET B 882 19.18 -68.19 -9.62
C MET B 882 18.31 -66.96 -9.82
N GLN B 883 18.18 -66.09 -8.81
CA GLN B 883 17.48 -64.83 -9.01
C GLN B 883 18.17 -64.01 -10.09
N MET B 884 19.49 -63.86 -10.05
CA MET B 884 20.17 -63.14 -11.12
C MET B 884 20.00 -63.83 -12.46
N ALA B 885 19.88 -65.16 -12.52
CA ALA B 885 19.63 -65.85 -13.77
C ALA B 885 18.28 -65.49 -14.37
N TYR B 886 17.23 -65.30 -13.56
CA TYR B 886 15.96 -64.77 -14.09
C TYR B 886 16.12 -63.33 -14.57
N ARG B 887 16.84 -62.48 -13.83
CA ARG B 887 17.01 -61.08 -14.22
C ARG B 887 17.84 -60.94 -15.49
N PHE B 888 18.85 -61.78 -15.72
CA PHE B 888 19.53 -61.90 -17.02
C PHE B 888 18.57 -62.39 -18.10
N ASN B 889 17.78 -63.43 -17.84
CA ASN B 889 16.78 -63.91 -18.79
C ASN B 889 15.79 -62.78 -19.16
N GLY B 890 15.48 -61.88 -18.23
CA GLY B 890 14.65 -60.71 -18.46
C GLY B 890 15.20 -59.69 -19.45
N ILE B 891 16.49 -59.70 -19.77
CA ILE B 891 17.13 -58.78 -20.73
C ILE B 891 17.61 -59.48 -22.01
N GLY B 892 17.06 -60.65 -22.34
CA GLY B 892 17.41 -61.38 -23.56
C GLY B 892 18.81 -62.03 -23.54
N VAL B 893 19.46 -62.12 -22.39
CA VAL B 893 20.72 -62.84 -22.21
C VAL B 893 20.41 -64.18 -21.57
N THR B 894 20.78 -65.27 -22.24
CA THR B 894 20.35 -66.61 -21.87
C THR B 894 20.95 -67.03 -20.54
N GLN B 895 20.22 -67.77 -19.71
CA GLN B 895 20.58 -68.03 -18.29
C GLN B 895 22.02 -68.48 -18.10
N ASN B 896 22.51 -69.34 -18.99
CA ASN B 896 23.84 -69.93 -18.90
C ASN B 896 24.96 -68.90 -18.99
N VAL B 897 24.74 -67.74 -19.61
CA VAL B 897 25.72 -66.65 -19.63
C VAL B 897 25.99 -66.10 -18.22
N LEU B 898 25.06 -66.21 -17.26
CA LEU B 898 25.36 -65.92 -15.86
C LEU B 898 26.20 -67.04 -15.24
N TYR B 899 25.72 -68.29 -15.26
CA TYR B 899 26.39 -69.36 -14.53
C TYR B 899 27.80 -69.62 -15.05
N GLU B 900 28.02 -69.55 -16.35
CA GLU B 900 29.35 -69.68 -16.93
C GLU B 900 30.29 -68.51 -16.57
N ASN B 901 29.80 -67.46 -15.92
CA ASN B 901 30.57 -66.27 -15.54
C ASN B 901 30.29 -65.82 -14.10
N GLN B 902 29.81 -66.70 -13.21
CA GLN B 902 29.25 -66.25 -11.94
C GLN B 902 30.25 -65.51 -11.05
N LYS B 903 31.48 -66.02 -10.90
CA LYS B 903 32.48 -65.37 -10.05
C LYS B 903 32.92 -64.02 -10.62
N LEU B 904 33.11 -63.93 -11.93
CA LEU B 904 33.37 -62.66 -12.61
C LEU B 904 32.25 -61.65 -12.34
N ILE B 905 30.99 -62.05 -12.48
CA ILE B 905 29.85 -61.15 -12.26
C ILE B 905 29.77 -60.73 -10.79
N ALA B 906 30.06 -61.64 -9.85
CA ALA B 906 30.16 -61.28 -8.44
C ALA B 906 31.26 -60.25 -8.18
N ASN B 907 32.47 -60.44 -8.74
CA ASN B 907 33.56 -59.47 -8.60
C ASN B 907 33.21 -58.12 -9.22
N GLN B 908 32.59 -58.08 -10.40
CA GLN B 908 32.14 -56.82 -10.99
C GLN B 908 31.11 -56.12 -10.11
N PHE B 909 30.12 -56.84 -9.59
CA PHE B 909 29.15 -56.23 -8.68
C PHE B 909 29.81 -55.71 -7.40
N ASN B 910 30.62 -56.52 -6.72
CA ASN B 910 31.30 -56.12 -5.48
C ASN B 910 32.21 -54.91 -5.71
N SER B 911 33.01 -54.92 -6.78
CA SER B 911 33.86 -53.79 -7.15
C SER B 911 33.04 -52.53 -7.43
N ALA B 912 31.94 -52.64 -8.18
CA ALA B 912 31.08 -51.50 -8.46
C ALA B 912 30.44 -50.91 -7.20
N ILE B 913 29.99 -51.74 -6.24
CA ILE B 913 29.55 -51.27 -4.92
C ILE B 913 30.68 -50.50 -4.23
N GLY B 914 31.91 -51.01 -4.28
CA GLY B 914 33.10 -50.31 -3.77
C GLY B 914 33.25 -48.91 -4.38
N LYS B 915 33.11 -48.77 -5.69
CA LYS B 915 33.17 -47.46 -6.36
C LYS B 915 32.10 -46.49 -5.85
N ILE B 916 30.88 -46.94 -5.56
CA ILE B 916 29.86 -46.05 -4.98
C ILE B 916 30.31 -45.54 -3.61
N GLN B 917 30.81 -46.44 -2.77
CA GLN B 917 31.24 -46.12 -1.41
C GLN B 917 32.38 -45.10 -1.43
N ASP B 918 33.36 -45.27 -2.32
CA ASP B 918 34.40 -44.27 -2.58
C ASP B 918 33.83 -42.95 -3.10
N SER B 919 32.91 -42.98 -4.07
CA SER B 919 32.34 -41.78 -4.69
C SER B 919 31.60 -40.90 -3.68
N LEU B 920 30.70 -41.48 -2.90
CA LEU B 920 29.95 -40.75 -1.86
C LEU B 920 30.88 -40.28 -0.73
N SER B 921 31.93 -41.05 -0.39
CA SER B 921 32.92 -40.61 0.60
C SER B 921 33.73 -39.41 0.11
N SER B 922 34.09 -39.38 -1.18
CA SER B 922 35.00 -38.41 -1.79
C SER B 922 34.48 -36.96 -1.81
N THR B 923 33.19 -36.73 -2.14
CA THR B 923 32.65 -35.36 -2.34
C THR B 923 31.26 -35.12 -1.73
N ALA B 924 31.05 -33.93 -1.18
CA ALA B 924 29.74 -33.43 -0.75
C ALA B 924 28.89 -32.82 -1.89
N SER B 925 29.48 -32.56 -3.07
CA SER B 925 28.78 -31.93 -4.22
C SER B 925 27.87 -32.89 -5.00
N ALA B 926 27.98 -34.21 -4.81
CA ALA B 926 27.22 -35.20 -5.56
C ALA B 926 25.73 -35.28 -5.17
N LEU B 927 25.38 -35.01 -3.90
CA LEU B 927 24.01 -35.10 -3.36
C LEU B 927 23.19 -33.83 -3.61
N GLY B 928 23.45 -33.11 -4.69
CA GLY B 928 22.88 -31.78 -4.96
C GLY B 928 21.36 -31.74 -4.86
N LYS B 929 20.67 -32.77 -5.36
CA LYS B 929 19.19 -32.85 -5.32
C LYS B 929 18.59 -32.84 -3.92
N LEU B 930 19.27 -33.41 -2.92
CA LEU B 930 18.81 -33.39 -1.53
C LEU B 930 19.30 -32.12 -0.82
N GLN B 931 20.56 -31.74 -0.99
CA GLN B 931 21.09 -30.55 -0.34
C GLN B 931 20.34 -29.29 -0.78
N ASP B 932 19.93 -29.20 -2.03
CA ASP B 932 19.12 -28.10 -2.53
C ASP B 932 17.73 -28.02 -1.88
N VAL B 933 17.10 -29.14 -1.54
CA VAL B 933 15.83 -29.12 -0.77
C VAL B 933 16.03 -28.53 0.60
N VAL B 934 17.14 -28.84 1.28
CA VAL B 934 17.44 -28.23 2.58
C VAL B 934 17.76 -26.75 2.41
N ASN B 935 18.59 -26.38 1.45
CA ASN B 935 18.97 -24.98 1.20
C ASN B 935 17.77 -24.11 0.84
N GLN B 936 16.88 -24.55 -0.07
CA GLN B 936 15.71 -23.76 -0.45
C GLN B 936 14.79 -23.49 0.74
N ASN B 937 14.56 -24.48 1.61
CA ASN B 937 13.73 -24.26 2.79
C ASN B 937 14.43 -23.39 3.83
N ALA B 938 15.75 -23.48 3.98
CA ALA B 938 16.49 -22.54 4.82
C ALA B 938 16.38 -21.10 4.30
N GLN B 939 16.57 -20.85 2.99
CA GLN B 939 16.38 -19.52 2.40
C GLN B 939 14.96 -19.00 2.58
N ALA B 940 13.95 -19.85 2.38
CA ALA B 940 12.55 -19.45 2.56
C ALA B 940 12.29 -19.01 4.00
N LEU B 941 12.65 -19.83 4.99
CA LEU B 941 12.42 -19.51 6.40
C LEU B 941 13.24 -18.29 6.85
N ASN B 942 14.52 -18.18 6.49
CA ASN B 942 15.31 -17.00 6.85
C ASN B 942 14.77 -15.73 6.17
N THR B 943 14.31 -15.79 4.92
CA THR B 943 13.72 -14.60 4.28
C THR B 943 12.42 -14.22 4.96
N LEU B 944 11.57 -15.18 5.31
CA LEU B 944 10.35 -14.94 6.06
C LEU B 944 10.63 -14.28 7.42
N VAL B 945 11.69 -14.71 8.11
CA VAL B 945 12.11 -14.08 9.38
C VAL B 945 12.66 -12.68 9.17
N LYS B 946 13.59 -12.47 8.24
CA LYS B 946 14.16 -11.13 8.00
C LYS B 946 13.11 -10.10 7.64
N GLN B 947 12.06 -10.46 6.90
CA GLN B 947 10.95 -9.55 6.60
C GLN B 947 10.20 -9.03 7.83
N LEU B 948 10.35 -9.61 9.02
CA LEU B 948 9.83 -8.97 10.25
C LEU B 948 10.45 -7.60 10.51
N SER B 949 11.73 -7.44 10.15
CA SER B 949 12.51 -6.21 10.38
C SER B 949 12.31 -5.14 9.31
N SER B 950 11.66 -5.44 8.18
CA SER B 950 11.37 -4.46 7.14
C SER B 950 10.26 -3.50 7.57
N ASN B 951 10.37 -2.24 7.16
CA ASN B 951 9.46 -1.19 7.60
C ASN B 951 8.15 -1.13 6.79
N PHE B 952 8.15 -1.55 5.53
CA PHE B 952 6.99 -1.45 4.62
C PHE B 952 6.39 -0.03 4.53
N GLY B 953 7.25 0.99 4.68
CA GLY B 953 6.86 2.40 4.73
C GLY B 953 6.29 2.89 6.07
N ALA B 954 6.15 2.02 7.07
CA ALA B 954 5.80 2.42 8.43
C ALA B 954 6.96 3.10 9.17
N ILE B 955 6.67 3.81 10.25
CA ILE B 955 7.65 4.62 11.01
C ILE B 955 8.79 3.79 11.62
N SER B 956 8.52 2.57 12.04
CA SER B 956 9.50 1.58 12.51
C SER B 956 8.94 0.17 12.34
N SER B 957 9.80 -0.84 12.19
CA SER B 957 9.40 -2.26 12.23
C SER B 957 9.46 -2.87 13.62
N VAL B 958 9.97 -2.15 14.63
CA VAL B 958 9.87 -2.56 16.03
C VAL B 958 8.51 -2.11 16.57
N LEU B 959 7.58 -3.03 16.78
CA LEU B 959 6.19 -2.68 17.08
C LEU B 959 6.04 -1.87 18.36
N ASN B 960 6.89 -2.14 19.36
CA ASN B 960 6.91 -1.40 20.62
C ASN B 960 7.30 0.08 20.46
N ASP B 961 8.01 0.46 19.39
CA ASP B 961 8.21 1.88 19.07
C ASP B 961 6.85 2.55 18.84
N ILE B 962 6.05 2.03 17.91
CA ILE B 962 4.75 2.61 17.57
C ILE B 962 3.85 2.67 18.80
N LEU B 963 3.77 1.56 19.54
CA LEU B 963 2.92 1.43 20.72
C LEU B 963 3.34 2.35 21.88
N SER B 964 4.60 2.78 21.96
CA SER B 964 5.07 3.72 22.99
C SER B 964 5.07 5.19 22.51
N ARG B 965 5.32 5.43 21.22
CA ARG B 965 5.53 6.79 20.67
C ARG B 965 4.27 7.48 20.15
N LEU B 966 3.29 6.71 19.67
CA LEU B 966 2.10 7.34 19.02
C LEU B 966 0.83 7.08 19.82
N ASP B 967 -0.19 7.92 19.61
CA ASP B 967 -1.50 7.73 20.27
C ASP B 967 -2.32 6.77 19.41
N PRO B 968 -3.18 5.90 19.99
CA PRO B 968 -3.98 4.92 19.24
C PRO B 968 -4.48 5.33 17.83
N PRO B 969 -5.17 6.48 17.59
CA PRO B 969 -5.56 6.87 16.23
C PRO B 969 -4.42 6.72 15.21
N GLU B 970 -3.28 7.39 15.46
CA GLU B 970 -2.14 7.34 14.54
C GLU B 970 -1.44 5.98 14.55
N ALA B 971 -1.29 5.37 15.73
CA ALA B 971 -0.68 4.06 15.90
C ALA B 971 -1.38 3.00 15.06
N GLU B 972 -2.72 3.01 14.98
CA GLU B 972 -3.46 2.09 14.13
C GLU B 972 -3.05 2.18 12.65
N VAL B 973 -2.75 3.37 12.14
CA VAL B 973 -2.32 3.51 10.73
C VAL B 973 -0.93 2.92 10.52
N GLN B 974 -0.01 3.19 11.44
CA GLN B 974 1.35 2.62 11.36
C GLN B 974 1.36 1.10 11.56
N ILE B 975 0.59 0.57 12.51
CA ILE B 975 0.45 -0.87 12.69
C ILE B 975 -0.21 -1.47 11.46
N ASP B 976 -1.24 -0.86 10.89
CA ASP B 976 -1.88 -1.41 9.69
C ASP B 976 -0.94 -1.50 8.49
N ARG B 977 0.02 -0.57 8.36
CA ARG B 977 1.10 -0.71 7.38
C ARG B 977 1.97 -1.94 7.67
N LEU B 978 2.42 -2.15 8.91
CA LEU B 978 3.18 -3.35 9.26
C LEU B 978 2.37 -4.63 9.06
N ILE B 979 1.10 -4.66 9.45
CA ILE B 979 0.24 -5.82 9.21
C ILE B 979 0.19 -6.08 7.72
N THR B 980 -0.11 -5.08 6.89
CA THR B 980 -0.17 -5.24 5.43
C THR B 980 1.13 -5.80 4.87
N GLY B 981 2.28 -5.35 5.38
CA GLY B 981 3.59 -5.85 4.98
C GLY B 981 3.83 -7.30 5.41
N ARG B 982 3.72 -7.59 6.70
CA ARG B 982 3.95 -8.93 7.26
C ARG B 982 2.97 -9.95 6.69
N LEU B 983 1.72 -9.58 6.49
CA LEU B 983 0.72 -10.42 5.88
C LEU B 983 1.06 -10.73 4.42
N GLN B 984 1.43 -9.73 3.61
CA GLN B 984 1.86 -9.96 2.23
C GLN B 984 3.13 -10.82 2.15
N SER B 985 4.04 -10.66 3.11
CA SER B 985 5.22 -11.52 3.28
C SER B 985 4.82 -12.97 3.52
N LEU B 986 3.93 -13.22 4.48
CA LEU B 986 3.51 -14.56 4.82
C LEU B 986 2.72 -15.22 3.68
N GLN B 987 1.81 -14.50 3.01
CA GLN B 987 1.10 -15.03 1.84
C GLN B 987 2.04 -15.41 0.71
N THR B 988 3.10 -14.64 0.48
CA THR B 988 4.10 -14.96 -0.54
C THR B 988 4.88 -16.21 -0.18
N TYR B 989 5.32 -16.32 1.07
CA TYR B 989 5.99 -17.53 1.56
C TYR B 989 5.08 -18.77 1.45
N VAL B 990 3.83 -18.71 1.91
CA VAL B 990 2.91 -19.85 1.82
C VAL B 990 2.65 -20.22 0.37
N THR B 991 2.49 -19.26 -0.52
CA THR B 991 2.34 -19.54 -1.96
C THR B 991 3.58 -20.23 -2.52
N GLN B 992 4.78 -19.82 -2.15
CA GLN B 992 5.98 -20.51 -2.58
C GLN B 992 6.10 -21.90 -1.97
N GLN B 993 5.73 -22.11 -0.70
CA GLN B 993 5.70 -23.47 -0.14
C GLN B 993 4.67 -24.35 -0.82
N LEU B 994 3.49 -23.86 -1.20
CA LEU B 994 2.53 -24.68 -1.95
C LEU B 994 3.11 -25.13 -3.28
N ILE B 995 3.73 -24.22 -4.03
CA ILE B 995 4.32 -24.54 -5.33
C ILE B 995 5.50 -25.51 -5.17
N ARG B 996 6.34 -25.31 -4.15
CA ARG B 996 7.43 -26.23 -3.81
C ARG B 996 6.92 -27.58 -3.34
N ALA B 997 5.80 -27.66 -2.62
CA ALA B 997 5.20 -28.93 -2.23
C ALA B 997 4.71 -29.72 -3.44
N ALA B 998 4.13 -29.07 -4.46
CA ALA B 998 3.81 -29.74 -5.72
C ALA B 998 5.06 -30.23 -6.45
N GLU B 999 6.14 -29.46 -6.45
CA GLU B 999 7.42 -29.84 -7.04
C GLU B 999 8.04 -31.07 -6.35
N ILE B 1000 8.01 -31.15 -5.02
CA ILE B 1000 8.47 -32.35 -4.30
C ILE B 1000 7.47 -33.49 -4.45
N ARG B 1001 6.15 -33.27 -4.49
CA ARG B 1001 5.18 -34.35 -4.75
C ARG B 1001 5.43 -35.03 -6.08
N ALA B 1002 5.75 -34.30 -7.14
CA ALA B 1002 6.12 -34.89 -8.42
C ALA B 1002 7.36 -35.80 -8.31
N SER B 1003 8.34 -35.44 -7.48
CA SER B 1003 9.48 -36.30 -7.16
C SER B 1003 9.12 -37.46 -6.25
N ALA B 1004 8.23 -37.29 -5.26
CA ALA B 1004 7.79 -38.38 -4.40
C ALA B 1004 7.00 -39.42 -5.18
N ASN B 1005 6.10 -39.02 -6.08
CA ASN B 1005 5.40 -39.97 -6.96
C ASN B 1005 6.36 -40.65 -7.93
N LEU B 1006 7.37 -39.95 -8.44
CA LEU B 1006 8.41 -40.60 -9.22
C LEU B 1006 9.21 -41.60 -8.39
N ALA B 1007 9.61 -41.27 -7.17
CA ALA B 1007 10.29 -42.21 -6.30
C ALA B 1007 9.42 -43.40 -5.94
N ALA B 1008 8.14 -43.20 -5.64
CA ALA B 1008 7.21 -44.29 -5.37
C ALA B 1008 7.08 -45.20 -6.57
N THR B 1009 7.05 -44.63 -7.78
CA THR B 1009 7.01 -45.40 -9.02
C THR B 1009 8.32 -46.18 -9.23
N LYS B 1010 9.48 -45.58 -9.00
CA LYS B 1010 10.75 -46.32 -9.06
C LYS B 1010 10.86 -47.37 -7.97
N MET B 1011 10.31 -47.16 -6.79
CA MET B 1011 10.29 -48.18 -5.75
C MET B 1011 9.49 -49.40 -6.23
N SER B 1012 8.29 -49.17 -6.76
CA SER B 1012 7.45 -50.25 -7.25
C SER B 1012 8.04 -50.95 -8.47
N GLU B 1013 8.60 -50.22 -9.44
CA GLU B 1013 9.12 -50.82 -10.66
C GLU B 1013 10.56 -51.34 -10.53
N CYS B 1014 11.47 -50.57 -9.96
CA CYS B 1014 12.91 -50.89 -9.95
C CYS B 1014 13.32 -51.81 -8.81
N VAL B 1015 12.66 -51.74 -7.64
CA VAL B 1015 13.01 -52.56 -6.48
C VAL B 1015 12.13 -53.79 -6.42
N LEU B 1016 10.81 -53.60 -6.36
CA LEU B 1016 9.83 -54.68 -6.36
C LEU B 1016 9.72 -55.44 -7.69
N GLY B 1017 10.48 -55.06 -8.72
CA GLY B 1017 10.37 -55.64 -10.06
C GLY B 1017 11.67 -55.59 -10.87
N GLN B 1018 11.54 -55.61 -12.19
CA GLN B 1018 12.60 -55.35 -13.15
C GLN B 1018 11.99 -54.61 -14.34
N SER B 1019 12.09 -53.29 -14.39
CA SER B 1019 11.37 -52.54 -15.43
C SER B 1019 12.04 -52.67 -16.79
N LYS B 1020 11.25 -52.97 -17.82
CA LYS B 1020 11.64 -52.92 -19.24
C LYS B 1020 11.56 -51.51 -19.84
N ARG B 1021 11.29 -50.48 -19.04
CA ARG B 1021 11.24 -49.08 -19.48
C ARG B 1021 12.66 -48.60 -19.78
N VAL B 1022 13.01 -48.49 -21.07
CA VAL B 1022 14.39 -48.21 -21.48
C VAL B 1022 14.89 -46.89 -20.91
N ASP B 1023 16.08 -46.92 -20.32
CA ASP B 1023 16.74 -45.77 -19.67
C ASP B 1023 15.92 -45.10 -18.53
N PHE B 1024 14.91 -45.78 -17.98
CA PHE B 1024 14.23 -45.34 -16.75
C PHE B 1024 15.07 -45.60 -15.49
N CYS B 1025 15.99 -46.57 -15.54
CA CYS B 1025 16.74 -47.09 -14.39
C CYS B 1025 18.26 -47.00 -14.62
N GLY B 1026 18.73 -45.84 -15.08
CA GLY B 1026 20.10 -45.63 -15.53
C GLY B 1026 20.39 -46.27 -16.89
N LYS B 1027 21.57 -45.96 -17.46
CA LYS B 1027 22.04 -46.57 -18.71
C LYS B 1027 22.29 -48.07 -18.53
N GLY B 1028 22.24 -48.79 -19.64
CA GLY B 1028 22.30 -50.24 -19.69
C GLY B 1028 20.93 -50.88 -19.55
N TYR B 1029 20.85 -52.19 -19.79
CA TYR B 1029 19.66 -52.95 -19.49
C TYR B 1029 19.54 -53.14 -17.98
N HIS B 1030 18.36 -52.99 -17.41
CA HIS B 1030 18.18 -53.04 -15.96
C HIS B 1030 18.22 -54.47 -15.41
N LEU B 1031 18.88 -54.70 -14.28
CA LEU B 1031 18.83 -55.99 -13.58
C LEU B 1031 18.02 -55.91 -12.30
N MET B 1032 18.35 -55.02 -11.38
CA MET B 1032 17.67 -54.85 -10.07
C MET B 1032 18.07 -53.51 -9.47
N SER B 1033 17.42 -53.06 -8.41
CA SER B 1033 17.94 -51.92 -7.66
C SER B 1033 17.73 -52.07 -6.17
N PHE B 1034 18.57 -51.40 -5.40
CA PHE B 1034 18.50 -51.38 -3.95
C PHE B 1034 18.19 -49.97 -3.48
N PRO B 1035 17.13 -49.74 -2.69
CA PRO B 1035 16.93 -48.45 -2.08
C PRO B 1035 17.88 -48.32 -0.90
N GLN B 1036 18.34 -47.11 -0.63
CA GLN B 1036 19.04 -46.71 0.57
C GLN B 1036 18.39 -45.41 1.04
N SER B 1037 18.15 -45.25 2.33
CA SER B 1037 17.54 -44.04 2.86
C SER B 1037 18.54 -42.88 2.90
N ALA B 1038 18.05 -41.66 2.75
CA ALA B 1038 18.85 -40.44 2.88
C ALA B 1038 17.96 -39.31 3.42
N PRO B 1039 18.50 -38.32 4.15
CA PRO B 1039 17.67 -37.33 4.82
C PRO B 1039 16.88 -36.51 3.80
N HIS B 1040 15.55 -36.44 3.99
CA HIS B 1040 14.59 -35.82 3.06
C HIS B 1040 14.52 -36.45 1.67
N GLY B 1041 14.98 -37.67 1.47
CA GLY B 1041 14.98 -38.30 0.15
C GLY B 1041 15.15 -39.81 0.15
N VAL B 1042 15.49 -40.35 -1.01
CA VAL B 1042 15.86 -41.76 -1.21
C VAL B 1042 16.96 -41.84 -2.25
N VAL B 1043 17.84 -42.82 -2.09
CA VAL B 1043 18.88 -43.15 -3.07
C VAL B 1043 18.62 -44.53 -3.61
N PHE B 1044 18.61 -44.69 -4.92
CA PHE B 1044 18.58 -45.99 -5.55
C PHE B 1044 19.97 -46.32 -6.03
N LEU B 1045 20.46 -47.52 -5.73
CA LEU B 1045 21.61 -48.11 -6.40
C LEU B 1045 21.05 -48.98 -7.51
N HIS B 1046 20.92 -48.46 -8.73
CA HIS B 1046 20.45 -49.25 -9.87
C HIS B 1046 21.57 -50.14 -10.36
N VAL B 1047 21.33 -51.45 -10.52
CA VAL B 1047 22.32 -52.39 -11.03
C VAL B 1047 21.95 -52.71 -12.47
N THR B 1048 22.81 -52.40 -13.42
CA THR B 1048 22.49 -52.55 -14.84
C THR B 1048 23.58 -53.29 -15.60
N TYR B 1049 23.21 -53.99 -16.66
CA TYR B 1049 24.13 -54.70 -17.55
C TYR B 1049 24.46 -53.76 -18.70
N VAL B 1050 25.73 -53.49 -18.96
CA VAL B 1050 26.16 -52.68 -20.10
C VAL B 1050 27.06 -53.56 -20.99
N PRO B 1051 26.68 -53.86 -22.24
CA PRO B 1051 27.52 -54.62 -23.15
C PRO B 1051 28.73 -53.79 -23.58
N ALA B 1052 29.92 -54.39 -23.67
CA ALA B 1052 31.15 -53.62 -23.49
C ALA B 1052 32.30 -53.81 -24.50
N GLN B 1053 32.37 -54.93 -25.24
CA GLN B 1053 33.51 -55.21 -26.13
C GLN B 1053 33.05 -55.89 -27.42
N GLU B 1054 32.48 -55.15 -28.35
CA GLU B 1054 31.91 -55.69 -29.57
C GLU B 1054 32.93 -56.14 -30.62
N LYS B 1055 32.52 -57.10 -31.45
CA LYS B 1055 33.23 -57.39 -32.74
C LYS B 1055 32.23 -57.24 -33.88
N ASN B 1056 32.72 -56.84 -35.07
CA ASN B 1056 31.86 -56.66 -36.25
C ASN B 1056 31.74 -58.00 -36.99
N PHE B 1057 30.55 -58.30 -37.51
CA PHE B 1057 30.32 -59.58 -38.25
C PHE B 1057 29.46 -59.31 -39.49
N THR B 1058 29.74 -60.02 -40.58
CA THR B 1058 28.79 -60.15 -41.69
C THR B 1058 27.54 -60.88 -41.22
N THR B 1059 26.37 -60.43 -41.64
CA THR B 1059 25.06 -60.98 -41.28
C THR B 1059 24.13 -61.02 -42.48
N ALA B 1060 23.12 -61.88 -42.44
CA ALA B 1060 22.07 -61.97 -43.42
C ALA B 1060 20.73 -62.17 -42.71
N PRO B 1061 19.62 -61.57 -43.18
CA PRO B 1061 18.35 -61.56 -42.45
C PRO B 1061 17.73 -62.93 -42.27
N ALA B 1062 18.03 -63.85 -43.18
CA ALA B 1062 17.60 -65.24 -43.20
C ALA B 1062 18.61 -66.05 -44.01
N ILE B 1063 18.53 -67.39 -43.97
CA ILE B 1063 19.37 -68.24 -44.87
C ILE B 1063 18.46 -69.21 -45.63
N CYS B 1064 18.88 -69.69 -46.81
CA CYS B 1064 18.04 -70.70 -47.54
C CYS B 1064 18.82 -72.06 -47.68
N HIS B 1065 18.17 -73.22 -47.41
CA HIS B 1065 18.70 -74.59 -47.19
C HIS B 1065 18.16 -75.51 -48.29
N ASP B 1066 16.83 -75.70 -48.32
CA ASP B 1066 16.17 -76.55 -49.35
C ASP B 1066 15.26 -75.67 -50.20
N GLY B 1067 15.82 -74.60 -50.78
CA GLY B 1067 15.00 -73.62 -51.51
C GLY B 1067 13.95 -72.87 -50.68
N LYS B 1068 14.00 -73.02 -49.35
CA LYS B 1068 13.10 -72.38 -48.38
C LYS B 1068 13.89 -71.57 -47.35
N ALA B 1069 13.33 -70.47 -46.89
CA ALA B 1069 14.04 -69.54 -46.03
C ALA B 1069 13.90 -69.91 -44.57
N HIS B 1070 15.02 -70.11 -43.87
CA HIS B 1070 15.11 -70.31 -42.43
C HIS B 1070 15.44 -68.98 -41.76
N PHE B 1071 14.56 -68.49 -40.92
CA PHE B 1071 14.75 -67.32 -40.07
C PHE B 1071 15.25 -67.77 -38.68
N PRO B 1072 16.01 -66.96 -37.93
CA PRO B 1072 16.46 -67.35 -36.60
C PRO B 1072 15.29 -67.33 -35.63
N ARG B 1073 15.15 -68.35 -34.77
CA ARG B 1073 13.99 -68.42 -33.85
C ARG B 1073 14.05 -67.33 -32.79
N GLU B 1074 15.20 -67.19 -32.15
CA GLU B 1074 15.51 -66.04 -31.31
C GLU B 1074 17.03 -65.82 -31.31
N GLY B 1075 17.49 -64.72 -31.90
CA GLY B 1075 18.89 -64.50 -32.23
C GLY B 1075 19.11 -63.95 -33.63
N VAL B 1076 20.35 -63.90 -34.09
CA VAL B 1076 20.77 -63.34 -35.38
C VAL B 1076 21.78 -64.23 -36.06
N PHE B 1077 21.72 -64.38 -37.40
CA PHE B 1077 22.77 -65.07 -38.14
C PHE B 1077 24.01 -64.21 -38.28
N VAL B 1078 25.18 -64.73 -37.99
CA VAL B 1078 26.46 -64.05 -38.14
C VAL B 1078 27.52 -64.99 -38.67
N SER B 1079 28.56 -64.44 -39.29
CA SER B 1079 29.64 -65.23 -39.86
C SER B 1079 31.01 -64.66 -39.55
N ASN B 1080 31.95 -65.55 -39.22
CA ASN B 1080 33.39 -65.25 -39.17
C ASN B 1080 34.05 -65.24 -40.57
N GLY B 1081 33.26 -65.05 -41.64
CA GLY B 1081 33.69 -65.08 -43.04
C GLY B 1081 33.75 -66.48 -43.66
N THR B 1082 34.03 -67.53 -42.87
CA THR B 1082 34.16 -68.92 -43.36
C THR B 1082 32.99 -69.81 -43.00
N HIS B 1083 32.30 -69.56 -41.87
CA HIS B 1083 31.19 -70.37 -41.36
C HIS B 1083 30.01 -69.48 -40.98
N TRP B 1084 28.80 -70.04 -40.94
CA TRP B 1084 27.60 -69.35 -40.47
C TRP B 1084 27.13 -69.90 -39.14
N PHE B 1085 26.79 -69.00 -38.21
CA PHE B 1085 26.33 -69.30 -36.87
C PHE B 1085 25.10 -68.47 -36.55
N VAL B 1086 24.34 -68.84 -35.52
CA VAL B 1086 23.33 -67.97 -34.91
C VAL B 1086 23.73 -67.66 -33.48
N THR B 1087 23.50 -66.45 -32.99
CA THR B 1087 23.79 -66.10 -31.58
C THR B 1087 22.59 -65.47 -30.93
N GLN B 1088 22.48 -65.54 -29.61
CA GLN B 1088 21.67 -64.56 -28.87
C GLN B 1088 22.18 -63.15 -29.16
N ARG B 1089 21.31 -62.14 -29.16
CA ARG B 1089 21.66 -60.83 -29.72
C ARG B 1089 22.47 -59.89 -28.82
N ASN B 1090 22.50 -60.14 -27.51
CA ASN B 1090 23.15 -59.26 -26.50
C ASN B 1090 24.47 -59.81 -25.93
N PHE B 1091 24.99 -60.91 -26.44
CA PHE B 1091 26.25 -61.51 -26.01
C PHE B 1091 26.70 -62.53 -27.06
N TYR B 1092 27.91 -62.43 -27.58
CA TYR B 1092 28.37 -63.29 -28.65
C TYR B 1092 28.58 -64.72 -28.16
N GLU B 1093 27.73 -65.62 -28.61
CA GLU B 1093 27.75 -67.04 -28.25
C GLU B 1093 27.26 -67.82 -29.46
N PRO B 1094 28.14 -68.35 -30.32
CA PRO B 1094 27.76 -68.95 -31.57
C PRO B 1094 27.21 -70.36 -31.38
N GLN B 1095 26.02 -70.60 -31.90
CA GLN B 1095 25.37 -71.89 -32.00
C GLN B 1095 25.42 -72.37 -33.45
N ILE B 1096 25.68 -73.65 -33.68
CA ILE B 1096 25.59 -74.25 -35.02
C ILE B 1096 24.15 -74.14 -35.52
N ILE B 1097 23.95 -73.74 -36.79
CA ILE B 1097 22.60 -73.46 -37.26
C ILE B 1097 21.86 -74.77 -37.52
N THR B 1098 20.69 -74.92 -36.89
CA THR B 1098 19.90 -76.15 -36.93
C THR B 1098 18.41 -75.88 -37.08
N THR B 1099 17.67 -76.89 -37.49
CA THR B 1099 16.21 -76.82 -37.68
C THR B 1099 15.41 -76.55 -36.40
N ASP B 1100 16.01 -76.58 -35.20
CA ASP B 1100 15.39 -76.16 -33.95
C ASP B 1100 15.89 -74.79 -33.43
N ASN B 1101 17.03 -74.30 -33.92
CA ASN B 1101 17.45 -72.89 -33.76
C ASN B 1101 16.69 -71.93 -34.69
N THR B 1102 15.93 -72.44 -35.66
CA THR B 1102 15.42 -71.66 -36.79
C THR B 1102 14.02 -72.11 -37.18
N PHE B 1103 13.28 -71.29 -37.94
CA PHE B 1103 11.98 -71.68 -38.48
C PHE B 1103 11.83 -71.31 -39.95
N VAL B 1104 11.17 -72.17 -40.72
CA VAL B 1104 10.90 -71.97 -42.14
C VAL B 1104 9.80 -70.94 -42.35
N SER B 1105 9.88 -70.11 -43.39
CA SER B 1105 8.70 -69.42 -43.91
C SER B 1105 8.76 -69.13 -45.42
N GLY B 1106 8.33 -70.09 -46.23
CA GLY B 1106 8.22 -69.93 -47.67
C GLY B 1106 9.56 -69.95 -48.43
N ASN B 1107 9.55 -69.43 -49.65
CA ASN B 1107 10.74 -69.51 -50.55
C ASN B 1107 11.66 -68.31 -50.31
N CYS B 1108 12.72 -68.21 -51.11
CA CYS B 1108 13.78 -67.17 -50.94
C CYS B 1108 13.41 -65.93 -51.76
N ASP B 1109 12.52 -66.11 -52.74
CA ASP B 1109 12.29 -65.11 -53.82
C ASP B 1109 12.05 -63.73 -53.20
N VAL B 1110 11.28 -63.69 -52.11
CA VAL B 1110 10.80 -62.41 -51.55
C VAL B 1110 11.76 -61.82 -50.54
N VAL B 1111 12.54 -62.66 -49.85
CA VAL B 1111 13.48 -62.22 -48.81
C VAL B 1111 14.64 -61.47 -49.45
N ILE B 1112 14.72 -60.16 -49.24
CA ILE B 1112 15.87 -59.36 -49.71
C ILE B 1112 17.12 -59.74 -48.92
N GLY B 1113 18.23 -60.02 -49.58
CA GLY B 1113 19.52 -60.25 -48.94
C GLY B 1113 19.71 -61.61 -48.25
N ILE B 1114 18.84 -62.60 -48.50
CA ILE B 1114 19.04 -63.98 -48.05
C ILE B 1114 20.36 -64.57 -48.59
N VAL B 1115 21.03 -65.41 -47.80
CA VAL B 1115 22.21 -66.18 -48.33
C VAL B 1115 21.83 -67.66 -48.37
N ASN B 1116 22.74 -68.52 -48.81
CA ASN B 1116 22.43 -69.97 -48.94
C ASN B 1116 22.75 -70.68 -47.61
N ASN B 1117 23.76 -71.54 -47.62
CA ASN B 1117 24.34 -72.18 -46.41
C ASN B 1117 23.50 -73.38 -45.96
N THR B 1118 24.16 -74.49 -45.64
CA THR B 1118 23.57 -75.64 -44.92
C THR B 1118 22.79 -75.17 -43.70
N VAL B 1119 21.68 -75.83 -43.38
CA VAL B 1119 21.14 -75.88 -42.01
C VAL B 1119 21.20 -77.33 -41.52
N TYR B 1120 21.87 -77.59 -40.41
CA TYR B 1120 22.05 -78.96 -39.93
C TYR B 1120 20.75 -79.52 -39.33
N ASP B 1121 20.54 -80.83 -39.42
CA ASP B 1121 19.38 -81.50 -38.83
C ASP B 1121 19.80 -82.30 -37.60
N PRO B 1122 19.34 -81.97 -36.39
CA PRO B 1122 19.68 -82.70 -35.17
C PRO B 1122 19.22 -84.16 -35.15
N LEU B 1123 18.28 -84.56 -36.01
CA LEU B 1123 17.88 -85.97 -36.16
C LEU B 1123 18.91 -86.79 -36.94
N GLN B 1124 19.76 -86.17 -37.76
CA GLN B 1124 20.65 -86.87 -38.70
C GLN B 1124 21.48 -88.03 -38.11
N PRO B 1125 22.06 -87.93 -36.91
CA PRO B 1125 22.81 -89.03 -36.28
C PRO B 1125 21.99 -90.30 -36.04
N GLU B 1126 20.66 -90.19 -35.88
CA GLU B 1126 19.74 -91.32 -35.71
C GLU B 1126 18.87 -91.57 -36.94
N LEU B 1127 18.75 -90.61 -37.86
CA LEU B 1127 18.32 -90.89 -39.23
C LEU B 1127 19.28 -91.87 -39.92
N ASP B 1128 20.57 -91.81 -39.57
CA ASP B 1128 21.61 -92.78 -39.94
C ASP B 1128 22.05 -93.66 -38.75
N SER B 1129 21.11 -94.11 -37.91
CA SER B 1129 21.41 -94.87 -36.67
C SER B 1129 22.21 -96.15 -36.93
N ALA C 12 -37.32 13.66 -41.91
CA ALA C 12 -36.90 12.48 -42.70
C ALA C 12 -35.63 11.85 -42.10
N TYR C 13 -35.38 10.56 -42.38
CA TYR C 13 -34.24 9.81 -41.82
C TYR C 13 -33.63 8.84 -42.84
N THR C 14 -32.34 8.53 -42.67
CA THR C 14 -31.61 7.50 -43.43
C THR C 14 -30.57 6.80 -42.56
N ASN C 15 -30.11 5.62 -42.96
CA ASN C 15 -29.10 4.83 -42.26
C ASN C 15 -27.71 5.50 -42.30
N SER C 16 -27.04 5.63 -41.16
CA SER C 16 -25.65 6.12 -41.05
C SER C 16 -24.60 5.15 -41.59
N PHE C 17 -24.96 3.88 -41.77
CA PHE C 17 -24.03 2.81 -42.10
C PHE C 17 -22.80 2.83 -41.16
N THR C 18 -21.60 2.97 -41.70
CA THR C 18 -20.34 2.99 -40.95
C THR C 18 -19.63 4.34 -41.04
N ARG C 19 -20.35 5.43 -41.31
CA ARG C 19 -19.78 6.78 -41.43
C ARG C 19 -19.20 7.27 -40.10
N GLY C 20 -18.35 8.29 -40.15
CA GLY C 20 -18.13 9.16 -38.99
C GLY C 20 -17.21 8.61 -37.91
N VAL C 21 -16.09 8.00 -38.30
CA VAL C 21 -14.96 7.71 -37.41
C VAL C 21 -13.80 8.64 -37.71
N TYR C 22 -13.20 9.22 -36.69
CA TYR C 22 -12.14 10.22 -36.76
C TYR C 22 -10.95 9.78 -35.90
N TYR C 23 -9.73 10.23 -36.22
CA TYR C 23 -8.56 9.91 -35.42
C TYR C 23 -8.71 10.48 -33.99
N PRO C 24 -8.82 9.64 -32.94
CA PRO C 24 -9.13 10.13 -31.60
C PRO C 24 -7.98 10.89 -30.93
N ASP C 25 -6.74 10.59 -31.30
CA ASP C 25 -5.52 11.22 -30.80
C ASP C 25 -4.50 11.38 -31.94
N LYS C 26 -3.55 12.32 -31.81
CA LYS C 26 -2.57 12.62 -32.87
C LYS C 26 -1.42 11.61 -32.91
N VAL C 27 -1.73 10.33 -32.72
CA VAL C 27 -0.76 9.24 -32.55
C VAL C 27 -0.64 8.40 -33.82
N PHE C 28 0.59 8.10 -34.23
CA PHE C 28 0.88 7.08 -35.23
C PHE C 28 0.89 5.69 -34.59
N ARG C 29 0.18 4.72 -35.16
CA ARG C 29 0.23 3.31 -34.73
C ARG C 29 0.43 2.43 -35.97
N SER C 30 1.37 1.49 -35.91
CA SER C 30 1.77 0.67 -37.06
C SER C 30 0.96 -0.63 -37.18
N SER C 31 -0.05 -0.68 -38.05
CA SER C 31 -0.86 -1.89 -38.33
C SER C 31 -1.67 -2.49 -37.16
N VAL C 32 -1.75 -1.80 -36.03
CA VAL C 32 -2.39 -2.29 -34.79
C VAL C 32 -3.92 -2.23 -34.86
N LEU C 33 -4.57 -3.20 -34.22
CA LEU C 33 -6.01 -3.21 -33.95
C LEU C 33 -6.28 -2.58 -32.57
N HIS C 34 -6.19 -1.26 -32.49
CA HIS C 34 -6.27 -0.53 -31.21
C HIS C 34 -7.71 -0.38 -30.73
N SER C 35 -7.94 -0.51 -29.42
CA SER C 35 -9.25 -0.30 -28.80
C SER C 35 -9.31 1.04 -28.10
N THR C 36 -10.37 1.80 -28.30
CA THR C 36 -10.51 3.16 -27.76
C THR C 36 -11.95 3.45 -27.34
N GLN C 37 -12.15 4.27 -26.31
CA GLN C 37 -13.47 4.74 -25.90
C GLN C 37 -13.56 6.25 -26.03
N ASP C 38 -14.52 6.76 -26.79
CA ASP C 38 -14.68 8.18 -27.08
C ASP C 38 -16.12 8.46 -27.55
N LEU C 39 -16.47 9.73 -27.71
CA LEU C 39 -17.73 10.12 -28.33
C LEU C 39 -17.66 9.79 -29.83
N PHE C 40 -18.50 8.88 -30.31
CA PHE C 40 -18.55 8.44 -31.71
C PHE C 40 -19.99 8.37 -32.21
N LEU C 41 -20.19 8.43 -33.53
CA LEU C 41 -21.50 8.17 -34.13
C LEU C 41 -21.78 6.66 -34.12
N PRO C 42 -22.83 6.15 -33.46
CA PRO C 42 -23.08 4.71 -33.40
C PRO C 42 -23.34 4.12 -34.78
N PHE C 43 -22.77 2.96 -35.07
CA PHE C 43 -22.95 2.32 -36.36
C PHE C 43 -24.41 1.96 -36.61
N PHE C 44 -24.84 2.11 -37.87
CA PHE C 44 -26.19 1.87 -38.35
C PHE C 44 -27.30 2.62 -37.60
N SER C 45 -26.97 3.70 -36.88
CA SER C 45 -27.96 4.64 -36.33
C SER C 45 -28.66 5.42 -37.45
N ASN C 46 -29.88 5.92 -37.21
CA ASN C 46 -30.53 6.85 -38.14
C ASN C 46 -29.90 8.25 -38.03
N VAL C 47 -29.42 8.80 -39.14
CA VAL C 47 -29.19 10.25 -39.27
C VAL C 47 -30.50 10.94 -39.69
N THR C 48 -30.67 12.18 -39.27
CA THR C 48 -31.72 13.05 -39.80
C THR C 48 -31.30 13.57 -41.17
N TRP C 49 -32.22 13.62 -42.13
CA TRP C 49 -31.98 13.94 -43.53
C TRP C 49 -32.63 15.27 -43.94
N PHE C 50 -31.93 16.09 -44.72
CA PHE C 50 -32.38 17.42 -45.13
C PHE C 50 -31.94 17.79 -46.57
N HIS C 51 -32.64 18.73 -47.19
CA HIS C 51 -32.26 19.33 -48.48
C HIS C 51 -31.01 20.20 -48.36
N ASN C 66 -34.94 25.99 -42.49
CA ASN C 66 -34.49 24.83 -41.72
C ASN C 66 -34.44 25.13 -40.20
N PRO C 67 -34.60 24.12 -39.33
CA PRO C 67 -34.68 24.31 -37.89
C PRO C 67 -33.33 24.64 -37.24
N VAL C 68 -33.38 25.27 -36.07
CA VAL C 68 -32.31 25.17 -35.06
C VAL C 68 -32.33 23.76 -34.46
N LEU C 69 -31.17 23.14 -34.31
CA LEU C 69 -31.00 21.77 -33.84
C LEU C 69 -30.26 21.75 -32.50
N PRO C 70 -30.55 20.79 -31.61
CA PRO C 70 -29.69 20.53 -30.45
C PRO C 70 -28.28 20.16 -30.90
N PHE C 71 -27.27 20.40 -30.05
CA PHE C 71 -25.90 19.93 -30.24
C PHE C 71 -25.59 18.66 -29.43
N ASN C 72 -26.33 18.42 -28.33
CA ASN C 72 -26.16 17.28 -27.43
C ASN C 72 -24.69 17.11 -26.98
N ASP C 73 -24.19 15.88 -26.84
CA ASP C 73 -22.78 15.63 -26.52
C ASP C 73 -21.79 15.94 -27.65
N GLY C 74 -22.27 16.27 -28.85
CA GLY C 74 -21.47 16.51 -30.05
C GLY C 74 -22.18 16.06 -31.32
N VAL C 75 -21.74 16.57 -32.46
CA VAL C 75 -22.44 16.47 -33.75
C VAL C 75 -21.59 15.80 -34.81
N TYR C 76 -22.22 14.93 -35.60
CA TYR C 76 -21.76 14.58 -36.94
C TYR C 76 -22.60 15.37 -37.96
N PHE C 77 -21.96 16.00 -38.94
CA PHE C 77 -22.62 16.76 -40.01
C PHE C 77 -22.00 16.41 -41.36
N ALA C 78 -22.80 16.27 -42.41
CA ALA C 78 -22.28 16.09 -43.76
C ALA C 78 -23.22 16.66 -44.82
N SER C 79 -22.72 16.98 -46.01
CA SER C 79 -23.56 17.55 -47.09
C SER C 79 -23.01 17.38 -48.50
N THR C 80 -23.86 16.95 -49.43
CA THR C 80 -23.49 16.79 -50.83
C THR C 80 -23.28 18.19 -51.40
N GLU C 81 -22.04 18.52 -51.76
CA GLU C 81 -21.61 19.90 -51.91
C GLU C 81 -20.29 19.99 -52.70
N LYS C 82 -20.12 21.07 -53.45
CA LYS C 82 -18.88 21.44 -54.16
C LYS C 82 -18.82 22.93 -54.55
N SER C 83 -19.73 23.75 -54.00
CA SER C 83 -20.12 25.08 -54.51
C SER C 83 -20.28 26.16 -53.43
N ASN C 84 -20.05 25.82 -52.15
CA ASN C 84 -20.27 26.70 -51.01
C ASN C 84 -21.73 27.23 -50.91
N ILE C 85 -22.74 26.44 -51.32
CA ILE C 85 -24.15 26.78 -51.07
C ILE C 85 -24.46 26.64 -49.57
N ILE C 86 -23.95 25.61 -48.92
CA ILE C 86 -23.79 25.60 -47.47
C ILE C 86 -22.60 26.49 -47.15
N ARG C 87 -22.90 27.71 -46.69
CA ARG C 87 -21.93 28.77 -46.41
C ARG C 87 -21.24 28.59 -45.07
N GLY C 88 -21.90 27.99 -44.09
CA GLY C 88 -21.40 27.96 -42.72
C GLY C 88 -22.38 27.40 -41.70
N TRP C 89 -22.11 27.67 -40.43
CA TRP C 89 -22.85 27.19 -39.25
C TRP C 89 -22.82 28.23 -38.11
N ILE C 90 -23.81 28.19 -37.22
CA ILE C 90 -23.84 28.97 -35.97
C ILE C 90 -24.06 28.02 -34.79
N PHE C 91 -23.40 28.25 -33.65
CA PHE C 91 -23.51 27.42 -32.45
C PHE C 91 -23.50 28.25 -31.16
N GLY C 92 -24.11 27.74 -30.09
CA GLY C 92 -24.03 28.33 -28.74
C GLY C 92 -25.02 27.73 -27.75
N THR C 93 -25.25 28.41 -26.63
CA THR C 93 -26.39 28.11 -25.72
C THR C 93 -27.70 28.71 -26.25
N THR C 94 -27.69 29.98 -26.65
CA THR C 94 -28.86 30.73 -27.15
C THR C 94 -28.82 31.02 -28.66
N LEU C 95 -27.64 30.91 -29.29
CA LEU C 95 -27.38 31.45 -30.63
C LEU C 95 -27.64 32.96 -30.78
N ASP C 96 -27.47 33.75 -29.70
CA ASP C 96 -27.72 35.19 -29.66
C ASP C 96 -26.78 35.91 -28.66
N SER C 97 -26.63 37.21 -28.88
CA SER C 97 -25.89 38.25 -28.15
C SER C 97 -25.93 38.25 -26.62
N LYS C 98 -26.81 37.47 -25.97
CA LYS C 98 -26.73 37.17 -24.53
C LYS C 98 -25.48 36.34 -24.16
N THR C 99 -24.80 35.75 -25.14
CA THR C 99 -23.47 35.12 -25.01
C THR C 99 -22.58 35.44 -26.21
N GLN C 100 -21.25 35.37 -26.03
CA GLN C 100 -20.36 35.07 -27.16
C GLN C 100 -20.81 33.76 -27.82
N SER C 101 -20.86 33.73 -29.15
CA SER C 101 -21.51 32.67 -29.93
C SER C 101 -20.70 32.34 -31.18
N LEU C 102 -20.51 31.06 -31.50
CA LEU C 102 -19.69 30.65 -32.64
C LEU C 102 -20.42 30.95 -33.94
N LEU C 103 -19.74 31.65 -34.84
CA LEU C 103 -20.07 31.76 -36.26
C LEU C 103 -18.90 31.16 -37.06
N ILE C 104 -19.18 30.18 -37.91
CA ILE C 104 -18.17 29.55 -38.78
C ILE C 104 -18.68 29.63 -40.21
N VAL C 105 -17.85 30.10 -41.14
CA VAL C 105 -18.24 30.39 -42.54
C VAL C 105 -17.09 30.07 -43.47
N ASN C 106 -17.33 29.69 -44.72
CA ASN C 106 -16.31 29.80 -45.77
C ASN C 106 -16.64 31.03 -46.63
N ASN C 107 -15.75 32.03 -46.62
CA ASN C 107 -15.88 33.28 -47.39
C ASN C 107 -15.51 33.10 -48.88
N ALA C 108 -15.97 32.00 -49.49
CA ALA C 108 -15.59 31.54 -50.85
C ALA C 108 -14.07 31.51 -51.08
N THR C 109 -13.30 31.24 -50.02
CA THR C 109 -11.85 31.49 -49.94
C THR C 109 -11.19 30.43 -49.07
N ASN C 110 -11.51 30.42 -47.77
CA ASN C 110 -11.18 29.38 -46.81
C ASN C 110 -12.10 29.52 -45.58
N VAL C 111 -12.04 28.57 -44.65
CA VAL C 111 -12.79 28.61 -43.39
C VAL C 111 -12.41 29.84 -42.56
N VAL C 112 -13.42 30.54 -42.05
CA VAL C 112 -13.40 31.71 -41.17
C VAL C 112 -14.17 31.37 -39.90
N ILE C 113 -13.65 31.75 -38.74
CA ILE C 113 -14.25 31.48 -37.42
C ILE C 113 -14.28 32.78 -36.62
N LYS C 114 -15.41 33.06 -35.95
CA LYS C 114 -15.59 34.15 -34.98
C LYS C 114 -16.48 33.69 -33.83
N VAL C 115 -16.42 34.36 -32.68
CA VAL C 115 -17.16 33.96 -31.46
C VAL C 115 -17.98 35.09 -30.82
N CYS C 116 -18.26 36.16 -31.57
CA CYS C 116 -18.83 37.40 -31.05
C CYS C 116 -20.23 37.26 -30.42
N GLU C 117 -20.64 38.28 -29.66
CA GLU C 117 -22.00 38.41 -29.15
C GLU C 117 -22.99 38.89 -30.24
N PHE C 118 -23.11 38.12 -31.32
CA PHE C 118 -23.91 38.49 -32.49
C PHE C 118 -25.40 38.65 -32.17
N GLN C 119 -25.97 39.81 -32.47
CA GLN C 119 -27.41 40.07 -32.45
C GLN C 119 -28.09 39.76 -33.80
N PHE C 120 -27.52 38.83 -34.57
CA PHE C 120 -27.92 38.56 -35.96
C PHE C 120 -29.32 37.91 -36.06
N CYS C 121 -29.87 37.91 -37.28
CA CYS C 121 -31.27 37.58 -37.58
C CYS C 121 -31.73 36.19 -37.10
N ASN C 122 -32.98 36.09 -36.64
CA ASN C 122 -33.58 34.82 -36.20
C ASN C 122 -33.74 33.79 -37.31
N ASP C 123 -33.94 34.23 -38.56
CA ASP C 123 -33.70 33.45 -39.77
C ASP C 123 -32.43 33.99 -40.47
N PRO C 124 -31.38 33.16 -40.67
CA PRO C 124 -30.13 33.64 -41.25
C PRO C 124 -30.24 33.95 -42.74
N PHE C 125 -29.33 34.79 -43.25
CA PHE C 125 -29.18 35.07 -44.68
C PHE C 125 -27.73 35.39 -45.05
N LEU C 126 -27.38 35.18 -46.32
CA LEU C 126 -26.15 35.65 -46.96
C LEU C 126 -26.45 36.08 -48.41
N GLY C 127 -25.58 36.89 -49.01
CA GLY C 127 -25.75 37.35 -50.39
C GLY C 127 -25.70 36.20 -51.42
N VAL C 128 -26.71 36.13 -52.30
CA VAL C 128 -26.82 35.11 -53.35
C VAL C 128 -25.90 35.42 -54.53
N ASN C 150 -18.80 39.06 -26.57
CA ASN C 150 -17.88 39.94 -27.26
C ASN C 150 -16.86 39.15 -28.11
N CYS C 151 -16.03 39.86 -28.89
CA CYS C 151 -15.16 39.31 -29.94
C CYS C 151 -13.89 38.59 -29.40
N THR C 152 -14.02 37.67 -28.45
CA THR C 152 -12.90 37.07 -27.71
C THR C 152 -11.95 36.21 -28.55
N PHE C 153 -12.36 35.78 -29.75
CA PHE C 153 -11.55 35.02 -30.70
C PHE C 153 -11.97 35.28 -32.16
N GLU C 154 -11.01 35.19 -33.08
CA GLU C 154 -11.25 35.06 -34.52
C GLU C 154 -10.09 34.33 -35.22
N TYR C 155 -10.38 33.66 -36.33
CA TYR C 155 -9.40 32.86 -37.10
C TYR C 155 -9.80 32.76 -38.58
N VAL C 156 -8.81 32.59 -39.46
CA VAL C 156 -9.00 32.18 -40.86
C VAL C 156 -7.98 31.12 -41.24
N SER C 157 -8.40 30.06 -41.93
CA SER C 157 -7.52 28.98 -42.39
C SER C 157 -6.55 29.40 -43.50
N PHE C 171 -24.69 16.59 -56.22
CA PHE C 171 -23.28 16.89 -56.44
C PHE C 171 -22.44 15.64 -56.76
N LYS C 172 -21.28 15.84 -57.37
CA LYS C 172 -20.24 14.81 -57.54
C LYS C 172 -19.50 14.48 -56.24
N ASN C 173 -19.64 15.31 -55.19
CA ASN C 173 -18.86 15.23 -53.95
C ASN C 173 -19.70 15.41 -52.66
N LEU C 174 -19.17 14.93 -51.54
CA LEU C 174 -19.69 15.07 -50.18
C LEU C 174 -18.58 15.60 -49.27
N ARG C 175 -18.90 16.60 -48.46
CA ARG C 175 -18.04 17.07 -47.36
C ARG C 175 -18.65 16.62 -46.03
N GLU C 176 -17.84 16.08 -45.12
CA GLU C 176 -18.28 15.53 -43.85
C GLU C 176 -17.40 15.99 -42.69
N PHE C 177 -18.01 16.20 -41.52
CA PHE C 177 -17.37 16.83 -40.38
C PHE C 177 -17.89 16.28 -39.05
N VAL C 178 -17.06 16.35 -38.01
CA VAL C 178 -17.46 16.06 -36.62
C VAL C 178 -17.07 17.24 -35.75
N PHE C 179 -17.99 17.67 -34.88
CA PHE C 179 -17.81 18.78 -33.94
C PHE C 179 -18.02 18.29 -32.51
N LYS C 180 -17.05 18.48 -31.60
CA LYS C 180 -17.24 18.17 -30.17
C LYS C 180 -16.54 19.18 -29.26
N ASN C 181 -17.06 19.37 -28.05
CA ASN C 181 -16.63 20.38 -27.09
C ASN C 181 -16.36 19.73 -25.73
N ILE C 182 -15.08 19.67 -25.31
CA ILE C 182 -14.64 19.00 -24.07
C ILE C 182 -13.51 19.82 -23.43
N ASP C 183 -13.51 19.91 -22.10
CA ASP C 183 -12.45 20.57 -21.29
C ASP C 183 -12.07 21.99 -21.75
N GLY C 184 -13.06 22.74 -22.26
CA GLY C 184 -12.90 24.11 -22.78
C GLY C 184 -12.37 24.19 -24.22
N TYR C 185 -12.06 23.08 -24.85
CA TYR C 185 -11.61 23.00 -26.24
C TYR C 185 -12.73 22.54 -27.18
N PHE C 186 -12.86 23.22 -28.31
CA PHE C 186 -13.75 22.87 -29.42
C PHE C 186 -12.93 22.24 -30.55
N LYS C 187 -13.33 21.04 -30.98
CA LYS C 187 -12.64 20.21 -31.98
C LYS C 187 -13.41 20.18 -33.29
N ILE C 188 -12.74 20.32 -34.42
CA ILE C 188 -13.29 19.98 -35.75
C ILE C 188 -12.47 18.86 -36.38
N TYR C 189 -13.14 17.82 -36.86
CA TYR C 189 -12.57 16.81 -37.74
C TYR C 189 -13.33 16.80 -39.06
N SER C 190 -12.69 16.39 -40.15
CA SER C 190 -13.21 16.59 -41.51
C SER C 190 -12.81 15.50 -42.49
N LYS C 191 -13.57 15.31 -43.57
CA LYS C 191 -13.16 14.58 -44.77
C LYS C 191 -13.93 15.06 -46.00
N HIS C 192 -13.33 14.94 -47.18
CA HIS C 192 -13.99 15.19 -48.47
C HIS C 192 -13.94 13.93 -49.34
N THR C 193 -14.97 13.66 -50.12
CA THR C 193 -15.04 12.45 -50.97
C THR C 193 -15.84 12.71 -52.25
N PRO C 194 -15.57 12.01 -53.37
CA PRO C 194 -16.55 11.83 -54.43
C PRO C 194 -17.74 10.99 -53.93
N ILE C 195 -18.89 11.06 -54.61
CA ILE C 195 -20.11 10.29 -54.32
C ILE C 195 -20.85 9.86 -55.60
N ASN C 196 -21.66 8.81 -55.48
CA ASN C 196 -22.49 8.27 -56.57
C ASN C 196 -23.93 7.92 -56.14
N LEU C 197 -24.14 7.50 -54.88
CA LEU C 197 -25.47 7.25 -54.31
C LEU C 197 -26.30 8.56 -54.25
N VAL C 198 -27.61 8.46 -54.50
CA VAL C 198 -28.49 9.64 -54.66
C VAL C 198 -28.84 10.30 -53.32
N ARG C 199 -29.76 9.70 -52.53
CA ARG C 199 -30.32 10.35 -51.33
C ARG C 199 -29.54 10.07 -50.05
N GLY C 200 -29.22 8.81 -49.76
CA GLY C 200 -28.58 8.39 -48.51
C GLY C 200 -27.08 8.72 -48.43
N LEU C 201 -26.51 8.63 -47.23
CA LEU C 201 -25.06 8.65 -47.05
C LEU C 201 -24.40 7.43 -47.73
N PRO C 202 -23.20 7.57 -48.32
CA PRO C 202 -22.53 6.47 -49.01
C PRO C 202 -22.23 5.32 -48.03
N GLN C 203 -22.63 4.10 -48.40
CA GLN C 203 -22.42 2.90 -47.60
C GLN C 203 -20.97 2.41 -47.71
N GLY C 204 -20.06 3.13 -47.06
CA GLY C 204 -18.63 2.84 -47.03
C GLY C 204 -17.90 3.62 -45.94
N PHE C 205 -16.72 3.13 -45.54
CA PHE C 205 -15.92 3.67 -44.44
C PHE C 205 -14.78 4.54 -44.94
N SER C 206 -14.60 5.72 -44.33
CA SER C 206 -13.38 6.54 -44.47
C SER C 206 -13.14 7.38 -43.22
N ALA C 207 -11.88 7.59 -42.88
CA ALA C 207 -11.49 8.26 -41.64
C ALA C 207 -11.54 9.80 -41.73
N LEU C 208 -11.93 10.47 -40.64
CA LEU C 208 -12.00 11.93 -40.54
C LEU C 208 -10.79 12.50 -39.81
N GLU C 209 -10.16 13.52 -40.39
CA GLU C 209 -8.88 14.10 -39.99
C GLU C 209 -9.06 15.47 -39.34
N PRO C 210 -8.34 15.79 -38.26
CA PRO C 210 -8.52 17.03 -37.50
C PRO C 210 -8.18 18.30 -38.30
N LEU C 211 -8.85 19.41 -37.96
CA LEU C 211 -8.60 20.75 -38.53
C LEU C 211 -8.19 21.79 -37.47
N VAL C 212 -8.95 21.90 -36.37
CA VAL C 212 -8.72 22.91 -35.31
C VAL C 212 -9.05 22.35 -33.92
N ASP C 213 -8.45 22.97 -32.90
CA ASP C 213 -8.45 22.52 -31.51
C ASP C 213 -8.41 23.74 -30.58
N LEU C 214 -9.54 24.45 -30.46
CA LEU C 214 -9.57 25.85 -30.02
C LEU C 214 -10.08 25.99 -28.58
N PRO C 215 -9.37 26.67 -27.66
CA PRO C 215 -9.72 26.78 -26.24
C PRO C 215 -10.85 27.80 -25.96
N ILE C 216 -11.93 27.76 -26.73
CA ILE C 216 -12.97 28.81 -26.77
C ILE C 216 -13.75 28.95 -25.45
N GLY C 217 -13.99 27.87 -24.72
CA GLY C 217 -14.66 27.89 -23.41
C GLY C 217 -16.17 28.19 -23.41
N ILE C 218 -16.77 28.47 -24.56
CA ILE C 218 -18.22 28.67 -24.72
C ILE C 218 -18.94 27.32 -24.53
N ASN C 219 -20.02 27.29 -23.73
CA ASN C 219 -20.95 26.16 -23.71
C ASN C 219 -21.78 26.14 -25.00
N ILE C 220 -21.98 24.95 -25.58
CA ILE C 220 -22.82 24.78 -26.77
C ILE C 220 -23.90 23.75 -26.46
N THR C 221 -25.15 24.09 -26.77
CA THR C 221 -26.31 23.20 -26.62
C THR C 221 -27.21 23.21 -27.85
N ARG C 222 -27.10 24.23 -28.72
CA ARG C 222 -27.86 24.39 -29.97
C ARG C 222 -26.97 24.87 -31.11
N PHE C 223 -27.36 24.56 -32.34
CA PHE C 223 -26.68 24.97 -33.55
C PHE C 223 -27.61 25.01 -34.78
N GLN C 224 -27.19 25.67 -35.86
CA GLN C 224 -27.91 25.67 -37.14
C GLN C 224 -26.95 25.79 -38.32
N THR C 225 -27.41 25.39 -39.51
CA THR C 225 -26.62 25.40 -40.75
C THR C 225 -27.06 26.52 -41.68
N LEU C 226 -26.10 27.29 -42.19
CA LEU C 226 -26.31 28.44 -43.06
C LEU C 226 -26.26 28.02 -44.54
N ALA C 245 -27.48 18.95 -53.11
CA ALA C 245 -27.65 19.96 -52.07
C ALA C 245 -28.16 19.38 -50.72
N ALA C 246 -28.22 18.05 -50.59
CA ALA C 246 -28.64 17.37 -49.37
C ALA C 246 -27.63 17.58 -48.22
N TYR C 247 -28.12 17.50 -46.98
CA TYR C 247 -27.28 17.41 -45.79
C TYR C 247 -27.88 16.48 -44.72
N TYR C 248 -27.03 16.04 -43.79
CA TYR C 248 -27.31 14.96 -42.84
C TYR C 248 -26.78 15.33 -41.47
N VAL C 249 -27.49 14.97 -40.40
CA VAL C 249 -27.06 15.23 -39.01
C VAL C 249 -27.26 13.99 -38.14
N GLY C 250 -26.30 13.67 -37.29
CA GLY C 250 -26.42 12.61 -36.28
C GLY C 250 -25.67 12.98 -34.99
N TYR C 251 -26.04 12.37 -33.87
CA TYR C 251 -25.48 12.71 -32.55
C TYR C 251 -24.52 11.66 -32.03
N LEU C 252 -23.37 12.10 -31.54
CA LEU C 252 -22.38 11.22 -30.94
C LEU C 252 -22.89 10.62 -29.63
N GLN C 253 -22.38 9.46 -29.25
CA GLN C 253 -22.57 8.83 -27.95
C GLN C 253 -21.20 8.39 -27.41
N PRO C 254 -21.00 8.30 -26.09
CA PRO C 254 -19.85 7.59 -25.54
C PRO C 254 -19.92 6.11 -25.92
N ARG C 255 -18.93 5.64 -26.69
CA ARG C 255 -18.87 4.28 -27.22
C ARG C 255 -17.45 3.76 -27.17
N THR C 256 -17.30 2.45 -27.11
CA THR C 256 -16.00 1.79 -27.32
C THR C 256 -15.95 1.31 -28.76
N PHE C 257 -14.84 1.55 -29.43
CA PHE C 257 -14.58 1.13 -30.80
C PHE C 257 -13.24 0.39 -30.88
N LEU C 258 -13.16 -0.59 -31.77
CA LEU C 258 -11.90 -1.21 -32.19
C LEU C 258 -11.54 -0.64 -33.57
N LEU C 259 -10.32 -0.13 -33.74
CA LEU C 259 -9.88 0.59 -34.93
C LEU C 259 -8.68 -0.10 -35.59
N LYS C 260 -8.80 -0.47 -36.87
CA LYS C 260 -7.72 -1.08 -37.64
C LYS C 260 -6.83 -0.01 -38.28
N TYR C 261 -5.69 0.29 -37.67
CA TYR C 261 -4.64 1.04 -38.34
C TYR C 261 -3.96 0.17 -39.41
N ASN C 262 -3.38 0.75 -40.45
CA ASN C 262 -2.53 0.04 -41.43
C ASN C 262 -1.05 0.42 -41.28
N GLU C 263 -0.23 -0.09 -42.20
CA GLU C 263 1.24 0.11 -42.16
C GLU C 263 1.56 1.62 -42.06
N ASN C 264 0.85 2.45 -42.82
CA ASN C 264 1.18 3.89 -42.91
C ASN C 264 0.32 4.69 -41.91
N GLY C 265 -0.29 4.00 -40.95
CA GLY C 265 -0.84 4.65 -39.74
C GLY C 265 -2.18 5.32 -40.00
N THR C 266 -2.80 5.05 -41.17
CA THR C 266 -4.21 5.45 -41.33
C THR C 266 -5.17 4.44 -40.70
N ILE C 267 -6.28 4.92 -40.14
CA ILE C 267 -7.42 4.05 -39.78
C ILE C 267 -8.07 3.61 -41.09
N THR C 268 -8.33 2.31 -41.23
CA THR C 268 -8.89 1.72 -42.46
C THR C 268 -10.23 1.02 -42.25
N ASP C 269 -10.52 0.58 -41.02
CA ASP C 269 -11.74 -0.13 -40.67
C ASP C 269 -12.02 0.00 -39.17
N ALA C 270 -13.26 -0.21 -38.75
CA ALA C 270 -13.69 -0.01 -37.37
C ALA C 270 -14.81 -0.98 -36.95
N VAL C 271 -14.91 -1.28 -35.66
CA VAL C 271 -16.00 -2.05 -35.05
C VAL C 271 -16.56 -1.32 -33.83
N ASP C 272 -17.88 -1.17 -33.75
CA ASP C 272 -18.60 -0.56 -32.62
C ASP C 272 -18.95 -1.65 -31.61
N CYS C 273 -18.33 -1.67 -30.43
CA CYS C 273 -18.46 -2.80 -29.49
C CYS C 273 -19.90 -3.15 -29.13
N ALA C 274 -20.73 -2.14 -28.86
CA ALA C 274 -22.09 -2.33 -28.36
C ALA C 274 -23.10 -2.72 -29.43
N LEU C 275 -22.73 -2.75 -30.72
CA LEU C 275 -23.67 -2.93 -31.82
C LEU C 275 -24.41 -4.27 -31.77
N ASP C 276 -23.69 -5.39 -31.72
CA ASP C 276 -24.26 -6.74 -31.77
C ASP C 276 -23.28 -7.78 -31.19
N PRO C 277 -23.71 -9.03 -30.92
CA PRO C 277 -22.87 -9.98 -30.20
C PRO C 277 -21.60 -10.38 -30.97
N LEU C 278 -21.64 -10.36 -32.30
CA LEU C 278 -20.43 -10.56 -33.09
C LEU C 278 -19.44 -9.40 -32.89
N SER C 279 -19.92 -8.16 -32.87
CA SER C 279 -19.08 -7.00 -32.61
C SER C 279 -18.48 -7.04 -31.22
N GLU C 280 -19.23 -7.42 -30.18
CA GLU C 280 -18.64 -7.66 -28.87
C GLU C 280 -17.53 -8.72 -28.93
N THR C 281 -17.73 -9.78 -29.70
CA THR C 281 -16.76 -10.88 -29.82
C THR C 281 -15.48 -10.43 -30.50
N LYS C 282 -15.56 -9.73 -31.64
CA LYS C 282 -14.42 -9.12 -32.33
C LYS C 282 -13.63 -8.21 -31.40
N CYS C 283 -14.32 -7.38 -30.63
CA CYS C 283 -13.68 -6.47 -29.69
C CYS C 283 -13.06 -7.21 -28.52
N THR C 284 -13.72 -8.23 -27.98
CA THR C 284 -13.19 -9.04 -26.86
C THR C 284 -11.89 -9.74 -27.23
N LEU C 285 -11.81 -10.26 -28.47
CA LEU C 285 -10.59 -10.88 -29.01
C LEU C 285 -9.56 -9.85 -29.51
N LYS C 286 -9.99 -8.58 -29.63
CA LYS C 286 -9.12 -7.51 -30.20
C LYS C 286 -8.76 -7.85 -31.66
N THR C 287 -9.72 -8.39 -32.43
CA THR C 287 -9.47 -8.78 -33.84
C THR C 287 -10.61 -8.31 -34.74
N PHE C 288 -10.44 -8.39 -36.07
CA PHE C 288 -11.51 -8.01 -37.03
C PHE C 288 -12.13 -9.29 -37.58
N THR C 289 -11.44 -10.42 -37.48
CA THR C 289 -11.97 -11.74 -37.86
C THR C 289 -11.80 -12.71 -36.71
N VAL C 290 -12.72 -13.66 -36.55
CA VAL C 290 -12.70 -14.62 -35.44
C VAL C 290 -12.92 -16.04 -35.93
N GLU C 291 -12.17 -17.01 -35.40
CA GLU C 291 -12.39 -18.43 -35.65
C GLU C 291 -13.70 -18.90 -35.01
N LYS C 292 -14.21 -20.06 -35.43
CA LYS C 292 -15.38 -20.68 -34.80
C LYS C 292 -15.15 -20.99 -33.32
N GLY C 293 -16.23 -21.09 -32.56
CA GLY C 293 -16.17 -21.46 -31.13
C GLY C 293 -17.24 -20.79 -30.29
N ILE C 294 -17.10 -20.93 -28.97
CA ILE C 294 -17.89 -20.19 -27.98
C ILE C 294 -16.99 -19.24 -27.19
N TYR C 295 -17.28 -17.94 -27.20
CA TYR C 295 -16.50 -16.92 -26.51
C TYR C 295 -17.34 -16.20 -25.47
N GLN C 296 -16.90 -16.10 -24.21
CA GLN C 296 -17.56 -15.19 -23.28
C GLN C 296 -17.28 -13.74 -23.69
N THR C 297 -18.28 -12.87 -23.70
CA THR C 297 -18.10 -11.43 -24.00
C THR C 297 -18.58 -10.48 -22.90
N SER C 298 -19.42 -10.95 -21.97
CA SER C 298 -20.07 -10.07 -20.98
C SER C 298 -20.63 -10.88 -19.81
N ASN C 299 -21.06 -10.19 -18.75
CA ASN C 299 -21.98 -10.74 -17.75
C ASN C 299 -23.33 -10.01 -17.87
N PHE C 300 -24.42 -10.76 -18.05
CA PHE C 300 -25.77 -10.21 -18.08
C PHE C 300 -26.33 -10.12 -16.67
N ARG C 301 -27.01 -9.03 -16.34
CA ARG C 301 -27.82 -8.89 -15.12
C ARG C 301 -29.09 -8.08 -15.38
N VAL C 302 -30.22 -8.55 -14.87
CA VAL C 302 -31.52 -7.87 -15.05
C VAL C 302 -31.51 -6.52 -14.33
N GLN C 303 -31.92 -5.45 -15.00
CA GLN C 303 -31.95 -4.10 -14.42
C GLN C 303 -33.14 -3.90 -13.45
N PRO C 304 -33.02 -3.07 -12.40
CA PRO C 304 -34.12 -2.76 -11.50
C PRO C 304 -35.21 -1.95 -12.21
N THR C 305 -36.45 -2.42 -12.14
CA THR C 305 -37.61 -1.82 -12.81
C THR C 305 -38.15 -0.57 -12.08
N GLU C 306 -38.15 -0.59 -10.75
CA GLU C 306 -38.76 0.43 -9.89
C GLU C 306 -37.94 0.63 -8.61
N SER C 307 -38.10 1.79 -7.96
CA SER C 307 -37.47 2.11 -6.68
C SER C 307 -38.52 2.12 -5.56
N ILE C 308 -38.28 1.36 -4.50
CA ILE C 308 -39.17 1.21 -3.34
C ILE C 308 -38.56 1.90 -2.12
N VAL C 309 -39.33 2.73 -1.42
CA VAL C 309 -38.93 3.28 -0.11
C VAL C 309 -39.94 2.85 0.95
N ARG C 310 -39.50 2.16 2.00
CA ARG C 310 -40.33 1.56 3.05
C ARG C 310 -39.84 2.05 4.41
N PHE C 311 -40.48 3.07 4.92
CA PHE C 311 -40.20 3.73 6.21
C PHE C 311 -41.44 3.61 7.11
N PRO C 312 -41.44 3.89 8.43
CA PRO C 312 -42.70 3.88 9.21
C PRO C 312 -43.54 5.09 8.80
N ASN C 313 -44.80 5.13 9.22
CA ASN C 313 -45.65 6.31 8.92
C ASN C 313 -45.89 7.11 10.21
N ILE C 314 -45.46 8.37 10.26
CA ILE C 314 -45.58 9.20 11.50
C ILE C 314 -46.17 10.57 11.13
N THR C 315 -46.99 11.16 12.02
CA THR C 315 -47.52 12.54 11.82
C THR C 315 -47.33 13.36 13.11
N ASN C 316 -46.10 13.77 13.42
CA ASN C 316 -45.81 14.53 14.68
C ASN C 316 -44.76 15.62 14.39
N LEU C 317 -44.57 16.56 15.32
CA LEU C 317 -43.51 17.60 15.13
C LEU C 317 -42.69 17.74 16.41
N CYS C 318 -41.36 17.85 16.30
CA CYS C 318 -40.50 18.03 17.46
C CYS C 318 -40.49 19.49 17.88
N PRO C 319 -40.70 19.80 19.15
CA PRO C 319 -40.69 21.21 19.58
C PRO C 319 -39.27 21.77 19.59
N PHE C 320 -39.07 22.86 18.85
CA PHE C 320 -37.79 23.54 18.77
C PHE C 320 -37.72 24.79 19.63
N GLY C 321 -38.65 24.93 20.59
CA GLY C 321 -38.65 26.09 21.45
C GLY C 321 -37.80 25.92 22.70
N GLU C 322 -37.89 24.75 23.31
CA GLU C 322 -37.12 24.44 24.51
C GLU C 322 -35.82 23.71 24.22
N VAL C 323 -35.63 23.22 23.00
CA VAL C 323 -34.40 22.52 22.65
C VAL C 323 -33.38 23.45 22.02
N PHE C 324 -33.82 24.30 21.09
CA PHE C 324 -32.95 25.25 20.41
C PHE C 324 -33.40 26.66 20.75
N ASN C 325 -32.43 27.51 21.15
CA ASN C 325 -32.68 28.90 21.50
C ASN C 325 -33.72 29.02 22.60
N ALA C 326 -33.40 28.43 23.75
CA ALA C 326 -34.26 28.47 24.92
C ALA C 326 -33.95 29.73 25.73
N THR C 327 -34.39 29.74 27.00
CA THR C 327 -34.13 30.89 27.86
C THR C 327 -32.84 30.75 28.64
N ARG C 328 -32.48 29.53 29.03
CA ARG C 328 -31.26 29.30 29.80
C ARG C 328 -30.95 27.81 29.76
N PHE C 329 -29.81 27.46 29.17
CA PHE C 329 -29.37 26.07 29.12
C PHE C 329 -28.54 25.74 30.36
N ALA C 330 -27.88 24.59 30.36
CA ALA C 330 -27.05 24.17 31.47
C ALA C 330 -25.60 24.57 31.23
N SER C 331 -24.72 24.19 32.15
CA SER C 331 -23.31 24.50 32.06
C SER C 331 -22.60 23.41 31.25
N VAL C 332 -21.27 23.41 31.29
CA VAL C 332 -20.51 22.42 30.54
C VAL C 332 -20.27 21.14 31.36
N TYR C 333 -20.23 21.24 32.69
CA TYR C 333 -20.01 20.09 33.53
C TYR C 333 -21.31 19.40 33.93
N ALA C 334 -22.40 20.15 34.07
CA ALA C 334 -23.69 19.58 34.44
C ALA C 334 -24.66 19.66 33.28
N TRP C 335 -24.27 19.13 32.12
CA TRP C 335 -25.13 19.18 30.95
C TRP C 335 -26.34 18.27 31.13
N ASN C 336 -27.45 18.66 30.52
CA ASN C 336 -28.70 17.92 30.58
C ASN C 336 -28.95 17.20 29.26
N ARG C 337 -29.39 15.94 29.35
CA ARG C 337 -29.67 15.12 28.18
C ARG C 337 -31.19 15.01 28.02
N LYS C 338 -31.69 15.38 26.84
CA LYS C 338 -33.11 15.33 26.54
C LYS C 338 -33.37 14.31 25.43
N ARG C 339 -34.39 13.48 25.62
CA ARG C 339 -34.75 12.46 24.66
C ARG C 339 -35.80 13.02 23.70
N ILE C 340 -35.49 12.97 22.39
CA ILE C 340 -36.38 13.45 21.35
C ILE C 340 -36.74 12.27 20.47
N SER C 341 -38.03 11.92 20.42
CA SER C 341 -38.49 10.81 19.61
C SER C 341 -39.98 10.99 19.36
N ASN C 342 -40.52 10.13 18.49
CA ASN C 342 -41.95 10.13 18.14
C ASN C 342 -42.38 11.48 17.57
N CYS C 343 -41.49 12.08 16.77
CA CYS C 343 -41.79 13.37 16.17
C CYS C 343 -40.90 13.55 14.94
N VAL C 344 -41.38 14.34 14.00
CA VAL C 344 -40.65 14.62 12.76
C VAL C 344 -39.67 15.77 13.02
N ALA C 345 -38.40 15.54 12.75
CA ALA C 345 -37.36 16.53 12.95
C ALA C 345 -36.81 16.99 11.61
N ASP C 346 -36.33 18.24 11.59
CA ASP C 346 -35.77 18.82 10.38
C ASP C 346 -34.88 19.99 10.76
N TYR C 347 -33.82 20.19 9.99
CA TYR C 347 -32.89 21.29 10.23
C TYR C 347 -33.07 22.46 9.27
N SER C 348 -33.86 22.28 8.20
CA SER C 348 -34.10 23.37 7.26
C SER C 348 -35.11 24.37 7.79
N VAL C 349 -35.71 24.10 8.95
CA VAL C 349 -36.68 25.02 9.56
C VAL C 349 -36.01 25.73 10.73
N LEU C 350 -34.70 25.54 10.88
CA LEU C 350 -33.94 26.15 11.96
C LEU C 350 -33.16 27.38 11.53
N TYR C 351 -33.05 27.65 10.23
CA TYR C 351 -32.31 28.82 9.77
C TYR C 351 -33.13 30.10 9.93
N ASN C 352 -34.45 29.99 9.92
CA ASN C 352 -35.29 31.17 10.07
C ASN C 352 -35.39 31.62 11.51
N SER C 353 -35.25 30.70 12.47
CA SER C 353 -35.33 31.07 13.88
C SER C 353 -34.04 31.69 14.37
N ALA C 354 -32.89 31.11 14.02
CA ALA C 354 -31.60 31.62 14.44
C ALA C 354 -30.55 31.23 13.41
N SER C 355 -29.72 32.20 13.02
CA SER C 355 -28.67 31.96 12.03
C SER C 355 -27.52 31.22 12.69
N PHE C 356 -27.34 29.95 12.34
CA PHE C 356 -26.27 29.14 12.90
C PHE C 356 -24.94 29.52 12.27
N SER C 357 -23.95 29.80 13.12
CA SER C 357 -22.62 30.17 12.64
C SER C 357 -21.72 28.98 12.41
N THR C 358 -22.01 27.84 13.03
CA THR C 358 -21.21 26.62 12.87
C THR C 358 -22.15 25.43 12.84
N PHE C 359 -22.31 24.82 11.66
CA PHE C 359 -23.18 23.65 11.47
C PHE C 359 -22.33 22.56 10.82
N LYS C 360 -21.53 21.88 11.64
CA LYS C 360 -20.66 20.81 11.18
C LYS C 360 -21.12 19.49 11.78
N CYS C 361 -21.35 18.50 10.93
CA CYS C 361 -21.78 17.17 11.35
C CYS C 361 -20.62 16.20 11.20
N TYR C 362 -20.25 15.55 12.30
CA TYR C 362 -19.15 14.60 12.32
C TYR C 362 -19.69 13.18 12.14
N GLY C 363 -19.09 12.45 11.20
CA GLY C 363 -19.51 11.08 10.92
C GLY C 363 -20.70 10.96 10.00
N VAL C 364 -21.29 12.06 9.54
CA VAL C 364 -22.44 12.02 8.66
C VAL C 364 -22.48 13.33 7.88
N SER C 365 -22.91 13.24 6.62
CA SER C 365 -23.02 14.43 5.78
C SER C 365 -24.20 15.28 6.24
N PRO C 366 -24.05 16.60 6.26
CA PRO C 366 -25.17 17.46 6.70
C PRO C 366 -26.32 17.51 5.72
N THR C 367 -26.09 17.20 4.44
CA THR C 367 -27.13 17.21 3.43
C THR C 367 -27.85 15.86 3.32
N LYS C 368 -27.46 14.87 4.11
CA LYS C 368 -28.09 13.56 4.08
C LYS C 368 -28.94 13.28 5.32
N LEU C 369 -29.21 14.32 6.13
CA LEU C 369 -30.01 14.13 7.33
C LEU C 369 -31.49 13.93 7.00
N ASN C 370 -31.97 14.51 5.90
CA ASN C 370 -33.35 14.38 5.49
C ASN C 370 -33.60 13.16 4.61
N ASP C 371 -32.59 12.30 4.43
CA ASP C 371 -32.72 11.11 3.61
C ASP C 371 -32.68 9.81 4.41
N LEU C 372 -32.37 9.88 5.70
CA LEU C 372 -32.30 8.70 6.56
C LEU C 372 -33.37 8.80 7.65
N CYS C 373 -33.20 8.01 8.70
CA CYS C 373 -34.14 7.99 9.82
C CYS C 373 -33.35 8.10 11.11
N PHE C 374 -33.62 9.13 11.90
CA PHE C 374 -32.92 9.33 13.15
C PHE C 374 -33.31 8.27 14.16
N THR C 375 -32.38 7.95 15.05
CA THR C 375 -32.59 6.93 16.08
C THR C 375 -31.97 7.40 17.38
N ASN C 376 -32.80 7.56 18.42
CA ASN C 376 -32.35 7.98 19.74
C ASN C 376 -31.60 9.31 19.67
N VAL C 377 -32.34 10.41 19.51
CA VAL C 377 -31.75 11.74 19.43
C VAL C 377 -31.62 12.30 20.84
N TYR C 378 -30.38 12.49 21.29
CA TYR C 378 -30.10 13.03 22.61
C TYR C 378 -29.62 14.46 22.46
N ALA C 379 -30.29 15.38 23.15
CA ALA C 379 -29.95 16.80 23.08
C ALA C 379 -28.95 17.13 24.18
N ASP C 380 -27.72 17.46 23.78
CA ASP C 380 -26.64 17.81 24.70
C ASP C 380 -26.29 19.28 24.47
N SER C 381 -26.94 20.16 25.22
CA SER C 381 -26.74 21.60 25.08
C SER C 381 -25.88 22.12 26.22
N PHE C 382 -24.94 23.00 25.88
CA PHE C 382 -24.05 23.61 26.87
C PHE C 382 -23.48 24.89 26.28
N VAL C 383 -23.29 25.89 27.15
CA VAL C 383 -22.76 27.18 26.74
C VAL C 383 -21.33 27.29 27.25
N ILE C 384 -20.38 27.50 26.33
CA ILE C 384 -18.97 27.64 26.65
C ILE C 384 -18.45 28.91 26.01
N ARG C 385 -17.15 29.16 26.19
CA ARG C 385 -16.51 30.33 25.62
C ARG C 385 -16.17 30.10 24.15
N GLY C 386 -16.11 31.19 23.39
CA GLY C 386 -15.79 31.08 21.97
C GLY C 386 -14.41 30.54 21.70
N ASP C 387 -13.48 30.72 22.64
CA ASP C 387 -12.13 30.21 22.50
C ASP C 387 -12.02 28.72 22.84
N GLU C 388 -13.13 28.08 23.22
CA GLU C 388 -13.13 26.67 23.57
C GLU C 388 -13.99 25.83 22.64
N VAL C 389 -14.56 26.43 21.58
CA VAL C 389 -15.39 25.67 20.66
C VAL C 389 -14.54 24.77 19.77
N ARG C 390 -13.32 25.19 19.44
CA ARG C 390 -12.44 24.38 18.59
C ARG C 390 -11.99 23.10 19.28
N GLN C 391 -12.01 23.06 20.61
CA GLN C 391 -11.60 21.85 21.32
C GLN C 391 -12.68 20.78 21.28
N ILE C 392 -13.94 21.17 21.13
CA ILE C 392 -15.05 20.22 21.07
C ILE C 392 -15.05 19.54 19.71
N ALA C 393 -14.40 18.38 19.63
CA ALA C 393 -14.33 17.64 18.38
C ALA C 393 -14.01 16.19 18.69
N PRO C 394 -14.56 15.23 17.95
CA PRO C 394 -14.26 13.81 18.23
C PRO C 394 -12.83 13.45 17.85
N GLY C 395 -11.88 13.80 18.70
CA GLY C 395 -10.48 13.51 18.45
C GLY C 395 -9.53 14.49 19.08
N GLN C 396 -10.07 15.58 19.63
CA GLN C 396 -9.28 16.61 20.28
C GLN C 396 -9.38 16.48 21.79
N THR C 397 -8.59 17.29 22.48
CA THR C 397 -8.56 17.29 23.94
C THR C 397 -8.22 18.70 24.42
N GLY C 398 -8.00 18.84 25.71
CA GLY C 398 -7.68 20.12 26.31
C GLY C 398 -8.18 20.17 27.75
N ASN C 399 -8.85 21.28 28.07
CA ASN C 399 -9.41 21.47 29.41
C ASN C 399 -10.93 21.44 29.43
N ILE C 400 -11.60 21.60 28.29
CA ILE C 400 -13.05 21.56 28.21
C ILE C 400 -13.54 20.22 27.68
N ALA C 401 -12.94 19.74 26.60
CA ALA C 401 -13.32 18.46 25.99
C ALA C 401 -12.49 17.31 26.57
N ASP C 402 -12.35 17.28 27.89
CA ASP C 402 -11.60 16.23 28.56
C ASP C 402 -12.05 16.09 30.01
N TYR C 403 -12.16 17.21 30.72
CA TYR C 403 -12.57 17.22 32.11
C TYR C 403 -14.05 17.55 32.29
N ASN C 404 -14.77 17.81 31.20
CA ASN C 404 -16.18 18.15 31.28
C ASN C 404 -17.01 17.31 30.32
N TYR C 405 -17.29 17.84 29.13
CA TYR C 405 -18.07 17.16 28.11
C TYR C 405 -17.11 16.50 27.13
N LYS C 406 -17.03 15.17 27.17
CA LYS C 406 -16.13 14.40 26.33
C LYS C 406 -16.92 13.59 25.31
N LEU C 407 -16.44 13.57 24.06
CA LEU C 407 -17.04 12.82 22.99
C LEU C 407 -16.12 11.69 22.54
N PRO C 408 -16.69 10.54 22.15
CA PRO C 408 -15.86 9.41 21.71
C PRO C 408 -15.26 9.69 20.34
N ASP C 409 -14.34 8.80 19.93
CA ASP C 409 -13.69 8.94 18.63
C ASP C 409 -14.63 8.59 17.49
N ASP C 410 -15.50 7.60 17.70
CA ASP C 410 -16.46 7.16 16.69
C ASP C 410 -17.83 7.82 16.89
N PHE C 411 -17.82 9.11 17.17
CA PHE C 411 -19.07 9.85 17.39
C PHE C 411 -19.76 10.12 16.06
N THR C 412 -21.10 10.00 16.06
CA THR C 412 -21.91 10.23 14.88
C THR C 412 -23.00 11.23 15.24
N GLY C 413 -22.87 12.45 14.75
CA GLY C 413 -23.85 13.48 15.04
C GLY C 413 -23.42 14.82 14.48
N CYS C 414 -24.17 15.85 14.87
CA CYS C 414 -23.90 17.21 14.42
C CYS C 414 -23.60 18.10 15.63
N VAL C 415 -22.88 19.18 15.38
CA VAL C 415 -22.51 20.15 16.41
C VAL C 415 -23.06 21.51 15.97
N ILE C 416 -24.15 21.93 16.59
CA ILE C 416 -24.80 23.19 16.29
C ILE C 416 -24.36 24.23 17.31
N ALA C 417 -23.84 25.36 16.84
CA ALA C 417 -23.38 26.43 17.72
C ALA C 417 -23.58 27.75 17.01
N TRP C 418 -24.27 28.69 17.66
CA TRP C 418 -24.52 30.01 17.11
C TRP C 418 -24.03 31.07 18.08
N ASN C 419 -23.83 32.27 17.56
CA ASN C 419 -23.34 33.38 18.39
C ASN C 419 -24.46 33.91 19.28
N SER C 420 -24.10 34.22 20.53
CA SER C 420 -25.05 34.74 21.49
C SER C 420 -24.34 35.77 22.37
N ASN C 421 -25.04 36.88 22.65
CA ASN C 421 -24.47 37.94 23.47
C ASN C 421 -25.58 38.74 24.15
N ASN C 422 -26.79 38.72 23.57
CA ASN C 422 -27.92 39.44 24.10
C ASN C 422 -28.72 38.64 25.11
N LEU C 423 -28.10 37.65 25.76
CA LEU C 423 -28.80 36.83 26.75
C LEU C 423 -27.81 36.25 27.76
N ASP C 424 -26.74 35.62 27.26
CA ASP C 424 -25.72 35.01 28.11
C ASP C 424 -24.58 35.96 28.42
N SER C 425 -24.88 37.21 28.78
CA SER C 425 -23.84 38.19 29.10
C SER C 425 -24.38 39.09 30.20
N LYS C 426 -23.78 39.01 31.38
CA LYS C 426 -24.18 39.80 32.53
C LYS C 426 -23.20 40.95 32.76
N VAL C 427 -23.73 42.11 33.13
CA VAL C 427 -22.88 43.26 33.38
C VAL C 427 -22.20 43.15 34.75
N GLY C 428 -22.82 42.43 35.69
CA GLY C 428 -22.24 42.27 37.01
C GLY C 428 -21.49 40.97 37.18
N GLY C 429 -21.04 40.38 36.07
CA GLY C 429 -20.31 39.14 36.12
C GLY C 429 -21.20 37.92 35.97
N ASN C 430 -20.75 36.94 35.19
CA ASN C 430 -21.49 35.71 34.96
C ASN C 430 -20.97 34.63 35.90
N TYR C 431 -21.83 34.22 36.84
CA TYR C 431 -21.47 33.19 37.82
C TYR C 431 -22.33 31.94 37.69
N ASN C 432 -23.14 31.82 36.63
CA ASN C 432 -23.97 30.66 36.44
C ASN C 432 -23.30 29.56 35.62
N TYR C 433 -22.31 29.91 34.81
CA TYR C 433 -21.59 28.95 33.97
C TYR C 433 -20.19 28.76 34.53
N LEU C 434 -19.87 27.55 34.96
CA LEU C 434 -18.57 27.21 35.50
C LEU C 434 -17.94 26.09 34.68
N TYR C 435 -16.65 25.87 34.91
CA TYR C 435 -15.92 24.84 34.19
C TYR C 435 -14.84 24.27 35.10
N ARG C 436 -14.48 23.02 34.86
CA ARG C 436 -13.45 22.33 35.62
C ARG C 436 -12.13 22.39 34.85
N LEU C 437 -11.09 22.91 35.50
CA LEU C 437 -9.79 23.04 34.83
C LEU C 437 -8.99 21.75 34.90
N PHE C 438 -8.99 21.08 36.07
CA PHE C 438 -8.24 19.86 36.25
C PHE C 438 -9.00 18.93 37.18
N ARG C 439 -8.75 17.64 37.03
CA ARG C 439 -9.40 16.61 37.84
C ARG C 439 -8.40 15.51 38.14
N LYS C 440 -8.65 14.79 39.24
CA LYS C 440 -7.76 13.70 39.64
C LYS C 440 -7.73 12.59 38.60
N SER C 441 -8.90 12.22 38.07
CA SER C 441 -9.01 11.16 37.08
C SER C 441 -9.72 11.69 35.84
N ASN C 442 -9.43 11.06 34.70
CA ASN C 442 -10.05 11.47 33.45
C ASN C 442 -11.50 11.01 33.39
N LEU C 443 -12.32 11.77 32.68
CA LEU C 443 -13.73 11.46 32.50
C LEU C 443 -13.96 10.81 31.14
N LYS C 444 -14.60 9.65 31.13
CA LYS C 444 -14.88 8.93 29.90
C LYS C 444 -16.04 9.59 29.16
N PRO C 445 -16.15 9.38 27.84
CA PRO C 445 -17.24 9.99 27.08
C PRO C 445 -18.60 9.54 27.58
N PHE C 446 -19.60 10.42 27.42
CA PHE C 446 -20.97 10.18 27.82
C PHE C 446 -21.05 9.85 29.32
N GLU C 447 -20.67 10.84 30.13
CA GLU C 447 -20.66 10.70 31.58
C GLU C 447 -20.92 12.07 32.21
N ARG C 448 -21.81 12.11 33.19
CA ARG C 448 -22.19 13.33 33.88
C ARG C 448 -21.55 13.34 35.27
N ASP C 449 -20.88 14.44 35.60
CA ASP C 449 -20.22 14.60 36.89
C ASP C 449 -20.64 15.95 37.48
N ILE C 450 -21.32 15.91 38.62
CA ILE C 450 -21.79 17.11 39.29
C ILE C 450 -21.20 17.23 40.69
N SER C 451 -20.13 16.50 40.97
CA SER C 451 -19.50 16.54 42.28
C SER C 451 -18.67 17.80 42.45
N THR C 452 -18.50 18.21 43.70
CA THR C 452 -17.72 19.41 44.05
C THR C 452 -16.78 19.05 45.19
N GLU C 453 -15.51 18.80 44.86
CA GLU C 453 -14.49 18.43 45.84
C GLU C 453 -13.29 19.35 45.67
N ILE C 454 -12.21 19.02 46.36
CA ILE C 454 -10.97 19.80 46.32
C ILE C 454 -9.88 18.94 45.69
N TYR C 455 -9.25 19.47 44.64
CA TYR C 455 -8.19 18.75 43.96
C TYR C 455 -6.91 18.77 44.78
N GLN C 456 -6.17 17.65 44.77
CA GLN C 456 -4.98 17.55 45.63
C GLN C 456 -3.73 17.19 44.82
N ALA C 457 -2.61 17.87 45.08
CA ALA C 457 -1.34 17.50 44.43
C ALA C 457 -0.83 16.22 45.11
N GLY C 458 0.04 15.47 44.45
CA GLY C 458 0.51 14.19 45.03
C GLY C 458 1.23 14.40 46.35
N SER C 459 2.06 15.45 46.44
CA SER C 459 2.88 15.69 47.66
C SER C 459 2.02 15.99 48.90
N THR C 460 0.97 16.79 48.78
CA THR C 460 0.20 17.20 49.99
C THR C 460 -1.31 16.95 49.84
N PRO C 461 -2.03 16.55 50.92
CA PRO C 461 -3.47 16.35 50.86
C PRO C 461 -4.27 17.65 51.05
N CYS C 462 -5.60 17.55 51.18
CA CYS C 462 -6.43 18.74 51.28
C CYS C 462 -7.54 18.60 52.31
N ASN C 463 -7.82 17.39 52.79
CA ASN C 463 -8.86 17.12 53.79
C ASN C 463 -10.25 17.53 53.31
N GLY C 464 -10.39 17.78 52.01
CA GLY C 464 -11.69 18.22 51.45
C GLY C 464 -12.04 19.64 51.84
N VAL C 465 -11.37 20.19 52.87
CA VAL C 465 -11.73 21.56 53.35
C VAL C 465 -10.74 22.60 52.81
N LYS C 466 -9.43 22.35 52.91
CA LYS C 466 -8.40 23.35 52.49
C LYS C 466 -7.02 22.79 52.84
N GLY C 467 -6.00 23.05 52.01
CA GLY C 467 -4.69 22.50 52.27
C GLY C 467 -3.64 23.15 51.41
N PHE C 468 -2.43 22.58 51.45
CA PHE C 468 -1.33 23.09 50.66
C PHE C 468 -1.39 22.51 49.25
N ASN C 469 -1.22 23.38 48.25
CA ASN C 469 -1.36 23.00 46.84
C ASN C 469 -2.74 22.39 46.57
N CYS C 470 -3.78 23.10 46.99
CA CYS C 470 -5.16 22.65 46.86
C CYS C 470 -5.97 23.79 46.23
N TYR C 471 -5.94 23.87 44.91
CA TYR C 471 -6.64 24.91 44.19
C TYR C 471 -8.10 24.53 43.99
N PHE C 472 -8.88 25.44 43.40
CA PHE C 472 -10.29 25.20 43.14
C PHE C 472 -10.51 24.96 41.67
N PRO C 473 -10.87 23.75 41.24
CA PRO C 473 -11.00 23.49 39.80
C PRO C 473 -12.22 24.11 39.16
N LEU C 474 -13.35 24.18 39.86
CA LEU C 474 -14.59 24.70 39.30
C LEU C 474 -14.50 26.22 39.22
N GLN C 475 -13.79 26.70 38.21
CA GLN C 475 -13.63 28.12 37.97
C GLN C 475 -14.77 28.65 37.09
N SER C 476 -14.98 29.95 37.14
CA SER C 476 -16.03 30.61 36.39
C SER C 476 -15.43 31.38 35.21
N TYR C 477 -16.25 31.54 34.17
CA TYR C 477 -15.82 32.26 32.98
C TYR C 477 -15.79 33.76 33.23
N GLY C 478 -16.96 34.38 33.31
CA GLY C 478 -17.04 35.81 33.51
C GLY C 478 -17.27 36.57 32.22
N PHE C 479 -18.41 36.32 31.58
CA PHE C 479 -18.71 36.97 30.31
C PHE C 479 -19.07 38.43 30.52
N GLN C 480 -18.52 39.30 29.68
CA GLN C 480 -18.76 40.73 29.75
C GLN C 480 -19.15 41.25 28.38
N PRO C 481 -20.08 42.22 28.31
CA PRO C 481 -20.48 42.76 27.01
C PRO C 481 -19.45 43.65 26.35
N THR C 482 -18.34 43.95 27.03
CA THR C 482 -17.28 44.80 26.49
C THR C 482 -16.03 44.00 26.12
N TYR C 483 -16.21 42.76 25.68
CA TYR C 483 -15.09 41.90 25.31
C TYR C 483 -14.96 41.85 23.79
N GLY C 484 -14.12 40.96 23.28
CA GLY C 484 -13.91 40.81 21.86
C GLY C 484 -14.87 39.84 21.23
N VAL C 485 -14.53 39.40 20.02
CA VAL C 485 -15.36 38.46 19.29
C VAL C 485 -15.14 37.04 19.79
N GLY C 486 -13.89 36.67 20.04
CA GLY C 486 -13.57 35.33 20.50
C GLY C 486 -14.01 35.04 21.92
N TYR C 487 -14.35 36.06 22.70
CA TYR C 487 -14.78 35.89 24.08
C TYR C 487 -16.29 35.84 24.23
N GLN C 488 -17.03 35.85 23.13
CA GLN C 488 -18.49 35.78 23.20
C GLN C 488 -18.93 34.34 23.38
N PRO C 489 -19.95 34.09 24.21
CA PRO C 489 -20.41 32.72 24.43
C PRO C 489 -21.18 32.19 23.23
N TYR C 490 -21.09 30.87 23.04
CA TYR C 490 -21.80 30.17 21.97
C TYR C 490 -22.65 29.08 22.59
N ARG C 491 -23.96 29.14 22.35
CA ARG C 491 -24.91 28.16 22.88
C ARG C 491 -24.79 26.89 22.04
N VAL C 492 -23.80 26.07 22.38
CA VAL C 492 -23.53 24.86 21.63
C VAL C 492 -24.57 23.81 21.95
N VAL C 493 -25.16 23.23 20.91
CA VAL C 493 -26.17 22.17 21.05
C VAL C 493 -25.68 20.98 20.22
N VAL C 494 -25.30 19.90 20.90
CA VAL C 494 -24.81 18.70 20.25
C VAL C 494 -25.95 17.69 20.15
N LEU C 495 -26.20 17.19 18.95
CA LEU C 495 -27.25 16.22 18.68
C LEU C 495 -26.59 14.88 18.39
N SER C 496 -26.79 13.92 19.30
CA SER C 496 -26.23 12.58 19.16
C SER C 496 -27.35 11.60 18.81
N PHE C 497 -27.15 10.84 17.75
CA PHE C 497 -28.15 9.88 17.30
C PHE C 497 -27.44 8.68 16.68
N GLU C 498 -28.08 7.52 16.78
CA GLU C 498 -27.55 6.28 16.23
C GLU C 498 -28.15 6.00 14.86
N LEU C 499 -27.55 5.03 14.16
CA LEU C 499 -27.98 4.64 12.82
C LEU C 499 -28.06 3.13 12.75
N LEU C 500 -29.24 2.61 12.41
CA LEU C 500 -29.49 1.18 12.24
C LEU C 500 -29.17 0.42 13.53
N HIS C 501 -29.88 0.79 14.60
CA HIS C 501 -29.76 0.11 15.88
C HIS C 501 -31.09 -0.05 16.60
N ALA C 502 -32.19 0.47 16.05
CA ALA C 502 -33.50 0.37 16.68
C ALA C 502 -34.55 0.59 15.60
N PRO C 503 -35.78 0.09 15.80
CA PRO C 503 -36.84 0.33 14.81
C PRO C 503 -37.10 1.81 14.62
N ALA C 504 -37.65 2.13 13.45
CA ALA C 504 -37.91 3.53 13.11
C ALA C 504 -39.01 4.11 13.99
N THR C 505 -38.79 5.33 14.45
CA THR C 505 -39.77 6.01 15.31
C THR C 505 -39.61 7.52 15.20
N VAL C 506 -38.53 7.99 14.58
CA VAL C 506 -38.27 9.41 14.41
C VAL C 506 -38.33 9.78 12.94
N CYS C 507 -37.29 9.37 12.20
CA CYS C 507 -37.22 9.61 10.74
C CYS C 507 -37.20 11.10 10.39
N GLY C 508 -37.59 11.45 9.16
CA GLY C 508 -37.54 12.85 8.70
C GLY C 508 -38.61 13.09 7.66
N PRO C 509 -38.62 14.24 6.95
CA PRO C 509 -39.60 14.48 5.89
C PRO C 509 -39.16 13.75 4.61
N LYS C 510 -39.33 12.42 4.62
CA LYS C 510 -38.83 11.53 3.54
C LYS C 510 -40.04 10.82 2.91
N LYS C 511 -40.15 10.86 1.58
CA LYS C 511 -41.30 10.22 0.88
C LYS C 511 -41.24 8.71 1.03
N SER C 512 -42.39 8.05 1.24
CA SER C 512 -42.42 6.56 1.32
C SER C 512 -43.33 6.02 0.21
N THR C 513 -42.86 5.03 -0.55
CA THR C 513 -43.63 4.50 -1.69
C THR C 513 -44.58 3.40 -1.23
N ASN C 514 -45.50 2.99 -2.09
CA ASN C 514 -46.14 1.68 -1.97
C ASN C 514 -45.08 0.55 -2.10
N LEU C 515 -45.39 -0.63 -1.57
CA LEU C 515 -44.62 -1.85 -1.80
C LEU C 515 -44.88 -2.42 -3.21
N VAL C 516 -43.89 -3.12 -3.78
CA VAL C 516 -43.97 -3.90 -5.02
C VAL C 516 -43.33 -5.27 -4.78
N LYS C 517 -43.76 -6.30 -5.52
CA LYS C 517 -43.31 -7.69 -5.39
C LYS C 517 -43.02 -8.32 -6.76
N ASN C 518 -42.31 -9.44 -6.77
CA ASN C 518 -41.91 -10.27 -7.92
C ASN C 518 -40.97 -9.61 -8.95
N LYS C 519 -41.02 -8.28 -9.14
CA LYS C 519 -40.11 -7.54 -10.03
C LYS C 519 -38.70 -7.41 -9.44
N CYS C 520 -37.70 -7.32 -10.31
CA CYS C 520 -36.41 -6.74 -9.94
C CYS C 520 -36.59 -5.26 -9.62
N VAL C 521 -36.10 -4.80 -8.47
CA VAL C 521 -36.34 -3.45 -7.94
C VAL C 521 -35.14 -2.96 -7.13
N ASN C 522 -34.98 -1.65 -7.04
CA ASN C 522 -34.25 -1.06 -5.95
C ASN C 522 -35.16 -0.95 -4.73
N PHE C 523 -34.62 -1.05 -3.53
CA PHE C 523 -35.37 -0.90 -2.30
C PHE C 523 -34.57 -0.13 -1.24
N ASN C 524 -35.29 0.42 -0.27
CA ASN C 524 -34.75 1.06 0.91
C ASN C 524 -35.70 0.80 2.09
N PHE C 525 -35.35 -0.14 2.98
CA PHE C 525 -36.12 -0.43 4.18
C PHE C 525 -35.46 0.23 5.39
N ASN C 526 -36.07 1.26 6.00
CA ASN C 526 -35.49 1.95 7.17
C ASN C 526 -34.03 2.45 6.98
N GLY C 527 -33.60 2.75 5.75
CA GLY C 527 -32.20 3.08 5.43
C GLY C 527 -31.36 1.93 4.87
N LEU C 528 -31.86 0.68 4.85
CA LEU C 528 -31.22 -0.48 4.22
C LEU C 528 -31.40 -0.42 2.69
N THR C 529 -30.55 0.34 2.01
CA THR C 529 -30.57 0.49 0.55
C THR C 529 -30.03 -0.76 -0.14
N GLY C 530 -30.70 -1.24 -1.19
CA GLY C 530 -30.22 -2.37 -1.99
C GLY C 530 -31.02 -2.61 -3.27
N THR C 531 -30.70 -3.71 -3.95
CA THR C 531 -31.33 -4.10 -5.23
C THR C 531 -31.62 -5.60 -5.23
N GLY C 532 -32.80 -6.02 -5.69
CA GLY C 532 -33.18 -7.44 -5.69
C GLY C 532 -34.62 -7.68 -6.12
N VAL C 533 -35.11 -8.88 -5.86
CA VAL C 533 -36.49 -9.33 -6.05
C VAL C 533 -37.14 -9.52 -4.69
N LEU C 534 -38.31 -8.95 -4.49
CA LEU C 534 -39.08 -9.05 -3.24
C LEU C 534 -40.23 -10.05 -3.37
N THR C 535 -40.39 -10.95 -2.41
CA THR C 535 -41.53 -11.88 -2.33
C THR C 535 -41.97 -12.07 -0.89
N GLU C 536 -43.14 -12.65 -0.66
CA GLU C 536 -43.47 -13.27 0.63
C GLU C 536 -42.40 -14.31 1.02
N SER C 537 -42.43 -14.75 2.29
CA SER C 537 -41.54 -15.80 2.80
C SER C 537 -42.25 -16.68 3.82
N ASN C 538 -41.78 -17.92 3.96
CA ASN C 538 -42.23 -18.86 4.99
C ASN C 538 -41.54 -18.64 6.36
N LYS C 539 -40.63 -17.66 6.47
CA LYS C 539 -39.65 -17.57 7.57
C LYS C 539 -40.32 -17.21 8.90
N LYS C 540 -40.08 -18.06 9.90
CA LYS C 540 -40.67 -17.98 11.25
C LYS C 540 -39.92 -16.98 12.13
N PHE C 541 -39.86 -15.71 11.73
CA PHE C 541 -39.23 -14.65 12.54
C PHE C 541 -39.90 -14.57 13.91
N LEU C 542 -39.09 -14.50 14.96
CA LEU C 542 -39.56 -14.13 16.30
C LEU C 542 -39.96 -12.65 16.30
N PRO C 543 -40.94 -12.20 17.10
CA PRO C 543 -41.55 -10.88 16.95
C PRO C 543 -40.58 -9.69 17.07
N PHE C 544 -39.46 -9.86 17.78
CA PHE C 544 -38.43 -8.82 17.93
C PHE C 544 -37.47 -8.72 16.73
N GLN C 545 -37.39 -9.73 15.86
CA GLN C 545 -36.43 -9.75 14.75
C GLN C 545 -36.86 -8.86 13.59
N GLN C 546 -35.93 -8.09 13.03
CA GLN C 546 -36.19 -7.11 11.96
C GLN C 546 -35.76 -7.58 10.57
N PHE C 547 -34.59 -8.21 10.42
CA PHE C 547 -34.14 -8.74 9.14
C PHE C 547 -33.22 -9.95 9.29
N GLY C 548 -33.12 -10.74 8.23
CA GLY C 548 -32.19 -11.88 8.14
C GLY C 548 -30.93 -11.51 7.37
N ARG C 549 -29.77 -11.97 7.83
CA ARG C 549 -28.50 -11.82 7.11
C ARG C 549 -28.00 -13.16 6.61
N ASP C 550 -27.60 -13.18 5.34
CA ASP C 550 -26.85 -14.28 4.74
C ASP C 550 -25.41 -14.35 5.29
N ILE C 551 -24.68 -15.42 5.00
CA ILE C 551 -23.30 -15.63 5.49
C ILE C 551 -22.33 -14.52 5.03
N ALA C 552 -22.61 -13.87 3.90
CA ALA C 552 -21.86 -12.72 3.38
C ALA C 552 -22.24 -11.36 4.01
N ASP C 553 -22.92 -11.32 5.16
CA ASP C 553 -23.59 -10.16 5.79
C ASP C 553 -24.77 -9.57 5.01
N THR C 554 -24.83 -9.72 3.69
CA THR C 554 -25.93 -9.23 2.84
C THR C 554 -27.28 -9.78 3.28
N THR C 555 -28.31 -8.93 3.31
CA THR C 555 -29.65 -9.28 3.77
C THR C 555 -30.32 -10.36 2.91
N ASP C 556 -31.02 -11.30 3.55
CA ASP C 556 -31.80 -12.34 2.86
C ASP C 556 -33.33 -12.19 3.03
N ALA C 557 -33.78 -11.50 4.07
CA ALA C 557 -35.20 -11.23 4.33
C ALA C 557 -35.38 -9.99 5.21
N VAL C 558 -36.53 -9.33 5.15
CA VAL C 558 -36.84 -8.10 5.92
C VAL C 558 -38.28 -8.05 6.39
N ARG C 559 -38.53 -7.36 7.51
CA ARG C 559 -39.87 -6.96 7.96
C ARG C 559 -40.20 -5.58 7.41
N ASP C 560 -41.29 -5.45 6.67
CA ASP C 560 -41.76 -4.15 6.15
C ASP C 560 -42.31 -3.29 7.31
N PRO C 561 -41.77 -2.08 7.55
CA PRO C 561 -42.18 -1.24 8.67
C PRO C 561 -43.62 -0.71 8.63
N GLN C 562 -44.31 -0.75 7.48
CA GLN C 562 -45.71 -0.34 7.35
C GLN C 562 -46.71 -1.50 7.38
N THR C 563 -46.27 -2.75 7.26
CA THR C 563 -47.10 -3.95 7.40
C THR C 563 -46.19 -5.12 7.73
N LEU C 564 -46.21 -5.57 8.97
CA LEU C 564 -45.11 -6.30 9.62
C LEU C 564 -44.86 -7.75 9.13
N GLU C 565 -45.29 -8.12 7.92
CA GLU C 565 -44.94 -9.40 7.30
C GLU C 565 -43.47 -9.44 6.84
N ILE C 566 -42.92 -10.66 6.71
CA ILE C 566 -41.53 -10.86 6.30
C ILE C 566 -41.44 -11.11 4.80
N LEU C 567 -40.73 -10.23 4.12
CA LEU C 567 -40.38 -10.37 2.72
C LEU C 567 -39.05 -11.09 2.59
N ASP C 568 -38.95 -12.04 1.67
CA ASP C 568 -37.66 -12.52 1.16
C ASP C 568 -37.06 -11.49 0.22
N ILE C 569 -35.73 -11.38 0.23
CA ILE C 569 -34.94 -10.68 -0.77
C ILE C 569 -34.09 -11.71 -1.52
N THR C 570 -34.23 -11.77 -2.84
CA THR C 570 -33.43 -12.65 -3.73
C THR C 570 -32.65 -11.78 -4.72
N PRO C 571 -31.41 -12.11 -5.13
CA PRO C 571 -30.69 -11.29 -6.10
C PRO C 571 -31.40 -11.20 -7.45
N CYS C 572 -31.24 -10.09 -8.17
CA CYS C 572 -31.67 -9.98 -9.55
C CYS C 572 -30.99 -11.04 -10.42
N SER C 573 -31.71 -11.63 -11.38
CA SER C 573 -31.16 -12.72 -12.20
C SER C 573 -29.94 -12.24 -12.97
N PHE C 574 -28.88 -13.04 -12.99
CA PHE C 574 -27.62 -12.72 -13.66
C PHE C 574 -26.91 -13.99 -14.16
N GLY C 575 -26.01 -13.83 -15.13
CA GLY C 575 -25.19 -14.94 -15.63
C GLY C 575 -24.35 -14.56 -16.85
N GLY C 576 -23.24 -15.27 -17.05
CA GLY C 576 -22.31 -14.99 -18.14
C GLY C 576 -22.97 -15.06 -19.52
N VAL C 577 -22.59 -14.15 -20.41
CA VAL C 577 -23.05 -14.13 -21.80
C VAL C 577 -21.94 -14.63 -22.69
N SER C 578 -22.22 -15.64 -23.49
CA SER C 578 -21.25 -16.20 -24.42
C SER C 578 -21.82 -16.30 -25.82
N VAL C 579 -21.00 -16.00 -26.82
CA VAL C 579 -21.40 -15.91 -28.22
C VAL C 579 -20.87 -17.11 -28.97
N ILE C 580 -21.76 -17.84 -29.61
CA ILE C 580 -21.51 -19.10 -30.32
C ILE C 580 -21.43 -18.78 -31.79
N THR C 581 -20.29 -19.09 -32.39
CA THR C 581 -19.84 -18.39 -33.59
C THR C 581 -19.40 -19.40 -34.65
N PRO C 582 -19.94 -19.38 -35.88
CA PRO C 582 -19.50 -20.21 -37.01
C PRO C 582 -18.10 -19.89 -37.53
N GLY C 583 -17.49 -18.82 -37.03
CA GLY C 583 -16.28 -18.21 -37.57
C GLY C 583 -16.60 -17.31 -38.76
N THR C 584 -15.97 -16.14 -38.85
CA THR C 584 -16.25 -15.16 -39.90
C THR C 584 -15.82 -15.62 -41.29
N ASN C 585 -14.90 -16.61 -41.37
CA ASN C 585 -14.60 -17.34 -42.60
C ASN C 585 -15.82 -18.10 -43.16
N THR C 586 -16.73 -18.56 -42.28
CA THR C 586 -17.93 -19.31 -42.66
C THR C 586 -19.12 -18.39 -42.89
N SER C 587 -19.48 -17.56 -41.90
CA SER C 587 -20.71 -16.77 -41.92
C SER C 587 -20.69 -15.61 -40.92
N ASN C 588 -21.57 -14.64 -41.10
CA ASN C 588 -21.74 -13.48 -40.21
C ASN C 588 -22.74 -13.72 -39.06
N GLN C 589 -23.55 -14.78 -39.10
CA GLN C 589 -24.53 -15.07 -38.04
C GLN C 589 -23.86 -15.50 -36.74
N VAL C 590 -24.52 -15.27 -35.59
CA VAL C 590 -24.12 -15.80 -34.27
C VAL C 590 -25.34 -16.11 -33.40
N ALA C 591 -25.15 -17.01 -32.44
CA ALA C 591 -26.13 -17.35 -31.42
C ALA C 591 -25.58 -16.97 -30.04
N VAL C 592 -26.43 -16.75 -29.04
CA VAL C 592 -26.02 -16.26 -27.73
C VAL C 592 -26.54 -17.15 -26.63
N LEU C 593 -25.68 -17.52 -25.69
CA LEU C 593 -26.01 -18.29 -24.51
C LEU C 593 -25.99 -17.36 -23.29
N TYR C 594 -27.08 -17.32 -22.53
CA TYR C 594 -27.17 -16.66 -21.24
C TYR C 594 -27.03 -17.73 -20.14
N GLN C 595 -25.82 -17.92 -19.61
CA GLN C 595 -25.49 -19.05 -18.75
C GLN C 595 -26.32 -19.05 -17.47
N GLY C 596 -26.92 -20.20 -17.13
CA GLY C 596 -27.76 -20.36 -15.94
C GLY C 596 -29.13 -19.64 -15.99
N VAL C 597 -29.28 -18.67 -16.90
CA VAL C 597 -30.48 -17.79 -16.93
C VAL C 597 -31.65 -18.53 -17.59
N ASN C 598 -32.87 -18.36 -17.06
CA ASN C 598 -34.10 -19.00 -17.60
C ASN C 598 -34.69 -18.08 -18.69
N CYS C 599 -35.28 -18.65 -19.75
CA CYS C 599 -35.77 -17.82 -20.87
C CYS C 599 -36.67 -16.65 -20.43
N THR C 600 -37.61 -16.89 -19.51
CA THR C 600 -38.61 -15.85 -19.11
C THR C 600 -37.92 -14.76 -18.28
N GLU C 601 -36.60 -14.86 -18.10
CA GLU C 601 -35.85 -13.86 -17.30
C GLU C 601 -34.78 -13.20 -18.18
N VAL C 602 -34.99 -13.18 -19.49
CA VAL C 602 -34.07 -12.46 -20.41
C VAL C 602 -34.61 -11.07 -20.76
N ASN C 623 -35.18 -16.73 -32.62
CA ASN C 623 -35.63 -17.95 -31.97
C ASN C 623 -35.03 -18.10 -30.55
N VAL C 624 -35.72 -18.81 -29.65
CA VAL C 624 -35.30 -19.03 -28.26
C VAL C 624 -35.45 -20.50 -27.87
N PHE C 625 -34.49 -21.02 -27.11
CA PHE C 625 -34.44 -22.40 -26.64
C PHE C 625 -33.90 -22.45 -25.19
N GLN C 626 -34.32 -23.41 -24.38
CA GLN C 626 -33.83 -23.59 -23.01
C GLN C 626 -32.93 -24.82 -22.92
N THR C 627 -31.83 -24.70 -22.18
CA THR C 627 -30.94 -25.83 -21.85
C THR C 627 -30.63 -25.84 -20.37
N ARG C 628 -30.14 -26.97 -19.85
CA ARG C 628 -29.53 -27.07 -18.51
C ARG C 628 -28.37 -26.09 -18.31
N ALA C 629 -27.68 -25.70 -19.39
CA ALA C 629 -26.61 -24.70 -19.35
C ALA C 629 -27.12 -23.25 -19.30
N GLY C 630 -28.38 -23.00 -19.67
CA GLY C 630 -28.96 -21.66 -19.75
C GLY C 630 -29.88 -21.47 -20.95
N CYS C 631 -30.34 -20.21 -21.12
CA CYS C 631 -31.23 -19.85 -22.27
C CYS C 631 -30.36 -19.53 -23.49
N LEU C 632 -30.64 -20.17 -24.63
CA LEU C 632 -29.91 -20.06 -25.88
C LEU C 632 -30.77 -19.35 -26.92
N ILE C 633 -30.26 -18.29 -27.54
CA ILE C 633 -31.00 -17.43 -28.46
C ILE C 633 -30.32 -17.37 -29.82
N GLY C 634 -31.11 -17.40 -30.89
CA GLY C 634 -30.65 -17.36 -32.27
C GLY C 634 -30.25 -18.73 -32.84
N ALA C 635 -29.98 -19.71 -32.00
CA ALA C 635 -29.82 -21.10 -32.42
C ALA C 635 -31.16 -21.77 -32.76
N GLU C 636 -31.11 -22.88 -33.48
CA GLU C 636 -32.26 -23.69 -33.85
C GLU C 636 -32.13 -25.10 -33.26
N HIS C 637 -33.06 -25.52 -32.39
CA HIS C 637 -32.97 -26.83 -31.75
C HIS C 637 -33.22 -27.96 -32.76
N VAL C 638 -32.34 -28.98 -32.73
CA VAL C 638 -32.40 -30.14 -33.65
C VAL C 638 -32.25 -31.42 -32.82
N ASN C 639 -33.09 -32.43 -33.10
CA ASN C 639 -33.10 -33.70 -32.33
C ASN C 639 -31.89 -34.55 -32.75
N ASN C 640 -31.58 -34.56 -34.06
CA ASN C 640 -30.51 -35.42 -34.62
C ASN C 640 -29.21 -35.22 -33.83
N SER C 641 -28.72 -36.30 -33.20
CA SER C 641 -27.46 -36.24 -32.45
C SER C 641 -26.23 -36.40 -33.35
N TYR C 642 -25.76 -35.29 -33.91
CA TYR C 642 -24.43 -35.24 -34.55
C TYR C 642 -23.30 -35.40 -33.54
N GLU C 643 -22.06 -35.53 -34.01
CA GLU C 643 -20.86 -35.42 -33.18
C GLU C 643 -20.70 -34.00 -32.60
N CYS C 644 -19.95 -33.86 -31.50
CA CYS C 644 -19.59 -32.56 -30.94
C CYS C 644 -18.88 -31.68 -31.98
N ASP C 645 -19.08 -30.37 -31.92
CA ASP C 645 -18.56 -29.43 -32.91
C ASP C 645 -18.14 -28.11 -32.23
N ILE C 646 -19.09 -27.25 -31.85
CA ILE C 646 -18.87 -26.19 -30.86
C ILE C 646 -19.55 -26.64 -29.55
N PRO C 647 -18.84 -26.76 -28.42
CA PRO C 647 -19.43 -27.18 -27.16
C PRO C 647 -20.29 -26.07 -26.55
N ILE C 648 -21.37 -26.41 -25.84
CA ILE C 648 -22.17 -25.45 -25.07
C ILE C 648 -22.15 -25.80 -23.59
N GLY C 649 -22.59 -27.01 -23.23
CA GLY C 649 -22.62 -27.47 -21.84
C GLY C 649 -23.71 -28.49 -21.62
N ALA C 650 -23.58 -29.34 -20.60
CA ALA C 650 -24.55 -30.40 -20.31
C ALA C 650 -24.92 -31.24 -21.55
N GLY C 651 -23.93 -31.57 -22.38
CA GLY C 651 -24.10 -32.40 -23.57
C GLY C 651 -24.74 -31.70 -24.78
N ILE C 652 -25.10 -30.42 -24.70
CA ILE C 652 -25.51 -29.68 -25.89
C ILE C 652 -24.28 -29.18 -26.65
N CYS C 653 -24.36 -29.23 -27.98
CA CYS C 653 -23.39 -28.69 -28.91
C CYS C 653 -24.11 -27.89 -29.98
N ALA C 654 -23.36 -27.10 -30.76
CA ALA C 654 -23.88 -26.37 -31.90
C ALA C 654 -22.98 -26.46 -33.13
N SER C 655 -23.54 -26.23 -34.31
CA SER C 655 -22.82 -26.24 -35.59
C SER C 655 -23.59 -25.43 -36.63
N TYR C 656 -22.91 -24.97 -37.69
CA TYR C 656 -23.56 -24.19 -38.75
C TYR C 656 -23.93 -25.10 -39.91
N GLN C 657 -25.22 -25.26 -40.20
CA GLN C 657 -25.74 -26.28 -41.12
C GLN C 657 -27.02 -25.85 -41.84
N THR C 658 -27.35 -26.55 -42.92
CA THR C 658 -28.64 -26.43 -43.62
C THR C 658 -29.81 -26.93 -42.78
N GLN C 672 -29.16 -21.52 -44.35
CA GLN C 672 -28.46 -22.16 -43.24
C GLN C 672 -28.71 -21.45 -41.90
N SER C 673 -28.45 -22.14 -40.79
CA SER C 673 -28.64 -21.65 -39.42
C SER C 673 -27.63 -22.30 -38.47
N ILE C 674 -27.44 -21.73 -37.29
CA ILE C 674 -26.73 -22.40 -36.20
C ILE C 674 -27.70 -23.38 -35.56
N ILE C 675 -27.54 -24.67 -35.81
CA ILE C 675 -28.32 -25.68 -35.09
C ILE C 675 -27.68 -25.95 -33.74
N ALA C 676 -28.48 -26.34 -32.75
CA ALA C 676 -28.01 -26.86 -31.47
C ALA C 676 -28.71 -28.19 -31.16
N TYR C 677 -27.98 -29.16 -30.63
CA TYR C 677 -28.40 -30.55 -30.54
C TYR C 677 -27.72 -31.27 -29.38
N THR C 678 -28.29 -32.35 -28.85
CA THR C 678 -27.59 -33.19 -27.87
C THR C 678 -26.56 -34.05 -28.60
N MET C 679 -25.27 -33.93 -28.24
CA MET C 679 -24.20 -34.59 -28.98
C MET C 679 -24.24 -36.11 -28.86
N SER C 680 -23.72 -36.80 -29.89
CA SER C 680 -23.44 -38.23 -29.86
C SER C 680 -21.95 -38.47 -29.66
N LEU C 681 -21.61 -39.40 -28.76
CA LEU C 681 -20.23 -39.68 -28.40
C LEU C 681 -19.47 -40.48 -29.47
N GLY C 682 -20.17 -41.06 -30.44
CA GLY C 682 -19.56 -41.77 -31.55
C GLY C 682 -20.52 -42.77 -32.21
N VAL C 683 -20.08 -43.40 -33.28
CA VAL C 683 -20.83 -44.48 -33.93
C VAL C 683 -21.01 -45.63 -32.94
N GLU C 684 -22.22 -46.09 -32.71
CA GLU C 684 -22.45 -47.28 -31.87
C GLU C 684 -22.20 -48.57 -32.64
N ASN C 685 -21.63 -49.59 -31.99
CA ASN C 685 -21.17 -50.81 -32.65
C ASN C 685 -21.37 -52.04 -31.75
N SER C 686 -22.32 -52.90 -32.07
CA SER C 686 -22.45 -54.22 -31.42
C SER C 686 -21.35 -55.15 -31.91
N VAL C 687 -20.34 -55.41 -31.07
CA VAL C 687 -19.25 -56.33 -31.40
C VAL C 687 -19.81 -57.73 -31.59
N ALA C 688 -19.43 -58.43 -32.66
CA ALA C 688 -19.97 -59.73 -33.05
C ALA C 688 -19.47 -60.90 -32.19
N TYR C 689 -19.51 -60.79 -30.87
CA TYR C 689 -19.02 -61.80 -29.93
C TYR C 689 -19.88 -63.08 -29.96
N SER C 690 -19.20 -64.22 -30.08
CA SER C 690 -19.74 -65.54 -29.66
C SER C 690 -18.65 -66.31 -28.92
N ASN C 691 -18.97 -67.48 -28.38
CA ASN C 691 -18.06 -68.24 -27.49
C ASN C 691 -17.12 -69.11 -28.35
N ASN C 692 -17.24 -69.01 -29.67
CA ASN C 692 -16.39 -69.81 -30.61
C ASN C 692 -16.09 -68.99 -31.86
N SER C 693 -16.06 -67.65 -31.74
CA SER C 693 -15.72 -66.78 -32.87
C SER C 693 -14.55 -65.86 -32.53
N ILE C 694 -13.52 -65.80 -33.39
CA ILE C 694 -12.41 -64.85 -33.28
C ILE C 694 -12.16 -64.14 -34.60
N ALA C 695 -11.91 -62.83 -34.56
CA ALA C 695 -11.54 -62.07 -35.75
C ALA C 695 -10.03 -61.84 -35.78
N ILE C 696 -9.33 -62.31 -36.82
CA ILE C 696 -7.86 -62.16 -36.94
C ILE C 696 -7.55 -61.22 -38.11
N PRO C 697 -6.66 -60.23 -37.95
CA PRO C 697 -6.32 -59.30 -39.02
C PRO C 697 -5.47 -59.97 -40.09
N THR C 698 -5.90 -59.90 -41.34
CA THR C 698 -5.15 -60.57 -42.44
C THR C 698 -4.16 -59.57 -43.05
N ASN C 699 -4.31 -58.28 -42.74
CA ASN C 699 -3.42 -57.24 -43.31
C ASN C 699 -3.25 -56.15 -42.25
N PHE C 700 -2.36 -55.20 -42.51
CA PHE C 700 -2.02 -54.14 -41.52
C PHE C 700 -1.61 -52.86 -42.25
N THR C 701 -1.50 -51.76 -41.51
CA THR C 701 -0.93 -50.51 -42.00
C THR C 701 0.11 -50.05 -41.01
N ILE C 702 1.33 -49.78 -41.47
CA ILE C 702 2.21 -48.87 -40.75
C ILE C 702 1.55 -47.49 -40.72
N SER C 703 1.67 -46.76 -39.62
CA SER C 703 1.11 -45.43 -39.44
C SER C 703 2.14 -44.54 -38.81
N VAL C 704 2.14 -43.24 -39.09
CA VAL C 704 3.05 -42.27 -38.45
C VAL C 704 2.23 -41.18 -37.78
N THR C 705 2.26 -41.13 -36.45
CA THR C 705 1.48 -40.19 -35.64
C THR C 705 2.40 -39.10 -35.10
N THR C 706 2.07 -37.84 -35.34
CA THR C 706 2.91 -36.71 -34.90
C THR C 706 2.45 -36.23 -33.55
N GLU C 707 3.29 -36.33 -32.52
CA GLU C 707 2.99 -35.88 -31.17
C GLU C 707 3.88 -34.70 -30.78
N ILE C 708 3.29 -33.60 -30.30
CA ILE C 708 3.99 -32.33 -30.09
C ILE C 708 3.99 -31.97 -28.61
N LEU C 709 5.15 -31.67 -28.02
CA LEU C 709 5.29 -31.39 -26.59
C LEU C 709 6.09 -30.10 -26.33
N PRO C 710 5.58 -29.17 -25.51
CA PRO C 710 6.38 -28.06 -25.00
C PRO C 710 7.52 -28.54 -24.12
N VAL C 711 8.66 -27.87 -24.14
CA VAL C 711 9.83 -28.23 -23.31
C VAL C 711 10.37 -27.05 -22.51
N SER C 712 10.28 -25.82 -23.03
CA SER C 712 10.80 -24.65 -22.34
C SER C 712 10.04 -23.38 -22.69
N MET C 713 9.96 -22.47 -21.72
CA MET C 713 9.46 -21.09 -21.86
C MET C 713 10.57 -20.17 -22.34
N THR C 714 10.22 -18.95 -22.78
CA THR C 714 11.22 -17.90 -22.99
C THR C 714 11.85 -17.49 -21.65
N LYS C 715 13.14 -17.77 -21.43
CA LYS C 715 13.84 -17.38 -20.19
C LYS C 715 13.73 -15.88 -19.99
N THR C 716 13.21 -15.44 -18.85
CA THR C 716 12.95 -14.01 -18.58
C THR C 716 13.47 -13.62 -17.21
N SER C 717 14.10 -12.44 -17.10
CA SER C 717 14.47 -11.85 -15.81
C SER C 717 14.11 -10.36 -15.80
N VAL C 718 13.53 -9.85 -14.72
CA VAL C 718 12.99 -8.49 -14.66
C VAL C 718 13.74 -7.71 -13.60
N ASP C 719 14.36 -6.59 -13.95
CA ASP C 719 14.90 -5.64 -12.97
C ASP C 719 13.73 -4.98 -12.24
N CYS C 720 13.38 -5.48 -11.05
CA CYS C 720 12.20 -4.99 -10.33
C CYS C 720 12.31 -3.51 -9.96
N THR C 721 13.52 -2.98 -9.74
CA THR C 721 13.72 -1.56 -9.46
C THR C 721 13.49 -0.72 -10.71
N MET C 722 13.99 -1.14 -11.87
CA MET C 722 13.70 -0.43 -13.12
C MET C 722 12.24 -0.58 -13.55
N TYR C 723 11.59 -1.70 -13.26
CA TYR C 723 10.16 -1.86 -13.50
C TYR C 723 9.34 -0.93 -12.61
N ILE C 724 9.50 -1.00 -11.28
CA ILE C 724 8.69 -0.22 -10.34
C ILE C 724 9.03 1.27 -10.41
N CYS C 725 10.30 1.62 -10.19
CA CYS C 725 10.76 2.98 -9.95
C CYS C 725 11.20 3.75 -11.21
N GLY C 726 11.41 3.07 -12.35
CA GLY C 726 11.96 3.73 -13.55
C GLY C 726 13.35 4.35 -13.34
N ASP C 727 14.10 3.86 -12.36
CA ASP C 727 15.36 4.44 -11.86
C ASP C 727 15.26 5.85 -11.24
N SER C 728 14.06 6.38 -11.01
CA SER C 728 13.86 7.69 -10.36
C SER C 728 14.01 7.59 -8.84
N THR C 729 15.04 8.23 -8.29
CA THR C 729 15.62 7.90 -6.98
C THR C 729 14.64 8.00 -5.81
N GLU C 730 13.73 8.97 -5.83
CA GLU C 730 12.74 9.16 -4.77
C GLU C 730 11.82 7.95 -4.57
N CYS C 731 11.53 7.20 -5.64
CA CYS C 731 10.79 5.96 -5.54
C CYS C 731 11.67 4.79 -5.06
N SER C 732 12.93 4.71 -5.50
CA SER C 732 13.85 3.68 -5.02
C SER C 732 14.10 3.78 -3.50
N ASN C 733 14.25 4.99 -2.98
CA ASN C 733 14.39 5.21 -1.53
C ASN C 733 13.13 4.86 -0.71
N LEU C 734 11.96 4.72 -1.34
CA LEU C 734 10.79 4.08 -0.73
C LEU C 734 10.85 2.57 -0.89
N LEU C 735 11.15 2.05 -2.08
CA LEU C 735 11.19 0.62 -2.36
C LEU C 735 12.18 -0.13 -1.46
N LEU C 736 13.30 0.49 -1.09
CA LEU C 736 14.25 -0.09 -0.11
C LEU C 736 13.59 -0.46 1.23
N GLN C 737 12.52 0.24 1.62
CA GLN C 737 11.83 0.03 2.89
C GLN C 737 10.93 -1.22 2.88
N TYR C 738 10.63 -1.80 1.71
CA TYR C 738 9.89 -3.05 1.57
C TYR C 738 10.77 -4.31 1.73
N GLY C 739 12.09 -4.16 1.70
CA GLY C 739 13.02 -5.26 1.96
C GLY C 739 13.07 -6.32 0.86
N SER C 740 12.96 -7.59 1.22
CA SER C 740 13.24 -8.73 0.34
C SER C 740 12.35 -8.83 -0.89
N PHE C 741 11.23 -8.10 -0.97
CA PHE C 741 10.42 -8.02 -2.19
C PHE C 741 11.16 -7.43 -3.39
N CYS C 742 12.26 -6.71 -3.19
CA CYS C 742 13.21 -6.39 -4.25
C CYS C 742 13.93 -7.66 -4.74
N THR C 743 14.72 -8.32 -3.89
CA THR C 743 15.64 -9.40 -4.26
C THR C 743 14.96 -10.71 -4.63
N GLN C 744 13.97 -11.17 -3.87
CA GLN C 744 13.52 -12.56 -4.02
C GLN C 744 12.77 -12.82 -5.33
N LEU C 745 12.22 -11.80 -6.00
CA LEU C 745 11.60 -11.98 -7.31
C LEU C 745 12.64 -12.28 -8.39
N ASN C 746 13.82 -11.65 -8.36
CA ASN C 746 14.92 -12.05 -9.23
C ASN C 746 15.45 -13.45 -8.91
N ARG C 747 15.46 -13.86 -7.64
CA ARG C 747 15.83 -15.23 -7.26
C ARG C 747 14.83 -16.25 -7.80
N ALA C 748 13.54 -15.98 -7.67
CA ALA C 748 12.47 -16.83 -8.19
C ALA C 748 12.53 -16.93 -9.73
N LEU C 749 12.63 -15.81 -10.46
CA LEU C 749 12.78 -15.85 -11.91
C LEU C 749 14.11 -16.45 -12.37
N THR C 750 15.19 -16.34 -11.61
CA THR C 750 16.44 -17.06 -11.92
C THR C 750 16.25 -18.57 -11.80
N GLY C 751 15.54 -19.06 -10.78
CA GLY C 751 15.16 -20.47 -10.68
C GLY C 751 14.39 -20.94 -11.92
N ILE C 752 13.40 -20.16 -12.39
CA ILE C 752 12.68 -20.48 -13.62
C ILE C 752 13.61 -20.46 -14.83
N ALA C 753 14.49 -19.47 -14.96
CA ALA C 753 15.37 -19.33 -16.11
C ALA C 753 16.37 -20.48 -16.22
N VAL C 754 16.99 -20.91 -15.12
CA VAL C 754 17.90 -22.07 -15.11
C VAL C 754 17.16 -23.35 -15.44
N GLU C 755 15.94 -23.52 -14.92
CA GLU C 755 15.15 -24.71 -15.19
C GLU C 755 14.83 -24.89 -16.68
N GLN C 756 14.72 -23.82 -17.48
CA GLN C 756 14.51 -23.97 -18.92
C GLN C 756 15.69 -24.65 -19.61
N ASP C 757 16.91 -24.39 -19.16
CA ASP C 757 18.10 -25.07 -19.67
C ASP C 757 18.15 -26.51 -19.17
N LYS C 758 17.86 -26.77 -17.89
CA LYS C 758 17.77 -28.13 -17.35
C LYS C 758 16.75 -28.99 -18.11
N ASN C 759 15.56 -28.49 -18.39
CA ASN C 759 14.58 -29.19 -19.22
C ASN C 759 15.14 -29.54 -20.59
N THR C 760 15.70 -28.55 -21.28
CA THR C 760 16.18 -28.75 -22.65
C THR C 760 17.38 -29.69 -22.69
N GLN C 761 18.20 -29.70 -21.64
CA GLN C 761 19.29 -30.65 -21.49
C GLN C 761 18.77 -32.08 -21.32
N GLU C 762 17.83 -32.32 -20.41
CA GLU C 762 17.29 -33.65 -20.16
C GLU C 762 16.54 -34.23 -21.34
N VAL C 763 15.83 -33.41 -22.11
CA VAL C 763 15.12 -33.89 -23.29
C VAL C 763 16.11 -34.30 -24.37
N PHE C 764 17.01 -33.44 -24.82
CA PHE C 764 17.82 -33.73 -26.00
C PHE C 764 19.16 -34.41 -25.70
N ALA C 765 19.86 -34.04 -24.63
CA ALA C 765 21.20 -34.53 -24.35
C ALA C 765 21.24 -35.91 -23.65
N GLN C 766 20.35 -36.83 -24.06
CA GLN C 766 20.35 -38.22 -23.56
C GLN C 766 21.43 -39.08 -24.22
N VAL C 767 21.91 -38.68 -25.40
CA VAL C 767 22.92 -39.39 -26.19
C VAL C 767 24.34 -39.16 -25.69
N LYS C 768 25.18 -40.19 -25.68
CA LYS C 768 26.55 -40.13 -25.16
C LYS C 768 27.58 -39.51 -26.11
N GLN C 769 27.29 -39.48 -27.42
CA GLN C 769 28.16 -39.03 -28.50
C GLN C 769 27.31 -38.35 -29.57
N ILE C 770 27.90 -37.51 -30.41
CA ILE C 770 27.18 -36.97 -31.57
C ILE C 770 27.33 -37.95 -32.73
N TYR C 771 26.34 -38.84 -32.86
CA TYR C 771 26.29 -39.82 -33.97
C TYR C 771 25.93 -39.10 -35.28
N LYS C 772 26.60 -39.49 -36.37
CA LYS C 772 26.31 -38.94 -37.69
C LYS C 772 26.21 -40.04 -38.75
N THR C 773 25.29 -39.85 -39.68
CA THR C 773 24.87 -40.87 -40.65
C THR C 773 25.93 -41.12 -41.71
N PRO C 774 26.15 -42.36 -42.17
CA PRO C 774 27.09 -42.66 -43.26
C PRO C 774 26.72 -41.96 -44.58
N PRO C 775 27.62 -41.95 -45.58
CA PRO C 775 27.34 -41.39 -46.91
C PRO C 775 26.22 -42.15 -47.63
N ILE C 776 26.22 -43.49 -47.59
CA ILE C 776 25.16 -44.34 -48.15
C ILE C 776 23.87 -44.30 -47.32
N LYS C 777 22.71 -44.34 -47.98
CA LYS C 777 21.38 -44.16 -47.37
C LYS C 777 20.42 -45.34 -47.65
N ASP C 778 20.96 -46.52 -47.93
CA ASP C 778 20.21 -47.72 -48.32
C ASP C 778 19.59 -48.46 -47.11
N PHE C 779 18.72 -47.77 -46.38
CA PHE C 779 17.97 -48.32 -45.24
C PHE C 779 16.83 -49.23 -45.70
N GLY C 780 17.11 -50.28 -46.47
CA GLY C 780 16.12 -51.27 -46.91
C GLY C 780 14.95 -50.73 -47.75
N GLY C 781 15.08 -49.49 -48.23
CA GLY C 781 14.01 -48.82 -48.99
C GLY C 781 13.35 -47.72 -48.18
N PHE C 782 13.32 -47.88 -46.85
CA PHE C 782 12.79 -46.84 -45.93
C PHE C 782 13.51 -45.51 -46.19
N ASN C 783 12.74 -44.42 -46.23
CA ASN C 783 13.16 -43.14 -46.87
C ASN C 783 14.35 -42.55 -46.12
N PHE C 784 14.09 -41.88 -45.00
CA PHE C 784 15.12 -41.17 -44.20
C PHE C 784 15.85 -40.15 -45.07
N SER C 785 15.18 -39.00 -45.30
CA SER C 785 15.76 -37.82 -45.98
C SER C 785 15.07 -36.56 -45.47
N GLN C 786 13.72 -36.57 -45.45
CA GLN C 786 12.93 -35.38 -45.06
C GLN C 786 13.10 -35.15 -43.55
N ILE C 787 13.60 -36.16 -42.83
CA ILE C 787 13.79 -36.02 -41.38
C ILE C 787 15.26 -36.02 -40.91
N LEU C 788 16.18 -36.56 -41.70
CA LEU C 788 17.62 -36.32 -41.53
C LEU C 788 17.98 -34.87 -41.89
N PRO C 789 19.16 -34.37 -41.51
CA PRO C 789 19.62 -33.04 -41.88
C PRO C 789 19.60 -32.77 -43.38
N ASP C 790 19.31 -31.53 -43.76
CA ASP C 790 19.43 -31.02 -45.12
C ASP C 790 20.68 -30.11 -45.21
N PRO C 791 21.67 -30.42 -46.06
CA PRO C 791 22.91 -29.63 -46.15
C PRO C 791 22.70 -28.20 -46.69
N SER C 792 21.59 -27.98 -47.39
CA SER C 792 21.31 -26.63 -47.98
C SER C 792 20.78 -25.70 -46.89
N LYS C 793 20.07 -26.26 -45.91
CA LYS C 793 19.62 -25.47 -44.72
C LYS C 793 20.86 -24.98 -43.97
N PRO C 794 21.01 -23.65 -43.74
CA PRO C 794 22.21 -23.11 -43.09
C PRO C 794 22.47 -23.75 -41.73
N SER C 795 21.62 -23.45 -40.73
CA SER C 795 21.43 -24.36 -39.57
C SER C 795 20.98 -25.72 -40.10
N LYS C 796 21.75 -26.78 -39.80
CA LYS C 796 21.55 -28.10 -40.44
C LYS C 796 20.30 -28.78 -39.85
N ARG C 797 19.14 -28.13 -40.03
CA ARG C 797 17.84 -28.73 -39.70
C ARG C 797 17.36 -29.67 -40.80
N SER C 798 16.47 -30.60 -40.48
CA SER C 798 15.80 -31.42 -41.50
C SER C 798 14.73 -30.65 -42.25
N PHE C 799 14.16 -31.22 -43.31
CA PHE C 799 13.04 -30.58 -44.00
C PHE C 799 11.83 -30.40 -43.07
N ILE C 800 11.41 -31.45 -42.35
CA ILE C 800 10.28 -31.33 -41.41
C ILE C 800 10.58 -30.39 -40.24
N GLU C 801 11.82 -30.34 -39.74
CA GLU C 801 12.18 -29.31 -38.77
C GLU C 801 12.02 -27.91 -39.34
N ASP C 802 12.36 -27.66 -40.61
CA ASP C 802 12.10 -26.35 -41.21
C ASP C 802 10.61 -26.02 -41.29
N LEU C 803 9.72 -26.96 -41.63
CA LEU C 803 8.27 -26.69 -41.58
C LEU C 803 7.83 -26.25 -40.18
N LEU C 804 8.27 -26.96 -39.14
CA LEU C 804 7.93 -26.64 -37.76
C LEU C 804 8.48 -25.26 -37.36
N PHE C 805 9.70 -24.95 -37.74
CA PHE C 805 10.31 -23.64 -37.46
C PHE C 805 9.66 -22.50 -38.27
N ASN C 806 8.93 -22.78 -39.35
CA ASN C 806 8.11 -21.79 -40.04
C ASN C 806 6.71 -21.63 -39.42
N LYS C 807 6.01 -22.73 -39.11
CA LYS C 807 4.61 -22.69 -38.67
C LYS C 807 4.42 -22.17 -37.24
N VAL C 808 5.37 -22.39 -36.33
CA VAL C 808 5.38 -21.69 -35.02
C VAL C 808 5.91 -20.26 -35.21
N THR C 809 5.27 -19.27 -34.59
CA THR C 809 5.64 -17.84 -34.76
C THR C 809 5.49 -17.01 -33.50
N PHE C 837 10.87 -4.45 -22.73
CA PHE C 837 12.15 -3.85 -22.32
C PHE C 837 12.02 -2.63 -21.38
N ASN C 838 10.85 -2.44 -20.77
CA ASN C 838 10.64 -1.49 -19.69
C ASN C 838 11.12 -2.08 -18.35
N GLY C 839 12.39 -2.43 -18.24
CA GLY C 839 12.98 -3.18 -17.11
C GLY C 839 12.90 -4.71 -17.24
N LEU C 840 12.07 -5.21 -18.16
CA LEU C 840 11.98 -6.60 -18.58
C LEU C 840 13.24 -6.99 -19.39
N THR C 841 13.78 -8.19 -19.20
CA THR C 841 14.84 -8.73 -20.09
C THR C 841 14.59 -10.18 -20.46
N VAL C 842 14.85 -10.53 -21.71
CA VAL C 842 14.81 -11.91 -22.22
C VAL C 842 16.24 -12.42 -22.36
N LEU C 843 16.47 -13.64 -21.90
CA LEU C 843 17.78 -14.30 -21.88
C LEU C 843 17.83 -15.41 -22.94
N PRO C 844 18.96 -15.61 -23.63
CA PRO C 844 19.06 -16.66 -24.62
C PRO C 844 19.03 -18.06 -23.96
N PRO C 845 18.61 -19.11 -24.68
CA PRO C 845 18.76 -20.48 -24.23
C PRO C 845 20.25 -20.87 -24.19
N LEU C 846 20.65 -21.82 -23.35
CA LEU C 846 22.06 -22.27 -23.35
C LEU C 846 22.41 -22.97 -24.67
N LEU C 847 21.54 -23.84 -25.17
CA LEU C 847 21.74 -24.54 -26.44
C LEU C 847 21.00 -23.80 -27.55
N THR C 848 21.70 -23.37 -28.60
CA THR C 848 21.05 -22.69 -29.74
C THR C 848 20.19 -23.66 -30.54
N ASP C 849 19.31 -23.17 -31.39
CA ASP C 849 18.54 -24.00 -32.32
C ASP C 849 19.43 -24.89 -33.21
N GLU C 850 20.62 -24.42 -33.60
CA GLU C 850 21.60 -25.24 -34.31
C GLU C 850 22.15 -26.39 -33.47
N MET C 851 22.42 -26.18 -32.18
CA MET C 851 22.88 -27.25 -31.28
C MET C 851 21.79 -28.28 -31.02
N ILE C 852 20.56 -27.85 -30.78
CA ILE C 852 19.42 -28.76 -30.65
C ILE C 852 19.25 -29.58 -31.92
N ALA C 853 19.36 -28.97 -33.10
CA ALA C 853 19.30 -29.69 -34.36
C ALA C 853 20.43 -30.72 -34.56
N GLN C 854 21.60 -30.54 -33.95
CA GLN C 854 22.60 -31.62 -33.90
C GLN C 854 22.19 -32.73 -32.96
N TYR C 855 21.67 -32.46 -31.76
CA TYR C 855 21.17 -33.55 -30.92
C TYR C 855 20.02 -34.31 -31.58
N THR C 856 19.02 -33.68 -32.17
CA THR C 856 17.98 -34.43 -32.88
C THR C 856 18.51 -35.18 -34.08
N SER C 857 19.57 -34.71 -34.76
CA SER C 857 20.27 -35.55 -35.74
C SER C 857 21.02 -36.70 -35.10
N ALA C 858 21.67 -36.54 -33.96
CA ALA C 858 22.39 -37.61 -33.31
C ALA C 858 21.46 -38.73 -32.84
N LEU C 859 20.37 -38.40 -32.13
CA LEU C 859 19.39 -39.39 -31.71
C LEU C 859 18.80 -40.10 -32.92
N LEU C 860 18.53 -39.38 -34.01
CA LEU C 860 18.02 -40.00 -35.22
C LEU C 860 19.05 -40.88 -35.92
N ALA C 861 20.31 -40.48 -36.04
CA ALA C 861 21.34 -41.28 -36.69
C ALA C 861 21.74 -42.51 -35.88
N GLY C 862 21.68 -42.43 -34.55
CA GLY C 862 21.79 -43.60 -33.69
C GLY C 862 20.61 -44.54 -33.93
N THR C 863 19.38 -44.03 -33.89
CA THR C 863 18.16 -44.81 -34.09
C THR C 863 18.11 -45.51 -35.43
N ILE C 864 18.55 -44.86 -36.50
CA ILE C 864 18.60 -45.48 -37.83
C ILE C 864 19.71 -46.52 -37.91
N THR C 865 20.94 -46.24 -37.47
CA THR C 865 22.05 -47.16 -37.70
C THR C 865 22.18 -48.29 -36.69
N SER C 866 21.59 -48.19 -35.50
CA SER C 866 21.97 -49.02 -34.35
C SER C 866 20.85 -49.42 -33.40
N GLY C 867 19.60 -49.16 -33.75
CA GLY C 867 18.45 -49.55 -32.96
C GLY C 867 18.38 -48.87 -31.59
N TRP C 868 18.11 -49.69 -30.57
CA TRP C 868 18.08 -49.22 -29.15
C TRP C 868 19.47 -49.32 -28.51
N THR C 869 20.44 -49.92 -29.21
CA THR C 869 21.72 -50.25 -28.55
C THR C 869 22.47 -49.01 -28.07
N PHE C 870 22.38 -47.88 -28.76
CA PHE C 870 23.02 -46.64 -28.32
C PHE C 870 22.41 -46.06 -27.04
N GLY C 871 21.23 -46.53 -26.62
CA GLY C 871 20.63 -46.24 -25.32
C GLY C 871 21.13 -47.16 -24.19
N ALA C 872 21.76 -48.28 -24.51
CA ALA C 872 22.33 -49.22 -23.54
C ALA C 872 23.85 -49.11 -23.37
N GLY C 873 24.59 -48.72 -24.41
CA GLY C 873 26.04 -48.64 -24.40
C GLY C 873 26.56 -47.82 -25.59
N ALA C 874 27.60 -48.29 -26.27
CA ALA C 874 27.98 -47.74 -27.57
C ALA C 874 26.97 -48.16 -28.65
N ALA C 875 26.80 -47.35 -29.71
CA ALA C 875 26.00 -47.74 -30.85
C ALA C 875 26.60 -48.96 -31.55
N LEU C 876 25.84 -50.03 -31.69
CA LEU C 876 26.23 -51.23 -32.44
C LEU C 876 25.49 -51.21 -33.77
N GLN C 877 26.19 -51.18 -34.90
CA GLN C 877 25.47 -51.10 -36.17
C GLN C 877 24.66 -52.37 -36.42
N ILE C 878 23.53 -52.23 -37.09
CA ILE C 878 22.69 -53.34 -37.56
C ILE C 878 21.94 -52.92 -38.82
N PRO C 879 21.76 -53.77 -39.85
CA PRO C 879 21.10 -53.37 -41.08
C PRO C 879 19.66 -52.98 -40.82
N PHE C 880 19.13 -51.93 -41.46
CA PHE C 880 17.85 -51.39 -41.00
C PHE C 880 16.66 -52.34 -41.16
N ALA C 881 16.65 -53.17 -42.20
CA ALA C 881 15.62 -54.19 -42.34
C ALA C 881 15.62 -55.17 -41.15
N MET C 882 16.78 -55.52 -40.60
CA MET C 882 16.85 -56.38 -39.41
C MET C 882 16.44 -55.65 -38.14
N GLN C 883 16.72 -54.35 -38.02
CA GLN C 883 16.19 -53.59 -36.89
C GLN C 883 14.66 -53.55 -36.93
N MET C 884 14.03 -53.38 -38.09
CA MET C 884 12.59 -53.48 -38.15
C MET C 884 12.12 -54.90 -37.87
N ALA C 885 12.85 -55.93 -38.31
CA ALA C 885 12.49 -57.31 -38.04
C ALA C 885 12.46 -57.58 -36.54
N TYR C 886 13.45 -57.03 -35.82
CA TYR C 886 13.46 -56.96 -34.33
C TYR C 886 12.17 -56.33 -33.80
N ARG C 887 11.86 -55.11 -34.26
CA ARG C 887 10.76 -54.31 -33.70
C ARG C 887 9.40 -54.93 -34.01
N PHE C 888 9.22 -55.62 -35.12
CA PHE C 888 8.07 -56.51 -35.34
C PHE C 888 8.06 -57.65 -34.33
N ASN C 889 9.18 -58.33 -34.14
CA ASN C 889 9.32 -59.40 -33.15
C ASN C 889 9.02 -58.91 -31.72
N GLY C 890 9.08 -57.61 -31.46
CA GLY C 890 8.73 -56.99 -30.19
C GLY C 890 7.24 -56.76 -29.96
N ILE C 891 6.39 -56.88 -31.00
CA ILE C 891 4.93 -56.69 -30.90
C ILE C 891 4.14 -57.97 -31.18
N GLY C 892 4.77 -59.13 -31.06
CA GLY C 892 4.09 -60.42 -31.25
C GLY C 892 3.73 -60.74 -32.71
N VAL C 893 4.49 -60.20 -33.67
CA VAL C 893 4.42 -60.56 -35.09
C VAL C 893 5.71 -61.28 -35.47
N THR C 894 5.64 -62.51 -35.97
CA THR C 894 6.84 -63.31 -36.25
C THR C 894 7.63 -62.68 -37.38
N GLN C 895 8.95 -62.55 -37.23
CA GLN C 895 9.72 -61.63 -38.05
C GLN C 895 9.67 -61.90 -39.55
N ASN C 896 9.36 -63.12 -39.99
CA ASN C 896 9.15 -63.43 -41.40
C ASN C 896 8.07 -62.55 -42.04
N VAL C 897 7.08 -62.09 -41.27
CA VAL C 897 6.05 -61.17 -41.76
C VAL C 897 6.64 -59.87 -42.27
N LEU C 898 7.77 -59.40 -41.72
CA LEU C 898 8.45 -58.23 -42.29
C LEU C 898 9.14 -58.58 -43.61
N TYR C 899 10.02 -59.58 -43.60
CA TYR C 899 10.89 -59.84 -44.78
C TYR C 899 10.03 -60.18 -46.01
N GLU C 900 8.99 -60.98 -45.82
CA GLU C 900 8.05 -61.32 -46.87
C GLU C 900 7.20 -60.13 -47.38
N ASN C 901 7.28 -58.96 -46.73
CA ASN C 901 6.53 -57.76 -47.06
C ASN C 901 7.39 -56.50 -47.06
N GLN C 902 8.72 -56.61 -47.21
CA GLN C 902 9.60 -55.47 -46.95
C GLN C 902 9.31 -54.29 -47.88
N LYS C 903 9.11 -54.52 -49.17
CA LYS C 903 8.81 -53.44 -50.13
C LYS C 903 7.49 -52.76 -49.83
N LEU C 904 6.45 -53.52 -49.49
CA LEU C 904 5.17 -52.95 -49.07
C LEU C 904 5.28 -52.14 -47.79
N ILE C 905 6.00 -52.63 -46.78
CA ILE C 905 6.18 -51.93 -45.51
C ILE C 905 6.99 -50.66 -45.70
N ALA C 906 8.06 -50.69 -46.49
CA ALA C 906 8.80 -49.50 -46.85
C ALA C 906 7.91 -48.48 -47.58
N ASN C 907 7.06 -48.89 -48.52
CA ASN C 907 6.16 -47.97 -49.21
C ASN C 907 5.11 -47.38 -48.26
N GLN C 908 4.48 -48.18 -47.40
CA GLN C 908 3.54 -47.65 -46.40
C GLN C 908 4.20 -46.62 -45.50
N PHE C 909 5.43 -46.89 -45.05
CA PHE C 909 6.17 -45.94 -44.23
C PHE C 909 6.56 -44.67 -45.00
N ASN C 910 7.13 -44.79 -46.20
CA ASN C 910 7.53 -43.63 -47.01
C ASN C 910 6.34 -42.72 -47.35
N SER C 911 5.21 -43.32 -47.73
CA SER C 911 3.96 -42.60 -47.97
C SER C 911 3.45 -41.92 -46.69
N ALA C 912 3.49 -42.59 -45.55
CA ALA C 912 3.08 -42.00 -44.28
C ALA C 912 3.96 -40.82 -43.87
N ILE C 913 5.28 -40.85 -44.07
CA ILE C 913 6.12 -39.65 -43.88
C ILE C 913 5.65 -38.53 -44.81
N GLY C 914 5.42 -38.83 -46.09
CA GLY C 914 5.01 -37.82 -47.07
C GLY C 914 3.76 -37.04 -46.62
N LYS C 915 2.77 -37.74 -46.05
CA LYS C 915 1.57 -37.11 -45.51
C LYS C 915 1.84 -36.17 -44.34
N ILE C 916 2.94 -36.32 -43.60
CA ILE C 916 3.28 -35.40 -42.50
C ILE C 916 3.59 -34.01 -43.06
N GLN C 917 4.35 -33.90 -44.14
CA GLN C 917 4.67 -32.60 -44.74
C GLN C 917 3.41 -31.86 -45.16
N ASP C 918 2.47 -32.54 -45.82
CA ASP C 918 1.18 -31.95 -46.18
C ASP C 918 0.33 -31.62 -44.95
N SER C 919 0.28 -32.51 -43.96
CA SER C 919 -0.46 -32.29 -42.70
C SER C 919 0.02 -31.03 -41.99
N LEU C 920 1.33 -30.91 -41.77
CA LEU C 920 1.94 -29.72 -41.14
C LEU C 920 1.81 -28.46 -42.02
N SER C 921 1.80 -28.61 -43.34
CA SER C 921 1.56 -27.47 -44.25
C SER C 921 0.11 -26.97 -44.21
N SER C 922 -0.86 -27.84 -43.93
CA SER C 922 -2.29 -27.54 -44.10
C SER C 922 -2.83 -26.46 -43.14
N THR C 923 -2.39 -26.45 -41.88
CA THR C 923 -2.88 -25.49 -40.87
C THR C 923 -1.90 -25.31 -39.72
N ALA C 924 -1.70 -24.07 -39.27
CA ALA C 924 -0.95 -23.76 -38.06
C ALA C 924 -1.63 -24.27 -36.77
N SER C 925 -2.95 -24.49 -36.80
CA SER C 925 -3.72 -24.97 -35.65
C SER C 925 -3.32 -26.37 -35.16
N ALA C 926 -2.58 -27.15 -35.97
CA ALA C 926 -2.00 -28.43 -35.55
C ALA C 926 -0.91 -28.27 -34.47
N LEU C 927 -0.16 -27.17 -34.50
CA LEU C 927 0.93 -26.89 -33.55
C LEU C 927 0.48 -26.15 -32.29
N GLY C 928 -0.81 -26.25 -31.94
CA GLY C 928 -1.45 -25.46 -30.89
C GLY C 928 -0.70 -25.48 -29.57
N LYS C 929 -0.15 -26.63 -29.16
CA LYS C 929 0.61 -26.75 -27.90
C LYS C 929 1.86 -25.88 -27.85
N LEU C 930 2.58 -25.70 -28.96
CA LEU C 930 3.76 -24.81 -29.02
C LEU C 930 3.35 -23.36 -29.26
N GLN C 931 2.36 -23.12 -30.10
CA GLN C 931 1.89 -21.75 -30.32
C GLN C 931 1.30 -21.17 -29.02
N ASP C 932 0.68 -22.00 -28.18
CA ASP C 932 0.20 -21.62 -26.84
C ASP C 932 1.33 -21.17 -25.90
N VAL C 933 2.43 -21.92 -25.75
CA VAL C 933 3.51 -21.49 -24.84
C VAL C 933 4.19 -20.21 -25.33
N VAL C 934 4.25 -19.98 -26.64
CA VAL C 934 4.73 -18.70 -27.18
C VAL C 934 3.72 -17.58 -26.89
N ASN C 935 2.43 -17.79 -27.16
CA ASN C 935 1.39 -16.78 -26.94
C ASN C 935 1.27 -16.40 -25.46
N GLN C 936 1.22 -17.37 -24.53
CA GLN C 936 0.96 -17.04 -23.13
C GLN C 936 2.08 -16.21 -22.49
N ASN C 937 3.34 -16.40 -22.88
CA ASN C 937 4.42 -15.57 -22.36
C ASN C 937 4.40 -14.15 -22.92
N ALA C 938 4.07 -13.98 -24.21
CA ALA C 938 3.83 -12.64 -24.75
C ALA C 938 2.63 -11.97 -24.08
N GLN C 939 1.53 -12.68 -23.89
CA GLN C 939 0.33 -12.18 -23.24
C GLN C 939 0.57 -11.76 -21.78
N ALA C 940 1.33 -12.54 -21.01
CA ALA C 940 1.71 -12.18 -19.65
C ALA C 940 2.57 -10.92 -19.62
N LEU C 941 3.65 -10.83 -20.42
CA LEU C 941 4.49 -9.64 -20.44
C LEU C 941 3.76 -8.41 -20.97
N ASN C 942 2.92 -8.52 -21.99
CA ASN C 942 2.10 -7.39 -22.44
C ASN C 942 1.22 -6.88 -21.31
N THR C 943 0.59 -7.77 -20.55
CA THR C 943 -0.21 -7.35 -19.40
C THR C 943 0.64 -6.73 -18.29
N LEU C 944 1.84 -7.26 -18.03
CA LEU C 944 2.76 -6.69 -17.06
C LEU C 944 3.21 -5.27 -17.45
N VAL C 945 3.42 -5.01 -18.74
CA VAL C 945 3.72 -3.67 -19.24
C VAL C 945 2.50 -2.76 -19.14
N LYS C 946 1.32 -3.22 -19.57
CA LYS C 946 0.08 -2.42 -19.46
C LYS C 946 -0.21 -2.00 -18.03
N GLN C 947 0.11 -2.83 -17.03
CA GLN C 947 -0.06 -2.46 -15.62
C GLN C 947 0.83 -1.31 -15.13
N LEU C 948 1.82 -0.83 -15.90
CA LEU C 948 2.46 0.46 -15.57
C LEU C 948 1.48 1.63 -15.71
N SER C 949 0.52 1.55 -16.62
CA SER C 949 -0.50 2.56 -16.91
C SER C 949 -1.72 2.47 -15.98
N SER C 950 -1.52 2.22 -14.69
CA SER C 950 -2.57 2.05 -13.69
C SER C 950 -2.32 2.89 -12.45
N ASN C 951 -3.36 3.49 -11.88
CA ASN C 951 -3.26 4.47 -10.79
C ASN C 951 -3.21 3.85 -9.39
N PHE C 952 -3.93 2.76 -9.14
CA PHE C 952 -4.05 2.14 -7.81
C PHE C 952 -4.47 3.12 -6.69
N GLY C 953 -5.25 4.15 -7.04
CA GLY C 953 -5.68 5.23 -6.14
C GLY C 953 -4.81 6.50 -6.19
N ALA C 954 -3.67 6.49 -6.87
CA ALA C 954 -2.80 7.66 -7.02
C ALA C 954 -3.35 8.71 -8.02
N ILE C 955 -2.99 9.98 -7.82
CA ILE C 955 -3.38 11.10 -8.69
C ILE C 955 -2.96 10.94 -10.16
N SER C 956 -1.87 10.21 -10.42
CA SER C 956 -1.35 9.95 -11.76
C SER C 956 -0.71 8.57 -11.81
N SER C 957 -0.67 7.96 -12.99
CA SER C 957 0.05 6.71 -13.25
C SER C 957 1.56 6.91 -13.45
N VAL C 958 2.04 8.16 -13.52
CA VAL C 958 3.45 8.48 -13.80
C VAL C 958 4.16 9.08 -12.58
N LEU C 959 5.33 8.53 -12.24
CA LEU C 959 6.08 8.89 -11.04
C LEU C 959 6.68 10.31 -11.09
N ASN C 960 7.40 10.65 -12.15
CA ASN C 960 8.06 11.96 -12.25
C ASN C 960 7.05 13.11 -12.38
N ASP C 961 5.85 12.83 -12.91
CA ASP C 961 4.70 13.71 -12.87
C ASP C 961 4.30 14.03 -11.41
N ILE C 962 4.03 13.01 -10.58
CA ILE C 962 3.71 13.20 -9.15
C ILE C 962 4.80 14.03 -8.44
N LEU C 963 6.07 13.68 -8.66
CA LEU C 963 7.21 14.38 -8.05
C LEU C 963 7.35 15.84 -8.53
N SER C 964 6.77 16.21 -9.67
CA SER C 964 6.70 17.61 -10.11
C SER C 964 5.52 18.35 -9.47
N ARG C 965 4.39 17.66 -9.31
CA ARG C 965 3.16 18.33 -8.79
C ARG C 965 3.15 18.35 -7.27
N LEU C 966 2.71 17.26 -6.64
CA LEU C 966 2.57 17.24 -5.16
C LEU C 966 3.93 17.38 -4.50
N ASP C 967 4.03 18.22 -3.46
CA ASP C 967 5.31 18.43 -2.74
C ASP C 967 5.71 17.14 -2.03
N PRO C 968 7.02 16.85 -1.83
CA PRO C 968 7.48 15.60 -1.20
C PRO C 968 6.59 14.95 -0.11
N PRO C 969 6.11 15.63 0.95
CA PRO C 969 5.20 15.01 1.93
C PRO C 969 4.01 14.30 1.26
N GLU C 970 3.23 15.03 0.47
CA GLU C 970 2.03 14.45 -0.19
C GLU C 970 2.46 13.50 -1.31
N ALA C 971 3.53 13.86 -2.05
CA ALA C 971 4.02 13.00 -3.12
C ALA C 971 4.22 11.56 -2.64
N GLU C 972 4.81 11.39 -1.45
CA GLU C 972 5.14 10.09 -0.88
C GLU C 972 3.93 9.16 -0.80
N VAL C 973 2.77 9.63 -0.33
CA VAL C 973 1.57 8.80 -0.23
C VAL C 973 1.08 8.35 -1.62
N GLN C 974 1.13 9.23 -2.62
CA GLN C 974 0.77 8.88 -3.99
C GLN C 974 1.75 7.82 -4.55
N ILE C 975 3.05 8.00 -4.35
CA ILE C 975 4.09 7.09 -4.87
C ILE C 975 3.98 5.72 -4.19
N ASP C 976 3.71 5.68 -2.89
CA ASP C 976 3.57 4.43 -2.16
C ASP C 976 2.43 3.55 -2.69
N ARG C 977 1.35 4.16 -3.21
CA ARG C 977 0.32 3.43 -3.96
C ARG C 977 0.87 2.86 -5.26
N LEU C 978 1.59 3.65 -6.06
CA LEU C 978 2.20 3.12 -7.28
C LEU C 978 3.19 1.99 -6.99
N ILE C 979 4.02 2.10 -5.95
CA ILE C 979 4.90 1.02 -5.53
C ILE C 979 4.07 -0.21 -5.19
N THR C 980 3.09 -0.08 -4.31
CA THR C 980 2.27 -1.21 -3.88
C THR C 980 1.58 -1.88 -5.06
N GLY C 981 0.94 -1.10 -5.94
CA GLY C 981 0.23 -1.61 -7.11
C GLY C 981 1.15 -2.30 -8.10
N ARG C 982 2.24 -1.65 -8.50
CA ARG C 982 3.22 -2.24 -9.42
C ARG C 982 3.83 -3.49 -8.84
N LEU C 983 4.21 -3.47 -7.56
CA LEU C 983 4.79 -4.64 -6.90
C LEU C 983 3.79 -5.80 -6.80
N GLN C 984 2.53 -5.54 -6.43
CA GLN C 984 1.49 -6.57 -6.43
C GLN C 984 1.25 -7.13 -7.83
N SER C 985 1.36 -6.30 -8.87
CA SER C 985 1.32 -6.78 -10.26
C SER C 985 2.52 -7.64 -10.60
N LEU C 986 3.71 -7.30 -10.12
CA LEU C 986 4.91 -8.08 -10.39
C LEU C 986 4.90 -9.41 -9.64
N GLN C 987 4.48 -9.44 -8.37
CA GLN C 987 4.29 -10.70 -7.63
C GLN C 987 3.24 -11.59 -8.29
N THR C 988 2.18 -11.00 -8.84
CA THR C 988 1.15 -11.76 -9.59
C THR C 988 1.74 -12.38 -10.85
N TYR C 989 2.52 -11.63 -11.62
CA TYR C 989 3.24 -12.17 -12.78
C TYR C 989 4.23 -13.27 -12.40
N VAL C 990 5.08 -13.06 -11.41
CA VAL C 990 6.05 -14.09 -10.98
C VAL C 990 5.34 -15.33 -10.47
N THR C 991 4.28 -15.19 -9.70
CA THR C 991 3.50 -16.34 -9.21
C THR C 991 2.89 -17.13 -10.36
N GLN C 992 2.31 -16.44 -11.33
CA GLN C 992 1.78 -17.08 -12.53
C GLN C 992 2.89 -17.80 -13.32
N GLN C 993 4.07 -17.20 -13.48
CA GLN C 993 5.18 -17.87 -14.15
C GLN C 993 5.70 -19.08 -13.39
N LEU C 994 5.75 -19.07 -12.06
CA LEU C 994 6.11 -20.27 -11.28
C LEU C 994 5.13 -21.41 -11.56
N ILE C 995 3.84 -21.13 -11.61
CA ILE C 995 2.82 -22.14 -11.91
C ILE C 995 2.92 -22.61 -13.37
N ARG C 996 3.08 -21.70 -14.34
CA ARG C 996 3.25 -22.06 -15.75
C ARG C 996 4.54 -22.86 -15.96
N ALA C 997 5.62 -22.53 -15.28
CA ALA C 997 6.85 -23.30 -15.33
C ALA C 997 6.67 -24.71 -14.78
N ALA C 998 5.87 -24.91 -13.72
CA ALA C 998 5.54 -26.25 -13.25
C ALA C 998 4.77 -27.05 -14.31
N GLU C 999 3.80 -26.45 -15.00
CA GLU C 999 3.11 -27.12 -16.12
C GLU C 999 4.06 -27.48 -17.27
N ILE C 1000 4.96 -26.57 -17.66
CA ILE C 1000 5.95 -26.85 -18.70
C ILE C 1000 6.94 -27.91 -18.25
N ARG C 1001 7.38 -27.93 -16.98
CA ARG C 1001 8.24 -29.00 -16.47
C ARG C 1001 7.55 -30.34 -16.51
N ALA C 1002 6.27 -30.44 -16.19
CA ALA C 1002 5.54 -31.70 -16.32
C ALA C 1002 5.56 -32.21 -17.77
N SER C 1003 5.42 -31.30 -18.74
CA SER C 1003 5.59 -31.63 -20.16
C SER C 1003 7.03 -31.98 -20.54
N ALA C 1004 8.04 -31.29 -20.00
CA ALA C 1004 9.43 -31.61 -20.26
C ALA C 1004 9.85 -32.97 -19.68
N ASN C 1005 9.36 -33.37 -18.50
CA ASN C 1005 9.59 -34.71 -17.97
C ASN C 1005 8.90 -35.78 -18.80
N LEU C 1006 7.69 -35.52 -19.31
CA LEU C 1006 7.04 -36.43 -20.24
C LEU C 1006 7.85 -36.56 -21.53
N ALA C 1007 8.29 -35.46 -22.15
CA ALA C 1007 9.14 -35.51 -23.33
C ALA C 1007 10.47 -36.23 -23.06
N ALA C 1008 11.12 -35.96 -21.94
CA ALA C 1008 12.34 -36.66 -21.56
C ALA C 1008 12.10 -38.15 -21.38
N THR C 1009 10.91 -38.55 -20.93
CA THR C 1009 10.51 -39.95 -20.87
C THR C 1009 10.31 -40.54 -22.26
N LYS C 1010 9.62 -39.85 -23.18
CA LYS C 1010 9.42 -40.40 -24.53
C LYS C 1010 10.71 -40.49 -25.32
N MET C 1011 11.70 -39.62 -25.11
CA MET C 1011 13.02 -39.84 -25.67
C MET C 1011 13.61 -41.16 -25.19
N SER C 1012 13.59 -41.41 -23.89
CA SER C 1012 14.13 -42.63 -23.33
C SER C 1012 13.36 -43.87 -23.78
N GLU C 1013 12.04 -43.86 -23.76
CA GLU C 1013 11.23 -45.06 -24.01
C GLU C 1013 10.87 -45.26 -25.48
N CYS C 1014 10.48 -44.21 -26.21
CA CYS C 1014 10.02 -44.31 -27.59
C CYS C 1014 11.13 -44.16 -28.64
N VAL C 1015 12.18 -43.39 -28.37
CA VAL C 1015 13.27 -43.19 -29.33
C VAL C 1015 14.38 -44.19 -29.04
N LEU C 1016 14.98 -44.09 -27.85
CA LEU C 1016 16.08 -44.95 -27.40
C LEU C 1016 15.65 -46.40 -27.16
N GLY C 1017 14.37 -46.74 -27.30
CA GLY C 1017 13.85 -48.09 -27.05
C GLY C 1017 12.69 -48.49 -27.97
N GLN C 1018 11.88 -49.42 -27.51
CA GLN C 1018 10.55 -49.72 -28.01
C GLN C 1018 9.65 -49.92 -26.79
N SER C 1019 8.44 -49.38 -26.75
CA SER C 1019 7.62 -49.42 -25.53
C SER C 1019 6.43 -50.36 -25.63
N LYS C 1020 6.27 -51.23 -24.62
CA LYS C 1020 5.09 -52.09 -24.43
C LYS C 1020 3.85 -51.34 -23.93
N ARG C 1021 3.97 -50.05 -23.61
CA ARG C 1021 2.92 -49.26 -22.96
C ARG C 1021 1.86 -48.86 -23.97
N VAL C 1022 0.72 -49.57 -23.98
CA VAL C 1022 -0.33 -49.36 -24.98
C VAL C 1022 -0.83 -47.92 -24.95
N ASP C 1023 -0.81 -47.27 -26.11
CA ASP C 1023 -1.22 -45.88 -26.30
C ASP C 1023 -0.42 -44.88 -25.43
N PHE C 1024 0.84 -45.17 -25.12
CA PHE C 1024 1.82 -44.16 -24.66
C PHE C 1024 2.58 -43.50 -25.82
N CYS C 1025 2.69 -44.18 -26.97
CA CYS C 1025 3.67 -43.86 -28.02
C CYS C 1025 3.03 -43.89 -29.42
N GLY C 1026 1.93 -43.18 -29.58
CA GLY C 1026 1.07 -43.24 -30.76
C GLY C 1026 0.12 -44.43 -30.72
N LYS C 1027 -1.05 -44.32 -31.36
CA LYS C 1027 -2.05 -45.38 -31.39
C LYS C 1027 -1.62 -46.55 -32.27
N GLY C 1028 -2.11 -47.74 -31.98
CA GLY C 1028 -1.57 -48.99 -32.52
C GLY C 1028 -0.43 -49.53 -31.66
N TYR C 1029 0.14 -50.66 -32.06
CA TYR C 1029 1.31 -51.21 -31.40
C TYR C 1029 2.54 -50.41 -31.80
N HIS C 1030 3.41 -50.03 -30.87
CA HIS C 1030 4.53 -49.15 -31.17
C HIS C 1030 5.71 -49.88 -31.84
N LEU C 1031 6.27 -49.32 -32.91
CA LEU C 1031 7.48 -49.85 -33.54
C LEU C 1031 8.72 -49.05 -33.16
N MET C 1032 8.73 -47.74 -33.40
CA MET C 1032 9.85 -46.84 -33.13
C MET C 1032 9.37 -45.39 -33.19
N SER C 1033 10.20 -44.42 -32.85
CA SER C 1033 9.86 -43.03 -33.13
C SER C 1033 11.07 -42.20 -33.45
N PHE C 1034 10.86 -41.12 -34.18
CA PHE C 1034 11.90 -40.17 -34.53
C PHE C 1034 11.61 -38.82 -33.88
N PRO C 1035 12.51 -38.23 -33.10
CA PRO C 1035 12.34 -36.87 -32.64
C PRO C 1035 12.72 -35.89 -33.74
N GLN C 1036 12.02 -34.77 -33.81
CA GLN C 1036 12.34 -33.60 -34.62
C GLN C 1036 12.22 -32.40 -33.69
N SER C 1037 13.15 -31.46 -33.75
CA SER C 1037 13.11 -30.27 -32.91
C SER C 1037 12.02 -29.31 -33.36
N ALA C 1038 11.53 -28.47 -32.47
CA ALA C 1038 10.59 -27.40 -32.80
C ALA C 1038 10.79 -26.21 -31.86
N PRO C 1039 10.39 -24.99 -32.21
CA PRO C 1039 10.60 -23.85 -31.33
C PRO C 1039 9.94 -24.06 -29.98
N HIS C 1040 10.67 -23.89 -28.88
CA HIS C 1040 10.19 -24.11 -27.51
C HIS C 1040 9.68 -25.52 -27.21
N GLY C 1041 10.05 -26.54 -27.99
CA GLY C 1041 9.54 -27.89 -27.76
C GLY C 1041 10.16 -28.98 -28.60
N VAL C 1042 9.45 -30.10 -28.72
CA VAL C 1042 9.89 -31.28 -29.47
C VAL C 1042 8.69 -31.94 -30.12
N VAL C 1043 8.92 -32.60 -31.25
CA VAL C 1043 7.90 -33.32 -32.00
C VAL C 1043 8.38 -34.73 -32.20
N PHE C 1044 7.57 -35.72 -31.87
CA PHE C 1044 7.89 -37.12 -32.13
C PHE C 1044 7.06 -37.57 -33.32
N LEU C 1045 7.70 -38.20 -34.30
CA LEU C 1045 7.00 -38.95 -35.34
C LEU C 1045 6.93 -40.41 -34.89
N HIS C 1046 5.89 -40.80 -34.18
CA HIS C 1046 5.73 -42.16 -33.69
C HIS C 1046 5.33 -43.08 -34.82
N VAL C 1047 6.08 -44.15 -35.08
CA VAL C 1047 5.79 -45.15 -36.10
C VAL C 1047 5.13 -46.34 -35.43
N THR C 1048 3.94 -46.72 -35.87
CA THR C 1048 3.15 -47.75 -35.19
C THR C 1048 2.57 -48.74 -36.20
N TYR C 1049 2.44 -50.01 -35.79
CA TYR C 1049 1.76 -51.05 -36.53
C TYR C 1049 0.29 -51.01 -36.14
N VAL C 1050 -0.61 -50.89 -37.10
CA VAL C 1050 -2.06 -50.98 -36.86
C VAL C 1050 -2.62 -52.16 -37.68
N PRO C 1051 -3.23 -53.19 -37.07
CA PRO C 1051 -3.91 -54.24 -37.82
C PRO C 1051 -5.17 -53.69 -38.50
N ALA C 1052 -5.50 -54.14 -39.72
CA ALA C 1052 -6.38 -53.34 -40.60
C ALA C 1052 -7.43 -54.06 -41.46
N GLN C 1053 -7.35 -55.38 -41.68
CA GLN C 1053 -8.33 -56.10 -42.52
C GLN C 1053 -8.68 -57.47 -41.95
N GLU C 1054 -9.55 -57.54 -40.95
CA GLU C 1054 -9.89 -58.78 -40.27
C GLU C 1054 -10.88 -59.68 -40.99
N LYS C 1055 -10.77 -60.99 -40.73
CA LYS C 1055 -11.81 -61.97 -41.12
C LYS C 1055 -12.28 -62.72 -39.88
N ASN C 1056 -13.54 -63.15 -39.85
CA ASN C 1056 -14.09 -63.95 -38.72
C ASN C 1056 -13.71 -65.42 -38.92
N PHE C 1057 -13.31 -66.11 -37.85
CA PHE C 1057 -12.95 -67.55 -37.91
C PHE C 1057 -13.56 -68.27 -36.70
N THR C 1058 -13.99 -69.52 -36.89
CA THR C 1058 -14.32 -70.41 -35.77
C THR C 1058 -13.04 -70.71 -35.00
N THR C 1059 -13.11 -70.82 -33.68
CA THR C 1059 -11.95 -71.06 -32.80
C THR C 1059 -12.33 -71.90 -31.59
N ALA C 1060 -11.35 -72.56 -30.99
CA ALA C 1060 -11.53 -73.36 -29.79
C ALA C 1060 -10.31 -73.22 -28.89
N PRO C 1061 -10.47 -73.23 -27.56
CA PRO C 1061 -9.38 -72.92 -26.63
C PRO C 1061 -8.22 -73.92 -26.66
N ALA C 1062 -8.49 -75.16 -27.02
CA ALA C 1062 -7.55 -76.26 -27.08
C ALA C 1062 -8.08 -77.30 -28.07
N ILE C 1063 -7.26 -78.25 -28.52
CA ILE C 1063 -7.80 -79.36 -29.35
C ILE C 1063 -7.48 -80.72 -28.68
N CYS C 1064 -8.29 -81.74 -28.97
CA CYS C 1064 -7.95 -83.13 -28.57
C CYS C 1064 -7.15 -83.81 -29.70
N HIS C 1065 -6.04 -84.46 -29.35
CA HIS C 1065 -5.49 -85.57 -30.18
C HIS C 1065 -6.01 -86.90 -29.62
N ASP C 1066 -5.18 -87.94 -29.64
CA ASP C 1066 -5.50 -89.21 -28.98
C ASP C 1066 -5.51 -89.08 -27.45
N GLY C 1067 -6.68 -88.81 -26.85
CA GLY C 1067 -6.88 -88.76 -25.41
C GLY C 1067 -6.13 -87.65 -24.65
N LYS C 1068 -5.55 -86.68 -25.36
CA LYS C 1068 -4.69 -85.63 -24.81
C LYS C 1068 -5.16 -84.26 -25.27
N ALA C 1069 -5.22 -83.29 -24.37
CA ALA C 1069 -5.51 -81.91 -24.75
C ALA C 1069 -4.21 -81.23 -25.21
N HIS C 1070 -4.19 -80.70 -26.43
CA HIS C 1070 -3.12 -79.89 -26.99
C HIS C 1070 -3.50 -78.42 -26.93
N PHE C 1071 -2.58 -77.57 -26.50
CA PHE C 1071 -2.72 -76.13 -26.46
C PHE C 1071 -1.66 -75.52 -27.40
N PRO C 1072 -1.91 -74.37 -28.05
CA PRO C 1072 -0.95 -73.78 -28.96
C PRO C 1072 0.24 -73.19 -28.18
N ARG C 1073 1.47 -73.44 -28.62
CA ARG C 1073 2.66 -72.95 -27.91
C ARG C 1073 2.73 -71.42 -27.91
N GLU C 1074 2.58 -70.84 -29.09
CA GLU C 1074 2.28 -69.43 -29.33
C GLU C 1074 1.31 -69.32 -30.51
N GLY C 1075 0.54 -68.24 -30.56
CA GLY C 1075 -0.61 -68.18 -31.46
C GLY C 1075 -1.85 -68.84 -30.88
N VAL C 1076 -2.86 -69.01 -31.71
CA VAL C 1076 -4.22 -69.40 -31.31
C VAL C 1076 -4.81 -70.33 -32.34
N PHE C 1077 -5.67 -71.26 -31.94
CA PHE C 1077 -6.30 -72.15 -32.91
C PHE C 1077 -7.43 -71.45 -33.64
N VAL C 1078 -7.59 -71.75 -34.92
CA VAL C 1078 -8.67 -71.27 -35.77
C VAL C 1078 -9.06 -72.33 -36.77
N SER C 1079 -10.25 -72.20 -37.32
CA SER C 1079 -10.69 -72.94 -38.48
C SER C 1079 -11.36 -72.02 -39.48
N ASN C 1080 -11.05 -72.22 -40.75
CA ASN C 1080 -11.80 -71.65 -41.88
C ASN C 1080 -13.21 -72.25 -42.03
N GLY C 1081 -13.58 -73.22 -41.19
CA GLY C 1081 -14.81 -74.00 -41.24
C GLY C 1081 -14.61 -75.45 -41.69
N THR C 1082 -13.49 -75.77 -42.35
CA THR C 1082 -13.23 -77.09 -42.96
C THR C 1082 -11.93 -77.75 -42.51
N HIS C 1083 -10.97 -76.97 -42.01
CA HIS C 1083 -9.66 -77.43 -41.55
C HIS C 1083 -9.28 -76.67 -40.28
N TRP C 1084 -8.42 -77.22 -39.43
CA TRP C 1084 -7.94 -76.56 -38.21
C TRP C 1084 -6.48 -76.16 -38.32
N PHE C 1085 -6.16 -74.94 -37.93
CA PHE C 1085 -4.83 -74.34 -38.02
C PHE C 1085 -4.48 -73.62 -36.73
N VAL C 1086 -3.18 -73.39 -36.50
CA VAL C 1086 -2.71 -72.42 -35.52
C VAL C 1086 -2.18 -71.19 -36.25
N THR C 1087 -2.49 -70.00 -35.78
CA THR C 1087 -2.01 -68.74 -36.35
C THR C 1087 -1.40 -67.87 -35.27
N GLN C 1088 -0.35 -67.11 -35.56
CA GLN C 1088 0.10 -66.04 -34.68
C GLN C 1088 -1.05 -65.06 -34.38
N ARG C 1089 -1.03 -64.37 -33.24
CA ARG C 1089 -2.24 -63.70 -32.72
C ARG C 1089 -2.60 -62.43 -33.46
N ASN C 1090 -1.62 -61.68 -33.99
CA ASN C 1090 -1.77 -60.34 -34.57
C ASN C 1090 -1.60 -60.25 -36.10
N PHE C 1091 -1.61 -61.38 -36.80
CA PHE C 1091 -1.55 -61.42 -38.27
C PHE C 1091 -1.97 -62.81 -38.74
N TYR C 1092 -2.94 -62.94 -39.62
CA TYR C 1092 -3.40 -64.25 -40.08
C TYR C 1092 -2.34 -64.94 -40.92
N GLU C 1093 -1.78 -66.03 -40.41
CA GLU C 1093 -0.79 -66.85 -41.10
C GLU C 1093 -0.91 -68.29 -40.61
N PRO C 1094 -1.74 -69.12 -41.27
CA PRO C 1094 -2.09 -70.44 -40.78
C PRO C 1094 -0.96 -71.44 -40.99
N GLN C 1095 -0.70 -72.24 -39.96
CA GLN C 1095 0.26 -73.33 -39.97
C GLN C 1095 -0.46 -74.61 -39.56
N ILE C 1096 -0.14 -75.75 -40.18
CA ILE C 1096 -0.76 -77.04 -39.85
C ILE C 1096 -0.38 -77.43 -38.43
N ILE C 1097 -1.34 -77.92 -37.65
CA ILE C 1097 -1.13 -78.10 -36.22
C ILE C 1097 -0.27 -79.33 -35.96
N THR C 1098 0.82 -79.15 -35.22
CA THR C 1098 1.84 -80.19 -35.04
C THR C 1098 2.38 -80.24 -33.62
N THR C 1099 3.01 -81.36 -33.28
CA THR C 1099 3.58 -81.66 -31.96
C THR C 1099 4.69 -80.72 -31.50
N ASP C 1100 5.28 -79.91 -32.38
CA ASP C 1100 6.20 -78.82 -32.02
C ASP C 1100 5.48 -77.47 -31.85
N ASN C 1101 4.47 -77.17 -32.67
CA ASN C 1101 3.58 -76.00 -32.56
C ASN C 1101 2.71 -75.99 -31.30
N THR C 1102 2.61 -77.10 -30.59
CA THR C 1102 1.68 -77.30 -29.48
C THR C 1102 2.35 -78.02 -28.32
N PHE C 1103 1.75 -77.96 -27.14
CA PHE C 1103 2.14 -78.79 -26.01
C PHE C 1103 0.92 -79.47 -25.39
N VAL C 1104 1.12 -80.64 -24.80
CA VAL C 1104 0.07 -81.40 -24.12
C VAL C 1104 -0.10 -80.91 -22.69
N SER C 1105 -1.31 -80.98 -22.12
CA SER C 1105 -1.52 -80.84 -20.68
C SER C 1105 -2.77 -81.60 -20.20
N GLY C 1106 -2.59 -82.88 -19.88
CA GLY C 1106 -3.65 -83.75 -19.34
C GLY C 1106 -4.67 -84.23 -20.36
N ASN C 1107 -5.71 -84.89 -19.85
CA ASN C 1107 -6.69 -85.66 -20.67
C ASN C 1107 -7.67 -84.73 -21.39
N CYS C 1108 -8.72 -85.33 -21.98
CA CYS C 1108 -9.56 -84.68 -23.03
C CYS C 1108 -10.88 -84.19 -22.44
N ASP C 1109 -10.89 -83.81 -21.14
CA ASP C 1109 -12.16 -83.62 -20.40
C ASP C 1109 -12.23 -82.22 -19.78
N VAL C 1110 -11.28 -81.91 -18.89
CA VAL C 1110 -11.33 -80.75 -17.97
C VAL C 1110 -11.67 -79.43 -18.68
N VAL C 1111 -11.19 -79.26 -19.92
CA VAL C 1111 -11.34 -78.02 -20.70
C VAL C 1111 -12.81 -77.82 -21.13
N ILE C 1112 -13.28 -76.58 -21.13
CA ILE C 1112 -14.62 -76.21 -21.60
C ILE C 1112 -14.53 -75.76 -23.07
N GLY C 1113 -15.23 -76.43 -23.98
CA GLY C 1113 -15.23 -76.08 -25.41
C GLY C 1113 -14.05 -76.61 -26.24
N ILE C 1114 -13.31 -77.61 -25.75
CA ILE C 1114 -12.29 -78.30 -26.54
C ILE C 1114 -12.90 -78.98 -27.78
N VAL C 1115 -12.15 -79.05 -28.88
CA VAL C 1115 -12.69 -79.75 -30.10
C VAL C 1115 -11.86 -81.02 -30.34
N ASN C 1116 -12.40 -81.93 -31.15
CA ASN C 1116 -11.67 -83.17 -31.55
C ASN C 1116 -10.90 -82.87 -32.83
N ASN C 1117 -9.68 -83.38 -32.94
CA ASN C 1117 -8.87 -83.21 -34.18
C ASN C 1117 -7.84 -84.33 -34.26
N THR C 1118 -6.93 -84.24 -35.24
CA THR C 1118 -5.76 -85.13 -35.32
C THR C 1118 -4.52 -84.31 -35.63
N VAL C 1119 -3.63 -84.19 -34.64
CA VAL C 1119 -2.36 -83.44 -34.75
C VAL C 1119 -1.33 -84.24 -35.54
N TYR C 1120 -0.68 -83.63 -36.53
CA TYR C 1120 0.42 -84.25 -37.26
C TYR C 1120 1.70 -84.26 -36.40
N ASP C 1121 2.48 -85.34 -36.43
CA ASP C 1121 3.73 -85.45 -35.68
C ASP C 1121 4.94 -85.60 -36.63
N PRO C 1122 5.72 -84.54 -36.91
CA PRO C 1122 6.69 -84.52 -38.00
C PRO C 1122 7.84 -85.52 -37.91
N LEU C 1123 8.06 -86.12 -36.74
CA LEU C 1123 9.03 -87.19 -36.57
C LEU C 1123 8.57 -88.53 -37.18
N GLN C 1124 7.26 -88.80 -37.23
CA GLN C 1124 6.76 -90.13 -37.63
C GLN C 1124 7.08 -90.54 -39.07
N PRO C 1125 7.04 -89.63 -40.08
CA PRO C 1125 7.52 -89.94 -41.43
C PRO C 1125 9.01 -90.28 -41.49
N GLU C 1126 9.85 -89.69 -40.61
CA GLU C 1126 11.26 -90.01 -40.54
C GLU C 1126 11.50 -91.36 -39.84
N LEU C 1127 10.71 -91.70 -38.82
CA LEU C 1127 10.68 -93.02 -38.19
C LEU C 1127 10.14 -94.13 -39.12
N ASP C 1128 9.70 -93.81 -40.34
CA ASP C 1128 9.49 -94.79 -41.41
C ASP C 1128 10.80 -95.44 -41.91
N SER C 1129 11.97 -94.83 -41.63
CA SER C 1129 13.28 -95.42 -41.93
C SER C 1129 13.56 -96.68 -41.11
N LEU D 11 -10.91 97.77 19.63
CA LEU D 11 -10.98 99.24 19.46
C LEU D 11 -10.21 99.65 18.20
N VAL D 12 -10.93 100.12 17.17
CA VAL D 12 -10.27 100.54 15.91
C VAL D 12 -10.66 101.99 15.58
N ASN D 13 -9.68 102.85 15.29
CA ASN D 13 -9.97 104.26 14.91
C ASN D 13 -10.55 104.30 13.49
N PRO D 14 -11.31 105.34 13.09
CA PRO D 14 -11.78 105.44 11.70
C PRO D 14 -10.61 105.35 10.71
N GLY D 15 -10.72 104.47 9.70
CA GLY D 15 -9.64 104.30 8.71
C GLY D 15 -8.64 103.23 9.10
N ALA D 16 -8.84 102.57 10.25
CA ALA D 16 -7.94 101.49 10.71
C ALA D 16 -8.25 100.19 9.97
N SER D 17 -7.34 99.20 10.05
CA SER D 17 -7.56 97.89 9.40
C SER D 17 -7.84 96.83 10.46
N LEU D 18 -8.93 96.07 10.34
CA LEU D 18 -9.31 95.07 11.38
C LEU D 18 -9.36 93.66 10.77
N LYS D 19 -8.70 92.70 11.41
CA LYS D 19 -8.69 91.30 10.91
C LYS D 19 -9.45 90.40 11.89
N MET D 20 -10.41 89.61 11.39
CA MET D 20 -11.20 88.69 12.26
C MET D 20 -11.01 87.24 11.77
N SER D 21 -10.71 86.32 12.69
CA SER D 21 -10.51 84.89 12.32
C SER D 21 -11.38 83.97 13.18
N CYS D 22 -12.08 83.02 12.56
CA CYS D 22 -12.89 82.03 13.33
C CYS D 22 -12.57 80.62 12.85
N LYS D 23 -12.54 79.64 13.76
CA LYS D 23 -12.28 78.23 13.39
C LYS D 23 -13.50 77.38 13.74
N THR D 24 -13.97 76.53 12.83
CA THR D 24 -15.11 75.63 13.14
C THR D 24 -14.66 74.62 14.21
N SER D 25 -15.54 74.30 15.16
CA SER D 25 -15.16 73.38 16.27
C SER D 25 -16.02 72.12 16.23
N GLY D 26 -15.39 70.95 16.26
CA GLY D 26 -16.13 69.67 16.17
C GLY D 26 -16.31 69.25 14.73
N TYR D 27 -16.14 70.18 13.79
CA TYR D 27 -16.28 69.85 12.34
C TYR D 27 -14.97 70.16 11.62
N ARG D 28 -14.51 69.22 10.78
CA ARG D 28 -13.23 69.41 10.07
C ARG D 28 -13.51 69.75 8.60
N PHE D 29 -13.31 71.01 8.19
CA PHE D 29 -13.61 71.46 6.81
C PHE D 29 -14.94 70.84 6.33
N THR D 30 -14.90 70.09 5.22
CA THR D 30 -16.12 69.42 4.67
C THR D 30 -17.23 70.43 4.36
N SER D 31 -16.87 71.64 3.92
CA SER D 31 -17.89 72.64 3.51
C SER D 31 -17.39 73.37 2.27
N TYR D 32 -18.26 73.61 1.29
CA TYR D 32 -17.80 74.25 0.03
C TYR D 32 -17.97 75.78 0.08
N ILE D 33 -18.56 76.33 1.14
CA ILE D 33 -18.62 77.82 1.23
C ILE D 33 -18.37 78.28 2.67
N ILE D 34 -17.95 79.54 2.86
CA ILE D 34 -17.78 80.13 4.23
C ILE D 34 -18.47 81.50 4.12
N HIS D 35 -19.05 82.05 5.18
CA HIS D 35 -19.80 83.32 5.00
C HIS D 35 -19.43 84.39 6.03
N TRP D 36 -19.65 85.67 5.69
CA TRP D 36 -19.40 86.77 6.66
C TRP D 36 -20.66 87.63 6.72
N VAL D 37 -21.15 87.95 7.93
CA VAL D 37 -22.41 88.72 8.06
C VAL D 37 -22.18 89.93 8.97
N LYS D 38 -22.65 91.12 8.58
CA LYS D 38 -22.55 92.30 9.48
C LYS D 38 -23.95 92.66 9.98
N GLN D 39 -24.15 92.68 11.29
CA GLN D 39 -25.47 93.12 11.83
C GLN D 39 -25.25 94.21 12.88
N THR D 40 -25.83 95.40 12.66
CA THR D 40 -25.76 96.46 13.70
C THR D 40 -26.88 96.18 14.71
N PRO D 41 -26.72 96.50 16.02
CA PRO D 41 -27.76 96.18 16.99
C PRO D 41 -29.06 96.91 16.59
N GLY D 42 -30.20 96.21 16.67
CA GLY D 42 -31.49 96.81 16.28
C GLY D 42 -31.73 96.76 14.78
N GLN D 43 -30.86 96.05 14.04
CA GLN D 43 -31.04 95.90 12.57
C GLN D 43 -30.89 94.43 12.18
N GLY D 44 -31.42 94.02 11.03
CA GLY D 44 -31.32 92.63 10.56
C GLY D 44 -29.94 92.27 10.02
N LEU D 45 -29.62 90.97 9.96
CA LEU D 45 -28.30 90.50 9.47
C LEU D 45 -28.10 90.92 8.02
N GLU D 46 -26.89 91.35 7.64
CA GLU D 46 -26.59 91.67 6.22
C GLU D 46 -25.42 90.81 5.73
N TRP D 47 -25.58 90.12 4.61
CA TRP D 47 -24.50 89.26 4.06
C TRP D 47 -23.33 90.12 3.57
N ILE D 48 -22.10 89.68 3.81
CA ILE D 48 -20.90 90.42 3.31
C ILE D 48 -20.25 89.62 2.18
N GLY D 49 -19.54 88.54 2.51
CA GLY D 49 -18.80 87.82 1.46
C GLY D 49 -18.83 86.30 1.60
N ALA D 50 -18.56 85.58 0.51
CA ALA D 50 -18.52 84.10 0.54
C ALA D 50 -17.11 83.63 0.16
N ILE D 51 -16.61 82.57 0.80
CA ILE D 51 -15.22 82.08 0.53
C ILE D 51 -15.27 80.63 0.06
N PHE D 52 -14.38 80.24 -0.86
CA PHE D 52 -14.34 78.84 -1.39
C PHE D 52 -13.05 78.17 -0.92
N PRO D 53 -13.08 76.91 -0.45
CA PRO D 53 -11.88 76.23 0.09
C PRO D 53 -10.73 76.08 -0.90
N GLU D 54 -11.03 75.83 -2.18
CA GLU D 54 -9.97 75.62 -3.20
C GLU D 54 -9.64 76.97 -3.85
N ASN D 55 -10.06 77.17 -5.11
CA ASN D 55 -9.85 78.50 -5.74
C ASN D 55 -10.60 79.53 -4.91
N ASP D 56 -10.00 80.68 -4.63
CA ASP D 56 -10.67 81.66 -3.72
C ASP D 56 -11.97 82.13 -4.36
N ASP D 57 -13.06 82.14 -3.59
CA ASP D 57 -14.36 82.66 -4.12
C ASP D 57 -14.19 84.15 -4.43
N THR D 58 -13.49 84.88 -3.56
CA THR D 58 -13.24 86.33 -3.77
C THR D 58 -14.60 87.02 -3.95
N SER D 59 -15.64 86.54 -3.27
CA SER D 59 -17.01 87.10 -3.44
C SER D 59 -17.26 88.21 -2.42
N TYR D 60 -17.67 89.40 -2.86
CA TYR D 60 -17.97 90.52 -1.93
C TYR D 60 -19.32 91.13 -2.28
N SER D 61 -20.07 91.59 -1.26
CA SER D 61 -21.36 92.29 -1.52
C SER D 61 -21.05 93.66 -2.12
N GLN D 62 -21.94 94.19 -2.96
CA GLN D 62 -21.69 95.49 -3.64
C GLN D 62 -21.53 96.60 -2.58
N LYS D 63 -22.33 96.55 -1.52
CA LYS D 63 -22.26 97.56 -0.43
C LYS D 63 -20.88 97.50 0.23
N PHE D 64 -20.35 96.29 0.46
CA PHE D 64 -19.07 96.13 1.18
C PHE D 64 -17.88 96.03 0.22
N LYS D 65 -18.13 96.14 -1.09
CA LYS D 65 -17.03 95.96 -2.09
C LYS D 65 -15.96 97.05 -1.91
N GLY D 66 -14.69 96.65 -1.93
CA GLY D 66 -13.58 97.62 -1.80
C GLY D 66 -13.23 97.90 -0.35
N LYS D 67 -14.02 97.37 0.59
CA LYS D 67 -13.70 97.54 2.03
C LYS D 67 -13.39 96.18 2.65
N ALA D 68 -13.77 95.09 1.98
CA ALA D 68 -13.60 93.74 2.57
C ALA D 68 -12.67 92.88 1.71
N THR D 69 -11.72 92.17 2.33
CA THR D 69 -10.84 91.25 1.58
C THR D 69 -10.95 89.86 2.23
N LEU D 70 -11.05 88.80 1.42
CA LEU D 70 -11.23 87.43 1.99
C LEU D 70 -10.01 86.58 1.72
N THR D 71 -9.39 86.03 2.77
CA THR D 71 -8.23 85.11 2.60
C THR D 71 -8.51 83.81 3.38
N THR D 72 -8.27 82.65 2.77
CA THR D 72 -8.45 81.37 3.48
C THR D 72 -7.15 80.57 3.47
N ASP D 73 -6.71 80.07 4.64
CA ASP D 73 -5.50 79.20 4.68
C ASP D 73 -5.93 77.82 5.17
N THR D 74 -5.64 76.78 4.39
CA THR D 74 -6.06 75.39 4.75
C THR D 74 -5.34 74.95 6.03
N SER D 75 -4.04 75.24 6.13
CA SER D 75 -3.24 74.83 7.32
C SER D 75 -3.77 75.52 8.57
N SER D 76 -4.07 76.81 8.47
CA SER D 76 -4.61 77.58 9.63
C SER D 76 -5.99 77.01 10.01
N SER D 77 -6.82 76.66 9.01
CA SER D 77 -8.18 76.10 9.25
C SER D 77 -9.12 77.21 9.74
N THR D 78 -8.71 78.47 9.60
CA THR D 78 -9.57 79.60 10.04
C THR D 78 -9.73 80.61 8.90
N ALA D 79 -10.97 81.05 8.64
CA ALA D 79 -11.22 82.08 7.59
C ALA D 79 -10.72 83.44 8.07
N TYR D 80 -10.25 84.28 7.14
CA TYR D 80 -9.72 85.63 7.49
C TYR D 80 -10.51 86.71 6.75
N MET D 81 -10.93 87.76 7.46
CA MET D 81 -11.65 88.89 6.81
C MET D 81 -10.92 90.20 7.19
N GLN D 82 -10.55 91.00 6.20
CA GLN D 82 -9.84 92.28 6.47
C GLN D 82 -10.80 93.44 6.22
N LEU D 83 -10.93 94.35 7.19
CA LEU D 83 -11.88 95.48 7.07
C LEU D 83 -11.08 96.79 7.00
N SER D 84 -11.39 97.66 6.04
CA SER D 84 -10.61 98.92 5.86
C SER D 84 -11.55 100.13 5.82
N SER D 85 -11.02 101.34 6.03
CA SER D 85 -11.84 102.58 6.03
C SER D 85 -13.00 102.45 7.04
N LEU D 86 -12.68 101.99 8.26
CA LEU D 86 -13.72 101.79 9.30
C LEU D 86 -14.39 103.12 9.66
N THR D 87 -15.68 103.11 9.97
CA THR D 87 -16.43 104.34 10.32
C THR D 87 -17.37 104.04 11.50
N SER D 88 -17.97 105.07 12.10
CA SER D 88 -18.88 104.87 13.25
C SER D 88 -20.05 103.98 12.81
N GLU D 89 -20.57 104.18 11.59
CA GLU D 89 -21.64 103.31 11.05
C GLU D 89 -21.11 101.88 10.91
N ASP D 90 -19.83 101.72 10.54
CA ASP D 90 -19.23 100.38 10.33
C ASP D 90 -19.27 99.55 11.61
N SER D 91 -19.09 100.17 12.79
CA SER D 91 -19.02 99.35 14.02
C SER D 91 -20.31 98.53 14.15
N ALA D 92 -20.18 97.21 14.32
CA ALA D 92 -21.35 96.31 14.40
C ALA D 92 -20.87 94.93 14.87
N VAL D 93 -21.78 94.00 15.15
CA VAL D 93 -21.30 92.62 15.48
C VAL D 93 -21.20 91.84 14.16
N TYR D 94 -19.99 91.32 13.84
CA TYR D 94 -19.77 90.55 12.59
C TYR D 94 -19.73 89.06 12.94
N TYR D 95 -20.45 88.22 12.18
CA TYR D 95 -20.54 86.77 12.55
C TYR D 95 -19.86 85.90 11.51
N CYS D 96 -18.95 85.01 11.94
CA CYS D 96 -18.35 84.04 10.98
C CYS D 96 -19.41 82.97 10.73
N ALA D 97 -19.53 82.51 9.48
CA ALA D 97 -20.57 81.51 9.15
C ALA D 97 -20.00 80.59 8.06
N ARG D 98 -20.79 79.63 7.58
CA ARG D 98 -20.34 78.75 6.47
C ARG D 98 -21.57 78.39 5.64
N ASP D 99 -21.47 77.33 4.82
CA ASP D 99 -22.62 76.85 4.00
C ASP D 99 -22.28 75.52 3.33
N GLY D 100 -22.89 74.43 3.76
CA GLY D 100 -22.71 73.13 3.08
C GLY D 100 -23.99 72.81 2.32
N GLU D 101 -24.66 71.71 2.69
CA GLU D 101 -25.98 71.43 2.08
C GLU D 101 -26.96 72.43 2.71
N ASN D 102 -27.06 72.42 4.04
CA ASN D 102 -27.90 73.42 4.76
C ASN D 102 -27.01 74.01 5.86
N VAL D 103 -27.27 73.67 7.12
CA VAL D 103 -26.36 74.12 8.22
C VAL D 103 -25.89 72.88 8.99
N LEU D 104 -24.60 72.81 9.31
CA LEU D 104 -24.07 71.67 10.13
C LEU D 104 -23.15 72.31 11.17
N ASP D 105 -23.71 72.98 12.17
CA ASP D 105 -22.88 73.71 13.17
C ASP D 105 -21.79 74.47 12.42
N TYR D 106 -22.19 75.29 11.43
CA TYR D 106 -21.20 75.99 10.58
C TYR D 106 -21.35 77.49 10.78
N TRP D 107 -22.57 77.95 11.08
CA TRP D 107 -22.84 79.38 11.34
C TRP D 107 -22.39 79.71 12.76
N GLY D 108 -21.15 80.20 12.92
CA GLY D 108 -20.59 80.44 14.27
C GLY D 108 -21.09 81.73 14.91
N GLN D 109 -20.48 82.12 16.04
CA GLN D 109 -20.96 83.31 16.79
C GLN D 109 -20.43 84.62 16.18
N GLY D 110 -20.53 85.72 16.93
CA GLY D 110 -20.15 87.03 16.37
C GLY D 110 -19.26 87.83 17.30
N THR D 111 -18.46 88.74 16.76
CA THR D 111 -17.56 89.58 17.59
C THR D 111 -18.00 91.05 17.47
N SER D 112 -18.25 91.71 18.61
CA SER D 112 -18.65 93.14 18.60
C SER D 112 -17.49 94.02 18.15
N VAL D 113 -17.77 95.05 17.35
CA VAL D 113 -16.70 95.98 16.89
C VAL D 113 -17.04 97.40 17.39
N THR D 114 -16.08 98.09 18.00
CA THR D 114 -16.31 99.49 18.43
C THR D 114 -15.31 100.41 17.70
N VAL D 115 -15.80 101.45 17.04
CA VAL D 115 -14.90 102.35 16.27
C VAL D 115 -14.88 103.74 16.92
N SER D 116 -13.74 104.15 17.48
CA SER D 116 -13.61 105.52 18.05
C SER D 116 -12.15 105.96 18.09
N SER D 117 -11.89 107.26 17.94
CA SER D 117 -10.51 107.81 18.06
C SER D 117 -10.00 107.68 19.50
N LEU E 11 -3.63 84.57 56.12
CA LEU E 11 -3.25 85.66 57.07
C LEU E 11 -2.42 85.07 58.22
N VAL E 12 -1.13 85.43 58.27
CA VAL E 12 -0.24 84.91 59.35
C VAL E 12 0.40 86.10 60.09
N ASN E 13 0.35 86.10 61.42
CA ASN E 13 0.99 87.18 62.22
C ASN E 13 2.51 86.99 62.21
N PRO E 14 3.33 88.03 62.43
CA PRO E 14 4.80 87.85 62.52
C PRO E 14 5.16 86.78 63.56
N GLY E 15 5.97 85.79 63.18
CA GLY E 15 6.36 84.71 64.10
C GLY E 15 5.43 83.51 64.03
N ALA E 16 4.42 83.55 63.15
CA ALA E 16 3.47 82.42 62.99
C ALA E 16 4.11 81.32 62.12
N SER E 17 3.51 80.13 62.12
CA SER E 17 4.02 79.01 61.28
C SER E 17 3.04 78.76 60.12
N LEU E 18 3.55 78.74 58.88
CA LEU E 18 2.66 78.58 57.69
C LEU E 18 3.04 77.32 56.90
N LYS E 19 2.06 76.47 56.58
CA LYS E 19 2.31 75.23 55.82
C LYS E 19 1.66 75.33 54.44
N MET E 20 2.43 75.07 53.37
CA MET E 20 1.89 75.12 51.98
C MET E 20 2.05 73.75 51.31
N SER E 21 0.98 73.24 50.69
CA SER E 21 1.04 71.92 50.01
C SER E 21 0.54 72.02 48.58
N CYS E 22 1.28 71.44 47.61
CA CYS E 22 0.82 71.43 46.19
C CYS E 22 0.93 70.01 45.63
N LYS E 23 -0.02 69.60 44.78
CA LYS E 23 0.01 68.26 44.16
C LYS E 23 0.12 68.42 42.65
N THR E 24 1.03 67.68 42.00
CA THR E 24 1.14 67.73 40.51
C THR E 24 -0.14 67.13 39.91
N SER E 25 -0.65 67.74 38.83
CA SER E 25 -1.91 67.25 38.22
C SER E 25 -1.66 66.75 36.79
N GLY E 26 -2.11 65.54 36.48
CA GLY E 26 -1.87 64.95 35.15
C GLY E 26 -0.56 64.17 35.13
N TYR E 27 0.32 64.43 36.09
CA TYR E 27 1.63 63.73 36.15
C TYR E 27 1.73 62.97 37.48
N ARG E 28 2.14 61.70 37.43
CA ARG E 28 2.25 60.88 38.67
C ARG E 28 3.71 60.74 39.07
N PHE E 29 4.14 61.42 40.13
CA PHE E 29 5.57 61.41 40.56
C PHE E 29 6.49 61.48 39.34
N THR E 30 7.38 60.48 39.17
CA THR E 30 8.32 60.41 38.00
C THR E 30 9.20 61.67 37.94
N SER E 31 9.59 62.22 39.10
CA SER E 31 10.54 63.36 39.10
C SER E 31 11.52 63.18 40.27
N TYR E 32 12.80 63.46 40.05
CA TYR E 32 13.81 63.22 41.13
C TYR E 32 14.02 64.48 41.97
N ILE E 33 13.41 65.62 41.63
CA ILE E 33 13.55 66.81 42.52
C ILE E 33 12.22 67.57 42.62
N ILE E 34 12.03 68.35 43.68
CA ILE E 34 10.82 69.22 43.83
C ILE E 34 11.39 70.58 44.25
N HIS E 35 10.77 71.71 43.90
CA HIS E 35 11.43 73.01 44.24
C HIS E 35 10.49 74.00 44.92
N TRP E 36 11.05 74.94 45.69
CA TRP E 36 10.22 76.01 46.32
C TRP E 36 10.84 77.36 45.95
N VAL E 37 10.02 78.31 45.50
CA VAL E 37 10.55 79.63 45.05
C VAL E 37 9.79 80.76 45.75
N LYS E 38 10.50 81.76 46.30
CA LYS E 38 9.81 82.94 46.90
C LYS E 38 10.02 84.14 45.99
N GLN E 39 8.94 84.77 45.52
CA GLN E 39 9.10 86.01 44.70
C GLN E 39 8.22 87.12 45.30
N THR E 40 8.82 88.23 45.71
CA THR E 40 8.00 89.38 46.17
C THR E 40 7.55 90.17 44.93
N PRO E 41 6.37 90.82 44.90
CA PRO E 41 5.92 91.49 43.69
C PRO E 41 6.93 92.59 43.34
N GLY E 42 7.27 92.72 42.05
CA GLY E 42 8.27 93.72 41.61
C GLY E 42 9.70 93.24 41.79
N GLN E 43 9.89 91.97 42.15
CA GLN E 43 11.26 91.39 42.31
C GLN E 43 11.34 90.05 41.57
N GLY E 44 12.55 89.60 41.24
CA GLY E 44 12.74 88.33 40.53
C GLY E 44 12.56 87.11 41.43
N LEU E 45 12.32 85.94 40.83
CA LEU E 45 12.10 84.68 41.61
C LEU E 45 13.37 84.34 42.40
N GLU E 46 13.22 83.87 43.65
CA GLU E 46 14.40 83.42 44.45
C GLU E 46 14.20 81.95 44.85
N TRP E 47 15.18 81.10 44.58
CA TRP E 47 15.09 79.65 44.95
C TRP E 47 15.13 79.49 46.46
N ILE E 48 14.31 78.58 47.02
CA ILE E 48 14.33 78.31 48.48
C ILE E 48 14.95 76.93 48.73
N GLY E 49 14.20 75.86 48.45
CA GLY E 49 14.71 74.51 48.78
C GLY E 49 14.41 73.45 47.74
N ALA E 50 15.17 72.34 47.77
CA ALA E 50 14.93 71.22 46.83
C ALA E 50 14.59 69.96 47.63
N ILE E 51 13.66 69.14 47.14
CA ILE E 51 13.23 67.92 47.90
C ILE E 51 13.48 66.67 47.05
N PHE E 52 13.86 65.56 47.67
CA PHE E 52 14.14 64.28 46.94
C PHE E 52 13.07 63.25 47.32
N PRO E 53 12.50 62.49 46.35
CA PRO E 53 11.40 61.55 46.63
C PRO E 53 11.76 60.43 47.63
N GLU E 54 12.99 59.93 47.58
CA GLU E 54 13.40 58.81 48.48
C GLU E 54 14.02 59.41 49.75
N ASN E 55 15.35 59.31 49.91
CA ASN E 55 15.99 59.95 51.09
C ASN E 55 15.71 61.46 50.98
N ASP E 56 15.34 62.10 52.09
CA ASP E 56 14.95 63.53 52.00
C ASP E 56 16.16 64.35 51.54
N ASP E 57 15.96 65.24 50.56
CA ASP E 57 17.06 66.13 50.11
C ASP E 57 17.46 67.05 51.26
N THR E 58 16.46 67.54 52.02
CA THR E 58 16.73 68.44 53.18
C THR E 58 17.58 69.62 52.71
N SER E 59 17.37 70.07 51.46
CA SER E 59 18.19 71.17 50.88
C SER E 59 17.53 72.52 51.16
N TYR E 60 18.26 73.47 51.75
CA TYR E 60 17.72 74.82 52.01
C TYR E 60 18.69 75.89 51.53
N SER E 61 18.18 77.02 51.02
CA SER E 61 19.06 78.15 50.61
C SER E 61 19.64 78.79 51.88
N GLN E 62 20.84 79.35 51.80
CA GLN E 62 21.50 79.95 53.00
C GLN E 62 20.64 81.08 53.55
N LYS E 63 20.03 81.89 52.67
CA LYS E 63 19.16 83.01 53.10
C LYS E 63 17.97 82.47 53.87
N PHE E 64 17.37 81.36 53.40
CA PHE E 64 16.14 80.82 54.03
C PHE E 64 16.47 79.74 55.08
N LYS E 65 17.76 79.46 55.31
CA LYS E 65 18.13 78.36 56.24
C LYS E 65 17.64 78.67 57.66
N GLY E 66 17.06 77.67 58.33
CA GLY E 66 16.58 77.84 59.71
C GLY E 66 15.18 78.42 59.77
N LYS E 67 14.61 78.80 58.61
CA LYS E 67 13.21 79.30 58.57
C LYS E 67 12.35 78.34 57.76
N ALA E 68 12.98 77.47 56.96
CA ALA E 68 12.20 76.58 56.06
C ALA E 68 12.45 75.11 56.38
N THR E 69 11.39 74.30 56.46
CA THR E 69 11.54 72.83 56.69
C THR E 69 10.85 72.10 55.54
N LEU E 70 11.46 71.06 55.00
CA LEU E 70 10.87 70.35 53.83
C LEU E 70 10.46 68.93 54.23
N THR E 71 9.19 68.58 54.04
CA THR E 71 8.71 67.20 54.32
C THR E 71 7.97 66.66 53.10
N THR E 72 8.26 65.43 52.67
CA THR E 72 7.54 64.83 51.53
C THR E 72 6.86 63.52 51.95
N ASP E 73 5.58 63.35 51.63
CA ASP E 73 4.89 62.06 51.92
C ASP E 73 4.48 61.43 50.60
N THR E 74 4.91 60.20 50.34
CA THR E 74 4.58 59.52 49.06
C THR E 74 3.08 59.28 48.95
N SER E 75 2.46 58.83 50.05
CA SER E 75 1.00 58.53 50.03
C SER E 75 0.20 59.81 49.78
N SER E 76 0.59 60.91 50.42
CA SER E 76 -0.10 62.22 50.22
C SER E 76 0.09 62.67 48.77
N SER E 77 1.29 62.49 48.22
CA SER E 77 1.61 62.88 46.82
C SER E 77 1.74 64.41 46.72
N THR E 78 1.84 65.09 47.86
CA THR E 78 1.98 66.57 47.87
C THR E 78 3.19 67.00 48.71
N ALA E 79 4.02 67.90 48.17
CA ALA E 79 5.19 68.41 48.91
C ALA E 79 4.73 69.34 50.05
N TYR E 80 5.45 69.36 51.16
CA TYR E 80 5.07 70.24 52.31
C TYR E 80 6.22 71.19 52.64
N MET E 81 5.92 72.48 52.84
CA MET E 81 6.95 73.48 53.21
C MET E 81 6.46 74.21 54.47
N GLN E 82 7.29 74.24 55.52
CA GLN E 82 6.90 74.91 56.79
C GLN E 82 7.69 76.22 56.91
N LEU E 83 7.00 77.34 57.15
CA LEU E 83 7.68 78.66 57.24
C LEU E 83 7.55 79.18 58.67
N SER E 84 8.65 79.66 59.26
CA SER E 84 8.63 80.11 60.68
C SER E 84 9.23 81.51 60.79
N SER E 85 8.97 82.21 61.90
CA SER E 85 9.49 83.59 62.11
C SER E 85 9.08 84.49 60.94
N LEU E 86 7.81 84.44 60.55
CA LEU E 86 7.31 85.25 59.39
C LEU E 86 7.45 86.74 59.69
N THR E 87 7.74 87.54 58.66
CA THR E 87 7.92 89.02 58.83
C THR E 87 7.24 89.73 57.66
N SER E 88 7.11 91.06 57.74
CA SER E 88 6.46 91.83 56.64
C SER E 88 7.26 91.64 55.36
N GLU E 89 8.58 91.60 55.43
CA GLU E 89 9.43 91.33 54.24
C GLU E 89 9.13 89.91 53.74
N ASP E 90 8.88 88.96 54.65
CA ASP E 90 8.63 87.54 54.26
C ASP E 90 7.40 87.42 53.37
N SER E 91 6.35 88.23 53.60
CA SER E 91 5.12 88.05 52.78
C SER E 91 5.47 88.17 51.31
N ALA E 92 5.10 87.16 50.50
CA ALA E 92 5.42 87.15 49.06
C ALA E 92 4.62 86.03 48.39
N VAL E 93 4.64 85.93 47.06
CA VAL E 93 3.97 84.75 46.43
C VAL E 93 4.99 83.61 46.35
N TYR E 94 4.68 82.46 46.96
CA TYR E 94 5.59 81.29 46.94
C TYR E 94 5.07 80.27 45.92
N TYR E 95 5.96 79.75 45.05
CA TYR E 95 5.49 78.85 43.97
C TYR E 95 6.00 77.41 44.16
N CYS E 96 5.10 76.42 44.14
CA CYS E 96 5.56 75.01 44.18
C CYS E 96 6.12 74.68 42.79
N ALA E 97 7.21 73.93 42.74
CA ALA E 97 7.85 73.61 41.44
C ALA E 97 8.44 72.21 41.53
N ARG E 98 9.09 71.73 40.47
CA ARG E 98 9.77 70.41 40.52
C ARG E 98 11.00 70.48 39.62
N ASP E 99 11.55 69.32 39.23
CA ASP E 99 12.71 69.28 38.30
C ASP E 99 13.01 67.84 37.87
N GLY E 100 12.74 67.50 36.60
CA GLY E 100 13.11 66.18 36.09
C GLY E 100 14.29 66.35 35.15
N GLU E 101 14.12 66.02 33.87
CA GLU E 101 15.21 66.29 32.89
C GLU E 101 15.20 67.81 32.68
N ASN E 102 14.07 68.35 32.24
CA ASN E 102 13.92 69.83 32.11
C ASN E 102 12.63 70.21 32.83
N VAL E 103 11.58 70.56 32.10
CA VAL E 103 10.26 70.82 32.76
C VAL E 103 9.22 69.93 32.09
N LEU E 104 8.35 69.29 32.88
CA LEU E 104 7.25 68.46 32.32
C LEU E 104 6.00 68.83 33.12
N ASP E 105 5.43 70.03 32.89
CA ASP E 105 4.28 70.51 33.70
C ASP E 105 4.57 70.20 35.16
N TYR E 106 5.72 70.66 35.66
CA TYR E 106 6.13 70.33 37.05
C TYR E 106 6.22 71.62 37.86
N TRP E 107 6.54 72.73 37.20
CA TRP E 107 6.63 74.06 37.87
C TRP E 107 5.20 74.59 38.03
N GLY E 108 4.57 74.35 39.18
CA GLY E 108 3.16 74.74 39.39
C GLY E 108 2.97 76.22 39.70
N GLN E 109 1.76 76.61 40.09
CA GLN E 109 1.46 78.05 40.31
C GLN E 109 1.93 78.52 41.70
N GLY E 110 1.45 79.68 42.16
CA GLY E 110 1.95 80.26 43.41
C GLY E 110 0.83 80.73 44.33
N THR E 111 1.08 80.77 45.63
CA THR E 111 0.05 81.24 46.60
C THR E 111 0.54 82.54 47.26
N SER E 112 -0.27 83.60 47.21
CA SER E 112 0.09 84.89 47.84
C SER E 112 0.10 84.75 49.37
N VAL E 113 1.06 85.38 50.05
CA VAL E 113 1.13 85.34 51.54
C VAL E 113 1.01 86.77 52.06
N THR E 114 0.13 87.00 53.05
CA THR E 114 0.03 88.34 53.68
C THR E 114 0.35 88.22 55.17
N VAL E 115 1.30 89.02 55.66
CA VAL E 115 1.71 88.92 57.10
C VAL E 115 1.29 90.20 57.83
N SER E 116 0.35 90.10 58.78
CA SER E 116 -0.04 91.28 59.59
C SER E 116 -0.66 90.84 60.92
N SER E 117 -0.47 91.63 61.99
CA SER E 117 -1.11 91.33 63.30
C SER E 117 -2.63 91.50 63.20
N GLN F 1 28.19 80.12 45.95
CA GLN F 1 27.23 81.21 46.06
C GLN F 1 27.46 82.24 44.97
N ILE F 2 27.50 81.75 43.72
CA ILE F 2 27.78 82.64 42.55
C ILE F 2 26.53 83.43 42.17
N VAL F 3 26.50 84.73 42.49
CA VAL F 3 25.36 85.59 42.06
C VAL F 3 25.48 85.80 40.55
N LEU F 4 24.35 85.88 39.84
CA LEU F 4 24.37 86.10 38.36
C LEU F 4 23.85 87.51 38.07
N THR F 5 24.52 88.25 37.17
CA THR F 5 24.09 89.63 36.84
C THR F 5 23.46 89.64 35.45
N GLN F 6 22.21 90.13 35.34
CA GLN F 6 21.50 90.13 34.04
C GLN F 6 21.12 91.57 33.66
N SER F 7 21.38 91.95 32.41
CA SER F 7 21.08 93.34 31.95
C SER F 7 20.49 93.28 30.53
N PRO F 8 19.77 94.33 30.04
CA PRO F 8 19.50 95.57 30.78
C PRO F 8 18.26 95.50 31.68
N SER F 9 17.92 96.60 32.36
CA SER F 9 16.69 96.62 33.18
C SER F 9 15.45 96.48 32.28
N SER F 10 15.47 97.13 31.10
CA SER F 10 14.26 97.14 30.24
C SER F 10 14.60 96.76 28.79
N LEU F 11 13.66 96.12 28.09
CA LEU F 11 13.88 95.77 26.66
C LEU F 11 12.72 96.32 25.83
N ALA F 12 12.99 97.26 24.93
CA ALA F 12 11.93 97.79 24.04
C ALA F 12 12.04 97.10 22.68
N VAL F 13 11.04 96.30 22.31
CA VAL F 13 11.10 95.53 21.02
C VAL F 13 9.80 95.74 20.23
N SER F 14 9.90 96.00 18.93
CA SER F 14 8.69 96.12 18.07
C SER F 14 8.20 94.73 17.67
N VAL F 15 6.96 94.62 17.21
CA VAL F 15 6.45 93.29 16.73
C VAL F 15 7.27 92.88 15.51
N GLY F 16 7.58 91.58 15.39
CA GLY F 16 8.38 91.07 14.26
C GLY F 16 9.79 91.66 14.24
N GLU F 17 10.38 91.91 15.40
CA GLU F 17 11.77 92.43 15.47
C GLU F 17 12.64 91.47 16.29
N LYS F 18 13.81 91.09 15.76
CA LYS F 18 14.73 90.21 16.52
C LYS F 18 15.32 90.99 17.70
N VAL F 19 15.47 90.34 18.86
CA VAL F 19 16.08 91.01 20.05
C VAL F 19 17.09 90.05 20.69
N THR F 20 18.15 90.59 21.31
CA THR F 20 19.14 89.74 22.03
C THR F 20 19.24 90.18 23.50
N LEU F 21 19.09 89.25 24.44
CA LEU F 21 19.24 89.57 25.89
C LEU F 21 20.35 88.70 26.48
N SER F 22 21.27 89.30 27.26
CA SER F 22 22.44 88.53 27.75
C SER F 22 22.52 88.50 29.28
N CYS F 23 22.79 87.32 29.86
CA CYS F 23 22.98 87.21 31.33
C CYS F 23 24.43 86.76 31.60
N LYS F 24 25.13 87.44 32.51
CA LYS F 24 26.56 87.12 32.76
C LYS F 24 26.71 86.45 34.13
N SER F 25 27.44 85.33 34.17
CA SER F 25 27.67 84.60 35.44
C SER F 25 29.09 84.89 35.95
N SER F 26 29.26 85.05 37.27
CA SER F 26 30.58 85.38 37.84
C SER F 26 31.58 84.24 37.55
N GLN F 27 31.12 82.99 37.64
CA GLN F 27 32.01 81.82 37.38
C GLN F 27 31.45 81.02 36.20
N SER F 28 32.34 80.37 35.42
CA SER F 28 31.89 79.64 34.22
C SER F 28 30.95 78.49 34.60
N LEU F 29 29.82 78.36 33.91
CA LEU F 29 28.82 77.32 34.28
C LEU F 29 28.99 76.11 33.36
N LEU F 30 30.22 75.86 32.90
CA LEU F 30 30.48 74.68 32.04
C LEU F 30 31.12 73.58 32.91
N TYR F 31 30.49 72.41 33.00
CA TYR F 31 31.08 71.29 33.76
C TYR F 31 32.25 70.71 32.96
N SER F 32 33.40 70.51 33.61
CA SER F 32 34.60 70.03 32.89
C SER F 32 34.40 68.63 32.29
N ASN F 33 33.74 67.73 33.02
CA ASN F 33 33.62 66.32 32.55
C ASN F 33 32.82 66.26 31.23
N ASN F 34 31.69 66.96 31.15
CA ASN F 34 30.84 66.86 29.93
C ASN F 34 31.19 67.99 28.93
N GLN F 35 31.97 68.98 29.37
CA GLN F 35 32.32 70.13 28.50
C GLN F 35 31.03 70.78 27.97
N LYS F 36 29.99 70.87 28.82
CA LYS F 36 28.69 71.44 28.37
C LYS F 36 28.30 72.60 29.30
N ASN F 37 27.91 73.75 28.73
CA ASN F 37 27.45 74.90 29.55
C ASN F 37 26.11 74.54 30.21
N TYR F 38 25.93 74.96 31.46
CA TYR F 38 24.65 74.71 32.18
C TYR F 38 23.96 76.04 32.48
N LEU F 39 22.72 76.22 32.01
CA LEU F 39 21.95 77.46 32.31
C LEU F 39 20.50 77.25 31.87
N ALA F 40 19.56 77.98 32.48
CA ALA F 40 18.13 77.85 32.12
C ALA F 40 17.52 79.23 31.88
N TRP F 41 16.71 79.38 30.83
CA TRP F 41 16.05 80.68 30.51
C TRP F 41 14.56 80.58 30.87
N TYR F 42 14.03 81.58 31.59
CA TYR F 42 12.62 81.48 32.07
C TYR F 42 11.74 82.62 31.57
N GLN F 43 10.48 82.33 31.28
CA GLN F 43 9.52 83.36 30.83
C GLN F 43 8.57 83.61 32.00
N GLN F 44 8.23 84.88 32.28
CA GLN F 44 7.40 85.19 33.47
C GLN F 44 6.28 86.16 33.09
N LYS F 45 5.21 85.66 32.44
CA LYS F 45 4.04 86.52 32.11
C LYS F 45 3.29 86.83 33.39
N SER F 46 2.56 87.96 33.43
CA SER F 46 1.83 88.36 34.67
C SER F 46 0.77 87.32 35.02
N GLY F 47 0.63 87.00 36.31
CA GLY F 47 -0.37 86.01 36.75
C GLY F 47 -0.16 84.64 36.11
N ARG F 48 1.10 84.26 35.91
CA ARG F 48 1.42 82.95 35.26
C ARG F 48 2.51 82.23 36.06
N SER F 49 2.53 80.90 36.02
CA SER F 49 3.58 80.12 36.72
C SER F 49 4.92 80.34 36.01
N PRO F 50 6.08 80.32 36.72
CA PRO F 50 7.38 80.46 36.04
C PRO F 50 7.50 79.32 35.03
N LYS F 51 7.94 79.63 33.81
CA LYS F 51 7.98 78.59 32.75
C LYS F 51 9.36 78.52 32.09
N LEU F 52 9.89 77.31 31.90
CA LEU F 52 11.24 77.15 31.29
C LEU F 52 11.12 77.24 29.76
N LEU F 53 11.88 78.14 29.14
CA LEU F 53 11.85 78.27 27.66
C LEU F 53 13.01 77.49 27.05
N LEU F 54 14.22 77.63 27.60
CA LEU F 54 15.41 76.96 27.02
C LEU F 54 16.21 76.27 28.13
N HIS F 55 16.70 75.06 27.87
CA HIS F 55 17.47 74.29 28.89
C HIS F 55 18.87 73.96 28.37
N TRP F 56 19.88 74.02 29.25
CA TRP F 56 21.30 73.75 28.88
C TRP F 56 21.80 74.78 27.87
N THR F 57 20.90 75.60 27.32
CA THR F 57 21.26 76.66 26.34
C THR F 57 21.60 76.00 25.00
N SER F 58 21.38 74.68 24.89
CA SER F 58 21.64 73.96 23.62
C SER F 58 20.36 73.27 23.14
N THR F 59 19.38 73.06 24.03
CA THR F 59 18.17 72.30 23.63
C THR F 59 16.90 73.14 23.83
N ARG F 60 16.08 73.27 22.79
CA ARG F 60 14.80 74.01 22.91
C ARG F 60 13.79 73.15 23.69
N GLU F 61 12.84 73.79 24.39
CA GLU F 61 11.79 73.04 25.12
C GLU F 61 10.80 72.45 24.10
N SER F 62 10.12 71.36 24.47
CA SER F 62 9.11 70.75 23.57
C SER F 62 7.96 71.75 23.33
N GLY F 63 7.44 71.79 22.11
CA GLY F 63 6.36 72.75 21.77
C GLY F 63 6.80 74.19 21.95
N VAL F 64 8.07 74.49 21.63
CA VAL F 64 8.59 75.89 21.73
C VAL F 64 9.03 76.35 20.34
N PRO F 65 8.64 77.56 19.89
CA PRO F 65 8.99 78.04 18.55
C PRO F 65 10.49 78.20 18.32
N ASP F 66 10.94 78.00 17.07
CA ASP F 66 12.39 78.12 16.73
C ASP F 66 12.81 79.58 16.85
N ARG F 67 11.85 80.50 16.93
CA ARG F 67 12.15 81.95 17.06
C ARG F 67 12.98 82.17 18.33
N PHE F 68 12.67 81.43 19.40
CA PHE F 68 13.47 81.55 20.66
C PHE F 68 14.71 80.67 20.50
N THR F 69 15.88 81.29 20.31
CA THR F 69 17.15 80.53 20.16
C THR F 69 18.20 81.11 21.12
N GLY F 70 18.88 80.26 21.89
CA GLY F 70 19.87 80.76 22.86
C GLY F 70 21.25 80.16 22.66
N SER F 71 22.29 81.01 22.60
CA SER F 71 23.68 80.49 22.50
C SER F 71 24.52 81.07 23.64
N GLY F 72 25.14 80.22 24.46
CA GLY F 72 25.95 80.69 25.59
C GLY F 72 27.35 80.08 25.59
N SER F 73 28.39 80.90 25.72
CA SER F 73 29.77 80.38 25.80
C SER F 73 30.42 80.79 27.13
N GLY F 74 30.91 79.82 27.91
CA GLY F 74 31.59 80.13 29.18
C GLY F 74 30.70 80.94 30.12
N THR F 75 31.26 82.01 30.70
CA THR F 75 30.49 82.86 31.64
C THR F 75 29.32 83.56 30.94
N ASP F 76 29.53 84.06 29.72
CA ASP F 76 28.48 84.84 29.02
C ASP F 76 27.40 83.92 28.45
N PHE F 77 26.12 84.25 28.67
CA PHE F 77 25.00 83.47 28.09
C PHE F 77 24.06 84.42 27.34
N THR F 78 23.68 84.10 26.12
CA THR F 78 22.85 85.03 25.31
C THR F 78 21.58 84.33 24.81
N LEU F 79 20.42 84.98 24.94
CA LEU F 79 19.16 84.42 24.40
C LEU F 79 18.64 85.38 23.32
N THR F 80 18.30 84.87 22.14
CA THR F 80 17.82 85.74 21.03
C THR F 80 16.37 85.35 20.67
N ILE F 81 15.47 86.33 20.66
CA ILE F 81 14.05 86.08 20.27
C ILE F 81 13.81 86.81 18.94
N SER F 82 12.96 86.28 18.07
CA SER F 82 12.61 86.95 16.80
C SER F 82 11.10 86.99 16.66
N SER F 83 10.56 87.89 15.83
CA SER F 83 9.09 87.95 15.60
C SER F 83 8.36 88.08 16.93
N VAL F 84 8.80 89.00 17.80
CA VAL F 84 8.20 89.15 19.16
C VAL F 84 6.72 89.52 19.03
N LYS F 85 5.87 88.98 19.92
CA LYS F 85 4.41 89.23 19.86
C LYS F 85 3.93 89.70 21.24
N ALA F 86 2.72 90.25 21.33
CA ALA F 86 2.18 90.77 22.61
C ALA F 86 2.10 89.64 23.65
N GLU F 87 1.70 88.43 23.22
CA GLU F 87 1.66 87.26 24.13
C GLU F 87 3.08 86.96 24.63
N ASP F 88 4.08 87.10 23.77
CA ASP F 88 5.49 86.76 24.12
C ASP F 88 6.04 87.64 25.24
N LEU F 89 5.60 88.91 25.35
CA LEU F 89 6.23 89.81 26.35
C LEU F 89 6.15 89.18 27.74
N ALA F 90 7.30 89.11 28.43
CA ALA F 90 7.35 88.51 29.79
C ALA F 90 8.68 88.89 30.46
N VAL F 91 8.81 88.62 31.76
CA VAL F 91 10.13 88.86 32.42
C VAL F 91 11.02 87.67 32.06
N TYR F 92 12.26 87.92 31.65
CA TYR F 92 13.17 86.82 31.22
C TYR F 92 14.27 86.64 32.28
N TYR F 93 14.53 85.40 32.68
CA TYR F 93 15.50 85.17 33.79
C TYR F 93 16.52 84.10 33.43
N CYS F 94 17.74 84.21 33.97
CA CYS F 94 18.77 83.15 33.76
C CYS F 94 18.95 82.40 35.08
N GLN F 95 18.79 81.08 35.07
CA GLN F 95 18.98 80.27 36.30
C GLN F 95 20.24 79.42 36.13
N GLN F 96 21.18 79.52 37.08
CA GLN F 96 22.39 78.68 37.01
C GLN F 96 21.99 77.21 37.20
N TYR F 97 22.56 76.31 36.39
CA TYR F 97 22.24 74.86 36.49
C TYR F 97 23.53 74.13 36.88
N TYR F 98 24.65 74.84 36.91
CA TYR F 98 25.97 74.17 37.14
C TYR F 98 26.14 73.55 38.53
N THR F 99 25.82 74.27 39.62
CA THR F 99 26.10 73.71 40.98
C THR F 99 25.22 74.32 42.08
N TYR F 100 24.98 73.57 43.16
CA TYR F 100 24.24 74.13 44.32
C TYR F 100 25.18 75.09 45.07
N PRO F 101 24.69 76.15 45.74
CA PRO F 101 23.26 76.51 45.73
C PRO F 101 22.79 77.09 44.39
N TRP F 102 21.55 76.78 43.99
CA TRP F 102 20.99 77.35 42.74
C TRP F 102 20.89 78.87 42.91
N THR F 103 21.22 79.64 41.88
CA THR F 103 21.03 81.11 41.96
C THR F 103 20.19 81.57 40.77
N PHE F 104 19.11 82.31 41.02
CA PHE F 104 18.31 82.85 39.91
C PHE F 104 18.89 84.21 39.53
N GLY F 105 19.72 84.23 38.48
CA GLY F 105 20.32 85.50 38.01
C GLY F 105 19.55 86.03 36.83
N GLY F 106 18.40 85.42 36.48
CA GLY F 106 17.48 85.86 35.40
C GLY F 106 17.09 87.39 35.78
N GLY F 107 16.51 88.19 34.87
CA GLY F 107 16.12 89.59 35.18
C GLY F 107 16.01 90.48 33.95
N THR F 108 14.95 90.37 33.15
CA THR F 108 14.76 91.32 32.00
C THR F 108 13.28 91.43 31.64
N LYS F 109 12.64 92.58 31.92
CA LYS F 109 11.23 92.78 31.47
C LYS F 109 11.21 92.96 29.95
N LEU F 110 10.15 92.51 29.29
CA LEU F 110 10.03 92.72 27.82
C LEU F 110 8.83 93.65 27.56
N GLU F 111 9.04 94.72 26.81
CA GLU F 111 7.93 95.67 26.50
C GLU F 111 7.81 95.84 24.98
N ILE F 112 6.70 96.42 24.53
CA ILE F 112 6.48 96.64 23.06
C ILE F 112 6.60 98.14 22.79
N LYS F 113 7.45 98.54 21.83
CA LYS F 113 7.53 99.97 21.47
C LYS F 113 6.56 100.24 20.32
N GLN G 1 -29.78 91.94 -7.68
CA GLN G 1 -29.87 92.71 -6.44
C GLN G 1 -31.31 92.81 -5.97
N ILE G 2 -31.97 91.64 -5.87
CA ILE G 2 -33.40 91.59 -5.47
C ILE G 2 -33.55 91.78 -3.96
N VAL G 3 -34.01 92.95 -3.53
CA VAL G 3 -34.29 93.18 -2.08
C VAL G 3 -35.54 92.39 -1.72
N LEU G 4 -35.60 91.84 -0.50
CA LEU G 4 -36.78 91.06 -0.06
C LEU G 4 -37.52 91.86 1.02
N THR G 5 -38.85 91.92 0.93
CA THR G 5 -39.65 92.70 1.92
C THR G 5 -40.38 91.72 2.86
N GLN G 6 -40.18 91.87 4.17
CA GLN G 6 -40.80 90.92 5.15
C GLN G 6 -41.68 91.72 6.13
N SER G 7 -42.91 91.24 6.36
CA SER G 7 -43.84 91.94 7.28
C SER G 7 -44.57 90.92 8.15
N PRO G 8 -45.18 91.29 9.31
CA PRO G 8 -45.20 92.66 9.82
C PRO G 8 -43.97 93.03 10.67
N SER G 9 -43.92 94.25 11.19
CA SER G 9 -42.80 94.64 12.09
C SER G 9 -42.84 93.80 13.37
N SER G 10 -44.03 93.53 13.90
CA SER G 10 -44.14 92.83 15.22
C SER G 10 -45.12 91.66 15.14
N LEU G 11 -44.87 90.59 15.92
CA LEU G 11 -45.79 89.43 15.97
C LEU G 11 -46.18 89.16 17.43
N ALA G 12 -47.45 89.32 17.77
CA ALA G 12 -47.90 89.01 19.15
C ALA G 12 -48.56 87.62 19.14
N VAL G 13 -47.96 86.65 19.84
CA VAL G 13 -48.49 85.25 19.82
C VAL G 13 -48.60 84.74 21.27
N SER G 14 -49.72 84.11 21.62
CA SER G 14 -49.88 83.49 22.96
C SER G 14 -49.18 82.12 22.98
N VAL G 15 -48.92 81.58 24.16
CA VAL G 15 -48.32 80.20 24.24
C VAL G 15 -49.33 79.21 23.67
N GLY G 16 -48.86 78.19 22.95
CA GLY G 16 -49.75 77.19 22.33
C GLY G 16 -50.70 77.80 21.32
N GLU G 17 -50.25 78.82 20.58
CA GLU G 17 -51.10 79.44 19.52
C GLU G 17 -50.37 79.34 18.17
N LYS G 18 -51.06 78.86 17.12
CA LYS G 18 -50.45 78.81 15.77
C LYS G 18 -50.29 80.24 15.23
N VAL G 19 -49.16 80.52 14.56
CA VAL G 19 -48.94 81.87 13.95
C VAL G 19 -48.40 81.69 12.53
N THR G 20 -48.71 82.63 11.63
CA THR G 20 -48.17 82.59 10.24
C THR G 20 -47.41 83.88 9.93
N LEU G 21 -46.15 83.77 9.47
CA LEU G 21 -45.36 84.97 9.08
C LEU G 21 -44.96 84.83 7.61
N SER G 22 -45.12 85.90 6.81
CA SER G 22 -44.86 85.78 5.35
C SER G 22 -43.77 86.75 4.87
N CYS G 23 -42.85 86.28 4.03
CA CYS G 23 -41.81 87.17 3.44
C CYS G 23 -42.02 87.19 1.92
N LYS G 24 -42.04 88.38 1.31
CA LYS G 24 -42.32 88.48 -0.15
C LYS G 24 -41.04 88.88 -0.89
N SER G 25 -40.73 88.16 -1.97
CA SER G 25 -39.52 88.46 -2.79
C SER G 25 -39.93 89.20 -4.07
N SER G 26 -39.15 90.19 -4.50
CA SER G 26 -39.49 90.98 -5.71
C SER G 26 -39.53 90.06 -6.94
N GLN G 27 -38.60 89.11 -7.03
CA GLN G 27 -38.53 88.18 -8.19
C GLN G 27 -38.71 86.75 -7.69
N SER G 28 -39.30 85.87 -8.51
CA SER G 28 -39.57 84.48 -8.08
C SER G 28 -38.26 83.75 -7.78
N LEU G 29 -38.19 83.06 -6.63
CA LEU G 29 -36.93 82.38 -6.24
C LEU G 29 -37.00 80.90 -6.60
N LEU G 30 -37.74 80.57 -7.66
CA LEU G 30 -37.83 79.17 -8.12
C LEU G 30 -36.90 78.99 -9.33
N TYR G 31 -35.93 78.07 -9.23
CA TYR G 31 -35.04 77.80 -10.38
C TYR G 31 -35.81 77.00 -11.42
N SER G 32 -35.74 77.40 -12.69
CA SER G 32 -36.53 76.73 -13.76
C SER G 32 -36.11 75.27 -13.94
N ASN G 33 -34.81 74.99 -13.89
CA ASN G 33 -34.33 73.60 -14.18
C ASN G 33 -34.89 72.59 -13.16
N ASN G 34 -34.84 72.93 -11.86
CA ASN G 34 -35.29 71.96 -10.83
C ASN G 34 -36.75 72.21 -10.45
N GLN G 35 -37.32 73.34 -10.88
CA GLN G 35 -38.73 73.70 -10.53
C GLN G 35 -38.88 73.67 -9.01
N LYS G 36 -37.87 74.15 -8.27
CA LYS G 36 -37.93 74.13 -6.79
C LYS G 36 -37.72 75.54 -6.25
N ASN G 37 -38.58 75.98 -5.33
CA ASN G 37 -38.41 77.32 -4.69
C ASN G 37 -37.16 77.32 -3.81
N TYR G 38 -36.40 78.42 -3.81
CA TYR G 38 -35.19 78.52 -2.96
C TYR G 38 -35.39 79.63 -1.93
N LEU G 39 -35.29 79.30 -0.64
CA LEU G 39 -35.40 80.33 0.44
C LEU G 39 -34.96 79.71 1.76
N ALA G 40 -34.51 80.52 2.72
CA ALA G 40 -34.06 80.01 4.03
C ALA G 40 -34.71 80.82 5.16
N TRP G 41 -35.20 80.14 6.20
CA TRP G 41 -35.83 80.84 7.36
C TRP G 41 -34.88 80.80 8.55
N TYR G 42 -34.66 81.95 9.21
CA TYR G 42 -33.64 81.99 10.30
C TYR G 42 -34.24 82.43 11.64
N GLN G 43 -33.72 81.85 12.74
CA GLN G 43 -34.19 82.22 14.10
C GLN G 43 -33.06 83.04 14.73
N GLN G 44 -33.39 84.14 15.43
CA GLN G 44 -32.33 85.03 15.98
C GLN G 44 -32.65 85.37 17.43
N LYS G 45 -32.37 84.44 18.37
CA LYS G 45 -32.57 84.72 19.81
C LYS G 45 -31.48 85.69 20.27
N SER G 46 -31.74 86.46 21.33
CA SER G 46 -30.75 87.48 21.80
C SER G 46 -29.47 86.78 22.26
N GLY G 47 -28.31 87.35 21.93
CA GLY G 47 -27.01 86.76 22.33
C GLY G 47 -26.84 85.35 21.80
N ARG G 48 -27.33 85.09 20.58
CA ARG G 48 -27.23 83.72 19.99
C ARG G 48 -26.74 83.85 18.54
N SER G 49 -26.04 82.82 18.03
CA SER G 49 -25.59 82.82 16.61
C SER G 49 -26.82 82.70 15.69
N PRO G 50 -26.81 83.28 14.47
CA PRO G 50 -27.94 83.13 13.55
C PRO G 50 -28.10 81.63 13.27
N LYS G 51 -29.34 81.13 13.31
CA LYS G 51 -29.55 79.66 13.16
C LYS G 51 -30.60 79.37 12.09
N LEU G 52 -30.32 78.40 11.20
CA LEU G 52 -31.26 78.06 10.11
C LEU G 52 -32.34 77.12 10.65
N LEU G 53 -33.61 77.50 10.48
CA LEU G 53 -34.74 76.65 10.94
C LEU G 53 -35.26 75.80 9.77
N LEU G 54 -35.47 76.43 8.60
CA LEU G 54 -36.05 75.71 7.44
C LEU G 54 -35.23 76.00 6.18
N HIS G 55 -34.97 74.98 5.36
CA HIS G 55 -34.17 75.16 4.13
C HIS G 55 -34.99 74.76 2.89
N TRP G 56 -34.83 75.50 1.78
CA TRP G 56 -35.57 75.24 0.51
C TRP G 56 -37.07 75.42 0.73
N THR G 57 -37.51 75.57 1.98
CA THR G 57 -38.95 75.78 2.32
C THR G 57 -39.70 74.47 2.10
N SER G 58 -38.97 73.38 1.84
CA SER G 58 -39.60 72.05 1.67
C SER G 58 -39.02 71.05 2.68
N THR G 59 -37.84 71.34 3.23
CA THR G 59 -37.18 70.36 4.12
C THR G 59 -36.94 70.96 5.51
N ARG G 60 -37.38 70.28 6.57
CA ARG G 60 -37.13 70.75 7.97
C ARG G 60 -35.67 70.47 8.34
N GLU G 61 -35.10 71.29 9.22
CA GLU G 61 -33.71 71.06 9.69
C GLU G 61 -33.68 69.83 10.61
N SER G 62 -32.53 69.16 10.71
CA SER G 62 -32.40 67.98 11.61
C SER G 62 -32.61 68.44 13.07
N GLY G 63 -33.28 67.60 13.88
CA GLY G 63 -33.57 67.97 15.28
C GLY G 63 -34.41 69.23 15.38
N VAL G 64 -35.36 69.42 14.46
CA VAL G 64 -36.27 70.61 14.49
C VAL G 64 -37.71 70.11 14.63
N PRO G 65 -38.53 70.68 15.55
CA PRO G 65 -39.90 70.22 15.78
C PRO G 65 -40.81 70.39 14.56
N ASP G 66 -41.79 69.49 14.40
CA ASP G 66 -42.73 69.54 13.26
C ASP G 66 -43.63 70.77 13.39
N ARG G 67 -43.65 71.40 14.58
CA ARG G 67 -44.47 72.60 14.82
C ARG G 67 -44.04 73.71 13.84
N PHE G 68 -42.74 73.80 13.55
CA PHE G 68 -42.24 74.80 12.56
C PHE G 68 -42.43 74.20 11.16
N THR G 69 -43.41 74.69 10.41
CA THR G 69 -43.66 74.19 9.03
C THR G 69 -43.75 75.38 8.07
N GLY G 70 -43.04 75.32 6.94
CA GLY G 70 -43.04 76.45 6.00
C GLY G 70 -43.48 76.05 4.60
N SER G 71 -44.43 76.78 4.01
CA SER G 71 -44.83 76.50 2.60
C SER G 71 -44.70 77.79 1.78
N GLY G 72 -43.92 77.75 0.69
CA GLY G 72 -43.73 78.94 -0.16
C GLY G 72 -44.01 78.66 -1.61
N SER G 73 -44.81 79.50 -2.27
CA SER G 73 -45.08 79.34 -3.71
C SER G 73 -44.64 80.59 -4.49
N GLY G 74 -43.77 80.42 -5.49
CA GLY G 74 -43.32 81.56 -6.30
C GLY G 74 -42.70 82.67 -5.46
N THR G 75 -43.10 83.92 -5.70
CA THR G 75 -42.55 85.08 -4.95
C THR G 75 -42.92 85.00 -3.47
N ASP G 76 -44.16 84.60 -3.15
CA ASP G 76 -44.62 84.60 -1.73
C ASP G 76 -44.04 83.41 -0.96
N PHE G 77 -43.51 83.63 0.24
CA PHE G 77 -43.01 82.52 1.09
C PHE G 77 -43.65 82.65 2.47
N THR G 78 -44.19 81.55 3.02
CA THR G 78 -44.90 81.63 4.32
C THR G 78 -44.34 80.61 5.31
N LEU G 79 -44.08 81.04 6.55
CA LEU G 79 -43.61 80.10 7.61
C LEU G 79 -44.66 80.07 8.71
N THR G 80 -45.10 78.87 9.13
CA THR G 80 -46.15 78.75 10.17
C THR G 80 -45.57 78.05 11.40
N ILE G 81 -45.71 78.66 12.58
CA ILE G 81 -45.23 78.03 13.84
C ILE G 81 -46.47 77.70 14.68
N SER G 82 -46.43 76.63 15.47
CA SER G 82 -47.56 76.27 16.35
C SER G 82 -47.01 76.01 17.76
N SER G 83 -47.85 76.08 18.79
CA SER G 83 -47.42 75.79 20.18
C SER G 83 -46.20 76.66 20.53
N VAL G 84 -46.28 77.96 20.26
CA VAL G 84 -45.11 78.88 20.49
C VAL G 84 -44.75 78.89 21.98
N LYS G 85 -43.45 78.94 22.30
CA LYS G 85 -42.98 78.91 23.71
C LYS G 85 -42.03 80.08 23.95
N ALA G 86 -41.74 80.40 25.22
CA ALA G 86 -40.86 81.55 25.55
C ALA G 86 -39.46 81.35 24.93
N GLU G 87 -38.95 80.13 24.94
CA GLU G 87 -37.64 79.83 24.31
C GLU G 87 -37.75 80.10 22.80
N ASP G 88 -38.89 79.78 22.18
CA ASP G 88 -39.06 79.93 20.72
C ASP G 88 -38.98 81.39 20.27
N LEU G 89 -39.40 82.35 21.10
CA LEU G 89 -39.44 83.76 20.61
C LEU G 89 -38.06 84.17 20.08
N ALA G 90 -38.03 84.71 18.85
CA ALA G 90 -36.76 85.14 18.23
C ALA G 90 -37.06 86.03 17.02
N VAL G 91 -36.05 86.69 16.46
CA VAL G 91 -36.29 87.47 15.20
C VAL G 91 -36.29 86.45 14.05
N TYR G 92 -37.27 86.54 13.16
CA TYR G 92 -37.38 85.55 12.04
C TYR G 92 -37.00 86.24 10.72
N TYR G 93 -36.15 85.60 9.92
CA TYR G 93 -35.67 86.26 8.68
C TYR G 93 -35.78 85.35 7.46
N CYS G 94 -36.01 85.94 6.29
CA CYS G 94 -36.04 85.14 5.03
C CYS G 94 -34.76 85.46 4.23
N GLN G 95 -33.99 84.43 3.88
CA GLN G 95 -32.74 84.65 3.09
C GLN G 95 -32.96 84.06 1.69
N GLN G 96 -32.75 84.86 0.65
CA GLN G 96 -32.87 84.33 -0.73
C GLN G 96 -31.78 83.30 -0.96
N TYR G 97 -32.11 82.19 -1.61
CA TYR G 97 -31.12 81.12 -1.89
C TYR G 97 -31.01 80.97 -3.41
N TYR G 98 -31.87 81.67 -4.16
CA TYR G 98 -31.92 81.50 -5.63
C TYR G 98 -30.65 81.95 -6.38
N THR G 99 -30.13 83.15 -6.12
CA THR G 99 -28.97 83.63 -6.93
C THR G 99 -28.13 84.68 -6.20
N TYR G 100 -26.84 84.79 -6.55
CA TYR G 100 -25.99 85.87 -5.98
C TYR G 100 -26.38 87.19 -6.66
N PRO G 101 -26.25 88.37 -6.00
CA PRO G 101 -25.83 88.44 -4.59
C PRO G 101 -26.90 87.95 -3.60
N TRP G 102 -26.47 87.30 -2.52
CA TRP G 102 -27.42 86.86 -1.47
C TRP G 102 -28.08 88.10 -0.86
N THR G 103 -29.39 88.05 -0.59
CA THR G 103 -30.03 89.20 0.11
C THR G 103 -30.77 88.66 1.33
N PHE G 104 -30.50 89.23 2.51
CA PHE G 104 -31.26 88.83 3.72
C PHE G 104 -32.52 89.68 3.81
N GLY G 105 -33.65 89.13 3.35
CA GLY G 105 -34.93 89.85 3.41
C GLY G 105 -35.72 89.40 4.62
N GLY G 106 -35.14 88.57 5.50
CA GLY G 106 -35.75 88.07 6.76
C GLY G 106 -36.14 89.42 7.58
N GLY G 107 -36.96 89.36 8.64
CA GLY G 107 -37.32 90.56 9.43
C GLY G 107 -38.64 90.43 10.17
N THR G 108 -38.70 89.69 11.30
CA THR G 108 -39.94 89.64 12.11
C THR G 108 -39.62 89.31 13.57
N LYS G 109 -39.76 90.26 14.50
CA LYS G 109 -39.56 89.94 15.94
C LYS G 109 -40.75 89.10 16.43
N LEU G 110 -40.51 88.19 17.37
CA LEU G 110 -41.62 87.39 17.95
C LEU G 110 -41.78 87.76 19.43
N GLU G 111 -43.00 88.12 19.85
CA GLU G 111 -43.24 88.49 21.27
C GLU G 111 -44.37 87.63 21.83
N ILE G 112 -44.53 87.62 23.16
CA ILE G 112 -45.60 86.82 23.81
C ILE G 112 -46.66 87.79 24.34
N LYS G 113 -47.93 87.58 23.99
CA LYS G 113 -49.00 88.43 24.54
C LYS G 113 -49.54 87.76 25.81
#